data_6ZI2
#
_entry.id   6ZI2
#
_cell.length_a   112.066
_cell.length_b   116.642
_cell.length_c   125.170
_cell.angle_alpha   104.43
_cell.angle_beta   104.25
_cell.angle_gamma   113.91
#
_symmetry.space_group_name_H-M   'P 1'
#
loop_
_entity.id
_entity.type
_entity.pdbx_description
1 polymer 'Cytochrome P-450'
2 non-polymer 'PROTOPORPHYRIN IX CONTAINING FE'
3 non-polymer (3~{R},4~{S},5~{R},6~{S},7~{S},9~{S},11~{R},12~{S},13~{R},14~{R})-3,5,7,9,11,13,14-heptamethyl-4,6,12-tris(oxidanyl)-1-oxacyclotetradecane-2,10-dione
4 water water
#
_entity_poly.entity_id   1
_entity_poly.type   'polypeptide(L)'
_entity_poly.pdbx_seq_one_letter_code
;MTDTHTGPTPADAVPAYPFSLPHALDLDPHYAELRRDEPVSRVRLPYGEGTAWLVTRMSDARIVLGDSRFSTAAATDPAT
PRMFPTPPEPDGVLAQDPPDHTRLRRLVGKAFTARRVEEMRPRVRSLVDSLLDDMVAHGSPADLVEFLAVPFPVAVICEL
LGVPLEDRDLFRTFSDAMLSSTRLTAAEIQRVQQDFMVYMDGLVAQRRDAPTEDLLGALALATDNDDHLTKGEIVNMGVS
LLIAGHETSVNQITNLVHLLLTERKRYESLVADPALVPAAVEEMLRYTPLVSAGSFVRVATEDVELSTVTVRAGEPCVVH
FASANRDEEVFDHADELDFHRERNPHIAFGHGAHHCIGAQLGRLELQEALSALVRRFPTLDLAEPVAGLKWKQGMLIRGL
ERQIVSW
;
_entity_poly.pdbx_strand_id   A,B,C,D,E,F,G,H,I
#
loop_
_chem_comp.id
_chem_comp.type
_chem_comp.name
_chem_comp.formula
HEM non-polymer 'PROTOPORPHYRIN IX CONTAINING FE' 'C34 H32 Fe N4 O4'
QR8 non-polymer (3~{R},4~{S},5~{R},6~{S},7~{S},9~{S},11~{R},12~{S},13~{R},14~{R})-3,5,7,9,11,13,14-heptamethyl-4,6,12-tris(oxidanyl)-1-oxacyclotetradecane-2,10-dione 'C20 H36 O6'
#
# COMPACT_ATOMS: atom_id res chain seq x y z
N VAL A 14 14.02 -8.96 -45.98
CA VAL A 14 14.29 -8.94 -47.43
C VAL A 14 15.47 -7.99 -47.66
N PRO A 15 15.33 -6.65 -47.55
CA PRO A 15 16.40 -5.74 -48.00
C PRO A 15 17.69 -5.86 -47.21
N ALA A 16 18.83 -5.68 -47.89
CA ALA A 16 20.16 -5.74 -47.24
C ALA A 16 20.52 -4.36 -46.65
N TYR A 17 21.21 -4.37 -45.49
CA TYR A 17 21.79 -3.19 -44.83
C TYR A 17 23.28 -3.44 -44.77
N PRO A 18 24.13 -2.44 -45.10
CA PRO A 18 23.72 -1.13 -45.57
C PRO A 18 23.11 -1.14 -46.98
N PHE A 19 22.24 -0.18 -47.24
CA PHE A 19 21.44 -0.12 -48.48
C PHE A 19 22.32 0.08 -49.72
N SER A 20 23.33 0.95 -49.61
CA SER A 20 24.21 1.38 -50.73
C SER A 20 25.60 1.73 -50.22
N LEU A 21 26.55 1.85 -51.15
CA LEU A 21 27.91 2.32 -50.80
C LEU A 21 27.76 3.78 -50.44
N PRO A 22 28.50 4.25 -49.41
CA PRO A 22 28.37 5.64 -48.96
C PRO A 22 29.13 6.56 -49.92
N HIS A 23 28.55 7.73 -50.17
CA HIS A 23 29.23 8.76 -51.01
C HIS A 23 29.44 9.99 -50.12
N ALA A 24 30.71 10.36 -49.92
CA ALA A 24 31.11 11.52 -49.09
C ALA A 24 30.49 11.36 -47.70
N LEU A 25 29.91 12.44 -47.20
CA LEU A 25 29.22 12.45 -45.88
C LEU A 25 27.74 12.57 -46.17
N ASP A 26 27.34 12.28 -47.41
CA ASP A 26 25.90 12.37 -47.76
C ASP A 26 25.16 11.30 -47.02
N LEU A 27 23.89 11.53 -46.74
CA LEU A 27 23.04 10.47 -46.16
C LEU A 27 22.12 9.83 -47.19
N ASP A 28 22.01 8.48 -47.19
CA ASP A 28 21.11 7.71 -48.08
C ASP A 28 19.67 8.23 -47.97
N PRO A 29 19.01 8.55 -49.09
CA PRO A 29 17.73 9.24 -48.99
C PRO A 29 16.67 8.32 -48.38
N HIS A 30 16.95 7.02 -48.36
CA HIS A 30 16.06 5.99 -47.79
C HIS A 30 15.71 6.31 -46.32
N TYR A 31 16.68 6.71 -45.53
CA TYR A 31 16.47 6.84 -44.08
C TYR A 31 15.30 7.77 -43.89
N ALA A 32 15.27 8.86 -44.63
CA ALA A 32 14.25 9.89 -44.44
C ALA A 32 12.87 9.30 -44.76
N GLU A 33 12.83 8.40 -45.75
CA GLU A 33 11.58 7.71 -46.13
C GLU A 33 11.16 6.85 -44.94
N LEU A 34 12.08 6.03 -44.45
CA LEU A 34 11.84 5.09 -43.33
C LEU A 34 11.33 5.86 -42.10
N ARG A 35 11.87 7.03 -41.80
CA ARG A 35 11.41 7.78 -40.61
C ARG A 35 9.92 8.04 -40.76
N ARG A 36 9.49 8.43 -41.97
CA ARG A 36 8.10 8.85 -42.23
C ARG A 36 7.21 7.62 -42.29
N ASP A 37 7.62 6.59 -43.04
CA ASP A 37 6.74 5.48 -43.47
C ASP A 37 6.92 4.22 -42.61
N GLU A 38 8.14 3.89 -42.17
CA GLU A 38 8.44 2.63 -41.46
C GLU A 38 9.65 2.85 -40.55
N PRO A 39 9.45 3.48 -39.36
CA PRO A 39 10.59 3.79 -38.48
C PRO A 39 11.43 2.57 -38.06
N VAL A 40 10.75 1.44 -37.83
CA VAL A 40 11.41 0.16 -37.50
C VAL A 40 11.13 -0.81 -38.65
N SER A 41 12.19 -1.14 -39.37
CA SER A 41 12.15 -1.91 -40.62
C SER A 41 12.91 -3.20 -40.36
N ARG A 42 12.57 -4.26 -41.07
CA ARG A 42 13.43 -5.47 -41.05
C ARG A 42 14.51 -5.30 -42.11
N VAL A 43 15.65 -5.92 -41.87
CA VAL A 43 16.84 -5.69 -42.71
C VAL A 43 17.76 -6.90 -42.60
N ARG A 44 18.54 -7.19 -43.64
CA ARG A 44 19.52 -8.29 -43.57
C ARG A 44 20.91 -7.68 -43.48
N LEU A 45 21.63 -7.98 -42.41
CA LEU A 45 22.96 -7.39 -42.18
C LEU A 45 24.01 -8.13 -43.02
N PRO A 46 25.19 -7.56 -43.21
CA PRO A 46 26.23 -8.21 -43.98
C PRO A 46 26.73 -9.53 -43.42
N TYR A 47 26.75 -9.79 -42.10
CA TYR A 47 27.50 -11.00 -41.65
C TYR A 47 26.84 -12.02 -40.72
N GLY A 48 25.81 -11.68 -39.94
CA GLY A 48 25.24 -12.71 -39.05
C GLY A 48 24.19 -13.48 -39.80
N GLU A 49 23.49 -14.38 -39.11
CA GLU A 49 22.37 -15.13 -39.72
C GLU A 49 21.07 -14.60 -39.15
N GLY A 50 20.09 -14.48 -40.01
CA GLY A 50 18.75 -13.99 -39.64
C GLY A 50 18.55 -12.58 -40.14
N THR A 51 17.36 -12.05 -39.92
CA THR A 51 17.05 -10.61 -40.13
C THR A 51 17.25 -9.92 -38.79
N ALA A 52 17.29 -8.60 -38.84
CA ALA A 52 17.39 -7.73 -37.66
C ALA A 52 16.48 -6.53 -37.89
N TRP A 53 16.21 -5.79 -36.82
CA TRP A 53 15.41 -4.53 -36.89
C TRP A 53 16.38 -3.37 -37.03
N LEU A 54 16.03 -2.39 -37.86
CA LEU A 54 16.82 -1.15 -37.98
C LEU A 54 15.98 0.03 -37.49
N VAL A 55 16.53 0.75 -36.51
CA VAL A 55 15.88 1.89 -35.80
C VAL A 55 16.38 3.18 -36.41
N THR A 56 15.43 4.04 -36.76
CA THR A 56 15.74 5.19 -37.62
C THR A 56 15.39 6.49 -36.93
N ARG A 57 14.74 6.44 -35.79
CA ARG A 57 14.26 7.69 -35.14
C ARG A 57 14.84 7.87 -33.73
N MET A 58 14.74 9.08 -33.19
CA MET A 58 15.48 9.47 -31.97
C MET A 58 14.86 8.74 -30.78
N SER A 59 13.57 8.89 -30.55
CA SER A 59 12.91 8.23 -29.38
C SER A 59 13.22 6.71 -29.37
N ASP A 60 13.00 6.02 -30.47
CA ASP A 60 13.24 4.56 -30.58
C ASP A 60 14.71 4.25 -30.29
N ALA A 61 15.62 5.02 -30.87
CA ALA A 61 17.06 4.77 -30.70
C ALA A 61 17.36 4.86 -29.21
N ARG A 62 16.89 5.91 -28.55
CA ARG A 62 17.13 6.10 -27.11
C ARG A 62 16.66 4.86 -26.36
N ILE A 63 15.50 4.34 -26.71
CA ILE A 63 14.91 3.14 -26.04
C ILE A 63 15.87 1.97 -26.23
N VAL A 64 16.33 1.72 -27.46
CA VAL A 64 17.15 0.53 -27.75
C VAL A 64 18.46 0.62 -27.01
N LEU A 65 18.97 1.85 -26.86
CA LEU A 65 20.34 2.08 -26.35
C LEU A 65 20.26 2.13 -24.83
N GLY A 66 19.17 2.71 -24.34
CA GLY A 66 19.05 3.15 -22.95
C GLY A 66 18.39 2.11 -22.09
N ASP A 67 17.49 1.32 -22.64
CA ASP A 67 16.61 0.45 -21.83
C ASP A 67 17.32 -0.89 -21.60
N SER A 68 17.20 -1.37 -20.36
CA SER A 68 17.95 -2.52 -19.79
C SER A 68 17.43 -3.83 -20.38
N ARG A 69 16.28 -3.79 -21.02
CA ARG A 69 15.73 -4.96 -21.73
C ARG A 69 16.61 -5.34 -22.94
N PHE A 70 17.57 -4.54 -23.37
CA PHE A 70 18.46 -4.91 -24.51
C PHE A 70 19.85 -5.29 -24.00
N SER A 71 20.43 -6.30 -24.63
CA SER A 71 21.76 -6.81 -24.25
C SER A 71 22.74 -6.69 -25.41
N THR A 72 23.91 -6.12 -25.18
CA THR A 72 25.03 -6.18 -26.14
C THR A 72 25.81 -7.49 -26.01
N ALA A 73 25.86 -8.04 -24.80
CA ALA A 73 26.62 -9.27 -24.55
C ALA A 73 26.12 -10.38 -25.47
N ALA A 74 24.79 -10.55 -25.54
CA ALA A 74 24.16 -11.52 -26.46
C ALA A 74 24.79 -11.43 -27.86
N ALA A 75 25.06 -10.21 -28.35
CA ALA A 75 25.50 -10.00 -29.74
C ALA A 75 26.82 -10.72 -30.05
N THR A 76 27.62 -11.09 -29.03
CA THR A 76 28.85 -11.90 -29.20
C THR A 76 28.65 -13.24 -29.90
N ASP A 77 27.43 -13.80 -29.89
CA ASP A 77 27.13 -15.07 -30.59
C ASP A 77 27.40 -14.86 -32.07
N PRO A 78 28.30 -15.66 -32.67
CA PRO A 78 28.62 -15.53 -34.10
C PRO A 78 27.42 -15.66 -35.01
N ALA A 79 26.37 -16.34 -34.57
CA ALA A 79 25.12 -16.51 -35.34
C ALA A 79 24.38 -15.18 -35.39
N THR A 80 24.59 -14.33 -34.36
CA THR A 80 23.90 -13.02 -34.25
C THR A 80 24.36 -12.12 -35.38
N PRO A 81 23.40 -11.43 -36.05
CA PRO A 81 23.73 -10.46 -37.08
C PRO A 81 24.68 -9.35 -36.58
N ARG A 82 25.55 -8.87 -37.48
CA ARG A 82 26.54 -7.79 -37.18
C ARG A 82 27.02 -7.10 -38.47
N MET A 83 27.48 -5.86 -38.32
CA MET A 83 27.93 -5.03 -39.44
C MET A 83 29.33 -5.41 -39.93
N PHE A 84 30.13 -6.12 -39.13
CA PHE A 84 31.58 -6.35 -39.38
C PHE A 84 31.88 -7.85 -39.42
N PRO A 85 32.97 -8.27 -40.10
CA PRO A 85 33.15 -9.69 -40.44
C PRO A 85 33.51 -10.60 -39.26
N THR A 86 34.42 -10.14 -38.39
CA THR A 86 34.85 -10.90 -37.20
C THR A 86 33.75 -10.83 -36.16
N PRO A 87 33.32 -11.96 -35.57
CA PRO A 87 32.40 -11.92 -34.44
C PRO A 87 33.04 -11.10 -33.33
N PRO A 88 32.25 -10.37 -32.54
CA PRO A 88 32.81 -9.46 -31.55
C PRO A 88 33.55 -10.24 -30.45
N GLU A 89 34.61 -9.66 -29.90
CA GLU A 89 35.28 -10.23 -28.71
C GLU A 89 34.41 -9.98 -27.50
N PRO A 90 34.17 -11.01 -26.66
CA PRO A 90 33.26 -10.82 -25.52
C PRO A 90 33.85 -9.90 -24.46
N ASP A 91 35.15 -9.67 -24.53
CA ASP A 91 35.88 -8.81 -23.57
C ASP A 91 35.66 -7.32 -23.86
N GLY A 92 35.43 -6.97 -25.12
CA GLY A 92 35.15 -5.58 -25.51
C GLY A 92 34.11 -4.93 -24.60
N VAL A 93 34.35 -3.71 -24.12
CA VAL A 93 33.42 -3.03 -23.15
C VAL A 93 32.06 -2.82 -23.81
N LEU A 94 32.03 -2.70 -25.13
CA LEU A 94 30.75 -2.60 -25.86
C LEU A 94 29.91 -3.87 -25.61
N ALA A 95 30.56 -5.05 -25.65
CA ALA A 95 29.94 -6.38 -25.45
C ALA A 95 29.68 -6.72 -23.97
N GLN A 96 30.12 -5.91 -23.02
CA GLN A 96 29.84 -6.08 -21.56
C GLN A 96 28.39 -5.71 -21.24
N ASP A 97 27.74 -6.51 -20.39
CA ASP A 97 26.36 -6.27 -19.94
C ASP A 97 26.35 -5.92 -18.46
N PRO A 98 25.31 -5.22 -17.94
CA PRO A 98 25.29 -4.92 -16.51
C PRO A 98 25.23 -6.23 -15.74
N PRO A 99 25.60 -6.25 -14.44
CA PRO A 99 26.14 -5.10 -13.75
C PRO A 99 27.69 -5.03 -13.74
N ASP A 100 28.37 -5.99 -14.35
CA ASP A 100 29.85 -5.91 -14.49
C ASP A 100 30.29 -4.68 -15.28
N HIS A 101 29.65 -4.46 -16.44
CA HIS A 101 29.80 -3.25 -17.28
C HIS A 101 29.56 -1.99 -16.43
N THR A 102 28.48 -1.98 -15.65
CA THR A 102 28.13 -0.79 -14.85
C THR A 102 29.29 -0.51 -13.87
N ARG A 103 29.94 -1.54 -13.32
CA ARG A 103 31.09 -1.36 -12.36
C ARG A 103 32.24 -0.65 -13.08
N LEU A 104 32.69 -1.21 -14.20
CA LEU A 104 33.78 -0.66 -15.05
C LEU A 104 33.55 0.84 -15.22
N ARG A 105 32.34 1.20 -15.64
CA ARG A 105 31.94 2.58 -15.99
C ARG A 105 31.96 3.45 -14.76
N ARG A 106 31.41 2.95 -13.68
CA ARG A 106 31.40 3.65 -12.38
C ARG A 106 32.83 4.04 -12.01
N LEU A 107 33.75 3.06 -12.05
CA LEU A 107 35.13 3.21 -11.52
C LEU A 107 35.93 4.10 -12.45
N VAL A 108 35.89 3.83 -13.74
CA VAL A 108 36.68 4.63 -14.71
C VAL A 108 36.08 6.04 -14.76
N GLY A 109 34.78 6.16 -14.61
CA GLY A 109 34.08 7.44 -14.59
C GLY A 109 34.51 8.32 -13.46
N LYS A 110 34.92 7.75 -12.32
CA LYS A 110 35.43 8.56 -11.19
C LYS A 110 36.64 9.38 -11.61
N ALA A 111 37.56 8.76 -12.37
CA ALA A 111 38.83 9.38 -12.82
C ALA A 111 38.62 10.24 -14.09
N PHE A 112 37.84 9.74 -15.04
CA PHE A 112 37.66 10.38 -16.36
C PHE A 112 36.65 11.52 -16.26
N THR A 113 36.72 12.32 -15.22
CA THR A 113 35.74 13.40 -15.06
C THR A 113 35.81 14.34 -16.27
N ALA A 114 34.78 15.17 -16.47
CA ALA A 114 34.81 16.30 -17.41
C ALA A 114 35.82 17.33 -16.91
N ARG A 115 35.89 17.54 -15.59
CA ARG A 115 36.84 18.50 -14.95
C ARG A 115 38.27 18.06 -15.29
N ARG A 116 38.60 16.77 -15.21
CA ARG A 116 39.98 16.31 -15.54
C ARG A 116 40.31 16.62 -16.99
N VAL A 117 39.33 16.46 -17.89
CA VAL A 117 39.51 16.70 -19.36
C VAL A 117 39.74 18.21 -19.60
N GLU A 118 38.86 19.08 -19.12
CA GLU A 118 39.09 20.52 -19.29
C GLU A 118 40.52 20.92 -18.89
N GLU A 119 41.05 20.34 -17.82
CA GLU A 119 42.37 20.73 -17.26
C GLU A 119 43.47 20.34 -18.23
N MET A 120 43.20 19.39 -19.13
CA MET A 120 44.15 19.00 -20.22
C MET A 120 44.25 20.10 -21.30
N ARG A 121 43.25 20.97 -21.41
CA ARG A 121 43.14 21.89 -22.56
C ARG A 121 44.43 22.67 -22.83
N PRO A 122 44.99 23.42 -21.86
CA PRO A 122 46.30 24.05 -22.08
C PRO A 122 47.35 23.14 -22.73
N ARG A 123 47.59 21.92 -22.25
CA ARG A 123 48.65 21.05 -22.84
C ARG A 123 48.22 20.63 -24.24
N VAL A 124 46.92 20.43 -24.43
CA VAL A 124 46.36 20.04 -25.74
C VAL A 124 46.53 21.22 -26.72
N ARG A 125 46.25 22.45 -26.31
CA ARG A 125 46.51 23.63 -27.18
C ARG A 125 47.96 23.63 -27.65
N SER A 126 48.91 23.48 -26.72
CA SER A 126 50.37 23.52 -26.98
C SER A 126 50.73 22.43 -27.97
N LEU A 127 49.99 21.34 -27.92
CA LEU A 127 50.23 20.16 -28.76
C LEU A 127 49.82 20.46 -30.21
N VAL A 128 48.68 21.10 -30.40
CA VAL A 128 48.14 21.41 -31.75
C VAL A 128 49.05 22.46 -32.38
N ASP A 129 49.41 23.43 -31.56
CA ASP A 129 50.27 24.52 -32.00
C ASP A 129 51.52 23.92 -32.62
N SER A 130 52.13 22.96 -31.94
CA SER A 130 53.39 22.33 -32.38
C SER A 130 53.13 21.65 -33.71
N LEU A 131 52.02 20.93 -33.83
CA LEU A 131 51.68 20.18 -35.07
C LEU A 131 51.53 21.14 -36.24
N LEU A 132 50.80 22.23 -36.02
CA LEU A 132 50.59 23.25 -37.07
C LEU A 132 51.94 23.90 -37.45
N ASP A 133 52.79 24.20 -36.47
CA ASP A 133 54.12 24.79 -36.74
C ASP A 133 54.83 23.89 -37.74
N ASP A 134 54.78 22.59 -37.54
CA ASP A 134 55.36 21.59 -38.47
C ASP A 134 54.77 21.78 -39.87
N MET A 135 53.46 22.03 -39.94
CA MET A 135 52.71 22.19 -41.22
C MET A 135 53.17 23.44 -41.94
N VAL A 136 53.42 24.52 -41.17
CA VAL A 136 53.93 25.81 -41.70
C VAL A 136 55.35 25.63 -42.21
N ALA A 137 56.17 24.87 -41.48
CA ALA A 137 57.51 24.50 -41.95
C ALA A 137 57.43 23.85 -43.33
N HIS A 138 56.51 22.91 -43.51
CA HIS A 138 56.23 22.28 -44.83
C HIS A 138 55.78 23.29 -45.87
N GLY A 139 55.00 24.27 -45.47
CA GLY A 139 54.53 25.32 -46.40
C GLY A 139 53.22 24.96 -47.06
N SER A 140 52.46 25.99 -47.40
CA SER A 140 51.18 25.78 -48.10
C SER A 140 51.49 25.37 -49.54
N PRO A 141 50.76 24.38 -50.12
CA PRO A 141 49.74 23.59 -49.42
C PRO A 141 50.23 22.25 -48.89
N ALA A 142 49.52 21.72 -47.91
CA ALA A 142 49.96 20.50 -47.19
C ALA A 142 48.79 19.61 -46.86
N ASP A 143 49.04 18.34 -46.66
CA ASP A 143 48.00 17.36 -46.27
C ASP A 143 47.58 17.51 -44.79
N LEU A 144 46.42 18.08 -44.50
CA LEU A 144 45.98 18.32 -43.10
C LEU A 144 45.77 16.98 -42.37
N VAL A 145 45.48 15.92 -43.07
CA VAL A 145 45.45 14.56 -42.47
C VAL A 145 46.84 14.26 -41.90
N GLU A 146 47.87 14.31 -42.74
CA GLU A 146 49.20 13.83 -42.32
C GLU A 146 49.65 14.71 -41.14
N PHE A 147 49.46 16.02 -41.19
CA PHE A 147 50.09 16.92 -40.20
C PHE A 147 49.22 17.10 -38.97
N LEU A 148 47.88 17.06 -39.09
CA LEU A 148 47.00 17.38 -37.93
C LEU A 148 46.21 16.16 -37.49
N ALA A 149 45.28 15.70 -38.31
CA ALA A 149 44.25 14.72 -37.91
C ALA A 149 44.89 13.45 -37.37
N VAL A 150 45.93 12.91 -38.00
CA VAL A 150 46.44 11.56 -37.62
C VAL A 150 47.24 11.62 -36.34
N PRO A 151 48.30 12.47 -36.26
CA PRO A 151 49.14 12.51 -35.08
C PRO A 151 48.38 13.02 -33.85
N PHE A 152 47.45 13.97 -34.02
CA PHE A 152 46.91 14.75 -32.88
C PHE A 152 46.20 13.85 -31.88
N PRO A 153 45.20 13.03 -32.29
CA PRO A 153 44.48 12.22 -31.30
C PRO A 153 45.40 11.34 -30.47
N VAL A 154 46.41 10.71 -31.06
CA VAL A 154 47.21 9.70 -30.32
C VAL A 154 48.03 10.46 -29.27
N ALA A 155 48.53 11.64 -29.63
CA ALA A 155 49.24 12.52 -28.68
C ALA A 155 48.28 12.82 -27.52
N VAL A 156 47.06 13.23 -27.83
CA VAL A 156 46.08 13.66 -26.79
C VAL A 156 45.90 12.53 -25.77
N ILE A 157 45.73 11.31 -26.26
CA ILE A 157 45.48 10.08 -25.45
C ILE A 157 46.72 9.77 -24.61
N CYS A 158 47.91 10.01 -25.16
CA CYS A 158 49.17 9.80 -24.41
C CYS A 158 49.17 10.76 -23.23
N GLU A 159 48.90 12.01 -23.48
CA GLU A 159 48.75 13.05 -22.43
C GLU A 159 47.80 12.54 -21.35
N LEU A 160 46.69 11.99 -21.77
CA LEU A 160 45.63 11.48 -20.85
C LEU A 160 46.19 10.33 -20.00
N LEU A 161 47.05 9.49 -20.59
CA LEU A 161 47.59 8.30 -19.88
C LEU A 161 48.94 8.63 -19.22
N GLY A 162 49.42 9.86 -19.34
CA GLY A 162 50.69 10.25 -18.73
C GLY A 162 51.82 9.42 -19.31
N VAL A 163 51.76 9.05 -20.57
CA VAL A 163 52.89 8.34 -21.21
C VAL A 163 54.05 9.33 -21.34
N PRO A 164 55.27 8.91 -20.99
CA PRO A 164 56.43 9.78 -21.19
C PRO A 164 56.72 9.93 -22.69
N LEU A 165 57.35 11.05 -23.08
CA LEU A 165 57.49 11.45 -24.51
C LEU A 165 58.31 10.41 -25.28
N GLU A 166 59.35 9.85 -24.66
CA GLU A 166 60.27 8.86 -25.29
C GLU A 166 59.50 7.62 -25.77
N ASP A 167 58.40 7.28 -25.10
CA ASP A 167 57.69 6.00 -25.34
C ASP A 167 56.47 6.16 -26.26
N ARG A 168 56.12 7.40 -26.65
CA ARG A 168 54.89 7.65 -27.44
C ARG A 168 55.02 6.97 -28.81
N ASP A 169 56.22 6.90 -29.36
CA ASP A 169 56.50 6.18 -30.62
C ASP A 169 55.79 4.83 -30.61
N LEU A 170 55.89 4.12 -29.50
CA LEU A 170 55.33 2.75 -29.32
C LEU A 170 53.80 2.75 -29.43
N PHE A 171 53.15 3.80 -28.94
CA PHE A 171 51.68 3.96 -29.03
C PHE A 171 51.22 4.17 -30.47
N ARG A 172 51.94 4.99 -31.25
CA ARG A 172 51.54 5.27 -32.65
C ARG A 172 51.51 3.96 -33.44
N THR A 173 52.56 3.15 -33.30
CA THR A 173 52.74 1.89 -34.03
C THR A 173 51.58 0.95 -33.71
N PHE A 174 51.23 0.85 -32.43
CA PHE A 174 50.12 -0.02 -31.95
C PHE A 174 48.74 0.44 -32.48
N SER A 175 48.44 1.75 -32.46
CA SER A 175 47.17 2.31 -32.96
C SER A 175 47.06 2.02 -34.46
N ASP A 176 48.12 2.27 -35.24
CA ASP A 176 48.17 2.04 -36.71
C ASP A 176 48.05 0.55 -37.01
N ALA A 177 48.65 -0.30 -36.17
CA ALA A 177 48.62 -1.78 -36.30
C ALA A 177 47.22 -2.32 -35.99
N MET A 178 46.53 -1.75 -35.00
CA MET A 178 45.16 -2.17 -34.60
C MET A 178 44.12 -1.84 -35.70
N LEU A 179 44.28 -0.75 -36.44
CA LEU A 179 43.36 -0.43 -37.56
C LEU A 179 43.36 -1.56 -38.60
N SER A 180 42.19 -1.87 -39.12
CA SER A 180 42.01 -2.93 -40.15
C SER A 180 42.69 -2.53 -41.46
N SER A 181 42.68 -1.24 -41.78
CA SER A 181 43.35 -0.67 -42.96
C SER A 181 44.88 -0.65 -42.83
N THR A 182 45.48 -1.03 -41.68
CA THR A 182 46.98 -1.08 -41.50
C THR A 182 47.65 -1.64 -42.78
N ARG A 183 48.65 -0.91 -43.33
CA ARG A 183 49.43 -1.30 -44.54
C ARG A 183 50.22 -2.59 -44.27
N LEU A 184 50.84 -2.68 -43.09
CA LEU A 184 51.82 -3.75 -42.73
C LEU A 184 51.13 -5.11 -42.68
N THR A 185 49.91 -5.15 -42.13
CA THR A 185 48.98 -6.32 -42.11
C THR A 185 49.70 -7.69 -41.96
N ALA A 186 50.68 -7.80 -41.07
CA ALA A 186 51.51 -9.01 -40.90
C ALA A 186 50.89 -10.04 -39.93
N ALA A 187 51.57 -11.18 -39.84
CA ALA A 187 51.57 -12.07 -38.66
C ALA A 187 52.14 -11.30 -37.47
N GLU A 188 53.05 -10.36 -37.76
CA GLU A 188 53.81 -9.54 -36.78
C GLU A 188 52.86 -8.67 -35.94
N ILE A 189 51.67 -8.34 -36.46
CA ILE A 189 50.70 -7.45 -35.76
C ILE A 189 50.62 -7.96 -34.32
N GLN A 190 50.44 -9.28 -34.19
CA GLN A 190 50.27 -10.00 -32.93
C GLN A 190 51.50 -9.73 -32.07
N ARG A 191 52.68 -9.76 -32.68
CA ARG A 191 53.97 -9.48 -32.02
C ARG A 191 53.96 -8.07 -31.41
N VAL A 192 53.46 -7.09 -32.18
CA VAL A 192 53.31 -5.68 -31.71
C VAL A 192 52.39 -5.66 -30.50
N GLN A 193 51.25 -6.35 -30.62
CA GLN A 193 50.19 -6.32 -29.61
C GLN A 193 50.79 -6.73 -28.27
N GLN A 194 51.51 -7.85 -28.26
CA GLN A 194 52.09 -8.45 -27.02
C GLN A 194 53.15 -7.51 -26.44
N ASP A 195 54.03 -7.00 -27.30
CA ASP A 195 55.10 -6.03 -26.95
C ASP A 195 54.48 -4.84 -26.24
N PHE A 196 53.43 -4.28 -26.86
CA PHE A 196 52.66 -3.15 -26.30
C PHE A 196 52.10 -3.58 -24.94
N MET A 197 51.48 -4.75 -24.90
CA MET A 197 50.77 -5.23 -23.68
C MET A 197 51.75 -5.24 -22.50
N VAL A 198 52.92 -5.85 -22.69
CA VAL A 198 53.95 -5.89 -21.61
C VAL A 198 54.26 -4.43 -21.17
N TYR A 199 54.45 -3.52 -22.12
CA TYR A 199 54.79 -2.11 -21.79
C TYR A 199 53.72 -1.58 -20.82
N MET A 200 52.43 -1.69 -21.17
CA MET A 200 51.27 -1.18 -20.40
C MET A 200 51.29 -1.79 -18.99
N ASP A 201 51.58 -3.09 -18.92
CA ASP A 201 51.73 -3.82 -17.65
C ASP A 201 52.66 -3.05 -16.74
N GLY A 202 53.85 -2.78 -17.29
CA GLY A 202 54.95 -2.10 -16.58
C GLY A 202 54.57 -0.70 -16.16
N LEU A 203 53.84 0.00 -17.03
CA LEU A 203 53.38 1.39 -16.83
C LEU A 203 52.39 1.42 -15.67
N VAL A 204 51.53 0.42 -15.59
CA VAL A 204 50.49 0.41 -14.54
C VAL A 204 51.18 0.10 -13.20
N ALA A 205 52.10 -0.88 -13.24
CA ALA A 205 52.91 -1.30 -12.07
C ALA A 205 53.68 -0.09 -11.54
N GLN A 206 54.22 0.74 -12.45
CA GLN A 206 54.95 1.97 -12.08
C GLN A 206 54.02 2.92 -11.35
N ARG A 207 52.74 2.92 -11.72
CA ARG A 207 51.72 3.86 -11.17
C ARG A 207 51.27 3.40 -9.78
N ARG A 208 51.24 2.07 -9.61
CA ARG A 208 50.91 1.41 -8.33
C ARG A 208 52.01 1.68 -7.30
N ASP A 209 53.28 1.68 -7.75
CA ASP A 209 54.48 1.95 -6.92
C ASP A 209 54.56 3.44 -6.56
N ALA A 210 54.41 4.33 -7.54
CA ALA A 210 54.42 5.81 -7.34
C ALA A 210 53.22 6.46 -8.04
N PRO A 211 52.30 7.11 -7.30
CA PRO A 211 51.08 7.64 -7.91
C PRO A 211 51.44 8.82 -8.81
N THR A 212 50.76 8.94 -9.95
CA THR A 212 50.93 10.05 -10.90
C THR A 212 49.61 10.80 -10.96
N GLU A 213 49.67 12.03 -11.44
CA GLU A 213 48.45 12.85 -11.58
C GLU A 213 47.65 12.50 -12.85
N ASP A 214 48.11 11.58 -13.71
CA ASP A 214 47.38 11.24 -14.97
C ASP A 214 46.24 10.27 -14.65
N LEU A 215 45.44 9.90 -15.66
CA LEU A 215 44.24 9.04 -15.47
C LEU A 215 44.58 7.61 -15.05
N LEU A 216 45.62 6.99 -15.63
CA LEU A 216 46.18 5.71 -15.10
C LEU A 216 46.51 5.85 -13.61
N GLY A 217 47.19 6.92 -13.23
CA GLY A 217 47.54 7.18 -11.83
C GLY A 217 46.31 7.14 -10.97
N ALA A 218 45.25 7.85 -11.36
CA ALA A 218 44.02 7.95 -10.54
C ALA A 218 43.39 6.58 -10.38
N LEU A 219 43.36 5.82 -11.46
CA LEU A 219 42.79 4.46 -11.45
C LEU A 219 43.63 3.51 -10.58
N ALA A 220 44.95 3.74 -10.53
CA ALA A 220 45.89 2.90 -9.76
C ALA A 220 45.64 3.08 -8.25
N LEU A 221 45.25 4.28 -7.81
CA LEU A 221 45.04 4.54 -6.38
C LEU A 221 43.93 3.66 -5.80
N ALA A 222 44.12 3.15 -4.57
CA ALA A 222 43.10 2.52 -3.70
C ALA A 222 42.93 3.32 -2.41
N THR A 223 41.71 3.80 -2.13
CA THR A 223 41.31 4.33 -0.80
C THR A 223 41.35 3.16 0.19
N ASP A 224 41.40 1.92 -0.31
CA ASP A 224 41.82 0.67 0.40
C ASP A 224 40.72 0.19 1.39
N ASN A 225 39.57 0.86 1.38
CA ASN A 225 38.34 0.45 2.08
C ASN A 225 37.33 0.43 0.92
N ASP A 226 37.82 0.50 -0.33
CA ASP A 226 37.01 1.00 -1.47
C ASP A 226 37.27 0.29 -2.79
N ASP A 227 36.30 0.54 -3.66
CA ASP A 227 36.14 -0.10 -4.96
C ASP A 227 37.29 0.42 -5.81
N HIS A 228 38.04 -0.47 -6.45
CA HIS A 228 39.02 -0.03 -7.47
C HIS A 228 39.20 -1.13 -8.48
N LEU A 229 39.94 -0.89 -9.55
CA LEU A 229 40.07 -1.86 -10.65
C LEU A 229 41.26 -2.77 -10.42
N THR A 230 41.20 -3.98 -10.99
CA THR A 230 42.37 -4.85 -11.07
C THR A 230 43.42 -4.06 -11.83
N LYS A 231 44.69 -4.38 -11.57
CA LYS A 231 45.81 -3.95 -12.42
C LYS A 231 45.61 -4.42 -13.86
N GLY A 232 45.25 -5.68 -14.08
CA GLY A 232 44.93 -6.21 -15.43
C GLY A 232 43.71 -5.55 -16.08
N GLU A 233 42.66 -5.23 -15.31
CA GLU A 233 41.49 -4.43 -15.74
C GLU A 233 41.96 -3.06 -16.21
N ILE A 234 42.80 -2.37 -15.42
CA ILE A 234 43.36 -1.04 -15.78
C ILE A 234 44.12 -1.13 -17.11
N VAL A 235 45.00 -2.11 -17.25
CA VAL A 235 45.77 -2.24 -18.49
C VAL A 235 44.76 -2.35 -19.61
N ASN A 236 43.80 -3.25 -19.51
CA ASN A 236 42.84 -3.53 -20.61
C ASN A 236 42.05 -2.25 -20.95
N MET A 237 41.67 -1.49 -19.91
CA MET A 237 40.90 -0.23 -20.08
C MET A 237 41.75 0.78 -20.84
N GLY A 238 43.05 0.85 -20.56
CA GLY A 238 43.98 1.76 -21.26
C GLY A 238 44.06 1.43 -22.73
N VAL A 239 44.08 0.15 -23.05
CA VAL A 239 44.07 -0.26 -24.47
C VAL A 239 42.71 0.08 -25.08
N SER A 240 41.59 -0.23 -24.40
CA SER A 240 40.22 0.09 -24.89
C SER A 240 40.14 1.57 -25.25
N LEU A 241 40.61 2.46 -24.38
CA LEU A 241 40.49 3.93 -24.56
C LEU A 241 41.29 4.41 -25.75
N LEU A 242 42.48 3.83 -25.93
CA LEU A 242 43.36 4.18 -27.07
C LEU A 242 42.65 3.86 -28.38
N ILE A 243 42.17 2.64 -28.55
CA ILE A 243 41.57 2.14 -29.81
C ILE A 243 40.22 2.85 -30.12
N ALA A 244 39.26 2.86 -29.22
CA ALA A 244 37.97 3.54 -29.46
C ALA A 244 38.18 5.01 -29.84
N GLY A 245 39.06 5.68 -29.10
CA GLY A 245 39.26 7.13 -29.24
C GLY A 245 40.01 7.57 -30.50
N HIS A 246 40.74 6.65 -31.12
CA HIS A 246 41.72 6.97 -32.18
C HIS A 246 40.96 7.09 -33.53
N GLU A 247 40.33 6.00 -33.94
CA GLU A 247 39.69 5.86 -35.27
C GLU A 247 38.63 6.93 -35.47
N THR A 248 37.69 6.96 -34.55
CA THR A 248 36.64 8.00 -34.53
C THR A 248 37.27 9.39 -34.62
N SER A 249 38.17 9.76 -33.70
CA SER A 249 38.71 11.13 -33.62
C SER A 249 39.45 11.53 -34.91
N VAL A 250 40.41 10.72 -35.35
CA VAL A 250 41.24 11.00 -36.55
C VAL A 250 40.38 11.45 -37.73
N ASN A 251 39.39 10.64 -38.12
CA ASN A 251 38.45 10.92 -39.24
C ASN A 251 37.52 12.09 -38.92
N GLN A 252 37.04 12.19 -37.68
CA GLN A 252 36.04 13.20 -37.29
C GLN A 252 36.65 14.59 -37.51
N ILE A 253 37.93 14.75 -37.20
CA ILE A 253 38.63 16.04 -37.41
C ILE A 253 38.50 16.40 -38.88
N THR A 254 39.00 15.51 -39.72
CA THR A 254 38.96 15.68 -41.18
C THR A 254 37.54 16.03 -41.64
N ASN A 255 36.53 15.30 -41.17
CA ASN A 255 35.13 15.48 -41.58
C ASN A 255 34.65 16.88 -41.22
N LEU A 256 34.97 17.42 -40.04
CA LEU A 256 34.47 18.75 -39.64
C LEU A 256 35.12 19.79 -40.54
N VAL A 257 36.39 19.59 -40.80
CA VAL A 257 37.10 20.56 -41.67
C VAL A 257 36.45 20.49 -43.04
N HIS A 258 36.17 19.30 -43.55
CA HIS A 258 35.52 19.16 -44.87
C HIS A 258 34.27 20.00 -44.88
N LEU A 259 33.33 19.75 -43.97
CA LEU A 259 32.07 20.54 -43.88
C LEU A 259 32.40 22.04 -43.87
N LEU A 260 33.38 22.45 -43.07
CA LEU A 260 33.68 23.88 -42.90
C LEU A 260 34.13 24.54 -44.22
N LEU A 261 34.99 23.86 -44.97
CA LEU A 261 35.59 24.45 -46.19
C LEU A 261 34.69 24.26 -47.41
N THR A 262 33.96 23.16 -47.60
CA THR A 262 33.13 22.98 -48.81
C THR A 262 32.03 24.03 -48.91
N GLU A 263 31.47 24.49 -47.83
CA GLU A 263 30.66 25.74 -47.81
C GLU A 263 31.44 26.72 -46.92
N ARG A 264 32.33 27.52 -47.51
CA ARG A 264 33.34 28.24 -46.71
C ARG A 264 32.69 29.34 -45.89
N LYS A 265 31.47 29.73 -46.23
CA LYS A 265 30.69 30.67 -45.43
C LYS A 265 30.70 30.24 -43.94
N ARG A 266 30.69 28.92 -43.70
CA ARG A 266 30.69 28.29 -42.36
C ARG A 266 31.98 28.56 -41.58
N TYR A 267 33.11 28.21 -42.17
CA TYR A 267 34.45 28.51 -41.61
C TYR A 267 34.61 30.02 -41.32
N GLU A 268 34.19 30.88 -42.23
CA GLU A 268 34.26 32.34 -42.07
C GLU A 268 33.46 32.76 -40.85
N SER A 269 32.38 32.03 -40.58
CA SER A 269 31.47 32.32 -39.46
C SER A 269 32.22 32.08 -38.14
N LEU A 270 33.08 31.07 -38.11
CA LEU A 270 33.91 30.79 -36.92
C LEU A 270 35.07 31.77 -36.84
N VAL A 271 35.59 32.19 -37.97
CA VAL A 271 36.66 33.22 -37.95
C VAL A 271 36.09 34.48 -37.32
N ALA A 272 34.87 34.82 -37.71
CA ALA A 272 34.20 36.05 -37.27
C ALA A 272 33.90 35.99 -35.77
N ASP A 273 33.52 34.81 -35.32
CA ASP A 273 33.12 34.64 -33.92
C ASP A 273 33.75 33.35 -33.44
N PRO A 274 34.98 33.38 -32.88
CA PRO A 274 35.65 32.15 -32.50
C PRO A 274 34.94 31.47 -31.32
N ALA A 275 34.15 32.22 -30.54
CA ALA A 275 33.47 31.65 -29.37
C ALA A 275 32.40 30.68 -29.82
N LEU A 276 32.02 30.75 -31.09
CA LEU A 276 30.98 29.89 -31.70
C LEU A 276 31.48 28.45 -31.84
N VAL A 277 32.76 28.17 -31.63
CA VAL A 277 33.35 26.88 -32.04
C VAL A 277 32.66 25.71 -31.34
N PRO A 278 32.50 25.78 -30.00
CA PRO A 278 31.94 24.63 -29.29
C PRO A 278 30.54 24.26 -29.80
N ALA A 279 29.65 25.27 -29.94
CA ALA A 279 28.30 25.08 -30.52
C ALA A 279 28.44 24.45 -31.90
N ALA A 280 29.37 24.94 -32.69
CA ALA A 280 29.55 24.46 -34.07
C ALA A 280 29.93 23.00 -34.04
N VAL A 281 30.75 22.61 -33.06
CA VAL A 281 31.33 21.24 -32.98
C VAL A 281 30.18 20.26 -32.73
N GLU A 282 29.33 20.63 -31.81
CA GLU A 282 28.12 19.85 -31.50
C GLU A 282 27.36 19.68 -32.82
N GLU A 283 27.14 20.79 -33.55
CA GLU A 283 26.21 20.74 -34.70
C GLU A 283 26.80 19.80 -35.74
N MET A 284 28.11 19.88 -35.89
CA MET A 284 28.81 19.06 -36.89
C MET A 284 28.87 17.59 -36.46
N LEU A 285 28.91 17.32 -35.14
CA LEU A 285 28.89 15.94 -34.59
C LEU A 285 27.59 15.25 -34.99
N ARG A 286 26.49 16.01 -34.89
CA ARG A 286 25.13 15.55 -35.23
C ARG A 286 25.00 15.34 -36.74
N TYR A 287 25.52 16.29 -37.49
CA TYR A 287 25.37 16.35 -38.96
C TYR A 287 26.18 15.26 -39.65
N THR A 288 27.33 14.93 -39.11
CA THR A 288 28.29 14.02 -39.75
C THR A 288 27.90 12.57 -39.45
N PRO A 289 27.68 11.76 -40.51
CA PRO A 289 27.55 10.32 -40.33
C PRO A 289 28.92 9.64 -40.19
N LEU A 290 29.55 9.81 -39.04
CA LEU A 290 30.90 9.28 -38.83
C LEU A 290 30.82 7.79 -38.90
N VAL A 291 29.76 7.25 -38.30
CA VAL A 291 29.45 5.81 -38.40
C VAL A 291 28.56 5.63 -39.64
N SER A 292 29.12 5.05 -40.70
CA SER A 292 28.42 4.97 -42.01
C SER A 292 27.27 3.98 -41.86
N ALA A 293 27.57 2.94 -41.10
CA ALA A 293 26.70 1.77 -40.95
C ALA A 293 25.77 1.93 -39.74
N GLY A 294 25.13 0.84 -39.37
CA GLY A 294 24.36 0.81 -38.13
C GLY A 294 25.30 0.72 -36.96
N SER A 295 24.72 0.42 -35.81
CA SER A 295 25.39 0.42 -34.51
C SER A 295 25.90 -0.98 -34.20
N PHE A 296 26.63 -1.10 -33.12
CA PHE A 296 26.85 -2.44 -32.52
C PHE A 296 25.47 -2.99 -32.17
N VAL A 297 25.26 -4.29 -32.31
CA VAL A 297 23.87 -4.87 -32.25
C VAL A 297 23.36 -4.94 -30.80
N ARG A 298 22.06 -4.77 -30.59
CA ARG A 298 21.42 -4.90 -29.28
C ARG A 298 20.33 -5.95 -29.38
N VAL A 299 20.42 -7.02 -28.60
CA VAL A 299 19.45 -8.16 -28.65
C VAL A 299 18.54 -8.07 -27.46
N ALA A 300 17.25 -8.25 -27.69
CA ALA A 300 16.26 -8.00 -26.64
C ALA A 300 16.21 -9.22 -25.71
N THR A 301 16.39 -8.98 -24.43
CA THR A 301 16.21 -9.99 -23.36
C THR A 301 14.71 -10.19 -23.14
N GLU A 302 13.90 -9.16 -23.33
CA GLU A 302 12.45 -9.29 -23.13
C GLU A 302 11.72 -8.59 -24.25
N ASP A 303 10.42 -8.82 -24.34
CA ASP A 303 9.54 -8.04 -25.26
C ASP A 303 9.63 -6.56 -24.83
N VAL A 304 9.83 -5.68 -25.81
CA VAL A 304 9.90 -4.22 -25.63
C VAL A 304 9.08 -3.53 -26.72
N GLU A 305 8.41 -2.47 -26.36
CA GLU A 305 7.52 -1.73 -27.29
C GLU A 305 8.24 -0.49 -27.81
N LEU A 306 8.52 -0.44 -29.12
CA LEU A 306 8.95 0.79 -29.80
C LEU A 306 7.75 1.56 -30.38
N SER A 307 8.07 2.70 -30.97
CA SER A 307 7.17 3.63 -31.68
C SER A 307 6.05 2.88 -32.41
N THR A 308 6.47 2.05 -33.34
CA THR A 308 5.59 1.47 -34.38
C THR A 308 5.61 -0.05 -34.32
N VAL A 309 6.58 -0.66 -33.65
CA VAL A 309 6.62 -2.14 -33.59
C VAL A 309 7.03 -2.57 -32.20
N THR A 310 6.71 -3.79 -31.82
CA THR A 310 7.14 -4.33 -30.52
C THR A 310 8.16 -5.43 -30.85
N VAL A 311 9.34 -5.31 -30.26
CA VAL A 311 10.45 -6.24 -30.54
C VAL A 311 10.33 -7.40 -29.57
N ARG A 312 10.33 -8.61 -30.12
CA ARG A 312 10.20 -9.86 -29.35
C ARG A 312 11.57 -10.20 -28.78
N ALA A 313 11.56 -10.88 -27.66
CA ALA A 313 12.84 -11.26 -27.03
C ALA A 313 13.63 -12.10 -28.01
N GLY A 314 14.95 -11.88 -28.08
CA GLY A 314 15.87 -12.69 -28.92
C GLY A 314 15.98 -12.13 -30.32
N GLU A 315 15.25 -11.05 -30.59
CA GLU A 315 15.32 -10.36 -31.89
C GLU A 315 16.44 -9.31 -31.83
N PRO A 316 17.33 -9.26 -32.85
CA PRO A 316 18.42 -8.28 -32.88
C PRO A 316 18.02 -6.94 -33.46
N CYS A 317 18.44 -5.86 -32.81
CA CYS A 317 18.19 -4.47 -33.25
C CYS A 317 19.50 -3.78 -33.58
N VAL A 318 19.43 -2.85 -34.53
CA VAL A 318 20.60 -2.05 -34.94
C VAL A 318 20.13 -0.62 -35.09
N VAL A 319 20.94 0.33 -34.59
CA VAL A 319 20.62 1.78 -34.65
C VAL A 319 21.52 2.49 -35.65
N HIS A 320 20.95 3.41 -36.44
CA HIS A 320 21.78 4.28 -37.31
C HIS A 320 21.80 5.66 -36.69
N PHE A 321 22.90 6.02 -36.07
CA PHE A 321 22.91 7.19 -35.17
C PHE A 321 22.62 8.45 -35.99
N ALA A 322 23.24 8.54 -37.18
CA ALA A 322 23.16 9.71 -38.06
C ALA A 322 21.70 9.98 -38.46
N SER A 323 20.91 8.93 -38.73
CA SER A 323 19.48 9.10 -39.06
C SER A 323 18.76 9.76 -37.89
N ALA A 324 18.94 9.22 -36.69
CA ALA A 324 18.33 9.74 -35.46
C ALA A 324 18.65 11.21 -35.34
N ASN A 325 19.90 11.55 -35.67
CA ASN A 325 20.40 12.95 -35.57
C ASN A 325 19.73 13.88 -36.58
N ARG A 326 19.06 13.32 -37.61
CA ARG A 326 18.39 14.09 -38.69
C ARG A 326 16.87 13.93 -38.57
N ASP A 327 16.39 13.42 -37.44
CA ASP A 327 14.96 13.24 -37.12
C ASP A 327 14.28 14.61 -37.07
N GLU A 328 13.21 14.76 -37.85
CA GLU A 328 12.52 16.03 -38.20
C GLU A 328 11.68 16.48 -37.01
N GLU A 329 11.15 15.53 -36.28
CA GLU A 329 10.41 15.78 -35.04
C GLU A 329 11.26 16.53 -34.02
N VAL A 330 12.54 16.19 -33.94
CA VAL A 330 13.44 16.68 -32.86
C VAL A 330 14.09 18.00 -33.30
N PHE A 331 14.51 18.09 -34.56
CA PHE A 331 15.36 19.18 -35.08
C PHE A 331 14.68 19.95 -36.23
N ASP A 332 14.49 21.26 -36.09
CA ASP A 332 14.04 22.08 -37.25
C ASP A 332 15.12 22.03 -38.33
N HIS A 333 14.72 22.04 -39.58
CA HIS A 333 15.69 22.04 -40.70
C HIS A 333 16.84 21.11 -40.31
N ALA A 334 16.51 19.87 -40.04
CA ALA A 334 17.48 18.85 -39.65
C ALA A 334 18.54 18.66 -40.73
N ASP A 335 18.17 18.71 -42.01
CA ASP A 335 19.08 18.53 -43.18
C ASP A 335 20.03 19.74 -43.32
N GLU A 336 19.68 20.86 -42.73
CA GLU A 336 20.55 22.05 -42.78
C GLU A 336 21.55 22.10 -41.61
N LEU A 337 22.68 22.79 -41.78
CA LEU A 337 23.79 22.89 -40.80
C LEU A 337 23.72 24.25 -40.12
N ASP A 338 23.32 24.28 -38.84
CA ASP A 338 23.03 25.53 -38.11
C ASP A 338 23.89 25.59 -36.83
N PHE A 339 24.78 26.57 -36.73
CA PHE A 339 25.59 26.76 -35.49
C PHE A 339 24.84 27.59 -34.45
N HIS A 340 23.56 27.90 -34.62
CA HIS A 340 22.86 28.76 -33.66
C HIS A 340 21.57 28.08 -33.25
N ARG A 341 21.66 26.80 -32.90
CA ARG A 341 20.51 26.05 -32.34
C ARG A 341 20.45 26.31 -30.85
N GLU A 342 19.25 26.44 -30.30
CA GLU A 342 19.09 26.57 -28.83
C GLU A 342 19.45 25.26 -28.18
N ARG A 343 18.95 24.17 -28.70
CA ARG A 343 19.14 22.84 -28.09
C ARG A 343 19.71 21.89 -29.16
N ASN A 344 20.50 20.91 -28.75
CA ASN A 344 21.06 19.96 -29.72
C ASN A 344 21.28 18.62 -29.06
N PRO A 345 20.21 17.80 -28.87
CA PRO A 345 20.35 16.54 -28.16
C PRO A 345 20.69 15.39 -29.10
N HIS A 346 21.83 15.51 -29.74
CA HIS A 346 22.26 14.50 -30.72
C HIS A 346 22.84 13.30 -30.00
N ILE A 347 22.83 12.15 -30.66
CA ILE A 347 23.42 10.90 -30.12
C ILE A 347 24.60 10.50 -30.97
N ALA A 348 25.42 11.48 -31.36
CA ALA A 348 26.68 11.22 -32.09
C ALA A 348 27.64 10.39 -31.26
N PHE A 349 27.52 10.53 -29.93
CA PHE A 349 28.36 9.84 -28.93
C PHE A 349 27.65 8.56 -28.47
N GLY A 350 26.46 8.31 -28.99
CA GLY A 350 25.63 7.21 -28.50
C GLY A 350 24.83 7.63 -27.30
N HIS A 351 24.23 6.66 -26.62
CA HIS A 351 23.23 6.92 -25.56
C HIS A 351 23.21 5.83 -24.51
N GLY A 352 22.75 6.18 -23.33
CA GLY A 352 22.54 5.19 -22.25
C GLY A 352 23.84 4.63 -21.73
N ALA A 353 23.84 3.35 -21.39
CA ALA A 353 24.98 2.66 -20.76
C ALA A 353 26.28 2.85 -21.55
N HIS A 354 26.24 2.76 -22.87
CA HIS A 354 27.48 2.74 -23.67
C HIS A 354 27.83 4.10 -24.30
N HIS A 355 27.46 5.17 -23.63
CA HIS A 355 27.79 6.52 -24.07
C HIS A 355 29.32 6.68 -24.12
N CYS A 356 29.85 7.05 -25.28
CA CYS A 356 31.33 7.02 -25.39
C CYS A 356 31.92 7.72 -24.16
N ILE A 357 32.84 7.01 -23.48
CA ILE A 357 33.50 7.54 -22.25
C ILE A 357 34.30 8.76 -22.63
N GLY A 358 34.84 8.75 -23.85
CA GLY A 358 35.73 9.81 -24.35
C GLY A 358 34.97 11.00 -24.92
N ALA A 359 33.63 11.01 -24.75
CA ALA A 359 32.75 12.12 -25.21
C ALA A 359 33.36 13.47 -24.89
N GLN A 360 33.87 13.67 -23.66
CA GLN A 360 34.48 14.98 -23.31
C GLN A 360 35.82 15.18 -24.02
N LEU A 361 36.66 14.16 -24.05
CA LEU A 361 37.99 14.26 -24.66
C LEU A 361 37.87 14.33 -26.19
N GLY A 362 36.83 13.73 -26.77
CA GLY A 362 36.51 13.91 -28.20
C GLY A 362 36.14 15.35 -28.51
N ARG A 363 35.27 15.93 -27.70
CA ARG A 363 34.91 17.34 -27.85
C ARG A 363 36.15 18.23 -27.70
N LEU A 364 36.97 17.97 -26.70
CA LEU A 364 38.16 18.80 -26.46
C LEU A 364 38.95 18.77 -27.75
N GLU A 365 39.23 17.56 -28.25
CA GLU A 365 40.14 17.37 -29.39
C GLU A 365 39.63 18.19 -30.56
N LEU A 366 38.34 18.12 -30.82
CA LEU A 366 37.74 18.84 -31.97
C LEU A 366 37.73 20.33 -31.69
N GLN A 367 37.25 20.75 -30.53
CA GLN A 367 37.19 22.21 -30.28
C GLN A 367 38.59 22.83 -30.45
N GLU A 368 39.63 22.13 -29.96
CA GLU A 368 41.02 22.67 -29.90
C GLU A 368 41.63 22.70 -31.30
N ALA A 369 41.34 21.69 -32.12
CA ALA A 369 41.78 21.61 -33.51
C ALA A 369 41.09 22.73 -34.29
N LEU A 370 39.79 22.93 -34.11
CA LEU A 370 39.11 24.00 -34.90
C LEU A 370 39.61 25.37 -34.45
N SER A 371 39.72 25.59 -33.14
CA SER A 371 40.06 26.95 -32.62
C SER A 371 41.46 27.32 -33.13
N ALA A 372 42.38 26.35 -33.09
CA ALA A 372 43.77 26.51 -33.52
C ALA A 372 43.75 26.87 -34.99
N LEU A 373 43.00 26.12 -35.79
CA LEU A 373 42.97 26.39 -37.23
C LEU A 373 42.48 27.83 -37.40
N VAL A 374 41.37 28.18 -36.74
CA VAL A 374 40.71 29.50 -36.96
C VAL A 374 41.70 30.59 -36.56
N ARG A 375 42.45 30.34 -35.48
CA ARG A 375 43.37 31.34 -34.89
C ARG A 375 44.65 31.50 -35.72
N ARG A 376 45.22 30.40 -36.20
CA ARG A 376 46.47 30.46 -36.99
C ARG A 376 46.21 30.65 -38.48
N PHE A 377 45.08 30.14 -39.00
CA PHE A 377 44.76 30.16 -40.43
C PHE A 377 43.35 30.63 -40.72
N PRO A 378 43.04 31.93 -40.62
CA PRO A 378 41.76 32.43 -41.09
C PRO A 378 41.60 32.29 -42.62
N THR A 379 42.72 32.19 -43.34
CA THR A 379 42.78 32.05 -44.82
C THR A 379 42.77 30.59 -45.26
N LEU A 380 42.53 29.69 -44.32
CA LEU A 380 42.52 28.22 -44.54
C LEU A 380 41.54 27.90 -45.66
N ASP A 381 41.95 27.05 -46.60
CA ASP A 381 41.06 26.65 -47.72
C ASP A 381 41.48 25.31 -48.31
N LEU A 382 40.54 24.65 -48.96
CA LEU A 382 40.75 23.29 -49.51
C LEU A 382 41.51 23.46 -50.82
N ALA A 383 42.70 22.91 -50.92
CA ALA A 383 43.54 23.14 -52.11
C ALA A 383 43.20 22.12 -53.19
N GLU A 384 42.94 20.90 -52.76
CA GLU A 384 42.51 19.74 -53.57
C GLU A 384 41.11 20.06 -54.11
N PRO A 385 40.80 19.68 -55.37
CA PRO A 385 39.46 19.96 -55.89
C PRO A 385 38.49 18.97 -55.19
N VAL A 386 37.24 19.39 -54.97
CA VAL A 386 36.24 18.56 -54.23
C VAL A 386 36.04 17.22 -54.90
N ALA A 387 35.85 17.21 -56.22
CA ALA A 387 35.68 15.98 -57.02
C ALA A 387 36.87 15.04 -56.85
N GLY A 388 38.08 15.58 -56.69
CA GLY A 388 39.33 14.82 -56.49
C GLY A 388 39.42 14.03 -55.21
N LEU A 389 38.69 14.45 -54.16
CA LEU A 389 38.85 14.00 -52.74
C LEU A 389 38.82 12.47 -52.62
N LYS A 390 39.75 11.89 -51.87
CA LYS A 390 39.83 10.42 -51.71
C LYS A 390 39.21 10.05 -50.35
N TRP A 391 37.92 9.71 -50.37
CA TRP A 391 37.21 9.22 -49.18
C TRP A 391 37.57 7.75 -48.96
N LYS A 392 37.68 7.32 -47.71
CA LYS A 392 38.00 5.92 -47.40
C LYS A 392 36.79 5.07 -47.80
N GLN A 393 37.06 3.92 -48.38
CA GLN A 393 36.03 3.15 -49.11
C GLN A 393 35.49 1.98 -48.26
N GLY A 394 36.35 1.06 -47.82
CA GLY A 394 35.88 -0.22 -47.25
C GLY A 394 35.25 -0.13 -45.84
N MET A 395 35.24 1.05 -45.21
CA MET A 395 35.34 1.18 -43.74
C MET A 395 33.98 1.37 -43.08
N LEU A 396 33.91 1.02 -41.79
CA LEU A 396 32.73 1.22 -40.89
C LEU A 396 32.57 2.71 -40.62
N ILE A 397 33.68 3.43 -40.67
CA ILE A 397 33.75 4.87 -40.31
C ILE A 397 34.21 5.70 -41.48
N ARG A 398 33.50 6.79 -41.74
CA ARG A 398 33.77 7.69 -42.89
C ARG A 398 34.91 8.63 -42.54
N GLY A 399 35.73 8.93 -43.54
CA GLY A 399 36.85 9.86 -43.40
C GLY A 399 37.58 10.01 -44.70
N LEU A 400 38.45 11.02 -44.80
CA LEU A 400 39.25 11.27 -46.01
C LEU A 400 40.63 10.69 -45.87
N GLU A 401 41.11 10.03 -46.92
CA GLU A 401 42.49 9.49 -46.93
C GLU A 401 43.48 10.63 -46.96
N ARG A 402 43.06 11.72 -47.58
CA ARG A 402 43.90 12.92 -47.71
C ARG A 402 43.04 14.16 -47.88
N GLN A 403 43.55 15.27 -47.41
CA GLN A 403 42.81 16.54 -47.34
C GLN A 403 43.82 17.68 -47.51
N ILE A 404 44.16 18.08 -48.74
CA ILE A 404 45.24 19.09 -48.94
C ILE A 404 44.70 20.50 -48.78
N VAL A 405 45.31 21.31 -47.95
CA VAL A 405 44.80 22.67 -47.63
C VAL A 405 45.87 23.74 -47.84
N SER A 406 45.39 24.97 -47.95
CA SER A 406 46.20 26.12 -48.33
C SER A 406 45.86 27.24 -47.38
N TRP A 407 46.83 28.11 -47.13
CA TRP A 407 46.64 29.24 -46.21
C TRP A 407 47.56 30.40 -46.58
N ALA B 13 24.05 -32.38 -37.72
CA ALA B 13 23.30 -33.59 -37.24
C ALA B 13 21.79 -33.42 -37.50
N VAL B 14 20.94 -33.55 -36.48
CA VAL B 14 19.48 -33.75 -36.67
C VAL B 14 18.76 -32.88 -35.65
N PRO B 15 17.65 -32.21 -36.06
CA PRO B 15 17.13 -31.06 -35.32
C PRO B 15 16.55 -31.40 -33.92
N ALA B 16 16.72 -30.47 -32.96
CA ALA B 16 16.23 -30.64 -31.58
C ALA B 16 14.82 -30.11 -31.46
N TYR B 17 13.98 -30.84 -30.75
CA TYR B 17 12.59 -30.43 -30.39
C TYR B 17 12.58 -30.17 -28.89
N PRO B 18 11.89 -29.12 -28.38
CA PRO B 18 11.22 -28.11 -29.19
C PRO B 18 12.26 -27.35 -30.02
N PHE B 19 11.81 -26.68 -31.09
CA PHE B 19 12.68 -25.93 -32.03
C PHE B 19 13.18 -24.62 -31.40
N SER B 20 12.35 -23.97 -30.59
CA SER B 20 12.65 -22.63 -30.05
C SER B 20 11.87 -22.43 -28.77
N LEU B 21 12.32 -21.51 -27.93
CA LEU B 21 11.53 -21.05 -26.75
C LEU B 21 10.21 -20.50 -27.26
N PRO B 22 9.10 -20.78 -26.55
CA PRO B 22 7.78 -20.39 -27.03
C PRO B 22 7.50 -18.91 -26.71
N HIS B 23 6.96 -18.18 -27.67
CA HIS B 23 6.62 -16.76 -27.46
C HIS B 23 5.12 -16.61 -27.44
N ALA B 24 4.57 -16.18 -26.31
CA ALA B 24 3.13 -15.87 -26.17
C ALA B 24 2.35 -17.13 -26.50
N LEU B 25 1.33 -17.06 -27.35
CA LEU B 25 0.56 -18.25 -27.78
C LEU B 25 0.85 -18.52 -29.24
N ASP B 26 1.88 -17.86 -29.78
CA ASP B 26 2.21 -17.95 -31.20
C ASP B 26 2.59 -19.41 -31.48
N LEU B 27 2.41 -19.84 -32.72
CA LEU B 27 2.96 -21.13 -33.19
C LEU B 27 4.26 -20.86 -33.94
N ASP B 28 5.31 -21.62 -33.62
CA ASP B 28 6.56 -21.60 -34.41
C ASP B 28 6.22 -21.76 -35.90
N PRO B 29 6.81 -20.95 -36.81
CA PRO B 29 6.40 -21.00 -38.22
C PRO B 29 6.85 -22.28 -38.94
N HIS B 30 7.86 -22.97 -38.36
CA HIS B 30 8.39 -24.27 -38.82
C HIS B 30 7.25 -25.31 -38.99
N TYR B 31 6.28 -25.39 -38.07
CA TYR B 31 5.23 -26.43 -38.13
C TYR B 31 4.54 -26.33 -39.49
N ALA B 32 4.22 -25.11 -39.90
CA ALA B 32 3.52 -24.85 -41.18
C ALA B 32 4.36 -25.39 -42.34
N GLU B 33 5.66 -25.17 -42.28
CA GLU B 33 6.59 -25.70 -43.31
C GLU B 33 6.47 -27.22 -43.27
N LEU B 34 6.58 -27.81 -42.09
CA LEU B 34 6.60 -29.28 -41.95
C LEU B 34 5.32 -29.92 -42.51
N ARG B 35 4.14 -29.33 -42.26
CA ARG B 35 2.86 -29.87 -42.77
C ARG B 35 2.89 -29.97 -44.29
N ARG B 36 3.46 -28.95 -44.94
CA ARG B 36 3.57 -28.90 -46.40
C ARG B 36 4.66 -29.87 -46.89
N ASP B 37 5.90 -29.76 -46.43
CA ASP B 37 7.01 -30.49 -47.10
C ASP B 37 7.41 -31.77 -46.36
N GLU B 38 7.23 -31.90 -45.05
CA GLU B 38 7.69 -33.13 -44.31
C GLU B 38 6.82 -33.37 -43.07
N PRO B 39 5.59 -33.91 -43.26
CA PRO B 39 4.66 -34.07 -42.15
C PRO B 39 5.21 -34.89 -40.98
N VAL B 40 6.04 -35.89 -41.26
CA VAL B 40 6.67 -36.69 -40.17
C VAL B 40 8.21 -36.46 -40.22
N SER B 41 8.82 -35.86 -39.17
CA SER B 41 10.10 -35.10 -39.27
C SER B 41 11.29 -35.62 -38.43
N ARG B 42 11.15 -36.63 -37.58
CA ARG B 42 12.35 -37.21 -36.91
C ARG B 42 13.19 -36.11 -36.22
N VAL B 43 12.73 -35.64 -35.06
CA VAL B 43 13.46 -34.67 -34.18
C VAL B 43 14.35 -35.39 -33.15
N ARG B 44 15.13 -34.62 -32.38
CA ARG B 44 15.80 -35.06 -31.13
C ARG B 44 15.09 -34.41 -29.93
N LEU B 45 14.58 -35.21 -29.00
CA LEU B 45 13.81 -34.71 -27.84
C LEU B 45 14.76 -34.29 -26.73
N PRO B 46 14.29 -33.46 -25.78
CA PRO B 46 15.17 -32.97 -24.74
C PRO B 46 15.76 -34.04 -23.83
N TYR B 47 15.13 -35.20 -23.61
CA TYR B 47 15.62 -36.08 -22.50
C TYR B 47 15.89 -37.55 -22.80
N GLY B 48 15.17 -38.22 -23.70
CA GLY B 48 15.47 -39.65 -23.91
C GLY B 48 16.69 -39.83 -24.81
N GLU B 49 17.03 -41.08 -25.15
CA GLU B 49 18.35 -41.35 -25.79
C GLU B 49 18.25 -41.24 -27.31
N GLY B 50 17.22 -41.76 -27.96
CA GLY B 50 17.28 -41.93 -29.41
C GLY B 50 16.50 -40.85 -30.10
N THR B 51 16.51 -40.89 -31.43
CA THR B 51 15.70 -39.98 -32.26
C THR B 51 14.26 -40.48 -32.15
N ALA B 52 13.32 -39.56 -32.36
CA ALA B 52 11.87 -39.81 -32.42
C ALA B 52 11.39 -39.10 -33.67
N TRP B 53 10.14 -39.29 -34.08
CA TRP B 53 9.58 -38.33 -35.05
C TRP B 53 8.29 -37.73 -34.54
N LEU B 54 8.08 -36.53 -35.07
CA LEU B 54 7.00 -35.62 -34.67
C LEU B 54 5.97 -35.62 -35.80
N VAL B 55 4.72 -35.73 -35.40
CA VAL B 55 3.56 -35.73 -36.31
C VAL B 55 2.98 -34.34 -36.30
N THR B 56 2.69 -33.78 -37.47
CA THR B 56 2.28 -32.36 -37.56
C THR B 56 0.85 -32.21 -38.03
N ARG B 57 0.29 -33.24 -38.66
CA ARG B 57 -1.00 -33.13 -39.39
C ARG B 57 -2.10 -33.85 -38.65
N MET B 58 -3.34 -33.52 -38.96
CA MET B 58 -4.48 -34.06 -38.21
C MET B 58 -4.60 -35.58 -38.46
N SER B 59 -4.64 -36.03 -39.72
CA SER B 59 -4.87 -37.46 -40.07
C SER B 59 -3.87 -38.33 -39.32
N ASP B 60 -2.57 -38.04 -39.49
CA ASP B 60 -1.44 -38.78 -38.86
C ASP B 60 -1.55 -38.75 -37.34
N ALA B 61 -1.96 -37.61 -36.78
CA ALA B 61 -2.10 -37.46 -35.33
C ALA B 61 -3.16 -38.45 -34.84
N ARG B 62 -4.28 -38.53 -35.56
CA ARG B 62 -5.43 -39.34 -35.13
C ARG B 62 -5.00 -40.81 -35.13
N ILE B 63 -4.26 -41.20 -36.17
CA ILE B 63 -3.65 -42.54 -36.30
C ILE B 63 -2.82 -42.78 -35.05
N VAL B 64 -1.88 -41.89 -34.74
CA VAL B 64 -0.92 -42.14 -33.62
C VAL B 64 -1.67 -42.26 -32.28
N LEU B 65 -2.70 -41.46 -32.09
CA LEU B 65 -3.41 -41.37 -30.79
C LEU B 65 -4.47 -42.47 -30.64
N GLY B 66 -5.12 -42.84 -31.75
CA GLY B 66 -6.31 -43.72 -31.76
C GLY B 66 -6.04 -45.18 -32.07
N ASP B 67 -4.98 -45.47 -32.85
CA ASP B 67 -4.68 -46.82 -33.42
C ASP B 67 -3.87 -47.65 -32.43
N SER B 68 -4.48 -48.75 -31.97
CA SER B 68 -4.02 -49.61 -30.85
C SER B 68 -2.62 -50.18 -31.11
N ARG B 69 -2.06 -49.96 -32.29
CA ARG B 69 -0.69 -50.44 -32.56
C ARG B 69 0.33 -49.62 -31.78
N PHE B 70 -0.04 -48.43 -31.29
CA PHE B 70 0.89 -47.56 -30.51
C PHE B 70 0.65 -47.73 -29.02
N SER B 71 1.73 -47.74 -28.24
CA SER B 71 1.67 -47.98 -26.77
C SER B 71 2.27 -46.80 -26.00
N THR B 72 1.52 -46.29 -25.03
CA THR B 72 2.05 -45.29 -24.07
C THR B 72 2.91 -46.01 -23.04
N ALA B 73 2.48 -47.20 -22.62
CA ALA B 73 3.18 -47.94 -21.54
C ALA B 73 4.67 -48.10 -21.88
N ALA B 74 5.02 -48.35 -23.16
CA ALA B 74 6.41 -48.56 -23.59
C ALA B 74 7.28 -47.34 -23.31
N ALA B 75 6.69 -46.14 -23.33
CA ALA B 75 7.41 -44.87 -23.12
C ALA B 75 7.98 -44.69 -21.69
N THR B 76 7.50 -45.50 -20.70
CA THR B 76 8.00 -45.53 -19.29
C THR B 76 9.48 -45.89 -19.17
N ASP B 77 10.02 -46.67 -20.11
CA ASP B 77 11.47 -46.94 -20.24
C ASP B 77 12.23 -45.62 -20.25
N PRO B 78 13.13 -45.39 -19.27
CA PRO B 78 13.96 -44.18 -19.22
C PRO B 78 14.85 -43.89 -20.45
N ALA B 79 15.14 -44.93 -21.25
CA ALA B 79 15.87 -44.82 -22.53
C ALA B 79 14.98 -44.17 -23.59
N THR B 80 13.66 -44.33 -23.45
CA THR B 80 12.68 -43.77 -24.42
C THR B 80 12.70 -42.25 -24.36
N PRO B 81 12.72 -41.57 -25.53
CA PRO B 81 12.64 -40.11 -25.58
C PRO B 81 11.42 -39.60 -24.81
N ARG B 82 11.48 -38.34 -24.42
CA ARG B 82 10.36 -37.67 -23.70
C ARG B 82 10.64 -36.16 -23.60
N MET B 83 9.60 -35.34 -23.40
CA MET B 83 9.75 -33.86 -23.34
C MET B 83 10.12 -33.37 -21.95
N PHE B 84 10.00 -34.21 -20.94
CA PHE B 84 10.20 -33.78 -19.54
C PHE B 84 11.32 -34.58 -18.91
N PRO B 85 11.97 -34.01 -17.88
CA PRO B 85 13.21 -34.59 -17.38
C PRO B 85 13.06 -35.92 -16.64
N THR B 86 12.07 -36.04 -15.75
CA THR B 86 11.77 -37.30 -15.04
C THR B 86 11.27 -38.34 -16.03
N PRO B 87 11.73 -39.60 -15.95
CA PRO B 87 11.05 -40.69 -16.66
C PRO B 87 9.64 -40.88 -16.13
N PRO B 88 8.66 -41.27 -17.00
CA PRO B 88 7.24 -41.26 -16.59
C PRO B 88 6.93 -42.33 -15.55
N GLU B 89 6.09 -42.00 -14.57
CA GLU B 89 5.65 -42.95 -13.52
C GLU B 89 4.74 -43.98 -14.22
N PRO B 90 5.02 -45.30 -14.12
CA PRO B 90 4.23 -46.27 -14.89
C PRO B 90 2.77 -46.27 -14.42
N ASP B 91 2.55 -45.82 -13.18
CA ASP B 91 1.21 -45.78 -12.56
C ASP B 91 0.32 -44.72 -13.21
N GLY B 92 0.95 -43.76 -13.89
CA GLY B 92 0.19 -42.68 -14.55
C GLY B 92 -0.83 -43.26 -15.51
N VAL B 93 -2.09 -42.80 -15.42
CA VAL B 93 -3.15 -43.22 -16.35
C VAL B 93 -2.72 -42.99 -17.82
N LEU B 94 -1.90 -42.00 -18.11
CA LEU B 94 -1.39 -41.75 -19.49
C LEU B 94 -0.45 -42.90 -19.93
N ALA B 95 0.37 -43.41 -19.02
CA ALA B 95 1.34 -44.50 -19.29
C ALA B 95 0.65 -45.86 -19.38
N GLN B 96 -0.62 -45.92 -18.99
CA GLN B 96 -1.40 -47.18 -18.94
C GLN B 96 -1.78 -47.54 -20.38
N ASP B 97 -1.72 -48.84 -20.68
CA ASP B 97 -2.17 -49.43 -21.96
C ASP B 97 -3.45 -50.20 -21.67
N PRO B 98 -4.29 -50.49 -22.71
CA PRO B 98 -5.40 -51.40 -22.48
C PRO B 98 -4.93 -52.80 -22.11
N PRO B 99 -5.75 -53.60 -21.41
CA PRO B 99 -7.07 -53.18 -20.95
C PRO B 99 -7.04 -52.57 -19.55
N ASP B 100 -5.89 -52.58 -18.88
CA ASP B 100 -5.77 -52.05 -17.50
C ASP B 100 -6.23 -50.59 -17.53
N HIS B 101 -5.70 -49.85 -18.51
CA HIS B 101 -6.04 -48.44 -18.79
C HIS B 101 -7.56 -48.30 -18.82
N THR B 102 -8.15 -49.13 -19.68
CA THR B 102 -9.60 -49.12 -19.92
C THR B 102 -10.31 -49.21 -18.57
N ARG B 103 -9.76 -49.97 -17.61
CA ARG B 103 -10.44 -50.25 -16.32
C ARG B 103 -10.37 -48.97 -15.48
N LEU B 104 -9.19 -48.37 -15.44
CA LEU B 104 -8.94 -47.12 -14.70
C LEU B 104 -9.97 -46.08 -15.15
N ARG B 105 -10.03 -45.84 -16.47
CA ARG B 105 -10.89 -44.80 -17.11
C ARG B 105 -12.37 -45.10 -16.81
N ARG B 106 -12.82 -46.33 -17.00
CA ARG B 106 -14.21 -46.62 -16.59
C ARG B 106 -14.28 -46.47 -15.06
N LEU B 107 -13.15 -46.39 -14.39
CA LEU B 107 -13.19 -46.29 -12.91
C LEU B 107 -13.92 -45.02 -12.43
N VAL B 108 -13.63 -43.86 -13.01
CA VAL B 108 -14.33 -42.63 -12.53
C VAL B 108 -15.03 -41.97 -13.71
N GLY B 109 -15.08 -42.64 -14.85
CA GLY B 109 -15.67 -42.01 -16.03
C GLY B 109 -17.08 -41.50 -15.81
N LYS B 110 -17.88 -42.17 -15.00
CA LYS B 110 -19.31 -41.81 -14.79
C LYS B 110 -19.47 -40.40 -14.22
N ALA B 111 -18.56 -39.97 -13.35
CA ALA B 111 -18.60 -38.65 -12.67
C ALA B 111 -18.57 -37.54 -13.70
N PHE B 112 -17.82 -37.77 -14.76
CA PHE B 112 -17.70 -36.85 -15.93
C PHE B 112 -18.57 -37.25 -17.13
N THR B 113 -19.63 -38.04 -16.93
CA THR B 113 -20.67 -38.19 -17.98
C THR B 113 -21.16 -36.77 -18.29
N ALA B 114 -21.56 -36.52 -19.53
CA ALA B 114 -21.88 -35.17 -20.02
C ALA B 114 -23.13 -34.63 -19.32
N ARG B 115 -24.08 -35.51 -19.00
CA ARG B 115 -25.30 -35.11 -18.27
C ARG B 115 -25.00 -34.69 -16.84
N ARG B 116 -24.10 -35.39 -16.15
CA ARG B 116 -23.71 -34.99 -14.78
C ARG B 116 -23.14 -33.58 -14.80
N VAL B 117 -22.23 -33.34 -15.76
CA VAL B 117 -21.50 -32.06 -15.87
C VAL B 117 -22.53 -30.94 -16.06
N GLU B 118 -23.39 -31.06 -17.06
CA GLU B 118 -24.39 -30.00 -17.35
C GLU B 118 -25.24 -29.68 -16.13
N GLU B 119 -25.43 -30.63 -15.22
CA GLU B 119 -26.28 -30.44 -14.02
C GLU B 119 -25.47 -29.67 -12.97
N MET B 120 -24.16 -29.51 -13.20
CA MET B 120 -23.27 -28.64 -12.39
C MET B 120 -23.43 -27.15 -12.74
N ARG B 121 -23.91 -26.84 -13.95
CA ARG B 121 -23.86 -25.46 -14.46
C ARG B 121 -24.47 -24.46 -13.49
N PRO B 122 -25.65 -24.69 -12.91
CA PRO B 122 -26.24 -23.69 -12.02
C PRO B 122 -25.34 -23.39 -10.81
N ARG B 123 -24.67 -24.40 -10.24
CA ARG B 123 -23.76 -24.19 -9.08
C ARG B 123 -22.51 -23.45 -9.54
N VAL B 124 -22.00 -23.83 -10.71
CA VAL B 124 -20.81 -23.19 -11.35
C VAL B 124 -21.12 -21.71 -11.67
N ARG B 125 -22.28 -21.40 -12.25
CA ARG B 125 -22.71 -20.00 -12.54
C ARG B 125 -22.65 -19.17 -11.24
N SER B 126 -23.19 -19.68 -10.15
CA SER B 126 -23.23 -18.98 -8.85
C SER B 126 -21.82 -18.79 -8.30
N LEU B 127 -20.94 -19.74 -8.57
CA LEU B 127 -19.53 -19.65 -8.14
C LEU B 127 -18.84 -18.44 -8.79
N VAL B 128 -18.89 -18.39 -10.13
CA VAL B 128 -18.20 -17.35 -10.93
C VAL B 128 -18.74 -15.99 -10.53
N ASP B 129 -20.04 -15.87 -10.37
CA ASP B 129 -20.68 -14.58 -9.98
C ASP B 129 -20.10 -14.14 -8.64
N SER B 130 -19.86 -15.09 -7.75
CA SER B 130 -19.33 -14.80 -6.39
C SER B 130 -17.88 -14.31 -6.48
N LEU B 131 -17.06 -15.03 -7.25
CA LEU B 131 -15.67 -14.62 -7.52
C LEU B 131 -15.60 -13.22 -8.17
N LEU B 132 -16.44 -12.91 -9.16
CA LEU B 132 -16.42 -11.60 -9.87
C LEU B 132 -16.89 -10.52 -8.90
N ASP B 133 -17.79 -10.83 -7.99
CA ASP B 133 -18.29 -9.87 -6.98
C ASP B 133 -17.10 -9.40 -6.13
N ASP B 134 -16.21 -10.34 -5.84
CA ASP B 134 -14.94 -10.04 -5.15
C ASP B 134 -14.12 -9.06 -5.98
N MET B 135 -14.00 -9.31 -7.29
CA MET B 135 -13.24 -8.46 -8.24
C MET B 135 -13.81 -7.05 -8.25
N VAL B 136 -15.14 -6.88 -8.31
CA VAL B 136 -15.70 -5.50 -8.38
C VAL B 136 -15.47 -4.82 -7.05
N ALA B 137 -15.53 -5.54 -5.92
CA ALA B 137 -15.17 -4.95 -4.62
C ALA B 137 -13.78 -4.35 -4.77
N HIS B 138 -12.81 -5.10 -5.32
CA HIS B 138 -11.38 -4.68 -5.42
C HIS B 138 -11.29 -3.41 -6.25
N GLY B 139 -12.16 -3.28 -7.24
CA GLY B 139 -12.16 -2.12 -8.17
C GLY B 139 -11.24 -2.37 -9.36
N SER B 140 -11.53 -1.68 -10.46
CA SER B 140 -10.65 -1.70 -11.64
C SER B 140 -9.41 -0.84 -11.42
N PRO B 141 -8.22 -1.27 -11.90
CA PRO B 141 -8.00 -2.57 -12.51
C PRO B 141 -7.62 -3.64 -11.48
N ALA B 142 -7.83 -4.90 -11.85
CA ALA B 142 -7.50 -6.04 -10.99
C ALA B 142 -6.89 -7.19 -11.82
N ASP B 143 -6.14 -8.07 -11.17
CA ASP B 143 -5.50 -9.27 -11.74
C ASP B 143 -6.61 -10.30 -11.95
N LEU B 144 -7.01 -10.51 -13.18
CA LEU B 144 -8.03 -11.53 -13.49
C LEU B 144 -7.49 -12.88 -13.06
N VAL B 145 -6.17 -13.12 -13.07
CA VAL B 145 -5.61 -14.44 -12.67
C VAL B 145 -5.95 -14.67 -11.20
N GLU B 146 -5.72 -13.66 -10.39
CA GLU B 146 -5.91 -13.81 -8.94
C GLU B 146 -7.37 -14.00 -8.61
N PHE B 147 -8.29 -13.30 -9.26
CA PHE B 147 -9.72 -13.26 -8.82
C PHE B 147 -10.61 -14.22 -9.59
N LEU B 148 -10.22 -14.67 -10.77
CA LEU B 148 -11.04 -15.64 -11.51
C LEU B 148 -10.25 -16.90 -11.82
N ALA B 149 -9.23 -16.83 -12.69
CA ALA B 149 -8.62 -18.01 -13.34
C ALA B 149 -8.13 -19.03 -12.32
N VAL B 150 -7.52 -18.58 -11.21
CA VAL B 150 -6.92 -19.51 -10.22
C VAL B 150 -7.98 -20.12 -9.31
N PRO B 151 -8.79 -19.31 -8.59
CA PRO B 151 -9.75 -19.85 -7.63
C PRO B 151 -10.88 -20.66 -8.25
N PHE B 152 -11.35 -20.23 -9.41
CA PHE B 152 -12.50 -20.85 -10.09
C PHE B 152 -12.24 -22.34 -10.30
N PRO B 153 -11.36 -22.76 -11.25
CA PRO B 153 -11.26 -24.18 -11.53
C PRO B 153 -10.73 -24.96 -10.34
N VAL B 154 -9.92 -24.31 -9.51
CA VAL B 154 -9.39 -24.92 -8.26
C VAL B 154 -10.57 -25.24 -7.34
N ALA B 155 -11.48 -24.29 -7.14
CA ALA B 155 -12.66 -24.48 -6.26
C ALA B 155 -13.52 -25.60 -6.80
N VAL B 156 -13.73 -25.65 -8.12
CA VAL B 156 -14.57 -26.69 -8.78
C VAL B 156 -13.96 -28.07 -8.58
N ILE B 157 -12.67 -28.26 -8.83
CA ILE B 157 -12.02 -29.59 -8.66
C ILE B 157 -11.92 -29.96 -7.18
N CYS B 158 -11.82 -28.98 -6.28
CA CYS B 158 -11.81 -29.25 -4.82
C CYS B 158 -13.15 -29.84 -4.40
N GLU B 159 -14.26 -29.23 -4.80
CA GLU B 159 -15.64 -29.78 -4.65
C GLU B 159 -15.70 -31.21 -5.22
N LEU B 160 -15.30 -31.40 -6.49
CA LEU B 160 -15.46 -32.66 -7.26
C LEU B 160 -14.72 -33.82 -6.64
N LEU B 161 -13.47 -33.64 -6.24
CA LEU B 161 -12.65 -34.72 -5.63
C LEU B 161 -12.87 -34.79 -4.11
N GLY B 162 -13.60 -33.85 -3.50
CA GLY B 162 -13.65 -33.72 -2.04
C GLY B 162 -12.28 -33.42 -1.42
N VAL B 163 -11.54 -32.46 -1.97
CA VAL B 163 -10.31 -31.89 -1.36
C VAL B 163 -10.64 -30.59 -0.62
N PRO B 164 -10.01 -30.35 0.55
CA PRO B 164 -10.24 -29.11 1.29
C PRO B 164 -9.44 -27.97 0.65
N LEU B 165 -9.92 -26.73 0.80
CA LEU B 165 -9.38 -25.53 0.09
C LEU B 165 -7.98 -25.19 0.62
N GLU B 166 -7.73 -25.43 1.90
CA GLU B 166 -6.45 -25.14 2.58
C GLU B 166 -5.36 -25.95 1.90
N ASP B 167 -5.66 -27.20 1.56
CA ASP B 167 -4.66 -28.10 0.94
C ASP B 167 -4.24 -27.53 -0.42
N ARG B 168 -4.96 -26.54 -0.90
CA ARG B 168 -4.78 -26.12 -2.30
C ARG B 168 -3.34 -25.63 -2.48
N ASP B 169 -2.83 -24.92 -1.49
CA ASP B 169 -1.48 -24.30 -1.58
C ASP B 169 -0.44 -25.36 -1.90
N LEU B 170 -0.49 -26.46 -1.19
CA LEU B 170 0.52 -27.53 -1.32
C LEU B 170 0.40 -28.24 -2.68
N PHE B 171 -0.84 -28.50 -3.10
CA PHE B 171 -1.09 -29.32 -4.30
C PHE B 171 -0.77 -28.45 -5.51
N ARG B 172 -1.01 -27.16 -5.43
CA ARG B 172 -0.70 -26.29 -6.58
C ARG B 172 0.80 -26.37 -6.87
N THR B 173 1.64 -26.29 -5.84
CA THR B 173 3.11 -26.29 -5.97
C THR B 173 3.51 -27.59 -6.64
N PHE B 174 2.97 -28.67 -6.13
CA PHE B 174 3.32 -30.00 -6.65
C PHE B 174 3.00 -30.04 -8.15
N SER B 175 1.82 -29.53 -8.47
CA SER B 175 1.23 -29.68 -9.83
C SER B 175 2.07 -28.85 -10.81
N ASP B 176 2.39 -27.61 -10.45
CA ASP B 176 3.26 -26.74 -11.28
C ASP B 176 4.60 -27.45 -11.45
N ALA B 177 5.15 -27.98 -10.37
CA ALA B 177 6.48 -28.61 -10.39
C ALA B 177 6.47 -29.81 -11.32
N MET B 178 5.43 -30.63 -11.26
CA MET B 178 5.31 -31.88 -12.05
C MET B 178 5.28 -31.59 -13.58
N LEU B 179 4.79 -30.41 -13.99
CA LEU B 179 4.60 -30.05 -15.41
C LEU B 179 5.82 -29.34 -16.00
N SER B 180 6.93 -29.27 -15.25
CA SER B 180 8.09 -28.44 -15.67
C SER B 180 8.70 -29.05 -16.95
N SER B 181 8.93 -28.21 -17.95
CA SER B 181 9.68 -28.53 -19.21
C SER B 181 11.19 -28.44 -18.92
N THR B 182 11.61 -27.42 -18.18
CA THR B 182 13.05 -27.14 -17.91
C THR B 182 13.27 -26.49 -16.54
N ARG B 183 12.21 -25.95 -15.95
CA ARG B 183 12.27 -25.14 -14.71
C ARG B 183 13.00 -25.93 -13.61
N LEU B 184 12.68 -27.21 -13.47
CA LEU B 184 13.22 -28.04 -12.35
C LEU B 184 14.14 -29.14 -12.84
N THR B 185 14.98 -29.62 -11.91
CA THR B 185 15.93 -30.75 -12.05
C THR B 185 15.10 -32.03 -12.04
N ALA B 186 15.53 -33.07 -12.74
CA ALA B 186 14.71 -34.29 -12.80
C ALA B 186 14.55 -34.83 -11.38
N ALA B 187 15.66 -34.87 -10.68
CA ALA B 187 15.65 -35.37 -9.28
C ALA B 187 14.62 -34.60 -8.44
N GLU B 188 14.55 -33.27 -8.61
CA GLU B 188 13.63 -32.42 -7.81
C GLU B 188 12.19 -32.80 -8.10
N ILE B 189 11.86 -32.96 -9.37
CA ILE B 189 10.50 -33.32 -9.85
C ILE B 189 10.12 -34.68 -9.26
N GLN B 190 11.12 -35.57 -9.24
CA GLN B 190 10.99 -36.93 -8.68
C GLN B 190 10.56 -36.81 -7.21
N ARG B 191 11.21 -35.95 -6.43
CA ARG B 191 10.84 -35.67 -5.01
C ARG B 191 9.37 -35.25 -4.93
N VAL B 192 8.92 -34.35 -5.82
CA VAL B 192 7.51 -33.89 -5.84
C VAL B 192 6.59 -35.08 -6.05
N GLN B 193 6.86 -35.85 -7.11
CA GLN B 193 5.98 -36.99 -7.51
C GLN B 193 5.64 -37.78 -6.25
N GLN B 194 6.70 -38.13 -5.52
CA GLN B 194 6.62 -38.99 -4.32
C GLN B 194 5.86 -38.24 -3.25
N ASP B 195 6.18 -36.97 -3.04
CA ASP B 195 5.53 -36.17 -1.97
C ASP B 195 4.02 -36.14 -2.22
N PHE B 196 3.64 -36.02 -3.51
CA PHE B 196 2.22 -35.92 -3.93
C PHE B 196 1.53 -37.26 -3.66
N MET B 197 2.18 -38.33 -4.11
CA MET B 197 1.67 -39.71 -3.91
C MET B 197 1.28 -39.94 -2.45
N VAL B 198 2.21 -39.66 -1.54
CA VAL B 198 2.00 -39.76 -0.07
C VAL B 198 0.71 -38.99 0.26
N TYR B 199 0.58 -37.78 -0.27
CA TYR B 199 -0.51 -36.85 0.10
C TYR B 199 -1.85 -37.47 -0.33
N MET B 200 -1.85 -38.06 -1.53
CA MET B 200 -3.06 -38.72 -2.06
C MET B 200 -3.42 -39.93 -1.17
N ASP B 201 -2.45 -40.81 -0.96
CA ASP B 201 -2.63 -41.94 -0.03
C ASP B 201 -3.36 -41.46 1.21
N GLY B 202 -2.88 -40.38 1.82
CA GLY B 202 -3.46 -39.86 3.07
C GLY B 202 -4.93 -39.61 2.90
N LEU B 203 -5.30 -39.08 1.74
CA LEU B 203 -6.70 -38.69 1.47
C LEU B 203 -7.60 -39.92 1.37
N VAL B 204 -7.12 -40.95 0.65
CA VAL B 204 -7.89 -42.21 0.40
C VAL B 204 -8.08 -42.91 1.75
N ALA B 205 -7.04 -42.95 2.59
CA ALA B 205 -7.10 -43.54 3.94
C ALA B 205 -8.16 -42.79 4.74
N GLN B 206 -8.16 -41.48 4.71
CA GLN B 206 -9.15 -40.67 5.45
C GLN B 206 -10.54 -41.17 5.08
N ARG B 207 -10.73 -41.56 3.80
CA ARG B 207 -12.06 -41.89 3.17
C ARG B 207 -12.52 -43.26 3.68
N ARG B 208 -11.50 -44.12 3.83
CA ARG B 208 -11.62 -45.48 4.39
C ARG B 208 -12.00 -45.38 5.88
N ASP B 209 -11.47 -44.41 6.62
CA ASP B 209 -11.94 -43.99 7.97
C ASP B 209 -13.39 -43.54 7.93
N ALA B 210 -13.71 -42.54 7.09
CA ALA B 210 -15.03 -41.87 7.02
C ALA B 210 -15.46 -41.78 5.56
N PRO B 211 -16.61 -42.38 5.17
CA PRO B 211 -17.03 -42.37 3.77
C PRO B 211 -17.53 -40.99 3.29
N THR B 212 -17.15 -40.65 2.07
CA THR B 212 -17.49 -39.36 1.42
C THR B 212 -18.07 -39.64 0.04
N GLU B 213 -19.08 -38.84 -0.35
CA GLU B 213 -19.79 -38.91 -1.64
C GLU B 213 -19.08 -38.02 -2.68
N ASP B 214 -17.95 -38.49 -3.19
CA ASP B 214 -17.03 -37.69 -4.04
C ASP B 214 -16.06 -38.65 -4.72
N LEU B 215 -15.37 -38.17 -5.75
CA LEU B 215 -14.46 -39.00 -6.56
C LEU B 215 -13.38 -39.67 -5.71
N LEU B 216 -12.87 -39.01 -4.70
CA LEU B 216 -11.90 -39.67 -3.81
C LEU B 216 -12.62 -40.83 -3.15
N GLY B 217 -13.81 -40.56 -2.62
CA GLY B 217 -14.66 -41.58 -2.00
C GLY B 217 -14.72 -42.81 -2.89
N ALA B 218 -15.04 -42.62 -4.16
CA ALA B 218 -15.23 -43.73 -5.10
C ALA B 218 -13.90 -44.47 -5.28
N LEU B 219 -12.78 -43.75 -5.40
CA LEU B 219 -11.45 -44.36 -5.64
C LEU B 219 -11.01 -45.15 -4.43
N ALA B 220 -11.49 -44.74 -3.24
CA ALA B 220 -11.16 -45.36 -1.94
C ALA B 220 -11.86 -46.71 -1.84
N LEU B 221 -13.11 -46.77 -2.32
CA LEU B 221 -13.89 -48.03 -2.44
C LEU B 221 -13.16 -48.98 -3.38
N ALA B 222 -12.69 -48.52 -4.53
CA ALA B 222 -11.99 -49.40 -5.51
C ALA B 222 -10.68 -49.90 -4.94
N THR B 223 -10.04 -49.13 -4.06
CA THR B 223 -8.69 -49.38 -3.52
C THR B 223 -8.61 -50.80 -2.94
N ASP B 224 -9.29 -50.96 -1.80
CA ASP B 224 -9.44 -52.27 -1.12
C ASP B 224 -10.38 -53.19 -1.89
N ASN B 225 -11.47 -52.62 -2.40
CA ASN B 225 -12.60 -53.27 -3.12
C ASN B 225 -12.22 -53.87 -4.47
N ASP B 226 -11.34 -53.22 -5.23
CA ASP B 226 -10.99 -53.74 -6.56
C ASP B 226 -9.72 -54.57 -6.44
N ASP B 227 -9.68 -55.76 -7.05
CA ASP B 227 -8.49 -56.64 -6.97
C ASP B 227 -7.75 -56.64 -8.30
N HIS B 228 -7.97 -55.66 -9.16
CA HIS B 228 -7.27 -55.78 -10.46
C HIS B 228 -6.29 -54.65 -10.77
N LEU B 229 -6.19 -53.63 -9.92
CA LEU B 229 -5.26 -52.54 -10.28
C LEU B 229 -4.26 -52.31 -9.16
N THR B 230 -3.01 -52.01 -9.52
CA THR B 230 -1.99 -51.71 -8.51
C THR B 230 -2.54 -50.53 -7.73
N LYS B 231 -2.49 -50.58 -6.41
CA LYS B 231 -3.14 -49.52 -5.61
C LYS B 231 -2.56 -48.13 -5.93
N GLY B 232 -1.26 -48.01 -6.17
CA GLY B 232 -0.78 -46.69 -6.56
C GLY B 232 -1.44 -46.30 -7.86
N GLU B 233 -1.53 -47.23 -8.80
CA GLU B 233 -2.21 -46.92 -10.07
C GLU B 233 -3.55 -46.30 -9.72
N ILE B 234 -4.28 -46.86 -8.76
CA ILE B 234 -5.60 -46.30 -8.36
C ILE B 234 -5.44 -44.91 -7.79
N VAL B 235 -4.46 -44.71 -6.91
CA VAL B 235 -4.24 -43.34 -6.34
C VAL B 235 -3.70 -42.45 -7.43
N ASN B 236 -2.74 -42.97 -8.16
CA ASN B 236 -2.17 -42.07 -9.20
C ASN B 236 -3.27 -41.46 -10.03
N MET B 237 -4.35 -42.16 -10.36
CA MET B 237 -5.40 -41.49 -11.13
C MET B 237 -5.90 -40.31 -10.31
N GLY B 238 -5.99 -40.44 -8.98
CA GLY B 238 -6.42 -39.35 -8.11
C GLY B 238 -5.54 -38.12 -8.26
N VAL B 239 -4.23 -38.33 -8.44
CA VAL B 239 -3.25 -37.22 -8.64
C VAL B 239 -3.47 -36.61 -10.03
N SER B 240 -3.58 -37.47 -11.05
CA SER B 240 -3.82 -37.05 -12.44
C SER B 240 -5.07 -36.19 -12.51
N LEU B 241 -6.14 -36.55 -11.81
CA LEU B 241 -7.40 -35.73 -11.80
C LEU B 241 -7.15 -34.36 -11.16
N LEU B 242 -6.37 -34.34 -10.08
CA LEU B 242 -6.15 -33.11 -9.28
C LEU B 242 -5.34 -32.11 -10.11
N ILE B 243 -4.30 -32.60 -10.74
CA ILE B 243 -3.43 -31.75 -11.59
C ILE B 243 -4.23 -31.24 -12.79
N ALA B 244 -4.72 -32.14 -13.65
CA ALA B 244 -5.39 -31.77 -14.91
C ALA B 244 -6.55 -30.84 -14.58
N GLY B 245 -7.28 -31.13 -13.52
CA GLY B 245 -8.55 -30.44 -13.27
C GLY B 245 -8.38 -28.98 -12.90
N HIS B 246 -7.16 -28.57 -12.52
CA HIS B 246 -6.87 -27.11 -12.39
C HIS B 246 -5.81 -26.64 -13.39
N GLU B 247 -4.66 -27.31 -13.52
CA GLU B 247 -3.59 -26.77 -14.40
C GLU B 247 -4.15 -26.35 -15.76
N THR B 248 -4.69 -27.28 -16.54
CA THR B 248 -5.15 -27.00 -17.92
C THR B 248 -6.16 -25.86 -17.91
N SER B 249 -7.20 -25.97 -17.11
CA SER B 249 -8.28 -24.94 -17.05
C SER B 249 -7.81 -23.58 -16.52
N VAL B 250 -7.07 -23.51 -15.43
CA VAL B 250 -6.57 -22.21 -14.88
C VAL B 250 -5.83 -21.41 -15.97
N ASN B 251 -4.98 -22.06 -16.77
CA ASN B 251 -4.20 -21.38 -17.82
C ASN B 251 -5.13 -21.07 -19.00
N GLN B 252 -5.97 -22.03 -19.34
CA GLN B 252 -6.80 -21.95 -20.55
C GLN B 252 -7.75 -20.77 -20.40
N ILE B 253 -8.15 -20.43 -19.19
CA ILE B 253 -9.08 -19.29 -18.95
C ILE B 253 -8.39 -18.02 -19.36
N THR B 254 -7.19 -17.81 -18.80
CA THR B 254 -6.34 -16.65 -19.14
C THR B 254 -6.04 -16.61 -20.66
N ASN B 255 -5.71 -17.74 -21.29
CA ASN B 255 -5.34 -17.80 -22.73
C ASN B 255 -6.50 -17.37 -23.63
N LEU B 256 -7.73 -17.79 -23.33
CA LEU B 256 -8.93 -17.34 -24.06
C LEU B 256 -9.12 -15.85 -23.87
N VAL B 257 -9.13 -15.39 -22.62
CA VAL B 257 -9.28 -13.93 -22.33
C VAL B 257 -8.17 -13.14 -23.04
N HIS B 258 -6.96 -13.66 -23.09
CA HIS B 258 -5.89 -13.03 -23.88
C HIS B 258 -6.33 -12.87 -25.33
N LEU B 259 -6.73 -13.95 -25.99
CA LEU B 259 -7.11 -13.88 -27.42
C LEU B 259 -8.27 -12.91 -27.61
N LEU B 260 -9.26 -12.97 -26.74
CA LEU B 260 -10.42 -12.05 -26.83
C LEU B 260 -10.00 -10.59 -26.77
N LEU B 261 -9.10 -10.19 -25.86
CA LEU B 261 -8.81 -8.77 -25.61
C LEU B 261 -7.71 -8.24 -26.52
N THR B 262 -6.74 -9.03 -26.95
CA THR B 262 -5.62 -8.50 -27.77
C THR B 262 -6.11 -8.03 -29.16
N GLU B 263 -7.11 -8.68 -29.73
CA GLU B 263 -7.93 -8.21 -30.87
C GLU B 263 -9.35 -8.01 -30.33
N ARG B 264 -9.68 -6.84 -29.77
CA ARG B 264 -10.92 -6.68 -28.97
C ARG B 264 -12.20 -6.78 -29.80
N LYS B 265 -12.12 -6.71 -31.12
CA LYS B 265 -13.28 -6.98 -32.01
C LYS B 265 -13.89 -8.35 -31.63
N ARG B 266 -13.06 -9.29 -31.20
CA ARG B 266 -13.52 -10.64 -30.85
C ARG B 266 -14.42 -10.56 -29.63
N TYR B 267 -13.95 -9.93 -28.56
CA TYR B 267 -14.67 -9.82 -27.26
C TYR B 267 -16.01 -9.12 -27.50
N GLU B 268 -15.96 -8.03 -28.25
CA GLU B 268 -17.19 -7.28 -28.58
C GLU B 268 -18.16 -8.28 -29.19
N SER B 269 -17.67 -9.18 -30.05
CA SER B 269 -18.55 -10.03 -30.89
C SER B 269 -19.41 -10.89 -29.94
N LEU B 270 -18.79 -11.31 -28.83
CA LEU B 270 -19.45 -12.14 -27.79
C LEU B 270 -20.32 -11.26 -26.91
N VAL B 271 -19.97 -10.03 -26.70
CA VAL B 271 -20.92 -9.14 -26.00
C VAL B 271 -22.21 -9.03 -26.83
N ALA B 272 -22.07 -8.75 -28.13
CA ALA B 272 -23.18 -8.45 -29.05
C ALA B 272 -24.07 -9.67 -29.13
N ASP B 273 -23.42 -10.84 -29.23
CA ASP B 273 -24.07 -12.15 -29.35
C ASP B 273 -23.54 -13.11 -28.27
N PRO B 274 -24.14 -13.10 -27.05
CA PRO B 274 -23.67 -13.98 -25.99
C PRO B 274 -23.85 -15.47 -26.26
N ALA B 275 -24.83 -15.82 -27.09
CA ALA B 275 -25.10 -17.21 -27.49
C ALA B 275 -23.94 -17.75 -28.34
N LEU B 276 -23.04 -16.87 -28.83
CA LEU B 276 -21.90 -17.30 -29.65
C LEU B 276 -20.81 -17.98 -28.81
N VAL B 277 -20.91 -17.89 -27.48
CA VAL B 277 -19.78 -18.25 -26.57
C VAL B 277 -19.34 -19.67 -26.85
N PRO B 278 -20.22 -20.69 -26.75
CA PRO B 278 -19.74 -22.08 -26.81
C PRO B 278 -18.97 -22.39 -28.10
N ALA B 279 -19.46 -21.90 -29.22
CA ALA B 279 -18.77 -22.04 -30.50
C ALA B 279 -17.41 -21.39 -30.36
N ALA B 280 -17.41 -20.21 -29.77
CA ALA B 280 -16.18 -19.40 -29.65
C ALA B 280 -15.11 -20.20 -28.90
N VAL B 281 -15.54 -20.88 -27.82
CA VAL B 281 -14.66 -21.59 -26.87
C VAL B 281 -14.00 -22.72 -27.63
N GLU B 282 -14.78 -23.40 -28.48
CA GLU B 282 -14.27 -24.51 -29.30
C GLU B 282 -13.17 -23.96 -30.19
N GLU B 283 -13.45 -22.82 -30.83
CA GLU B 283 -12.51 -22.25 -31.82
C GLU B 283 -11.21 -21.89 -31.09
N MET B 284 -11.34 -21.26 -29.93
CA MET B 284 -10.18 -20.85 -29.13
C MET B 284 -9.46 -22.10 -28.65
N LEU B 285 -10.18 -23.15 -28.29
CA LEU B 285 -9.51 -24.38 -27.81
C LEU B 285 -8.55 -24.88 -28.89
N ARG B 286 -8.98 -24.83 -30.17
CA ARG B 286 -8.20 -25.34 -31.33
C ARG B 286 -7.02 -24.39 -31.56
N TYR B 287 -7.30 -23.11 -31.35
CA TYR B 287 -6.36 -22.06 -31.77
C TYR B 287 -5.20 -21.99 -30.80
N THR B 288 -5.46 -22.18 -29.51
CA THR B 288 -4.46 -21.92 -28.45
C THR B 288 -3.60 -23.16 -28.15
N PRO B 289 -2.25 -23.04 -28.28
CA PRO B 289 -1.32 -24.13 -28.02
C PRO B 289 -1.10 -24.26 -26.52
N LEU B 290 -2.13 -24.65 -25.80
CA LEU B 290 -2.08 -24.84 -24.34
C LEU B 290 -0.97 -25.82 -24.03
N VAL B 291 -0.80 -26.84 -24.84
CA VAL B 291 0.37 -27.70 -24.71
C VAL B 291 1.43 -27.10 -25.63
N SER B 292 2.48 -26.55 -25.02
CA SER B 292 3.55 -25.80 -25.72
C SER B 292 4.37 -26.77 -26.57
N ALA B 293 4.75 -27.91 -26.02
CA ALA B 293 5.70 -28.85 -26.66
C ALA B 293 5.01 -30.21 -26.86
N GLY B 294 4.99 -30.73 -28.08
CA GLY B 294 4.73 -32.16 -28.32
C GLY B 294 3.55 -32.74 -27.55
N SER B 295 3.60 -34.05 -27.32
CA SER B 295 2.63 -34.82 -26.55
C SER B 295 3.38 -35.84 -25.71
N PHE B 296 2.70 -36.53 -24.82
CA PHE B 296 3.27 -37.74 -24.20
C PHE B 296 3.60 -38.72 -25.33
N VAL B 297 4.70 -39.47 -25.21
CA VAL B 297 5.25 -40.27 -26.34
C VAL B 297 4.39 -41.52 -26.60
N ARG B 298 4.32 -41.89 -27.86
CA ARG B 298 3.67 -43.15 -28.32
C ARG B 298 4.68 -44.00 -29.09
N VAL B 299 4.96 -45.21 -28.59
CA VAL B 299 5.91 -46.16 -29.24
C VAL B 299 5.08 -47.17 -30.03
N ALA B 300 5.50 -47.47 -31.26
CA ALA B 300 4.77 -48.37 -32.17
C ALA B 300 5.07 -49.83 -31.84
N THR B 301 4.03 -50.58 -31.48
CA THR B 301 4.10 -52.03 -31.18
C THR B 301 4.42 -52.78 -32.47
N GLU B 302 3.84 -52.34 -33.58
CA GLU B 302 3.99 -52.99 -34.89
C GLU B 302 4.41 -51.93 -35.89
N ASP B 303 4.71 -52.35 -37.11
CA ASP B 303 4.85 -51.44 -38.27
C ASP B 303 3.49 -50.79 -38.53
N VAL B 304 3.48 -49.46 -38.70
CA VAL B 304 2.25 -48.66 -38.95
C VAL B 304 2.57 -47.64 -40.03
N GLU B 305 1.57 -47.34 -40.85
CA GLU B 305 1.76 -46.55 -42.08
C GLU B 305 1.11 -45.18 -41.90
N LEU B 306 1.93 -44.14 -41.84
CA LEU B 306 1.42 -42.75 -41.79
C LEU B 306 1.45 -42.17 -43.20
N SER B 307 0.82 -40.99 -43.32
CA SER B 307 0.73 -40.15 -44.54
C SER B 307 1.97 -40.25 -45.44
N THR B 308 3.16 -39.96 -44.93
CA THR B 308 4.38 -39.89 -45.78
C THR B 308 5.47 -40.88 -45.36
N VAL B 309 5.34 -41.54 -44.22
CA VAL B 309 6.33 -42.59 -43.86
C VAL B 309 5.59 -43.71 -43.16
N THR B 310 6.28 -44.84 -43.05
CA THR B 310 5.80 -45.99 -42.27
C THR B 310 6.74 -46.10 -41.08
N VAL B 311 6.17 -46.07 -39.88
CA VAL B 311 6.97 -46.12 -38.65
C VAL B 311 7.18 -47.59 -38.32
N ARG B 312 8.41 -47.93 -37.96
CA ARG B 312 8.80 -49.32 -37.62
C ARG B 312 8.47 -49.56 -36.14
N ALA B 313 8.16 -50.80 -35.77
CA ALA B 313 7.90 -51.19 -34.38
C ALA B 313 9.12 -50.82 -33.52
N GLY B 314 8.88 -50.29 -32.32
CA GLY B 314 9.93 -49.86 -31.38
C GLY B 314 10.41 -48.44 -31.61
N GLU B 315 9.95 -47.76 -32.69
CA GLU B 315 10.28 -46.34 -32.94
C GLU B 315 9.28 -45.45 -32.20
N PRO B 316 9.76 -44.39 -31.51
CA PRO B 316 8.89 -43.47 -30.77
C PRO B 316 8.33 -42.30 -31.60
N CYS B 317 7.08 -41.93 -31.34
CA CYS B 317 6.37 -40.84 -32.05
C CYS B 317 5.87 -39.82 -31.06
N VAL B 318 5.84 -38.57 -31.49
CA VAL B 318 5.34 -37.45 -30.65
C VAL B 318 4.47 -36.54 -31.51
N VAL B 319 3.34 -36.11 -30.97
CA VAL B 319 2.36 -35.26 -31.70
C VAL B 319 2.38 -33.85 -31.11
N HIS B 320 2.30 -32.83 -31.97
CA HIS B 320 2.06 -31.44 -31.50
C HIS B 320 0.61 -31.07 -31.78
N PHE B 321 -0.23 -31.08 -30.74
CA PHE B 321 -1.70 -30.99 -30.93
C PHE B 321 -2.04 -29.73 -31.74
N ALA B 322 -1.47 -28.61 -31.31
CA ALA B 322 -1.76 -27.28 -31.86
C ALA B 322 -1.55 -27.28 -33.37
N SER B 323 -0.52 -28.00 -33.85
CA SER B 323 -0.17 -28.03 -35.29
C SER B 323 -1.30 -28.65 -36.06
N ALA B 324 -1.67 -29.85 -35.61
CA ALA B 324 -2.84 -30.59 -36.13
C ALA B 324 -4.03 -29.62 -36.21
N ASN B 325 -4.28 -28.89 -35.14
CA ASN B 325 -5.42 -27.95 -35.07
C ASN B 325 -5.26 -26.83 -36.07
N ARG B 326 -4.10 -26.70 -36.72
CA ARG B 326 -3.90 -25.61 -37.70
C ARG B 326 -3.58 -26.17 -39.09
N ASP B 327 -3.84 -27.46 -39.33
CA ASP B 327 -3.56 -28.03 -40.68
C ASP B 327 -4.62 -27.54 -41.67
N GLU B 328 -4.12 -27.15 -42.84
CA GLU B 328 -4.92 -26.43 -43.88
C GLU B 328 -5.93 -27.39 -44.51
N GLU B 329 -5.62 -28.69 -44.56
CA GLU B 329 -6.50 -29.75 -45.17
C GLU B 329 -7.89 -29.73 -44.56
N VAL B 330 -7.91 -29.60 -43.25
CA VAL B 330 -9.11 -29.82 -42.44
C VAL B 330 -9.84 -28.50 -42.23
N PHE B 331 -9.09 -27.40 -42.08
CA PHE B 331 -9.61 -26.06 -41.68
C PHE B 331 -9.26 -25.01 -42.74
N ASP B 332 -10.30 -24.39 -43.30
CA ASP B 332 -10.15 -23.15 -44.08
C ASP B 332 -9.56 -22.07 -43.18
N HIS B 333 -8.68 -21.25 -43.72
CA HIS B 333 -8.07 -20.13 -42.97
C HIS B 333 -7.77 -20.58 -41.54
N ALA B 334 -6.98 -21.64 -41.42
CA ALA B 334 -6.62 -22.28 -40.14
C ALA B 334 -5.91 -21.29 -39.21
N ASP B 335 -5.10 -20.42 -39.80
CA ASP B 335 -4.33 -19.35 -39.11
C ASP B 335 -5.24 -18.27 -38.52
N GLU B 336 -6.45 -18.12 -39.05
CA GLU B 336 -7.42 -17.08 -38.61
C GLU B 336 -8.35 -17.65 -37.53
N LEU B 337 -8.84 -16.77 -36.66
CA LEU B 337 -9.70 -17.16 -35.52
C LEU B 337 -11.15 -16.87 -35.93
N ASP B 338 -11.95 -17.91 -36.11
CA ASP B 338 -13.32 -17.80 -36.66
C ASP B 338 -14.34 -18.43 -35.70
N PHE B 339 -15.25 -17.62 -35.16
CA PHE B 339 -16.34 -18.14 -34.29
C PHE B 339 -17.52 -18.69 -35.10
N HIS B 340 -17.52 -18.52 -36.43
CA HIS B 340 -18.64 -18.97 -37.30
C HIS B 340 -18.17 -20.13 -38.22
N ARG B 341 -17.52 -21.14 -37.65
CA ARG B 341 -17.23 -22.38 -38.40
C ARG B 341 -18.42 -23.31 -38.26
N GLU B 342 -18.75 -24.02 -39.33
CA GLU B 342 -19.86 -25.00 -39.26
C GLU B 342 -19.37 -26.25 -38.51
N ARG B 343 -18.16 -26.71 -38.82
CA ARG B 343 -17.55 -27.88 -38.16
C ARG B 343 -16.18 -27.52 -37.56
N ASN B 344 -15.78 -28.19 -36.47
CA ASN B 344 -14.53 -27.91 -35.73
C ASN B 344 -14.07 -29.19 -35.01
N PRO B 345 -13.49 -30.14 -35.76
CA PRO B 345 -13.05 -31.39 -35.16
C PRO B 345 -11.61 -31.22 -34.66
N HIS B 346 -11.43 -30.37 -33.67
CA HIS B 346 -10.10 -30.12 -33.08
C HIS B 346 -9.75 -31.24 -32.09
N ILE B 347 -8.46 -31.47 -31.88
CA ILE B 347 -7.94 -32.46 -30.92
C ILE B 347 -7.23 -31.68 -29.80
N ALA B 348 -7.82 -30.58 -29.37
CA ALA B 348 -7.34 -29.80 -28.20
C ALA B 348 -7.44 -30.67 -26.97
N PHE B 349 -8.48 -31.52 -26.95
CA PHE B 349 -8.77 -32.48 -25.85
C PHE B 349 -8.20 -33.87 -26.16
N GLY B 350 -7.44 -33.95 -27.25
CA GLY B 350 -6.66 -35.14 -27.56
C GLY B 350 -7.53 -36.06 -28.36
N HIS B 351 -7.21 -37.34 -28.36
CA HIS B 351 -7.85 -38.29 -29.27
C HIS B 351 -7.61 -39.75 -28.88
N GLY B 352 -8.54 -40.59 -29.32
CA GLY B 352 -8.48 -42.02 -29.06
C GLY B 352 -8.66 -42.30 -27.59
N ALA B 353 -7.89 -43.26 -27.09
CA ALA B 353 -8.10 -43.91 -25.77
C ALA B 353 -7.90 -42.90 -24.65
N HIS B 354 -6.92 -42.02 -24.84
CA HIS B 354 -6.55 -40.92 -23.93
C HIS B 354 -7.17 -39.67 -24.51
N HIS B 355 -8.43 -39.46 -24.24
CA HIS B 355 -9.18 -38.24 -24.59
C HIS B 355 -9.53 -37.65 -23.24
N CYS B 356 -9.26 -36.36 -23.06
CA CYS B 356 -9.46 -35.66 -21.77
C CYS B 356 -10.78 -36.09 -21.12
N ILE B 357 -10.72 -36.80 -19.98
CA ILE B 357 -11.94 -37.20 -19.23
C ILE B 357 -12.71 -35.93 -18.87
N GLY B 358 -11.99 -34.83 -18.67
CA GLY B 358 -12.60 -33.60 -18.17
C GLY B 358 -13.10 -32.75 -19.31
N ALA B 359 -12.97 -33.21 -20.54
CA ALA B 359 -13.34 -32.42 -21.73
C ALA B 359 -14.66 -31.66 -21.49
N GLN B 360 -15.66 -32.30 -20.90
CA GLN B 360 -16.97 -31.65 -20.75
C GLN B 360 -16.86 -30.62 -19.65
N LEU B 361 -16.18 -30.97 -18.56
CA LEU B 361 -16.00 -30.04 -17.41
C LEU B 361 -15.11 -28.86 -17.81
N GLY B 362 -14.13 -29.11 -18.67
CA GLY B 362 -13.33 -28.03 -19.25
C GLY B 362 -14.20 -27.06 -20.02
N ARG B 363 -15.00 -27.58 -20.95
CA ARG B 363 -15.90 -26.74 -21.74
C ARG B 363 -16.82 -25.94 -20.81
N LEU B 364 -17.37 -26.58 -19.78
CA LEU B 364 -18.31 -25.91 -18.85
C LEU B 364 -17.60 -24.71 -18.26
N GLU B 365 -16.41 -24.95 -17.73
CA GLU B 365 -15.66 -23.96 -16.92
C GLU B 365 -15.40 -22.77 -17.83
N LEU B 366 -14.94 -23.02 -19.06
CA LEU B 366 -14.59 -21.92 -19.99
C LEU B 366 -15.84 -21.16 -20.42
N GLN B 367 -16.90 -21.87 -20.83
CA GLN B 367 -18.17 -21.22 -21.26
C GLN B 367 -18.75 -20.33 -20.16
N GLU B 368 -18.69 -20.79 -18.92
CA GLU B 368 -19.35 -20.10 -17.79
C GLU B 368 -18.51 -18.90 -17.33
N ALA B 369 -17.18 -19.00 -17.43
CA ALA B 369 -16.27 -17.85 -17.23
C ALA B 369 -16.50 -16.81 -18.31
N LEU B 370 -16.31 -17.14 -19.58
CA LEU B 370 -16.55 -16.15 -20.62
C LEU B 370 -17.93 -15.56 -20.46
N SER B 371 -19.00 -16.35 -20.38
CA SER B 371 -20.38 -15.80 -20.38
C SER B 371 -20.56 -14.79 -19.25
N ALA B 372 -20.05 -15.09 -18.08
CA ALA B 372 -20.13 -14.18 -16.94
C ALA B 372 -19.39 -12.87 -17.25
N LEU B 373 -18.21 -12.97 -17.84
CA LEU B 373 -17.34 -11.79 -18.09
C LEU B 373 -18.08 -10.86 -19.03
N VAL B 374 -18.55 -11.40 -20.12
CA VAL B 374 -19.32 -10.65 -21.13
C VAL B 374 -20.61 -10.07 -20.55
N ARG B 375 -21.30 -10.79 -19.69
CA ARG B 375 -22.55 -10.31 -19.09
C ARG B 375 -22.24 -9.16 -18.15
N ARG B 376 -21.23 -9.32 -17.28
CA ARG B 376 -20.93 -8.41 -16.14
C ARG B 376 -20.10 -7.22 -16.61
N PHE B 377 -19.16 -7.45 -17.54
CA PHE B 377 -18.08 -6.50 -17.93
C PHE B 377 -17.97 -6.38 -19.43
N PRO B 378 -18.90 -5.69 -20.07
CA PRO B 378 -18.80 -5.53 -21.51
C PRO B 378 -17.65 -4.60 -21.87
N THR B 379 -17.25 -3.79 -20.88
CA THR B 379 -16.20 -2.77 -21.06
C THR B 379 -14.84 -3.38 -20.74
N LEU B 380 -14.81 -4.69 -20.54
CA LEU B 380 -13.58 -5.37 -20.09
C LEU B 380 -12.43 -5.07 -21.07
N ASP B 381 -11.25 -4.82 -20.53
CA ASP B 381 -10.07 -4.60 -21.35
C ASP B 381 -8.77 -4.85 -20.60
N LEU B 382 -7.72 -5.17 -21.36
CA LEU B 382 -6.44 -5.54 -20.76
C LEU B 382 -5.85 -4.25 -20.22
N ALA B 383 -5.45 -4.20 -18.95
CA ALA B 383 -4.88 -2.96 -18.34
C ALA B 383 -3.34 -2.95 -18.43
N GLU B 384 -2.72 -4.08 -18.19
CA GLU B 384 -1.30 -4.35 -18.51
C GLU B 384 -0.96 -4.20 -20.01
N PRO B 385 0.28 -3.79 -20.37
CA PRO B 385 0.64 -3.70 -21.78
C PRO B 385 0.98 -5.09 -22.28
N VAL B 386 0.81 -5.30 -23.58
CA VAL B 386 0.94 -6.66 -24.13
C VAL B 386 2.40 -7.11 -24.10
N ALA B 387 3.36 -6.30 -24.51
CA ALA B 387 4.77 -6.68 -24.32
C ALA B 387 5.00 -7.10 -22.85
N GLY B 388 4.47 -6.33 -21.88
CA GLY B 388 4.68 -6.47 -20.42
C GLY B 388 4.21 -7.81 -19.83
N LEU B 389 3.32 -8.50 -20.52
CA LEU B 389 2.63 -9.73 -20.01
C LEU B 389 3.61 -10.81 -19.57
N LYS B 390 3.34 -11.39 -18.39
CA LYS B 390 4.25 -12.39 -17.82
C LYS B 390 3.74 -13.80 -18.18
N TRP B 391 4.27 -14.36 -19.25
CA TRP B 391 3.96 -15.73 -19.66
C TRP B 391 4.83 -16.67 -18.84
N LYS B 392 4.22 -17.77 -18.44
CA LYS B 392 4.89 -18.84 -17.67
C LYS B 392 5.90 -19.53 -18.56
N GLN B 393 7.14 -19.54 -18.11
CA GLN B 393 8.26 -20.11 -18.86
C GLN B 393 8.63 -21.35 -18.08
N GLY B 394 9.26 -22.30 -18.76
CA GLY B 394 9.81 -23.49 -18.12
C GLY B 394 8.75 -24.50 -17.74
N MET B 395 7.50 -24.32 -18.21
CA MET B 395 6.37 -25.29 -18.03
C MET B 395 6.10 -26.02 -19.36
N LEU B 396 5.42 -27.16 -19.27
CA LEU B 396 4.89 -27.90 -20.44
C LEU B 396 3.59 -27.30 -21.00
N ILE B 397 2.93 -26.46 -20.22
CA ILE B 397 1.65 -25.79 -20.55
C ILE B 397 1.91 -24.29 -20.70
N ARG B 398 1.25 -23.61 -21.64
CA ARG B 398 1.31 -22.13 -21.73
C ARG B 398 0.21 -21.47 -20.93
N GLY B 399 0.50 -20.29 -20.39
CA GLY B 399 -0.44 -19.53 -19.53
C GLY B 399 0.16 -18.25 -18.99
N LEU B 400 -0.66 -17.42 -18.40
CA LEU B 400 -0.15 -16.15 -17.86
C LEU B 400 -0.06 -16.26 -16.34
N GLU B 401 1.09 -15.87 -15.79
CA GLU B 401 1.30 -15.66 -14.34
C GLU B 401 0.34 -14.58 -13.85
N ARG B 402 0.06 -13.59 -14.66
CA ARG B 402 -0.75 -12.44 -14.24
C ARG B 402 -1.43 -11.86 -15.47
N GLN B 403 -2.63 -11.34 -15.27
CA GLN B 403 -3.42 -10.74 -16.35
C GLN B 403 -4.23 -9.58 -15.75
N ILE B 404 -3.69 -8.37 -15.75
CA ILE B 404 -4.44 -7.21 -15.19
C ILE B 404 -5.46 -6.71 -16.21
N VAL B 405 -6.70 -6.47 -15.76
CA VAL B 405 -7.80 -6.01 -16.66
C VAL B 405 -8.49 -4.79 -16.04
N SER B 406 -9.19 -4.05 -16.87
CA SER B 406 -9.93 -2.83 -16.48
C SER B 406 -11.36 -2.94 -16.98
N TRP B 407 -12.26 -2.19 -16.39
CA TRP B 407 -13.67 -2.25 -16.83
C TRP B 407 -14.36 -0.95 -16.46
N ALA C 13 -31.05 33.61 -9.97
CA ALA C 13 -31.18 35.03 -10.48
C ALA C 13 -30.00 35.40 -11.40
N VAL C 14 -28.81 35.49 -10.80
CA VAL C 14 -27.52 35.80 -11.46
C VAL C 14 -26.70 34.51 -11.38
N PRO C 15 -25.89 34.17 -12.41
CA PRO C 15 -25.31 32.83 -12.52
C PRO C 15 -24.38 32.46 -11.35
N ALA C 16 -24.36 31.18 -10.97
CA ALA C 16 -23.51 30.69 -9.85
C ALA C 16 -22.14 30.34 -10.39
N TYR C 17 -21.11 30.64 -9.60
CA TYR C 17 -19.71 30.19 -9.83
C TYR C 17 -19.34 29.26 -8.70
N PRO C 18 -18.62 28.15 -8.97
CA PRO C 18 -18.29 27.68 -10.30
C PRO C 18 -19.53 27.25 -11.11
N PHE C 19 -19.42 27.30 -12.44
CA PHE C 19 -20.55 27.06 -13.36
C PHE C 19 -20.99 25.60 -13.31
N SER C 20 -20.01 24.71 -13.17
CA SER C 20 -20.24 23.26 -13.29
C SER C 20 -19.17 22.48 -12.55
N LEU C 21 -19.47 21.24 -12.22
CA LEU C 21 -18.46 20.34 -11.66
C LEU C 21 -17.34 20.17 -12.68
N PRO C 22 -16.07 20.11 -12.23
CA PRO C 22 -14.95 20.05 -13.15
C PRO C 22 -14.77 18.60 -13.61
N HIS C 23 -14.48 18.42 -14.89
CA HIS C 23 -14.23 17.11 -15.50
C HIS C 23 -12.79 17.06 -15.97
N ALA C 24 -12.00 16.16 -15.39
CA ALA C 24 -10.59 15.92 -15.73
C ALA C 24 -9.85 17.23 -15.58
N LEU C 25 -9.11 17.68 -16.62
CA LEU C 25 -8.38 18.96 -16.59
C LEU C 25 -9.01 19.84 -17.63
N ASP C 26 -10.17 19.45 -18.14
CA ASP C 26 -10.84 20.24 -19.18
C ASP C 26 -11.15 21.62 -18.62
N LEU C 27 -11.33 22.57 -19.50
CA LEU C 27 -11.86 23.88 -19.11
C LEU C 27 -13.32 24.02 -19.53
N ASP C 28 -14.16 24.57 -18.66
CA ASP C 28 -15.56 24.87 -19.02
C ASP C 28 -15.57 25.64 -20.34
N PRO C 29 -16.47 25.38 -21.30
CA PRO C 29 -16.42 26.13 -22.56
C PRO C 29 -16.91 27.57 -22.37
N HIS C 30 -17.65 27.83 -21.28
CA HIS C 30 -18.18 29.17 -20.93
C HIS C 30 -17.08 30.25 -20.90
N TYR C 31 -15.92 29.93 -20.33
CA TYR C 31 -14.79 30.88 -20.14
C TYR C 31 -14.38 31.46 -21.48
N ALA C 32 -14.26 30.63 -22.53
CA ALA C 32 -13.94 31.08 -23.90
C ALA C 32 -15.04 32.05 -24.40
N GLU C 33 -16.29 31.73 -24.14
CA GLU C 33 -17.39 32.66 -24.49
C GLU C 33 -17.12 33.99 -23.77
N LEU C 34 -17.03 33.97 -22.43
CA LEU C 34 -16.91 35.18 -21.59
C LEU C 34 -15.74 36.07 -22.00
N ARG C 35 -14.64 35.51 -22.50
CA ARG C 35 -13.47 36.30 -22.98
C ARG C 35 -13.89 37.14 -24.19
N ARG C 36 -14.59 36.49 -25.12
CA ARG C 36 -15.10 37.19 -26.32
C ARG C 36 -16.21 38.20 -25.96
N ASP C 37 -17.24 37.79 -25.23
CA ASP C 37 -18.54 38.51 -25.07
C ASP C 37 -18.63 39.38 -23.81
N GLU C 38 -18.16 38.91 -22.66
CA GLU C 38 -18.33 39.64 -21.39
C GLU C 38 -17.14 39.32 -20.45
N PRO C 39 -15.95 39.90 -20.72
CA PRO C 39 -14.75 39.50 -19.99
C PRO C 39 -14.93 39.59 -18.50
N VAL C 40 -15.61 40.64 -18.05
CA VAL C 40 -15.88 40.76 -16.60
C VAL C 40 -17.40 40.61 -16.44
N SER C 41 -17.76 39.60 -15.66
CA SER C 41 -19.13 39.09 -15.58
C SER C 41 -19.48 39.09 -14.11
N ARG C 42 -20.73 39.37 -13.78
CA ARG C 42 -21.25 39.20 -12.40
C ARG C 42 -21.45 37.69 -12.21
N VAL C 43 -21.23 37.21 -11.00
CA VAL C 43 -21.44 35.78 -10.65
C VAL C 43 -21.82 35.72 -9.16
N ARG C 44 -22.41 34.61 -8.74
CA ARG C 44 -22.69 34.35 -7.31
C ARG C 44 -21.75 33.23 -6.84
N LEU C 45 -20.95 33.53 -5.81
CA LEU C 45 -19.94 32.59 -5.27
C LEU C 45 -20.58 31.67 -4.24
N PRO C 46 -20.03 30.47 -4.04
CA PRO C 46 -20.68 29.44 -3.23
C PRO C 46 -20.98 29.88 -1.81
N TYR C 47 -20.11 30.69 -1.23
CA TYR C 47 -20.31 31.22 0.14
C TYR C 47 -20.24 32.74 0.03
N GLY C 48 -20.38 33.40 1.18
CA GLY C 48 -20.42 34.87 1.22
C GLY C 48 -21.76 35.37 0.73
N GLU C 49 -22.00 36.65 0.99
CA GLU C 49 -23.25 37.35 0.63
C GLU C 49 -22.99 38.39 -0.46
N GLY C 50 -23.84 38.39 -1.47
CA GLY C 50 -23.77 39.36 -2.54
C GLY C 50 -23.32 38.72 -3.83
N THR C 51 -23.12 39.56 -4.82
CA THR C 51 -22.56 39.14 -6.11
C THR C 51 -21.10 39.54 -6.10
N ALA C 52 -20.30 38.94 -6.98
CA ALA C 52 -18.88 39.30 -7.22
C ALA C 52 -18.60 39.40 -8.72
N TRP C 53 -17.53 40.10 -9.10
CA TRP C 53 -17.05 40.11 -10.51
C TRP C 53 -16.09 38.95 -10.76
N LEU C 54 -16.18 38.33 -11.92
CA LEU C 54 -15.24 37.27 -12.31
C LEU C 54 -14.44 37.77 -13.50
N VAL C 55 -13.12 37.74 -13.39
CA VAL C 55 -12.20 38.21 -14.45
C VAL C 55 -11.78 36.99 -15.25
N THR C 56 -11.84 37.04 -16.59
CA THR C 56 -11.46 35.89 -17.44
C THR C 56 -10.33 36.17 -18.44
N ARG C 57 -9.78 37.40 -18.49
CA ARG C 57 -8.71 37.75 -19.47
C ARG C 57 -7.40 38.13 -18.80
N MET C 58 -6.30 37.99 -19.54
CA MET C 58 -4.97 38.18 -18.95
C MET C 58 -4.81 39.61 -18.44
N SER C 59 -5.02 40.61 -19.28
CA SER C 59 -4.80 42.03 -18.93
C SER C 59 -5.56 42.38 -17.64
N ASP C 60 -6.86 42.07 -17.61
CA ASP C 60 -7.71 42.38 -16.44
C ASP C 60 -7.13 41.67 -15.20
N ALA C 61 -6.76 40.42 -15.35
CA ALA C 61 -6.30 39.59 -14.21
C ALA C 61 -5.07 40.25 -13.59
N ARG C 62 -4.10 40.63 -14.43
CA ARG C 62 -2.83 41.27 -13.95
C ARG C 62 -3.17 42.53 -13.18
N ILE C 63 -4.15 43.32 -13.69
CA ILE C 63 -4.67 44.53 -13.00
C ILE C 63 -5.18 44.09 -11.63
N VAL C 64 -6.05 43.10 -11.58
CA VAL C 64 -6.70 42.73 -10.30
C VAL C 64 -5.65 42.26 -9.30
N LEU C 65 -4.63 41.56 -9.77
CA LEU C 65 -3.68 40.88 -8.88
C LEU C 65 -2.54 41.81 -8.44
N GLY C 66 -2.14 42.71 -9.35
CA GLY C 66 -0.93 43.54 -9.21
C GLY C 66 -1.20 44.94 -8.67
N ASP C 67 -2.34 45.52 -9.02
CA ASP C 67 -2.63 46.93 -8.68
C ASP C 67 -2.99 47.02 -7.19
N SER C 68 -2.38 47.99 -6.51
CA SER C 68 -2.47 48.20 -5.03
C SER C 68 -3.86 48.69 -4.64
N ARG C 69 -4.70 49.07 -5.60
CA ARG C 69 -6.08 49.50 -5.30
C ARG C 69 -6.95 48.33 -4.87
N PHE C 70 -6.52 47.08 -5.07
CA PHE C 70 -7.27 45.88 -4.60
C PHE C 70 -6.64 45.35 -3.33
N SER C 71 -7.47 45.00 -2.36
CA SER C 71 -7.04 44.49 -1.04
C SER C 71 -7.53 43.05 -0.85
N THR C 72 -6.62 42.15 -0.45
CA THR C 72 -6.96 40.79 0.00
C THR C 72 -7.49 40.83 1.44
N ALA C 73 -6.96 41.75 2.27
CA ALA C 73 -7.27 41.82 3.72
C ALA C 73 -8.76 42.07 3.94
N ALA C 74 -9.39 42.86 3.07
CA ALA C 74 -10.84 43.12 3.12
C ALA C 74 -11.64 41.81 3.04
N ALA C 75 -11.20 40.86 2.20
CA ALA C 75 -11.91 39.59 1.95
C ALA C 75 -12.09 38.75 3.23
N THR C 76 -11.38 39.09 4.33
CA THR C 76 -11.52 38.38 5.64
C THR C 76 -12.94 38.51 6.21
N ASP C 77 -13.64 39.59 5.88
CA ASP C 77 -15.01 39.81 6.37
C ASP C 77 -15.87 38.62 5.95
N PRO C 78 -16.50 37.88 6.89
CA PRO C 78 -17.36 36.74 6.56
C PRO C 78 -18.56 37.04 5.65
N ALA C 79 -18.99 38.28 5.58
CA ALA C 79 -20.02 38.71 4.62
C ALA C 79 -19.46 38.70 3.20
N THR C 80 -18.15 38.88 3.01
CA THR C 80 -17.52 38.93 1.67
C THR C 80 -17.62 37.57 0.99
N PRO C 81 -17.94 37.54 -0.33
CA PRO C 81 -17.97 36.30 -1.11
C PRO C 81 -16.61 35.58 -1.10
N ARG C 82 -16.64 34.25 -1.24
CA ARG C 82 -15.42 33.40 -1.26
C ARG C 82 -15.76 32.02 -1.86
N MET C 83 -14.75 31.30 -2.33
CA MET C 83 -14.93 30.00 -3.02
C MET C 83 -15.11 28.86 -2.01
N PHE C 84 -14.72 29.08 -0.75
CA PHE C 84 -14.55 28.03 0.28
C PHE C 84 -15.39 28.38 1.51
N PRO C 85 -15.87 27.36 2.24
CA PRO C 85 -16.88 27.58 3.26
C PRO C 85 -16.45 28.41 4.48
N THR C 86 -15.31 28.08 5.07
CA THR C 86 -14.77 28.81 6.23
C THR C 86 -14.35 30.20 5.77
N PRO C 87 -14.73 31.27 6.49
CA PRO C 87 -14.19 32.61 6.20
C PRO C 87 -12.67 32.61 6.39
N PRO C 88 -11.89 33.38 5.60
CA PRO C 88 -10.43 33.26 5.63
C PRO C 88 -9.86 33.68 6.98
N GLU C 89 -8.80 33.02 7.43
CA GLU C 89 -8.02 33.42 8.64
C GLU C 89 -7.32 34.73 8.25
N PRO C 90 -7.45 35.81 9.05
CA PRO C 90 -6.79 37.06 8.66
C PRO C 90 -5.26 36.90 8.62
N ASP C 91 -4.71 36.03 9.46
CA ASP C 91 -3.27 35.80 9.63
C ASP C 91 -2.64 35.22 8.35
N GLY C 92 -3.43 34.52 7.54
CA GLY C 92 -2.96 33.91 6.27
C GLY C 92 -2.26 34.91 5.36
N VAL C 93 -1.06 34.58 4.87
CA VAL C 93 -0.22 35.56 4.11
C VAL C 93 -1.01 36.05 2.89
N LEU C 94 -1.95 35.26 2.41
CA LEU C 94 -2.77 35.67 1.25
C LEU C 94 -3.68 36.83 1.70
N ALA C 95 -4.18 36.77 2.92
CA ALA C 95 -5.12 37.78 3.48
C ALA C 95 -4.37 39.06 3.88
N GLN C 96 -3.04 39.02 3.87
CA GLN C 96 -2.20 40.14 4.34
C GLN C 96 -2.12 41.19 3.23
N ASP C 97 -2.19 42.46 3.64
CA ASP C 97 -2.02 43.66 2.78
C ASP C 97 -0.67 44.29 3.12
N PRO C 98 -0.06 45.09 2.21
CA PRO C 98 1.14 45.83 2.60
C PRO C 98 0.84 46.80 3.74
N PRO C 99 1.88 47.16 4.55
CA PRO C 99 3.24 46.67 4.37
C PRO C 99 3.53 45.45 5.24
N ASP C 100 2.58 45.07 6.11
CA ASP C 100 2.77 43.88 6.98
C ASP C 100 3.03 42.64 6.13
N HIS C 101 2.29 42.51 5.03
CA HIS C 101 2.46 41.41 4.06
C HIS C 101 3.88 41.40 3.55
N THR C 102 4.34 42.57 3.11
CA THR C 102 5.69 42.75 2.53
C THR C 102 6.73 42.23 3.52
N ARG C 103 6.52 42.47 4.82
CA ARG C 103 7.50 42.10 5.85
C ARG C 103 7.56 40.57 5.93
N LEU C 104 6.41 39.91 6.03
CA LEU C 104 6.30 38.42 6.09
C LEU C 104 7.13 37.80 4.98
N ARG C 105 6.80 38.20 3.76
CA ARG C 105 7.41 37.66 2.54
C ARG C 105 8.92 37.81 2.70
N ARG C 106 9.34 39.07 2.94
CA ARG C 106 10.76 39.49 3.03
C ARG C 106 11.49 38.50 3.95
N LEU C 107 10.81 37.98 4.99
CA LEU C 107 11.42 37.11 6.03
C LEU C 107 11.77 35.71 5.52
N VAL C 108 10.83 35.08 4.84
CA VAL C 108 11.05 33.71 4.33
C VAL C 108 11.68 33.77 2.93
N GLY C 109 11.38 34.82 2.14
CA GLY C 109 11.73 34.92 0.70
C GLY C 109 13.16 34.54 0.37
N LYS C 110 14.09 34.85 1.28
CA LYS C 110 15.53 34.65 1.04
C LYS C 110 15.83 33.20 0.67
N ALA C 111 15.07 32.26 1.22
CA ALA C 111 15.40 30.81 1.13
C ALA C 111 14.87 30.23 -0.20
N PHE C 112 13.86 30.87 -0.77
CA PHE C 112 13.37 30.58 -2.14
C PHE C 112 13.86 31.59 -3.17
N THR C 113 14.91 32.35 -2.89
CA THR C 113 15.68 33.03 -3.96
C THR C 113 16.08 31.94 -4.95
N ALA C 114 16.12 32.29 -6.21
CA ALA C 114 16.26 31.31 -7.29
C ALA C 114 17.62 30.60 -7.20
N ARG C 115 18.69 31.30 -6.81
CA ARG C 115 20.04 30.71 -6.69
C ARG C 115 20.05 29.62 -5.63
N ARG C 116 19.38 29.87 -4.50
CA ARG C 116 19.32 28.92 -3.37
C ARG C 116 18.66 27.64 -3.93
N VAL C 117 17.54 27.78 -4.64
CA VAL C 117 16.77 26.63 -5.15
C VAL C 117 17.66 25.80 -6.09
N GLU C 118 18.22 26.41 -7.13
CA GLU C 118 19.04 25.67 -8.13
C GLU C 118 20.09 24.81 -7.42
N GLU C 119 20.54 25.24 -6.24
CA GLU C 119 21.65 24.57 -5.50
C GLU C 119 21.11 23.32 -4.82
N MET C 120 19.79 23.22 -4.72
CA MET C 120 19.11 21.99 -4.26
C MET C 120 19.12 20.91 -5.35
N ARG C 121 19.23 21.29 -6.61
CA ARG C 121 18.94 20.38 -7.73
C ARG C 121 19.68 19.05 -7.54
N PRO C 122 21.01 19.05 -7.36
CA PRO C 122 21.69 17.77 -7.16
C PRO C 122 21.06 16.84 -6.09
N ARG C 123 20.65 17.37 -4.93
CA ARG C 123 20.06 16.54 -3.86
C ARG C 123 18.67 16.03 -4.26
N VAL C 124 17.91 16.90 -4.92
CA VAL C 124 16.57 16.58 -5.49
C VAL C 124 16.72 15.51 -6.57
N ARG C 125 17.70 15.57 -7.47
CA ARG C 125 17.91 14.50 -8.48
C ARG C 125 18.13 13.15 -7.82
N SER C 126 18.92 13.10 -6.73
CA SER C 126 19.25 11.87 -5.96
C SER C 126 17.97 11.33 -5.30
N LEU C 127 17.12 12.23 -4.83
CA LEU C 127 15.83 11.86 -4.20
C LEU C 127 14.94 11.11 -5.17
N VAL C 128 14.66 11.73 -6.31
CA VAL C 128 13.77 11.16 -7.36
C VAL C 128 14.32 9.81 -7.79
N ASP C 129 15.64 9.71 -7.95
CA ASP C 129 16.24 8.45 -8.45
C ASP C 129 15.95 7.36 -7.43
N SER C 130 16.06 7.71 -6.16
CA SER C 130 15.76 6.79 -5.06
C SER C 130 14.32 6.34 -5.14
N LEU C 131 13.38 7.29 -5.14
CA LEU C 131 11.95 6.97 -5.27
C LEU C 131 11.63 6.07 -6.48
N LEU C 132 12.19 6.33 -7.66
CA LEU C 132 11.92 5.52 -8.87
C LEU C 132 12.55 4.14 -8.67
N ASP C 133 13.66 4.06 -7.97
CA ASP C 133 14.31 2.75 -7.76
C ASP C 133 13.31 1.85 -7.04
N ASP C 134 12.60 2.43 -6.08
CA ASP C 134 11.51 1.74 -5.34
C ASP C 134 10.47 1.29 -6.34
N MET C 135 10.10 2.13 -7.30
CA MET C 135 9.03 1.80 -8.29
C MET C 135 9.47 0.63 -9.17
N VAL C 136 10.73 0.57 -9.60
CA VAL C 136 11.16 -0.56 -10.48
C VAL C 136 11.28 -1.81 -9.63
N ALA C 137 11.61 -1.71 -8.34
CA ALA C 137 11.54 -2.88 -7.44
C ALA C 137 10.12 -3.43 -7.49
N HIS C 138 9.12 -2.55 -7.32
CA HIS C 138 7.68 -2.91 -7.28
C HIS C 138 7.26 -3.60 -8.57
N GLY C 139 7.85 -3.19 -9.70
CA GLY C 139 7.58 -3.76 -11.02
C GLY C 139 6.41 -3.05 -11.69
N SER C 140 6.38 -3.10 -13.02
CA SER C 140 5.25 -2.55 -13.82
C SER C 140 4.04 -3.48 -13.75
N PRO C 141 2.80 -2.93 -13.72
CA PRO C 141 2.51 -1.51 -13.54
C PRO C 141 2.44 -1.12 -12.07
N ALA C 142 2.62 0.17 -11.78
CA ALA C 142 2.60 0.71 -10.41
C ALA C 142 1.89 2.06 -10.35
N ASP C 143 1.43 2.44 -9.17
CA ASP C 143 0.75 3.74 -8.98
C ASP C 143 1.83 4.81 -8.89
N LEU C 144 1.94 5.67 -9.90
CA LEU C 144 2.94 6.78 -9.89
C LEU C 144 2.61 7.77 -8.79
N VAL C 145 1.35 7.89 -8.38
CA VAL C 145 1.03 8.76 -7.23
C VAL C 145 1.75 8.22 -6.01
N GLU C 146 1.66 6.93 -5.77
CA GLU C 146 2.17 6.36 -4.51
C GLU C 146 3.68 6.47 -4.48
N PHE C 147 4.35 6.20 -5.59
CA PHE C 147 5.83 6.04 -5.57
C PHE C 147 6.52 7.37 -5.86
N LEU C 148 5.91 8.29 -6.58
CA LEU C 148 6.62 9.52 -6.93
C LEU C 148 5.84 10.69 -6.38
N ALA C 149 4.63 10.93 -6.89
CA ALA C 149 3.98 12.25 -6.77
C ALA C 149 3.88 12.65 -5.30
N VAL C 150 3.51 11.72 -4.42
CA VAL C 150 3.19 12.04 -3.01
C VAL C 150 4.49 12.22 -2.24
N PRO C 151 5.39 11.21 -2.23
CA PRO C 151 6.57 11.29 -1.35
C PRO C 151 7.54 12.39 -1.76
N PHE C 152 7.69 12.57 -3.07
CA PHE C 152 8.72 13.43 -3.63
C PHE C 152 8.59 14.83 -3.07
N PRO C 153 7.53 15.60 -3.36
CA PRO C 153 7.46 16.97 -2.86
C PRO C 153 7.35 17.02 -1.33
N VAL C 154 6.70 16.02 -0.75
CA VAL C 154 6.40 15.97 0.70
C VAL C 154 7.77 15.91 1.34
N ALA C 155 8.61 15.03 0.86
CA ALA C 155 9.97 14.89 1.44
C ALA C 155 10.68 16.24 1.32
N VAL C 156 10.66 16.84 0.15
CA VAL C 156 11.47 18.05 -0.13
C VAL C 156 11.05 19.10 0.87
N ILE C 157 9.75 19.31 1.02
CA ILE C 157 9.22 20.39 1.89
C ILE C 157 9.53 20.07 3.34
N CYS C 158 9.52 18.80 3.75
CA CYS C 158 9.83 18.36 5.13
C CYS C 158 11.28 18.76 5.47
N GLU C 159 12.23 18.46 4.58
CA GLU C 159 13.66 18.85 4.63
C GLU C 159 13.75 20.39 4.69
N LEU C 160 12.99 21.13 3.87
CA LEU C 160 13.09 22.61 3.81
C LEU C 160 12.62 23.27 5.10
N LEU C 161 11.48 22.87 5.65
CA LEU C 161 10.92 23.55 6.86
C LEU C 161 11.55 22.94 8.12
N GLY C 162 12.18 21.78 7.99
CA GLY C 162 12.59 20.96 9.14
C GLY C 162 11.42 20.29 9.85
N VAL C 163 10.39 19.88 9.13
CA VAL C 163 9.30 19.05 9.72
C VAL C 163 9.77 17.60 9.78
N PRO C 164 9.46 16.87 10.90
CA PRO C 164 9.85 15.48 11.02
C PRO C 164 8.96 14.62 10.10
N LEU C 165 9.48 13.48 9.66
CA LEU C 165 8.84 12.62 8.63
C LEU C 165 7.58 11.96 9.18
N GLU C 166 7.56 11.62 10.45
CA GLU C 166 6.38 11.04 11.16
C GLU C 166 5.20 12.00 11.14
N ASP C 167 5.43 13.29 11.29
CA ASP C 167 4.33 14.26 11.43
C ASP C 167 3.58 14.31 10.10
N ARG C 168 4.02 13.54 9.09
CA ARG C 168 3.51 13.73 7.71
C ARG C 168 2.02 13.38 7.67
N ASP C 169 1.68 12.25 8.25
CA ASP C 169 0.29 11.75 8.24
C ASP C 169 -0.69 12.79 8.74
N LEU C 170 -0.39 13.42 9.87
CA LEU C 170 -1.28 14.43 10.48
C LEU C 170 -1.36 15.74 9.67
N PHE C 171 -0.24 16.24 9.14
CA PHE C 171 -0.24 17.51 8.36
C PHE C 171 -0.93 17.25 7.02
N ARG C 172 -0.79 16.06 6.41
CA ARG C 172 -1.39 15.76 5.07
C ARG C 172 -2.92 15.85 5.18
N THR C 173 -3.51 15.28 6.24
CA THR C 173 -4.98 15.32 6.51
C THR C 173 -5.47 16.75 6.72
N PHE C 174 -4.75 17.51 7.52
CA PHE C 174 -5.02 18.94 7.74
C PHE C 174 -5.06 19.67 6.38
N SER C 175 -4.01 19.53 5.56
CA SER C 175 -3.84 20.31 4.32
C SER C 175 -4.99 19.98 3.36
N ASP C 176 -5.27 18.70 3.20
CA ASP C 176 -6.36 18.27 2.29
C ASP C 176 -7.62 18.92 2.81
N ALA C 177 -7.82 18.84 4.12
CA ALA C 177 -9.08 19.30 4.73
C ALA C 177 -9.22 20.81 4.47
N MET C 178 -8.11 21.53 4.58
CA MET C 178 -8.09 22.99 4.45
C MET C 178 -8.57 23.41 3.07
N LEU C 179 -8.19 22.64 2.04
CA LEU C 179 -8.40 23.01 0.61
C LEU C 179 -9.81 22.63 0.09
N SER C 180 -10.75 22.28 0.97
CA SER C 180 -12.09 21.78 0.59
C SER C 180 -12.92 22.85 -0.11
N SER C 181 -13.51 22.48 -1.24
CA SER C 181 -14.47 23.29 -2.02
C SER C 181 -15.89 23.02 -1.48
N THR C 182 -16.24 21.73 -1.51
CA THR C 182 -17.56 21.14 -1.24
C THR C 182 -17.41 20.09 -0.15
N ARG C 183 -16.23 19.47 -0.10
CA ARG C 183 -15.99 18.18 0.59
C ARG C 183 -16.35 18.29 2.08
N LEU C 184 -15.89 19.32 2.78
CA LEU C 184 -16.06 19.39 4.26
C LEU C 184 -16.91 20.57 4.68
N THR C 185 -17.36 20.56 5.94
CA THR C 185 -18.21 21.61 6.51
C THR C 185 -17.36 22.77 6.94
N ALA C 186 -17.91 23.98 6.84
CA ALA C 186 -17.24 25.21 7.33
C ALA C 186 -16.76 24.91 8.76
N ALA C 187 -17.63 24.30 9.57
CA ALA C 187 -17.32 24.05 10.99
C ALA C 187 -16.17 23.04 11.13
N GLU C 188 -16.20 21.92 10.42
CA GLU C 188 -15.09 20.93 10.46
C GLU C 188 -13.77 21.53 10.02
N ILE C 189 -13.80 22.30 8.93
CA ILE C 189 -12.59 22.94 8.34
C ILE C 189 -12.02 23.85 9.41
N GLN C 190 -12.89 24.63 10.03
CA GLN C 190 -12.52 25.61 11.09
C GLN C 190 -11.75 24.86 12.18
N ARG C 191 -12.21 23.67 12.54
CA ARG C 191 -11.55 22.82 13.54
C ARG C 191 -10.11 22.49 13.10
N VAL C 192 -9.92 22.10 11.84
CA VAL C 192 -8.59 21.75 11.22
C VAL C 192 -7.65 22.96 11.27
N GLN C 193 -8.14 24.13 10.89
CA GLN C 193 -7.33 25.38 10.87
C GLN C 193 -6.65 25.48 12.23
N GLN C 194 -7.47 25.43 13.28
CA GLN C 194 -7.05 25.66 14.68
C GLN C 194 -6.08 24.57 15.14
N ASP C 195 -6.40 23.30 14.85
CA ASP C 195 -5.55 22.13 15.21
C ASP C 195 -4.15 22.29 14.59
N PHE C 196 -4.11 22.72 13.32
CA PHE C 196 -2.87 22.93 12.53
C PHE C 196 -2.09 24.08 13.17
N MET C 197 -2.78 25.19 13.45
CA MET C 197 -2.15 26.36 14.12
C MET C 197 -1.42 25.90 15.38
N VAL C 198 -2.13 25.19 16.25
CA VAL C 198 -1.56 24.64 17.51
C VAL C 198 -0.27 23.87 17.14
N TYR C 199 -0.36 22.95 16.19
CA TYR C 199 0.77 22.09 15.77
C TYR C 199 1.95 23.00 15.39
N MET C 200 1.72 24.05 14.60
CA MET C 200 2.80 24.98 14.17
C MET C 200 3.42 25.70 15.38
N ASP C 201 2.57 26.27 16.24
CA ASP C 201 3.06 26.86 17.50
C ASP C 201 4.05 25.93 18.15
N GLY C 202 3.63 24.70 18.38
CA GLY C 202 4.46 23.71 19.06
C GLY C 202 5.83 23.61 18.42
N LEU C 203 5.85 23.63 17.10
CA LEU C 203 7.12 23.37 16.38
C LEU C 203 8.05 24.55 16.50
N VAL C 204 7.48 25.76 16.50
CA VAL C 204 8.23 27.02 16.68
C VAL C 204 8.74 27.11 18.12
N ALA C 205 7.93 26.73 19.11
CA ALA C 205 8.33 26.69 20.53
C ALA C 205 9.50 25.73 20.64
N GLN C 206 9.39 24.57 20.04
CA GLN C 206 10.48 23.58 20.13
C GLN C 206 11.77 24.28 19.73
N ARG C 207 11.73 25.11 18.67
CA ARG C 207 12.93 25.75 18.07
C ARG C 207 13.50 26.76 19.08
N ARG C 208 12.62 27.34 19.91
CA ARG C 208 12.95 28.30 21.00
C ARG C 208 13.63 27.58 22.17
N ASP C 209 13.37 26.29 22.29
CA ASP C 209 14.10 25.35 23.18
C ASP C 209 15.48 25.02 22.60
N ALA C 210 15.52 24.66 21.31
CA ALA C 210 16.72 24.23 20.56
C ALA C 210 16.70 24.82 19.16
N PRO C 211 17.67 25.70 18.84
CA PRO C 211 17.70 26.37 17.53
C PRO C 211 17.94 25.36 16.39
N THR C 212 17.32 25.58 15.25
CA THR C 212 17.47 24.73 14.04
C THR C 212 17.76 25.55 12.79
N GLU C 213 18.61 25.04 11.89
CA GLU C 213 19.02 25.76 10.65
C GLU C 213 18.00 25.50 9.54
N ASP C 214 16.77 25.99 9.71
CA ASP C 214 15.53 25.52 9.01
C ASP C 214 14.63 26.71 8.85
N LEU C 215 13.72 26.66 7.90
CA LEU C 215 12.79 27.79 7.70
C LEU C 215 11.96 28.01 8.96
N LEU C 216 11.66 26.91 9.67
CA LEU C 216 10.92 26.99 10.95
C LEU C 216 11.83 27.77 11.91
N GLY C 217 13.09 27.33 12.01
CA GLY C 217 14.10 28.02 12.81
C GLY C 217 14.12 29.53 12.54
N ALA C 218 14.06 29.94 11.29
CA ALA C 218 14.13 31.36 10.94
C ALA C 218 12.86 32.04 11.44
N LEU C 219 11.72 31.36 11.34
CA LEU C 219 10.41 31.96 11.73
C LEU C 219 10.35 32.12 13.24
N ALA C 220 10.95 31.18 13.95
CA ALA C 220 10.97 31.14 15.42
C ALA C 220 11.74 32.35 15.96
N LEU C 221 12.86 32.70 15.31
CA LEU C 221 13.67 33.90 15.67
C LEU C 221 12.82 35.12 15.40
N ALA C 222 12.09 35.17 14.30
CA ALA C 222 11.29 36.37 14.01
C ALA C 222 10.23 36.51 15.09
N THR C 223 9.84 35.42 15.76
CA THR C 223 8.74 35.38 16.77
C THR C 223 9.03 36.42 17.89
N ASP C 224 10.23 36.38 18.48
CA ASP C 224 10.70 37.16 19.66
C ASP C 224 11.46 38.44 19.24
N ASN C 225 12.07 38.46 18.04
CA ASN C 225 12.97 39.54 17.53
C ASN C 225 12.27 40.50 16.54
N ASP C 226 11.00 40.24 16.17
CA ASP C 226 10.19 41.12 15.26
C ASP C 226 9.10 41.80 16.10
N ASP C 227 9.22 43.12 16.28
CA ASP C 227 8.23 44.00 16.94
C ASP C 227 6.99 44.18 16.04
N HIS C 228 7.11 43.97 14.73
CA HIS C 228 6.00 44.33 13.79
C HIS C 228 4.88 43.29 13.62
N LEU C 229 5.17 42.01 13.34
CA LEU C 229 4.10 41.04 13.01
C LEU C 229 3.57 40.43 14.30
N THR C 230 2.27 40.09 14.29
CA THR C 230 1.62 39.25 15.32
C THR C 230 2.38 37.95 15.34
N LYS C 231 2.56 37.38 16.52
CA LYS C 231 3.08 36.01 16.66
C LYS C 231 2.20 35.06 15.82
N GLY C 232 0.89 35.27 15.81
CA GLY C 232 -0.04 34.45 15.01
C GLY C 232 0.18 34.61 13.51
N GLU C 233 0.34 35.86 13.06
CA GLU C 233 0.71 36.23 11.67
C GLU C 233 2.00 35.50 11.26
N ILE C 234 3.01 35.49 12.12
CA ILE C 234 4.34 34.87 11.85
C ILE C 234 4.15 33.38 11.67
N VAL C 235 3.35 32.75 12.54
CA VAL C 235 3.12 31.28 12.50
C VAL C 235 2.37 30.89 11.22
N ASN C 236 1.26 31.56 10.89
CA ASN C 236 0.45 31.18 9.71
C ASN C 236 1.35 30.99 8.49
N MET C 237 2.32 31.86 8.28
CA MET C 237 3.23 31.71 7.13
C MET C 237 3.86 30.31 7.16
N GLY C 238 4.14 29.76 8.32
CA GLY C 238 4.69 28.40 8.44
C GLY C 238 3.70 27.31 8.03
N VAL C 239 2.39 27.50 8.25
CA VAL C 239 1.37 26.53 7.75
C VAL C 239 1.15 26.74 6.23
N SER C 240 1.11 27.98 5.77
CA SER C 240 0.94 28.28 4.33
C SER C 240 2.05 27.57 3.55
N LEU C 241 3.31 27.70 3.99
CA LEU C 241 4.48 27.06 3.33
C LEU C 241 4.30 25.54 3.31
N LEU C 242 3.87 24.96 4.41
CA LEU C 242 3.78 23.49 4.52
C LEU C 242 2.70 22.98 3.55
N ILE C 243 1.57 23.66 3.51
CA ILE C 243 0.43 23.24 2.67
C ILE C 243 0.80 23.45 1.21
N ALA C 244 1.16 24.65 0.82
CA ALA C 244 1.48 24.96 -0.59
C ALA C 244 2.62 24.04 -1.07
N GLY C 245 3.64 23.82 -0.25
CA GLY C 245 4.88 23.15 -0.68
C GLY C 245 4.70 21.69 -1.02
N HIS C 246 3.60 21.07 -0.56
CA HIS C 246 3.18 19.73 -1.08
C HIS C 246 1.88 19.73 -1.89
N GLU C 247 0.77 20.28 -1.39
CA GLU C 247 -0.51 20.17 -2.13
C GLU C 247 -0.32 20.51 -3.60
N THR C 248 0.15 21.71 -3.92
CA THR C 248 0.18 22.17 -5.34
C THR C 248 1.07 21.25 -6.13
N SER C 249 2.26 21.03 -5.65
CA SER C 249 3.26 20.21 -6.38
C SER C 249 2.79 18.74 -6.51
N VAL C 250 2.26 18.12 -5.47
CA VAL C 250 1.86 16.68 -5.53
C VAL C 250 0.86 16.46 -6.67
N ASN C 251 -0.15 17.32 -6.79
CA ASN C 251 -1.17 17.21 -7.85
C ASN C 251 -0.55 17.58 -9.20
N GLN C 252 0.25 18.62 -9.23
CA GLN C 252 0.76 19.20 -10.49
C GLN C 252 1.67 18.18 -11.16
N ILE C 253 2.41 17.38 -10.41
CA ILE C 253 3.21 16.27 -10.99
C ILE C 253 2.29 15.33 -11.76
N THR C 254 1.24 14.85 -11.09
CA THR C 254 0.28 13.90 -11.71
C THR C 254 -0.39 14.54 -12.91
N ASN C 255 -0.69 15.84 -12.86
CA ASN C 255 -1.45 16.52 -13.96
C ASN C 255 -0.58 16.62 -15.23
N LEU C 256 0.72 16.90 -15.09
CA LEU C 256 1.64 17.00 -16.25
C LEU C 256 1.79 15.63 -16.87
N VAL C 257 2.09 14.65 -16.05
CA VAL C 257 2.23 13.27 -16.55
C VAL C 257 0.94 12.88 -17.32
N HIS C 258 -0.22 13.31 -16.82
CA HIS C 258 -1.51 12.95 -17.43
C HIS C 258 -1.52 13.51 -18.84
N LEU C 259 -1.16 14.80 -18.94
CA LEU C 259 -1.17 15.51 -20.22
C LEU C 259 -0.19 14.81 -21.13
N LEU C 260 0.97 14.44 -20.58
CA LEU C 260 2.05 13.82 -21.38
C LEU C 260 1.60 12.48 -21.98
N LEU C 261 0.93 11.64 -21.18
CA LEU C 261 0.59 10.27 -21.62
C LEU C 261 -0.73 10.22 -22.41
N THR C 262 -1.73 11.03 -22.12
CA THR C 262 -3.02 10.93 -22.84
C THR C 262 -2.81 11.22 -24.33
N GLU C 263 -1.99 12.20 -24.69
CA GLU C 263 -1.52 12.37 -26.08
C GLU C 263 -0.04 11.99 -26.10
N ARG C 264 0.29 10.73 -26.26
CA ARG C 264 1.65 10.26 -25.93
C ARG C 264 2.68 10.88 -26.85
N LYS C 265 2.27 11.36 -28.00
CA LYS C 265 3.20 12.10 -28.89
C LYS C 265 4.01 13.09 -28.04
N ARG C 266 3.39 13.73 -27.05
CA ARG C 266 4.02 14.76 -26.22
C ARG C 266 5.12 14.20 -25.34
N TYR C 267 4.88 13.07 -24.71
CA TYR C 267 5.92 12.38 -23.92
C TYR C 267 7.09 11.99 -24.84
N GLU C 268 6.79 11.40 -26.00
CA GLU C 268 7.82 10.95 -26.97
C GLU C 268 8.75 12.12 -27.31
N SER C 269 8.16 13.31 -27.41
CA SER C 269 8.86 14.54 -27.83
C SER C 269 9.93 14.82 -26.78
N LEU C 270 9.59 14.65 -25.51
CA LEU C 270 10.56 14.93 -24.44
C LEU C 270 11.61 13.84 -24.39
N VAL C 271 11.27 12.62 -24.76
CA VAL C 271 12.27 11.54 -24.79
C VAL C 271 13.29 11.88 -25.85
N ALA C 272 12.79 12.30 -27.01
CA ALA C 272 13.62 12.61 -28.19
C ALA C 272 14.56 13.75 -27.81
N ASP C 273 14.01 14.74 -27.13
CA ASP C 273 14.76 15.98 -26.82
C ASP C 273 14.60 16.32 -25.36
N PRO C 274 15.46 15.76 -24.48
CA PRO C 274 15.26 15.94 -23.04
C PRO C 274 15.46 17.37 -22.58
N ALA C 275 16.23 18.16 -23.34
CA ALA C 275 16.48 19.59 -23.07
C ALA C 275 15.18 20.38 -23.26
N LEU C 276 14.17 19.75 -23.82
CA LEU C 276 12.89 20.44 -24.05
C LEU C 276 12.13 20.62 -22.72
N VAL C 277 12.50 19.88 -21.69
CA VAL C 277 11.64 19.69 -20.50
C VAL C 277 11.27 21.04 -19.90
N PRO C 278 12.23 21.92 -19.53
CA PRO C 278 11.84 23.12 -18.79
C PRO C 278 10.78 23.96 -19.53
N ALA C 279 10.96 24.11 -20.85
CA ALA C 279 10.00 24.83 -21.71
C ALA C 279 8.66 24.12 -21.58
N ALA C 280 8.69 22.79 -21.63
CA ALA C 280 7.45 21.97 -21.66
C ALA C 280 6.69 22.19 -20.36
N VAL C 281 7.42 22.29 -19.25
CA VAL C 281 6.83 22.42 -17.90
C VAL C 281 6.12 23.76 -17.83
N GLU C 282 6.74 24.79 -18.39
CA GLU C 282 6.10 26.11 -18.45
C GLU C 282 4.78 25.99 -19.22
N GLU C 283 4.79 25.31 -20.36
CA GLU C 283 3.60 25.27 -21.22
C GLU C 283 2.48 24.53 -20.46
N MET C 284 2.86 23.43 -19.85
CA MET C 284 1.88 22.61 -19.13
C MET C 284 1.41 23.38 -17.91
N LEU C 285 2.26 24.21 -17.31
CA LEU C 285 1.83 24.99 -16.11
C LEU C 285 0.63 25.89 -16.52
N ARG C 286 0.69 26.44 -17.73
CA ARG C 286 -0.33 27.41 -18.21
C ARG C 286 -1.56 26.63 -18.68
N TYR C 287 -1.28 25.47 -19.25
CA TYR C 287 -2.32 24.66 -19.88
C TYR C 287 -3.20 24.04 -18.80
N THR C 288 -2.65 23.73 -17.61
CA THR C 288 -3.40 22.92 -16.60
C THR C 288 -4.06 23.80 -15.54
N PRO C 289 -5.39 23.58 -15.34
CA PRO C 289 -6.18 24.37 -14.40
C PRO C 289 -6.03 23.77 -13.03
N LEU C 290 -4.83 23.88 -12.46
CA LEU C 290 -4.51 23.32 -11.13
C LEU C 290 -5.44 23.91 -10.11
N VAL C 291 -5.75 25.19 -10.26
CA VAL C 291 -6.80 25.79 -9.42
C VAL C 291 -8.09 25.66 -10.20
N SER C 292 -9.05 24.90 -9.65
CA SER C 292 -10.28 24.46 -10.37
C SER C 292 -11.26 25.63 -10.44
N ALA C 293 -11.34 26.38 -9.37
CA ALA C 293 -12.36 27.42 -9.19
C ALA C 293 -11.65 28.72 -8.87
N GLY C 294 -11.85 29.75 -9.65
CA GLY C 294 -11.57 31.12 -9.17
C GLY C 294 -10.23 31.27 -8.49
N SER C 295 -10.12 32.33 -7.69
CA SER C 295 -8.93 32.74 -6.93
C SER C 295 -9.41 33.10 -5.53
N PHE C 296 -8.47 33.40 -4.65
CA PHE C 296 -8.79 34.13 -3.41
C PHE C 296 -9.27 35.52 -3.83
N VAL C 297 -10.28 36.03 -3.14
CA VAL C 297 -11.04 37.25 -3.55
C VAL C 297 -10.21 38.53 -3.35
N ARG C 298 -10.35 39.50 -4.25
CA ARG C 298 -9.71 40.83 -4.15
C ARG C 298 -10.80 41.88 -4.07
N VAL C 299 -10.80 42.73 -3.04
CA VAL C 299 -11.83 43.79 -2.86
C VAL C 299 -11.19 45.13 -3.20
N ALA C 300 -11.86 45.88 -4.06
CA ALA C 300 -11.36 47.17 -4.58
C ALA C 300 -11.50 48.26 -3.50
N THR C 301 -10.38 48.83 -3.11
CA THR C 301 -10.29 49.97 -2.18
C THR C 301 -10.86 51.23 -2.82
N GLU C 302 -10.59 51.38 -4.11
CA GLU C 302 -10.97 52.57 -4.89
C GLU C 302 -11.63 52.11 -6.17
N ASP C 303 -12.16 53.05 -6.95
CA ASP C 303 -12.66 52.77 -8.32
C ASP C 303 -11.47 52.47 -9.24
N VAL C 304 -11.60 51.38 -9.99
CA VAL C 304 -10.53 50.85 -10.86
C VAL C 304 -11.15 50.40 -12.17
N GLU C 305 -10.46 50.68 -13.26
CA GLU C 305 -10.98 50.53 -14.64
C GLU C 305 -10.33 49.27 -15.24
N LEU C 306 -11.17 48.27 -15.48
CA LEU C 306 -10.79 47.08 -16.28
C LEU C 306 -11.18 47.29 -17.74
N SER C 307 -10.78 46.36 -18.59
CA SER C 307 -10.97 46.43 -20.05
C SER C 307 -12.38 46.92 -20.43
N THR C 308 -13.41 46.45 -19.73
CA THR C 308 -14.81 46.52 -20.21
C THR C 308 -15.80 46.91 -19.11
N VAL C 309 -15.39 46.93 -17.86
CA VAL C 309 -16.18 47.58 -16.78
C VAL C 309 -15.25 48.30 -15.81
N THR C 310 -15.81 49.24 -15.03
CA THR C 310 -15.13 49.91 -13.90
C THR C 310 -15.63 49.30 -12.60
N VAL C 311 -14.69 48.82 -11.80
CA VAL C 311 -15.05 48.19 -10.52
C VAL C 311 -15.14 49.33 -9.53
N ARG C 312 -16.27 49.41 -8.83
CA ARG C 312 -16.48 50.43 -7.78
C ARG C 312 -15.80 49.93 -6.51
N ALA C 313 -15.38 50.86 -5.66
CA ALA C 313 -14.77 50.51 -4.35
C ALA C 313 -15.76 49.65 -3.55
N GLY C 314 -15.25 48.64 -2.85
CA GLY C 314 -16.05 47.74 -2.00
C GLY C 314 -16.63 46.58 -2.78
N GLU C 315 -16.46 46.56 -4.11
CA GLU C 315 -16.94 45.45 -4.97
C GLU C 315 -15.88 44.34 -4.95
N PRO C 316 -16.27 43.06 -4.73
CA PRO C 316 -15.32 41.94 -4.74
C PRO C 316 -15.12 41.42 -6.17
N CYS C 317 -13.88 41.00 -6.46
CA CYS C 317 -13.44 40.44 -7.74
C CYS C 317 -12.79 39.09 -7.52
N VAL C 318 -12.94 38.22 -8.50
CA VAL C 318 -12.33 36.88 -8.48
C VAL C 318 -11.78 36.58 -9.87
N VAL C 319 -10.63 35.93 -9.90
CA VAL C 319 -9.86 35.64 -11.14
C VAL C 319 -9.82 34.13 -11.34
N HIS C 320 -10.04 33.66 -12.56
CA HIS C 320 -9.78 32.24 -12.88
C HIS C 320 -8.49 32.19 -13.68
N PHE C 321 -7.44 31.66 -13.07
CA PHE C 321 -6.05 31.78 -13.60
C PHE C 321 -5.92 31.09 -14.96
N ALA C 322 -6.50 29.89 -15.05
CA ALA C 322 -6.47 28.99 -16.22
C ALA C 322 -7.13 29.66 -17.42
N SER C 323 -8.17 30.47 -17.19
CA SER C 323 -8.83 31.22 -18.28
C SER C 323 -7.83 32.19 -18.89
N ALA C 324 -7.22 32.97 -18.02
CA ALA C 324 -6.22 33.99 -18.39
C ALA C 324 -5.12 33.30 -19.19
N ASN C 325 -4.73 32.09 -18.79
CA ASN C 325 -3.64 31.32 -19.46
C ASN C 325 -4.09 30.76 -20.81
N ARG C 326 -5.39 30.90 -21.13
CA ARG C 326 -5.94 30.46 -22.43
C ARG C 326 -6.48 31.67 -23.23
N ASP C 327 -6.10 32.90 -22.86
CA ASP C 327 -6.47 34.17 -23.56
C ASP C 327 -5.82 34.19 -24.96
N GLU C 328 -6.67 34.30 -25.99
CA GLU C 328 -6.23 34.13 -27.39
C GLU C 328 -5.45 35.37 -27.86
N GLU C 329 -5.67 36.51 -27.22
CA GLU C 329 -4.92 37.76 -27.53
C GLU C 329 -3.43 37.50 -27.33
N VAL C 330 -3.10 36.83 -26.25
CA VAL C 330 -1.69 36.76 -25.76
C VAL C 330 -1.04 35.47 -26.23
N PHE C 331 -1.81 34.39 -26.41
CA PHE C 331 -1.26 33.09 -26.85
C PHE C 331 -1.86 32.67 -28.19
N ASP C 332 -1.02 32.42 -29.20
CA ASP C 332 -1.50 31.75 -30.45
C ASP C 332 -2.00 30.35 -30.10
N HIS C 333 -3.02 29.86 -30.78
CA HIS C 333 -3.53 28.50 -30.52
C HIS C 333 -3.47 28.21 -29.01
N ALA C 334 -4.14 29.03 -28.21
CA ALA C 334 -4.14 28.95 -26.74
C ALA C 334 -4.61 27.58 -26.26
N ASP C 335 -5.66 27.06 -26.90
CA ASP C 335 -6.29 25.73 -26.60
C ASP C 335 -5.31 24.56 -26.91
N GLU C 336 -4.35 24.74 -27.81
CA GLU C 336 -3.37 23.69 -28.19
C GLU C 336 -2.17 23.72 -27.23
N LEU C 337 -1.53 22.56 -27.02
CA LEU C 337 -0.38 22.39 -26.10
C LEU C 337 0.93 22.38 -26.91
N ASP C 338 1.74 23.44 -26.76
CA ASP C 338 2.91 23.69 -27.64
C ASP C 338 4.16 23.87 -26.79
N PHE C 339 5.15 22.99 -26.97
CA PHE C 339 6.44 23.07 -26.23
C PHE C 339 7.44 24.03 -26.91
N HIS C 340 7.13 24.53 -28.11
CA HIS C 340 8.06 25.39 -28.87
C HIS C 340 7.51 26.83 -28.99
N ARG C 341 6.97 27.40 -27.90
CA ARG C 341 6.59 28.82 -27.88
C ARG C 341 7.82 29.69 -27.59
N GLU C 342 7.91 30.84 -28.23
CA GLU C 342 9.05 31.75 -28.00
C GLU C 342 8.88 32.36 -26.64
N ARG C 343 7.64 32.71 -26.34
CA ARG C 343 7.29 33.45 -25.11
C ARG C 343 6.08 32.81 -24.41
N ASN C 344 6.05 32.90 -23.07
CA ASN C 344 5.00 32.22 -22.30
C ASN C 344 4.81 32.94 -20.98
N PRO C 345 4.13 34.07 -21.01
CA PRO C 345 3.90 34.81 -19.78
C PRO C 345 2.65 34.36 -19.05
N HIS C 346 2.60 33.09 -18.66
CA HIS C 346 1.41 32.54 -17.95
C HIS C 346 1.39 33.00 -16.50
N ILE C 347 0.23 32.96 -15.88
CA ILE C 347 0.03 33.36 -14.46
C ILE C 347 -0.41 32.11 -13.69
N ALA C 348 0.19 30.98 -14.02
CA ALA C 348 -0.03 29.72 -13.29
C ALA C 348 0.42 29.90 -11.85
N PHE C 349 1.48 30.72 -11.66
CA PHE C 349 2.07 31.01 -10.32
C PHE C 349 1.48 32.30 -9.75
N GLY C 350 0.51 32.87 -10.43
CA GLY C 350 -0.17 34.07 -9.94
C GLY C 350 0.57 35.30 -10.40
N HIS C 351 0.35 36.40 -9.71
CA HIS C 351 0.82 37.73 -10.18
C HIS C 351 0.81 38.77 -9.07
N GLY C 352 1.61 39.80 -9.29
CA GLY C 352 1.68 40.92 -8.35
C GLY C 352 2.26 40.51 -7.01
N ALA C 353 1.70 41.07 -5.96
CA ALA C 353 2.24 40.96 -4.60
C ALA C 353 2.26 39.51 -4.14
N HIS C 354 1.32 38.68 -4.62
CA HIS C 354 1.12 37.32 -4.03
C HIS C 354 1.66 36.21 -4.94
N HIS C 355 2.60 36.53 -5.81
CA HIS C 355 3.25 35.55 -6.71
C HIS C 355 3.78 34.41 -5.86
N CYS C 356 3.51 33.16 -6.25
CA CYS C 356 3.99 31.95 -5.56
C CYS C 356 5.47 32.10 -5.13
N ILE C 357 5.72 32.08 -3.83
CA ILE C 357 7.10 32.16 -3.29
C ILE C 357 7.84 30.93 -3.80
N GLY C 358 7.12 29.81 -3.91
CA GLY C 358 7.72 28.52 -4.28
C GLY C 358 7.78 28.30 -5.78
N ALA C 359 7.42 29.32 -6.57
CA ALA C 359 7.48 29.26 -8.04
C ALA C 359 8.75 28.57 -8.53
N GLN C 360 9.92 28.91 -7.97
CA GLN C 360 11.20 28.34 -8.44
C GLN C 360 11.31 26.88 -7.98
N LEU C 361 10.91 26.62 -6.74
CA LEU C 361 10.96 25.25 -6.18
C LEU C 361 9.91 24.36 -6.87
N GLY C 362 8.75 24.92 -7.21
CA GLY C 362 7.72 24.25 -8.02
C GLY C 362 8.28 23.80 -9.36
N ARG C 363 8.94 24.73 -10.08
CA ARG C 363 9.59 24.44 -11.37
C ARG C 363 10.67 23.38 -11.18
N LEU C 364 11.47 23.47 -10.12
CA LEU C 364 12.57 22.51 -9.93
C LEU C 364 11.92 21.12 -9.87
N GLU C 365 10.98 20.96 -8.95
CA GLU C 365 10.39 19.65 -8.62
C GLU C 365 9.88 19.03 -9.91
N LEU C 366 9.14 19.81 -10.71
CA LEU C 366 8.44 19.31 -11.92
C LEU C 366 9.46 19.00 -13.04
N GLN C 367 10.46 19.86 -13.26
CA GLN C 367 11.53 19.59 -14.24
C GLN C 367 12.27 18.30 -13.84
N GLU C 368 12.61 18.16 -12.57
CA GLU C 368 13.45 17.03 -12.11
C GLU C 368 12.68 15.71 -12.13
N ALA C 369 11.37 15.76 -11.84
CA ALA C 369 10.47 14.60 -12.01
C ALA C 369 10.42 14.23 -13.50
N LEU C 370 10.04 15.15 -14.37
CA LEU C 370 9.88 14.77 -15.80
C LEU C 370 11.19 14.23 -16.36
N SER C 371 12.30 14.92 -16.12
CA SER C 371 13.64 14.55 -16.68
C SER C 371 14.00 13.12 -16.29
N ALA C 372 13.72 12.75 -15.05
CA ALA C 372 14.00 11.42 -14.46
C ALA C 372 13.08 10.40 -15.12
N LEU C 373 11.83 10.78 -15.35
CA LEU C 373 10.87 9.82 -15.93
C LEU C 373 11.35 9.47 -17.33
N VAL C 374 11.51 10.50 -18.12
CA VAL C 374 11.98 10.40 -19.52
C VAL C 374 13.32 9.65 -19.61
N ARG C 375 14.28 9.97 -18.77
CA ARG C 375 15.60 9.30 -18.77
C ARG C 375 15.42 7.82 -18.43
N ARG C 376 14.63 7.49 -17.41
CA ARG C 376 14.59 6.11 -16.83
C ARG C 376 13.56 5.27 -17.60
N PHE C 377 12.46 5.88 -18.05
CA PHE C 377 11.28 5.16 -18.57
C PHE C 377 10.79 5.77 -19.87
N PRO C 378 11.53 5.53 -20.96
CA PRO C 378 11.10 6.08 -22.24
C PRO C 378 9.80 5.43 -22.68
N THR C 379 9.59 4.18 -22.25
CA THR C 379 8.43 3.34 -22.64
C THR C 379 7.27 3.63 -21.70
N LEU C 380 7.41 4.60 -20.79
CA LEU C 380 6.36 4.87 -19.79
C LEU C 380 5.01 5.01 -20.50
N ASP C 381 3.96 4.45 -19.91
CA ASP C 381 2.59 4.65 -20.43
C ASP C 381 1.55 4.49 -19.30
N LEU C 382 0.36 5.03 -19.54
CA LEU C 382 -0.77 4.96 -18.59
C LEU C 382 -1.30 3.53 -18.64
N ALA C 383 -1.35 2.82 -17.53
CA ALA C 383 -1.84 1.42 -17.51
C ALA C 383 -3.35 1.41 -17.28
N GLU C 384 -3.81 2.20 -16.33
CA GLU C 384 -5.23 2.50 -16.09
C GLU C 384 -5.91 3.02 -17.37
N PRO C 385 -7.21 2.77 -17.56
CA PRO C 385 -7.90 3.38 -18.68
C PRO C 385 -8.24 4.81 -18.28
N VAL C 386 -8.36 5.67 -19.29
CA VAL C 386 -8.59 7.11 -19.05
C VAL C 386 -9.99 7.33 -18.47
N ALA C 387 -11.04 6.71 -18.96
CA ALA C 387 -12.36 6.88 -18.32
C ALA C 387 -12.26 6.47 -16.84
N GLY C 388 -11.41 5.48 -16.51
CA GLY C 388 -11.26 4.85 -15.18
C GLY C 388 -10.68 5.77 -14.12
N LEU C 389 -9.90 6.76 -14.57
CA LEU C 389 -9.03 7.64 -13.72
C LEU C 389 -9.80 8.32 -12.59
N LYS C 390 -9.23 8.28 -11.37
CA LYS C 390 -9.93 8.79 -10.16
C LYS C 390 -9.47 10.22 -9.85
N TRP C 391 -10.12 11.21 -10.44
CA TRP C 391 -9.81 12.63 -10.18
C TRP C 391 -10.35 13.03 -8.82
N LYS C 392 -9.63 13.88 -8.10
CA LYS C 392 -10.07 14.34 -6.77
C LYS C 392 -11.19 15.34 -6.95
N GLN C 393 -12.25 15.10 -6.20
CA GLN C 393 -13.49 15.88 -6.28
C GLN C 393 -13.55 16.59 -4.95
N GLY C 394 -14.33 17.66 -4.89
CA GLY C 394 -14.60 18.36 -3.64
C GLY C 394 -13.40 19.12 -3.13
N MET C 395 -12.32 19.23 -3.89
CA MET C 395 -11.12 20.02 -3.52
C MET C 395 -11.08 21.29 -4.36
N LEU C 396 -10.37 22.30 -3.87
CA LEU C 396 -10.08 23.58 -4.59
C LEU C 396 -9.02 23.43 -5.70
N ILE C 397 -8.23 22.36 -5.63
CA ILE C 397 -7.20 21.98 -6.62
C ILE C 397 -7.69 20.75 -7.38
N ARG C 398 -7.32 20.63 -8.65
CA ARG C 398 -7.44 19.38 -9.41
C ARG C 398 -6.19 18.49 -9.29
N GLY C 399 -6.41 17.17 -9.24
CA GLY C 399 -5.30 16.21 -9.14
C GLY C 399 -5.81 14.80 -9.15
N LEU C 400 -4.91 13.81 -9.30
CA LEU C 400 -5.37 12.41 -9.43
C LEU C 400 -5.13 11.69 -8.11
N GLU C 401 -6.15 11.01 -7.57
CA GLU C 401 -6.00 10.13 -6.39
C GLU C 401 -5.04 9.01 -6.77
N ARG C 402 -5.03 8.57 -8.00
CA ARG C 402 -4.22 7.42 -8.38
C ARG C 402 -3.89 7.54 -9.87
N GLN C 403 -2.71 7.09 -10.25
CA GLN C 403 -2.28 7.14 -11.65
C GLN C 403 -1.43 5.93 -11.96
N ILE C 404 -2.04 4.85 -12.46
CA ILE C 404 -1.27 3.59 -12.65
C ILE C 404 -0.52 3.71 -13.98
N VAL C 405 0.76 3.34 -13.98
CA VAL C 405 1.63 3.45 -15.18
C VAL C 405 2.41 2.15 -15.40
N SER C 406 2.81 1.96 -16.66
CA SER C 406 3.50 0.75 -17.13
C SER C 406 4.73 1.23 -17.85
N TRP C 407 5.73 0.38 -17.91
CA TRP C 407 6.97 0.68 -18.62
C TRP C 407 7.56 -0.63 -19.13
N VAL D 14 -26.07 18.85 -33.48
CA VAL D 14 -26.68 19.50 -34.67
C VAL D 14 -27.98 18.73 -34.97
N PRO D 15 -27.96 17.50 -35.56
CA PRO D 15 -29.14 16.88 -36.19
C PRO D 15 -30.24 16.56 -35.18
N ALA D 16 -31.51 16.59 -35.60
CA ALA D 16 -32.69 16.29 -34.77
C ALA D 16 -33.09 14.81 -34.86
N TYR D 17 -33.45 14.25 -33.71
CA TYR D 17 -33.94 12.86 -33.55
C TYR D 17 -35.37 12.99 -33.05
N PRO D 18 -36.33 12.24 -33.61
CA PRO D 18 -36.11 11.34 -34.75
C PRO D 18 -35.74 12.05 -36.07
N PHE D 19 -34.97 11.37 -36.93
CA PHE D 19 -34.50 11.93 -38.23
C PHE D 19 -35.67 12.30 -39.13
N SER D 20 -36.65 11.39 -39.23
CA SER D 20 -37.74 11.45 -40.24
C SER D 20 -39.00 10.76 -39.72
N LEU D 21 -40.15 11.17 -40.28
CA LEU D 21 -41.43 10.51 -39.95
C LEU D 21 -41.31 9.07 -40.38
N PRO D 22 -41.85 8.12 -39.58
CA PRO D 22 -41.66 6.70 -39.84
C PRO D 22 -42.62 6.25 -40.93
N HIS D 23 -42.13 5.44 -41.87
CA HIS D 23 -42.99 4.87 -42.93
C HIS D 23 -43.08 3.36 -42.72
N ALA D 24 -44.30 2.90 -42.37
CA ALA D 24 -44.64 1.47 -42.21
C ALA D 24 -43.76 0.93 -41.09
N LEU D 25 -43.08 -0.17 -41.37
CA LEU D 25 -42.14 -0.80 -40.42
C LEU D 25 -40.78 -0.79 -41.09
N ASP D 26 -40.57 0.14 -42.04
CA ASP D 26 -39.25 0.32 -42.68
C ASP D 26 -38.32 1.00 -41.68
N LEU D 27 -37.04 0.72 -41.83
CA LEU D 27 -36.01 1.41 -41.04
C LEU D 27 -35.30 2.52 -41.81
N ASP D 28 -35.21 3.69 -41.19
CA ASP D 28 -34.50 4.84 -41.80
C ASP D 28 -33.12 4.36 -42.27
N PRO D 29 -32.70 4.72 -43.51
CA PRO D 29 -31.45 4.19 -44.04
C PRO D 29 -30.24 4.81 -43.34
N HIS D 30 -30.46 5.93 -42.65
CA HIS D 30 -29.43 6.64 -41.82
C HIS D 30 -28.76 5.70 -40.79
N TYR D 31 -29.57 4.92 -40.07
CA TYR D 31 -29.03 4.05 -39.01
C TYR D 31 -27.89 3.23 -39.63
N ALA D 32 -28.12 2.58 -40.76
CA ALA D 32 -27.14 1.62 -41.31
C ALA D 32 -25.84 2.35 -41.57
N GLU D 33 -25.97 3.63 -41.96
CA GLU D 33 -24.85 4.56 -42.26
C GLU D 33 -24.10 4.78 -40.94
N LEU D 34 -24.86 5.15 -39.89
CA LEU D 34 -24.30 5.45 -38.55
C LEU D 34 -23.58 4.22 -37.98
N ARG D 35 -24.07 3.02 -38.21
CA ARG D 35 -23.38 1.83 -37.66
C ARG D 35 -21.97 1.74 -38.25
N ARG D 36 -21.89 2.02 -39.55
CA ARG D 36 -20.62 1.90 -40.30
C ARG D 36 -19.73 3.09 -40.02
N ASP D 37 -20.25 4.30 -40.04
CA ASP D 37 -19.42 5.52 -40.03
C ASP D 37 -19.28 6.09 -38.62
N GLU D 38 -20.36 6.22 -37.86
CA GLU D 38 -20.35 6.97 -36.57
C GLU D 38 -21.35 6.32 -35.60
N PRO D 39 -20.99 5.15 -34.99
CA PRO D 39 -21.94 4.39 -34.18
C PRO D 39 -22.56 5.22 -33.04
N VAL D 40 -21.75 6.04 -32.39
CA VAL D 40 -22.27 6.98 -31.36
C VAL D 40 -22.18 8.41 -31.90
N SER D 41 -23.33 9.02 -32.12
CA SER D 41 -23.41 10.33 -32.78
C SER D 41 -24.16 11.26 -31.84
N ARG D 42 -23.92 12.53 -31.96
CA ARG D 42 -24.72 13.50 -31.18
C ARG D 42 -26.04 13.76 -31.90
N VAL D 43 -27.04 14.17 -31.16
CA VAL D 43 -28.39 14.33 -31.73
C VAL D 43 -29.19 15.24 -30.82
N ARG D 44 -30.19 15.92 -31.35
CA ARG D 44 -31.03 16.83 -30.53
C ARG D 44 -32.41 16.21 -30.41
N LEU D 45 -32.83 15.92 -29.19
CA LEU D 45 -34.12 15.23 -28.95
C LEU D 45 -35.27 16.21 -29.07
N PRO D 46 -36.50 15.73 -29.30
CA PRO D 46 -37.66 16.59 -29.46
C PRO D 46 -37.97 17.44 -28.23
N TYR D 47 -37.78 16.89 -27.03
CA TYR D 47 -38.03 17.64 -25.78
C TYR D 47 -36.78 17.58 -24.89
N GLY D 48 -36.76 18.45 -23.87
CA GLY D 48 -35.62 18.57 -22.95
C GLY D 48 -34.64 19.57 -23.49
N GLU D 49 -33.56 19.83 -22.75
CA GLU D 49 -32.52 20.79 -23.16
C GLU D 49 -31.21 20.05 -23.38
N GLY D 50 -30.47 20.50 -24.39
CA GLY D 50 -29.11 20.02 -24.64
C GLY D 50 -29.07 19.03 -25.77
N THR D 51 -27.91 18.45 -26.00
CA THR D 51 -27.76 17.36 -26.97
C THR D 51 -27.70 16.08 -26.15
N ALA D 52 -27.79 14.95 -26.86
CA ALA D 52 -27.67 13.59 -26.31
C ALA D 52 -26.97 12.68 -27.33
N TRP D 53 -26.42 11.58 -26.84
CA TRP D 53 -25.73 10.56 -27.66
C TRP D 53 -26.74 9.50 -28.11
N LEU D 54 -26.64 9.07 -29.36
CA LEU D 54 -27.52 8.02 -29.90
C LEU D 54 -26.66 6.82 -30.28
N VAL D 55 -27.02 5.69 -29.67
CA VAL D 55 -26.29 4.40 -29.78
C VAL D 55 -26.98 3.56 -30.83
N THR D 56 -26.21 2.99 -31.73
CA THR D 56 -26.78 2.39 -32.94
C THR D 56 -26.31 0.97 -33.11
N ARG D 57 -25.45 0.46 -32.25
CA ARG D 57 -24.94 -0.93 -32.40
C ARG D 57 -25.18 -1.83 -31.16
N MET D 58 -24.99 -3.13 -31.34
CA MET D 58 -25.46 -4.07 -30.31
C MET D 58 -24.58 -3.90 -29.08
N SER D 59 -23.25 -3.97 -29.24
CA SER D 59 -22.30 -3.98 -28.10
C SER D 59 -22.45 -2.71 -27.25
N ASP D 60 -22.47 -1.57 -27.89
CA ASP D 60 -22.71 -0.29 -27.21
C ASP D 60 -24.07 -0.32 -26.50
N ALA D 61 -25.11 -0.76 -27.17
CA ALA D 61 -26.47 -0.76 -26.58
C ALA D 61 -26.47 -1.59 -25.31
N ARG D 62 -25.88 -2.77 -25.35
CA ARG D 62 -25.77 -3.60 -24.12
C ARG D 62 -25.04 -2.86 -22.99
N ILE D 63 -23.98 -2.11 -23.31
CA ILE D 63 -23.20 -1.34 -22.30
C ILE D 63 -24.10 -0.29 -21.68
N VAL D 64 -24.77 0.47 -22.50
CA VAL D 64 -25.60 1.57 -21.98
C VAL D 64 -26.71 1.01 -21.08
N LEU D 65 -27.31 -0.11 -21.49
CA LEU D 65 -28.51 -0.64 -20.82
C LEU D 65 -28.06 -1.42 -19.58
N GLY D 66 -26.94 -2.13 -19.71
CA GLY D 66 -26.49 -3.19 -18.79
C GLY D 66 -25.57 -2.70 -17.71
N ASP D 67 -24.75 -1.69 -17.99
CA ASP D 67 -23.71 -1.25 -17.04
C ASP D 67 -24.32 -0.27 -16.03
N SER D 68 -23.91 -0.44 -14.76
CA SER D 68 -24.42 0.27 -13.54
C SER D 68 -23.94 1.72 -13.45
N ARG D 69 -23.07 2.14 -14.36
CA ARG D 69 -22.61 3.55 -14.42
C ARG D 69 -23.66 4.45 -15.07
N PHE D 70 -24.69 3.91 -15.73
CA PHE D 70 -25.78 4.73 -16.30
C PHE D 70 -27.00 4.71 -15.38
N SER D 71 -27.63 5.86 -15.21
CA SER D 71 -28.84 5.99 -14.38
C SER D 71 -30.05 6.43 -15.19
N THR D 72 -31.17 5.76 -14.99
CA THR D 72 -32.48 6.15 -15.55
C THR D 72 -33.14 7.17 -14.65
N ALA D 73 -32.90 7.11 -13.34
CA ALA D 73 -33.52 8.02 -12.35
C ALA D 73 -33.17 9.46 -12.69
N ALA D 74 -31.93 9.70 -13.10
CA ALA D 74 -31.44 11.03 -13.50
C ALA D 74 -32.32 11.61 -14.61
N ALA D 75 -32.83 10.80 -15.52
CA ALA D 75 -33.61 11.32 -16.67
C ALA D 75 -34.93 11.98 -16.25
N THR D 76 -35.38 11.80 -15.00
CA THR D 76 -36.59 12.48 -14.47
C THR D 76 -36.48 14.01 -14.46
N ASP D 77 -35.27 14.56 -14.47
CA ASP D 77 -35.06 16.03 -14.50
C ASP D 77 -35.66 16.57 -15.80
N PRO D 78 -36.64 17.51 -15.71
CA PRO D 78 -37.27 18.09 -16.89
C PRO D 78 -36.32 18.75 -17.91
N ALA D 79 -35.12 19.15 -17.46
CA ALA D 79 -34.07 19.69 -18.35
C ALA D 79 -33.51 18.56 -19.23
N THR D 80 -33.53 17.33 -18.70
CA THR D 80 -32.92 16.16 -19.36
C THR D 80 -33.63 15.89 -20.67
N PRO D 81 -32.89 15.64 -21.77
CA PRO D 81 -33.50 15.31 -23.05
C PRO D 81 -34.40 14.07 -22.94
N ARG D 82 -35.43 14.01 -23.78
CA ARG D 82 -36.40 12.90 -23.81
C ARG D 82 -37.22 12.90 -25.09
N MET D 83 -37.74 11.71 -25.48
CA MET D 83 -38.46 11.50 -26.75
C MET D 83 -39.86 12.04 -26.63
N PHE D 84 -40.41 12.14 -25.43
CA PHE D 84 -41.85 12.40 -25.23
C PHE D 84 -42.02 13.73 -24.53
N PRO D 85 -43.21 14.36 -24.62
CA PRO D 85 -43.42 15.71 -24.11
C PRO D 85 -43.49 15.84 -22.57
N THR D 86 -44.31 15.09 -21.88
CA THR D 86 -44.35 15.14 -20.41
C THR D 86 -43.02 14.63 -19.86
N PRO D 87 -42.39 15.35 -18.90
CA PRO D 87 -41.26 14.78 -18.15
C PRO D 87 -41.64 13.47 -17.46
N PRO D 88 -40.73 12.49 -17.34
CA PRO D 88 -41.08 11.17 -16.82
C PRO D 88 -41.52 11.29 -15.36
N GLU D 89 -42.46 10.45 -14.92
CA GLU D 89 -42.83 10.36 -13.48
C GLU D 89 -41.73 9.60 -12.76
N PRO D 90 -41.22 10.09 -11.60
CA PRO D 90 -40.09 9.43 -10.92
C PRO D 90 -40.48 8.05 -10.37
N ASP D 91 -41.79 7.86 -10.21
CA ASP D 91 -42.41 6.63 -9.67
C ASP D 91 -42.19 5.50 -10.68
N GLY D 92 -42.27 5.81 -11.97
CA GLY D 92 -42.14 4.86 -13.08
C GLY D 92 -41.02 3.86 -12.82
N VAL D 93 -41.29 2.59 -12.99
CA VAL D 93 -40.30 1.55 -12.70
C VAL D 93 -39.12 1.82 -13.61
N LEU D 94 -39.40 2.35 -14.79
CA LEU D 94 -38.32 2.56 -15.75
C LEU D 94 -37.38 3.61 -15.16
N ALA D 95 -37.91 4.59 -14.43
CA ALA D 95 -37.16 5.70 -13.81
C ALA D 95 -36.54 5.31 -12.47
N GLN D 96 -36.84 4.12 -11.96
CA GLN D 96 -36.18 3.55 -10.75
C GLN D 96 -34.72 3.17 -11.01
N ASP D 97 -33.86 3.55 -10.05
CA ASP D 97 -32.43 3.18 -10.01
C ASP D 97 -32.14 2.18 -8.90
N PRO D 98 -31.08 1.36 -9.00
CA PRO D 98 -30.72 0.48 -7.89
C PRO D 98 -30.39 1.26 -6.62
N PRO D 99 -30.56 0.66 -5.43
CA PRO D 99 -31.00 -0.71 -5.27
C PRO D 99 -32.52 -0.84 -5.07
N ASP D 100 -33.25 0.27 -4.95
CA ASP D 100 -34.73 0.23 -4.77
C ASP D 100 -35.36 -0.56 -5.91
N HIS D 101 -34.99 -0.18 -7.14
CA HIS D 101 -35.39 -0.88 -8.37
C HIS D 101 -35.12 -2.37 -8.20
N THR D 102 -33.90 -2.72 -7.79
CA THR D 102 -33.47 -4.12 -7.72
C THR D 102 -34.42 -4.88 -6.81
N ARG D 103 -34.85 -4.23 -5.73
CA ARG D 103 -35.78 -4.83 -4.74
C ARG D 103 -37.07 -5.17 -5.48
N LEU D 104 -37.67 -4.18 -6.10
CA LEU D 104 -38.93 -4.36 -6.85
C LEU D 104 -38.80 -5.59 -7.74
N ARG D 105 -37.77 -5.61 -8.59
CA ARG D 105 -37.57 -6.67 -9.60
C ARG D 105 -37.42 -8.02 -8.92
N ARG D 106 -36.69 -8.04 -7.82
CA ARG D 106 -36.42 -9.27 -7.05
C ARG D 106 -37.75 -9.91 -6.58
N LEU D 107 -38.61 -9.10 -5.98
CA LEU D 107 -39.87 -9.52 -5.30
C LEU D 107 -40.90 -9.90 -6.32
N VAL D 108 -41.12 -9.02 -7.30
CA VAL D 108 -42.05 -9.31 -8.40
C VAL D 108 -41.53 -10.50 -9.22
N GLY D 109 -40.22 -10.59 -9.43
CA GLY D 109 -39.60 -11.71 -10.14
C GLY D 109 -39.91 -13.04 -9.52
N LYS D 110 -40.16 -13.09 -8.23
CA LYS D 110 -40.37 -14.38 -7.54
C LYS D 110 -41.65 -14.97 -8.06
N ALA D 111 -42.66 -14.11 -8.18
CA ALA D 111 -44.01 -14.47 -8.66
C ALA D 111 -44.02 -14.61 -10.19
N PHE D 112 -43.51 -13.62 -10.89
CA PHE D 112 -43.61 -13.56 -12.35
C PHE D 112 -42.60 -14.52 -12.97
N THR D 113 -42.50 -15.75 -12.46
CA THR D 113 -41.65 -16.80 -13.09
C THR D 113 -42.05 -17.15 -14.53
N ALA D 114 -41.13 -17.71 -15.29
CA ALA D 114 -41.43 -18.19 -16.65
C ALA D 114 -42.39 -19.36 -16.50
N ARG D 115 -42.24 -20.10 -15.40
CA ARG D 115 -43.08 -21.29 -15.12
C ARG D 115 -44.52 -20.84 -14.97
N ARG D 116 -44.74 -19.77 -14.22
CA ARG D 116 -46.11 -19.30 -14.02
C ARG D 116 -46.76 -18.95 -15.35
N VAL D 117 -46.00 -18.31 -16.23
CA VAL D 117 -46.52 -17.82 -17.55
C VAL D 117 -46.91 -19.06 -18.36
N GLU D 118 -46.00 -20.01 -18.52
CA GLU D 118 -46.29 -21.19 -19.35
C GLU D 118 -47.58 -21.83 -18.89
N GLU D 119 -47.83 -21.86 -17.59
CA GLU D 119 -49.03 -22.52 -17.06
C GLU D 119 -50.28 -21.75 -17.49
N MET D 120 -50.15 -20.48 -17.87
CA MET D 120 -51.32 -19.70 -18.35
C MET D 120 -51.74 -20.22 -19.72
N ARG D 121 -50.85 -20.90 -20.45
CA ARG D 121 -51.00 -21.12 -21.92
C ARG D 121 -52.37 -21.70 -22.27
N PRO D 122 -52.79 -22.81 -21.63
CA PRO D 122 -54.13 -23.34 -21.80
C PRO D 122 -55.30 -22.35 -21.67
N ARG D 123 -55.33 -21.51 -20.63
CA ARG D 123 -56.36 -20.45 -20.47
C ARG D 123 -56.24 -19.41 -21.60
N VAL D 124 -55.02 -19.05 -21.97
CA VAL D 124 -54.77 -18.08 -23.07
C VAL D 124 -55.23 -18.66 -24.41
N ARG D 125 -54.96 -19.95 -24.68
CA ARG D 125 -55.44 -20.60 -25.93
C ARG D 125 -56.97 -20.52 -26.08
N SER D 126 -57.71 -20.85 -25.02
CA SER D 126 -59.19 -20.77 -24.94
C SER D 126 -59.63 -19.34 -25.20
N LEU D 127 -58.87 -18.36 -24.71
CA LEU D 127 -59.22 -16.94 -24.82
C LEU D 127 -59.19 -16.48 -26.29
N VAL D 128 -58.15 -16.86 -27.04
CA VAL D 128 -57.92 -16.46 -28.46
C VAL D 128 -58.99 -17.12 -29.31
N ASP D 129 -59.26 -18.38 -29.02
CA ASP D 129 -60.28 -19.16 -29.74
C ASP D 129 -61.59 -18.43 -29.68
N SER D 130 -61.99 -18.02 -28.48
CA SER D 130 -63.25 -17.29 -28.27
C SER D 130 -63.26 -16.03 -29.14
N LEU D 131 -62.16 -15.29 -29.11
CA LEU D 131 -62.05 -14.03 -29.88
C LEU D 131 -62.22 -14.36 -31.37
N LEU D 132 -61.49 -15.36 -31.87
CA LEU D 132 -61.56 -15.72 -33.30
C LEU D 132 -62.98 -16.17 -33.65
N ASP D 133 -63.64 -16.89 -32.74
CA ASP D 133 -65.04 -17.35 -32.93
C ASP D 133 -65.86 -16.11 -33.22
N ASP D 134 -65.66 -15.03 -32.45
CA ASP D 134 -66.41 -13.77 -32.64
C ASP D 134 -66.15 -13.23 -34.04
N MET D 135 -64.89 -13.36 -34.50
CA MET D 135 -64.51 -12.89 -35.85
C MET D 135 -65.22 -13.72 -36.91
N VAL D 136 -65.30 -15.04 -36.74
CA VAL D 136 -65.92 -15.96 -37.73
C VAL D 136 -67.44 -15.69 -37.77
N ALA D 137 -68.08 -15.36 -36.64
CA ALA D 137 -69.49 -14.83 -36.55
C ALA D 137 -69.65 -13.56 -37.42
N HIS D 138 -68.73 -12.62 -37.30
CA HIS D 138 -68.76 -11.42 -38.14
C HIS D 138 -68.66 -11.78 -39.63
N GLY D 139 -67.88 -12.81 -39.96
CA GLY D 139 -67.64 -13.23 -41.35
C GLY D 139 -66.55 -12.43 -42.03
N SER D 140 -65.88 -13.09 -42.98
CA SER D 140 -64.78 -12.51 -43.79
C SER D 140 -65.39 -11.47 -44.71
N PRO D 141 -64.72 -10.32 -44.89
CA PRO D 141 -63.49 -9.98 -44.22
C PRO D 141 -63.81 -9.16 -42.96
N ALA D 142 -62.84 -9.08 -42.04
CA ALA D 142 -63.01 -8.40 -40.74
C ALA D 142 -61.72 -7.71 -40.31
N ASP D 143 -61.87 -6.75 -39.42
CA ASP D 143 -60.73 -5.98 -38.89
C ASP D 143 -60.04 -6.80 -37.80
N LEU D 144 -58.90 -7.39 -38.12
CA LEU D 144 -58.17 -8.23 -37.12
C LEU D 144 -57.78 -7.40 -35.90
N VAL D 145 -57.58 -6.09 -36.07
CA VAL D 145 -57.32 -5.19 -34.92
C VAL D 145 -58.50 -5.26 -33.96
N GLU D 146 -59.71 -4.99 -34.45
CA GLU D 146 -60.89 -4.89 -33.55
C GLU D 146 -61.15 -6.23 -32.86
N PHE D 147 -61.01 -7.35 -33.56
CA PHE D 147 -61.43 -8.68 -33.04
C PHE D 147 -60.29 -9.41 -32.33
N LEU D 148 -59.04 -9.21 -32.72
CA LEU D 148 -57.95 -9.95 -32.06
C LEU D 148 -57.04 -9.01 -31.26
N ALA D 149 -56.28 -8.18 -31.97
CA ALA D 149 -55.14 -7.44 -31.39
C ALA D 149 -55.55 -6.62 -30.19
N VAL D 150 -56.68 -5.93 -30.23
CA VAL D 150 -57.02 -4.96 -29.15
C VAL D 150 -57.52 -5.68 -27.92
N PRO D 151 -58.55 -6.54 -28.03
CA PRO D 151 -59.13 -7.17 -26.85
C PRO D 151 -58.18 -8.18 -26.22
N PHE D 152 -57.31 -8.83 -26.99
CA PHE D 152 -56.59 -10.03 -26.50
C PHE D 152 -55.62 -9.65 -25.36
N PRO D 153 -54.72 -8.68 -25.54
CA PRO D 153 -53.72 -8.42 -24.48
C PRO D 153 -54.39 -8.07 -23.14
N VAL D 154 -55.43 -7.24 -23.15
CA VAL D 154 -56.00 -6.79 -21.84
C VAL D 154 -56.55 -8.03 -21.13
N ALA D 155 -57.27 -8.90 -21.86
CA ALA D 155 -57.78 -10.16 -21.30
C ALA D 155 -56.60 -10.97 -20.72
N VAL D 156 -55.47 -11.04 -21.42
CA VAL D 156 -54.37 -11.93 -20.98
C VAL D 156 -53.88 -11.41 -19.63
N ILE D 157 -53.79 -10.10 -19.50
CA ILE D 157 -53.27 -9.43 -18.27
C ILE D 157 -54.28 -9.65 -17.13
N CYS D 158 -55.58 -9.65 -17.44
CA CYS D 158 -56.62 -9.91 -16.42
C CYS D 158 -56.48 -11.33 -15.89
N GLU D 159 -56.27 -12.28 -16.77
CA GLU D 159 -55.97 -13.70 -16.41
C GLU D 159 -54.74 -13.76 -15.49
N LEU D 160 -53.74 -12.95 -15.78
CA LEU D 160 -52.49 -12.90 -15.00
C LEU D 160 -52.79 -12.32 -13.60
N LEU D 161 -53.64 -11.32 -13.51
CA LEU D 161 -53.93 -10.68 -12.21
C LEU D 161 -55.13 -11.32 -11.51
N GLY D 162 -55.77 -12.31 -12.14
CA GLY D 162 -56.90 -13.06 -11.56
C GLY D 162 -58.14 -12.20 -11.42
N VAL D 163 -58.28 -11.19 -12.25
CA VAL D 163 -59.49 -10.35 -12.19
C VAL D 163 -60.69 -11.26 -12.48
N PRO D 164 -61.82 -11.11 -11.74
CA PRO D 164 -63.05 -11.82 -12.10
C PRO D 164 -63.67 -11.28 -13.39
N LEU D 165 -64.43 -12.11 -14.09
CA LEU D 165 -64.88 -11.80 -15.48
C LEU D 165 -65.82 -10.58 -15.50
N GLU D 166 -66.63 -10.43 -14.46
CA GLU D 166 -67.59 -9.31 -14.32
C GLU D 166 -66.85 -7.97 -14.33
N ASP D 167 -65.62 -7.92 -13.81
CA ASP D 167 -64.91 -6.64 -13.55
C ASP D 167 -63.93 -6.28 -14.66
N ARG D 168 -63.78 -7.11 -15.69
CA ARG D 168 -62.76 -6.90 -16.75
C ARG D 168 -63.15 -5.71 -17.65
N ASP D 169 -64.44 -5.39 -17.71
CA ASP D 169 -64.93 -4.14 -18.34
C ASP D 169 -64.09 -2.96 -17.85
N LEU D 170 -63.91 -2.86 -16.54
CA LEU D 170 -63.22 -1.71 -15.90
C LEU D 170 -61.82 -1.54 -16.47
N PHE D 171 -61.12 -2.66 -16.65
CA PHE D 171 -59.71 -2.71 -17.08
C PHE D 171 -59.56 -2.20 -18.51
N ARG D 172 -60.45 -2.62 -19.40
CA ARG D 172 -60.47 -2.11 -20.80
C ARG D 172 -60.51 -0.58 -20.75
N THR D 173 -61.46 -0.02 -20.00
CA THR D 173 -61.76 1.43 -19.98
C THR D 173 -60.51 2.16 -19.53
N PHE D 174 -59.88 1.63 -18.49
CA PHE D 174 -58.64 2.20 -17.93
C PHE D 174 -57.50 2.14 -18.96
N SER D 175 -57.24 0.99 -19.61
CA SER D 175 -56.13 0.85 -20.59
C SER D 175 -56.33 1.81 -21.78
N ASP D 176 -57.55 1.88 -22.32
CA ASP D 176 -57.90 2.82 -23.42
C ASP D 176 -57.68 4.27 -22.98
N ALA D 177 -58.09 4.58 -21.74
CA ALA D 177 -58.04 5.96 -21.18
C ALA D 177 -56.59 6.39 -20.98
N MET D 178 -55.77 5.47 -20.47
CA MET D 178 -54.30 5.66 -20.34
C MET D 178 -53.70 5.44 -21.72
N LEU D 179 -53.85 6.35 -22.67
CA LEU D 179 -53.18 6.13 -23.97
C LEU D 179 -53.03 7.46 -24.68
N SER D 180 -51.88 7.65 -25.30
CA SER D 180 -51.59 8.96 -25.95
C SER D 180 -52.62 9.23 -27.04
N SER D 181 -53.15 10.46 -27.07
CA SER D 181 -54.14 10.92 -28.08
C SER D 181 -55.34 9.97 -28.13
N THR D 182 -55.84 9.50 -26.99
CA THR D 182 -56.99 8.54 -26.98
C THR D 182 -57.88 8.81 -25.77
N ARG D 183 -59.21 8.63 -25.91
CA ARG D 183 -60.16 8.79 -24.79
C ARG D 183 -59.93 10.13 -24.09
N LEU D 184 -60.01 11.23 -24.84
CA LEU D 184 -59.61 12.54 -24.25
C LEU D 184 -60.72 13.25 -23.45
N THR D 185 -60.71 13.05 -22.13
CA THR D 185 -61.52 13.86 -21.18
C THR D 185 -60.53 14.25 -20.08
N ALA D 186 -60.09 15.51 -20.05
CA ALA D 186 -59.01 15.87 -19.11
C ALA D 186 -59.42 15.53 -17.65
N ALA D 187 -60.58 16.00 -17.19
CA ALA D 187 -61.15 15.76 -15.83
C ALA D 187 -61.84 14.39 -15.72
N GLU D 188 -62.44 13.94 -16.84
CA GLU D 188 -63.20 12.66 -16.91
C GLU D 188 -62.21 11.49 -16.86
N ILE D 189 -61.06 11.57 -17.57
CA ILE D 189 -59.96 10.53 -17.58
C ILE D 189 -59.39 10.42 -16.17
N GLN D 190 -59.25 11.56 -15.52
CA GLN D 190 -58.73 11.71 -14.14
C GLN D 190 -59.65 10.95 -13.17
N ARG D 191 -60.96 11.03 -13.40
CA ARG D 191 -62.02 10.31 -12.65
C ARG D 191 -61.82 8.79 -12.79
N VAL D 192 -61.66 8.30 -14.02
CA VAL D 192 -61.45 6.86 -14.32
C VAL D 192 -60.28 6.33 -13.53
N GLN D 193 -59.19 7.10 -13.54
CA GLN D 193 -57.89 6.69 -12.96
C GLN D 193 -58.13 6.44 -11.47
N GLN D 194 -58.79 7.39 -10.82
CA GLN D 194 -59.07 7.30 -9.37
C GLN D 194 -59.99 6.09 -9.12
N ASP D 195 -61.07 5.94 -9.89
CA ASP D 195 -62.07 4.85 -9.75
C ASP D 195 -61.37 3.48 -9.86
N PHE D 196 -60.54 3.34 -10.88
CA PHE D 196 -59.70 2.14 -11.09
C PHE D 196 -58.81 1.88 -9.87
N MET D 197 -58.14 2.94 -9.42
CA MET D 197 -57.17 2.86 -8.31
C MET D 197 -57.87 2.25 -7.10
N VAL D 198 -59.04 2.79 -6.73
CA VAL D 198 -59.78 2.27 -5.54
C VAL D 198 -60.14 0.79 -5.77
N TYR D 199 -60.51 0.42 -7.01
CA TYR D 199 -60.83 -0.99 -7.34
C TYR D 199 -59.61 -1.86 -7.01
N MET D 200 -58.43 -1.48 -7.53
CA MET D 200 -57.18 -2.26 -7.35
C MET D 200 -56.92 -2.44 -5.85
N ASP D 201 -57.00 -1.35 -5.09
CA ASP D 201 -56.84 -1.32 -3.60
C ASP D 201 -57.65 -2.42 -2.94
N GLY D 202 -58.93 -2.46 -3.30
CA GLY D 202 -59.89 -3.48 -2.82
C GLY D 202 -59.44 -4.87 -3.21
N LEU D 203 -59.01 -5.01 -4.47
CA LEU D 203 -58.62 -6.32 -5.04
C LEU D 203 -57.44 -6.85 -4.23
N VAL D 204 -56.47 -5.99 -4.00
CA VAL D 204 -55.22 -6.42 -3.32
C VAL D 204 -55.60 -6.82 -1.89
N ALA D 205 -56.42 -6.00 -1.23
CA ALA D 205 -56.92 -6.25 0.13
C ALA D 205 -57.55 -7.65 0.18
N GLN D 206 -58.45 -7.94 -0.76
CA GLN D 206 -59.12 -9.27 -0.88
C GLN D 206 -58.06 -10.36 -0.90
N ARG D 207 -56.93 -10.11 -1.56
CA ARG D 207 -55.86 -11.12 -1.77
C ARG D 207 -55.09 -11.33 -0.48
N ARG D 208 -54.95 -10.23 0.28
CA ARG D 208 -54.27 -10.24 1.59
C ARG D 208 -55.11 -11.07 2.55
N ASP D 209 -56.44 -10.85 2.55
CA ASP D 209 -57.42 -11.65 3.33
C ASP D 209 -57.25 -13.12 2.94
N ALA D 210 -57.48 -13.42 1.65
CA ALA D 210 -57.54 -14.79 1.13
C ALA D 210 -56.56 -14.90 -0.02
N PRO D 211 -55.55 -15.78 0.09
CA PRO D 211 -54.54 -15.89 -0.96
C PRO D 211 -55.18 -16.54 -2.18
N THR D 212 -54.77 -16.12 -3.36
CA THR D 212 -55.25 -16.62 -4.65
C THR D 212 -54.06 -17.27 -5.33
N GLU D 213 -54.29 -18.07 -6.37
CA GLU D 213 -53.20 -18.68 -7.17
C GLU D 213 -52.74 -17.71 -8.28
N ASP D 214 -53.33 -16.52 -8.42
CA ASP D 214 -52.92 -15.53 -9.45
C ASP D 214 -51.67 -14.78 -8.98
N LEU D 215 -51.04 -13.99 -9.85
CA LEU D 215 -49.80 -13.24 -9.53
C LEU D 215 -50.03 -12.25 -8.37
N LEU D 216 -51.11 -11.46 -8.38
CA LEU D 216 -51.44 -10.60 -7.21
C LEU D 216 -51.46 -11.44 -5.92
N GLY D 217 -52.17 -12.56 -5.92
CA GLY D 217 -52.20 -13.48 -4.78
C GLY D 217 -50.77 -13.79 -4.35
N ALA D 218 -49.90 -14.18 -5.28
CA ALA D 218 -48.53 -14.61 -4.90
C ALA D 218 -47.82 -13.43 -4.27
N LEU D 219 -48.01 -12.24 -4.82
CA LEU D 219 -47.32 -11.06 -4.28
C LEU D 219 -47.88 -10.71 -2.90
N ALA D 220 -49.15 -11.02 -2.65
CA ALA D 220 -49.85 -10.65 -1.41
C ALA D 220 -49.31 -11.48 -0.25
N LEU D 221 -48.91 -12.72 -0.50
CA LEU D 221 -48.53 -13.61 0.62
C LEU D 221 -47.24 -13.08 1.29
N ALA D 222 -47.20 -13.18 2.64
CA ALA D 222 -46.09 -12.78 3.53
C ALA D 222 -45.58 -13.95 4.40
N THR D 223 -44.28 -14.29 4.25
CA THR D 223 -43.49 -15.13 5.19
C THR D 223 -43.23 -14.29 6.43
N ASP D 224 -42.81 -14.91 7.52
CA ASP D 224 -42.91 -14.27 8.86
C ASP D 224 -41.95 -13.08 8.96
N ASN D 225 -40.68 -13.35 8.70
CA ASN D 225 -39.56 -12.37 8.79
C ASN D 225 -38.94 -12.29 7.40
N ASP D 226 -39.72 -11.84 6.43
CA ASP D 226 -39.29 -11.97 5.02
C ASP D 226 -39.71 -10.75 4.21
N ASP D 227 -39.10 -10.73 3.04
CA ASP D 227 -39.16 -9.64 2.05
C ASP D 227 -40.45 -9.82 1.27
N HIS D 228 -41.27 -8.79 1.25
CA HIS D 228 -42.48 -8.76 0.41
C HIS D 228 -42.79 -7.30 0.11
N LEU D 229 -43.79 -7.06 -0.74
CA LEU D 229 -44.11 -5.70 -1.20
C LEU D 229 -45.19 -5.07 -0.33
N THR D 230 -45.16 -3.73 -0.24
CA THR D 230 -46.26 -2.95 0.39
C THR D 230 -47.52 -3.36 -0.36
N LYS D 231 -48.66 -3.36 0.31
CA LYS D 231 -49.93 -3.38 -0.40
C LYS D 231 -49.95 -2.26 -1.47
N GLY D 232 -49.58 -1.03 -1.11
CA GLY D 232 -49.59 0.09 -2.06
C GLY D 232 -48.66 -0.16 -3.24
N GLU D 233 -47.49 -0.78 -2.97
CA GLU D 233 -46.44 -1.17 -3.97
C GLU D 233 -47.00 -2.24 -4.92
N ILE D 234 -47.77 -3.18 -4.41
CA ILE D 234 -48.46 -4.20 -5.22
C ILE D 234 -49.49 -3.52 -6.11
N VAL D 235 -50.28 -2.62 -5.55
CA VAL D 235 -51.31 -1.94 -6.35
C VAL D 235 -50.61 -1.25 -7.51
N ASN D 236 -49.62 -0.40 -7.22
CA ASN D 236 -48.88 0.40 -8.23
C ASN D 236 -48.17 -0.51 -9.26
N MET D 237 -47.69 -1.68 -8.86
CA MET D 237 -47.03 -2.65 -9.79
C MET D 237 -48.08 -3.22 -10.75
N GLY D 238 -49.29 -3.54 -10.27
CA GLY D 238 -50.38 -4.08 -11.10
C GLY D 238 -50.74 -3.11 -12.21
N VAL D 239 -50.85 -1.84 -11.88
CA VAL D 239 -51.10 -0.76 -12.86
C VAL D 239 -49.87 -0.72 -13.80
N SER D 240 -48.65 -0.78 -13.28
CA SER D 240 -47.44 -0.65 -14.14
C SER D 240 -47.47 -1.75 -15.18
N LEU D 241 -47.86 -2.96 -14.77
CA LEU D 241 -47.88 -4.14 -15.65
C LEU D 241 -48.98 -4.01 -16.69
N LEU D 242 -50.14 -3.52 -16.29
CA LEU D 242 -51.24 -3.37 -17.25
C LEU D 242 -50.83 -2.41 -18.37
N ILE D 243 -50.33 -1.24 -18.02
CA ILE D 243 -50.04 -0.17 -19.01
C ILE D 243 -48.86 -0.55 -19.93
N ALA D 244 -47.75 -1.00 -19.36
CA ALA D 244 -46.53 -1.32 -20.13
C ALA D 244 -46.79 -2.45 -21.11
N GLY D 245 -47.61 -3.42 -20.71
CA GLY D 245 -47.85 -4.65 -21.50
C GLY D 245 -48.91 -4.47 -22.59
N HIS D 246 -49.77 -3.46 -22.44
CA HIS D 246 -50.94 -3.24 -23.32
C HIS D 246 -50.53 -2.63 -24.66
N GLU D 247 -49.96 -1.42 -24.67
CA GLU D 247 -49.71 -0.69 -25.95
C GLU D 247 -48.76 -1.50 -26.81
N THR D 248 -47.65 -1.95 -26.23
CA THR D 248 -46.64 -2.75 -26.93
C THR D 248 -47.24 -4.02 -27.58
N SER D 249 -47.94 -4.84 -26.81
CA SER D 249 -48.52 -6.14 -27.26
C SER D 249 -49.59 -5.91 -28.34
N VAL D 250 -50.53 -4.99 -28.10
CA VAL D 250 -51.61 -4.67 -29.05
C VAL D 250 -51.06 -4.43 -30.45
N ASN D 251 -50.07 -3.55 -30.60
CA ASN D 251 -49.47 -3.17 -31.90
C ASN D 251 -48.57 -4.29 -32.43
N GLN D 252 -47.87 -4.97 -31.54
CA GLN D 252 -46.89 -5.99 -31.94
C GLN D 252 -47.63 -7.10 -32.69
N ILE D 253 -48.81 -7.50 -32.20
CA ILE D 253 -49.63 -8.57 -32.84
C ILE D 253 -49.79 -8.20 -34.32
N THR D 254 -50.45 -7.08 -34.49
CA THR D 254 -50.73 -6.46 -35.79
C THR D 254 -49.46 -6.45 -36.65
N ASN D 255 -48.34 -6.05 -36.08
CA ASN D 255 -47.09 -5.85 -36.84
C ASN D 255 -46.58 -7.19 -37.32
N LEU D 256 -46.77 -8.24 -36.53
CA LEU D 256 -46.25 -9.58 -36.94
C LEU D 256 -47.13 -10.06 -38.08
N VAL D 257 -48.42 -9.85 -37.92
CA VAL D 257 -49.37 -10.32 -38.94
C VAL D 257 -49.07 -9.58 -40.24
N HIS D 258 -48.84 -8.29 -40.16
CA HIS D 258 -48.43 -7.53 -41.36
C HIS D 258 -47.21 -8.17 -42.05
N LEU D 259 -46.14 -8.45 -41.32
CA LEU D 259 -44.93 -9.05 -41.91
C LEU D 259 -45.28 -10.39 -42.57
N LEU D 260 -46.17 -11.14 -41.93
CA LEU D 260 -46.49 -12.53 -42.35
C LEU D 260 -47.26 -12.59 -43.68
N LEU D 261 -48.19 -11.66 -43.86
CA LEU D 261 -49.10 -11.58 -45.03
C LEU D 261 -48.45 -10.81 -46.19
N THR D 262 -47.76 -9.69 -45.95
CA THR D 262 -47.24 -8.83 -47.04
C THR D 262 -46.25 -9.61 -47.88
N GLU D 263 -45.56 -10.55 -47.27
CA GLU D 263 -44.88 -11.60 -48.04
C GLU D 263 -45.44 -12.91 -47.53
N ARG D 264 -46.45 -13.39 -48.24
CA ARG D 264 -47.31 -14.49 -47.77
C ARG D 264 -46.58 -15.81 -47.80
N LYS D 265 -45.41 -15.86 -48.43
CA LYS D 265 -44.51 -17.03 -48.38
C LYS D 265 -44.18 -17.37 -46.91
N ARG D 266 -44.04 -16.34 -46.08
CA ARG D 266 -43.71 -16.45 -44.63
C ARG D 266 -44.85 -17.10 -43.83
N TYR D 267 -46.07 -16.57 -43.96
CA TYR D 267 -47.26 -17.16 -43.31
C TYR D 267 -47.42 -18.62 -43.73
N GLU D 268 -47.31 -18.91 -45.02
CA GLU D 268 -47.41 -20.28 -45.55
C GLU D 268 -46.36 -21.18 -44.88
N SER D 269 -45.20 -20.63 -44.58
CA SER D 269 -44.10 -21.38 -43.95
C SER D 269 -44.51 -21.85 -42.52
N LEU D 270 -45.30 -21.05 -41.80
CA LEU D 270 -45.85 -21.41 -40.47
C LEU D 270 -47.02 -22.38 -40.60
N VAL D 271 -47.80 -22.29 -41.66
CA VAL D 271 -48.86 -23.29 -41.93
C VAL D 271 -48.20 -24.64 -42.17
N ALA D 272 -47.15 -24.66 -42.95
CA ALA D 272 -46.44 -25.92 -43.33
C ALA D 272 -45.84 -26.58 -42.10
N ASP D 273 -45.31 -25.75 -41.22
CA ASP D 273 -44.60 -26.22 -40.02
C ASP D 273 -45.06 -25.36 -38.85
N PRO D 274 -46.10 -25.73 -38.08
CA PRO D 274 -46.61 -24.84 -37.05
C PRO D 274 -45.63 -24.76 -35.89
N ALA D 275 -44.71 -25.72 -35.80
CA ALA D 275 -43.77 -25.75 -34.67
C ALA D 275 -42.78 -24.60 -34.80
N LEU D 276 -42.66 -24.07 -36.02
CA LEU D 276 -41.76 -22.93 -36.35
C LEU D 276 -42.20 -21.63 -35.66
N VAL D 277 -43.37 -21.56 -35.04
CA VAL D 277 -43.97 -20.28 -34.59
C VAL D 277 -43.07 -19.56 -33.60
N PRO D 278 -42.68 -20.22 -32.49
CA PRO D 278 -41.85 -19.54 -31.50
C PRO D 278 -40.60 -18.89 -32.09
N ALA D 279 -39.84 -19.64 -32.91
CA ALA D 279 -38.60 -19.17 -33.58
C ALA D 279 -38.94 -17.97 -34.49
N ALA D 280 -40.03 -18.10 -35.21
CA ALA D 280 -40.51 -17.03 -36.09
C ALA D 280 -40.86 -15.78 -35.29
N VAL D 281 -41.46 -15.93 -34.10
CA VAL D 281 -41.88 -14.77 -33.23
C VAL D 281 -40.63 -14.00 -32.77
N GLU D 282 -39.56 -14.73 -32.44
CA GLU D 282 -38.26 -14.16 -32.02
C GLU D 282 -37.70 -13.36 -33.19
N GLU D 283 -37.70 -13.97 -34.38
CA GLU D 283 -37.16 -13.27 -35.57
C GLU D 283 -37.93 -11.96 -35.82
N MET D 284 -39.26 -12.02 -35.77
CA MET D 284 -40.12 -10.86 -36.02
C MET D 284 -39.99 -9.84 -34.91
N LEU D 285 -39.70 -10.24 -33.67
CA LEU D 285 -39.48 -9.28 -32.55
C LEU D 285 -38.25 -8.41 -32.87
N ARG D 286 -37.22 -9.07 -33.41
CA ARG D 286 -35.96 -8.40 -33.74
C ARG D 286 -36.23 -7.46 -34.89
N TYR D 287 -36.94 -7.98 -35.89
CA TYR D 287 -37.09 -7.34 -37.21
C TYR D 287 -37.94 -6.08 -37.09
N THR D 288 -38.99 -6.14 -36.28
CA THR D 288 -40.00 -5.08 -36.14
C THR D 288 -39.46 -3.95 -35.29
N PRO D 289 -39.41 -2.72 -35.83
CA PRO D 289 -39.17 -1.55 -35.02
C PRO D 289 -40.46 -1.11 -34.32
N LEU D 290 -40.88 -1.89 -33.32
CA LEU D 290 -42.06 -1.54 -32.51
C LEU D 290 -41.84 -0.18 -31.83
N VAL D 291 -40.64 0.06 -31.31
CA VAL D 291 -40.30 1.41 -30.78
C VAL D 291 -39.67 2.19 -31.91
N SER D 292 -40.41 3.18 -32.44
CA SER D 292 -40.04 3.95 -33.66
C SER D 292 -38.88 4.88 -33.32
N ALA D 293 -38.99 5.44 -32.13
CA ALA D 293 -38.01 6.41 -31.60
C ALA D 293 -36.86 5.68 -30.87
N GLY D 294 -36.06 6.46 -30.17
CA GLY D 294 -35.04 5.88 -29.27
C GLY D 294 -35.68 5.40 -27.99
N SER D 295 -34.82 5.07 -27.05
CA SER D 295 -35.23 4.41 -25.79
C SER D 295 -35.62 5.48 -24.77
N PHE D 296 -36.02 5.08 -23.59
CA PHE D 296 -36.00 5.96 -22.40
C PHE D 296 -34.55 6.33 -22.11
N VAL D 297 -34.31 7.54 -21.63
CA VAL D 297 -32.92 8.09 -21.61
C VAL D 297 -32.09 7.48 -20.48
N ARG D 298 -30.79 7.31 -20.71
CA ARG D 298 -29.83 6.80 -19.71
C ARG D 298 -28.76 7.87 -19.48
N VAL D 299 -28.59 8.34 -18.25
CA VAL D 299 -27.59 9.40 -17.94
C VAL D 299 -26.41 8.78 -17.20
N ALA D 300 -25.21 9.10 -17.66
CA ALA D 300 -23.98 8.43 -17.19
C ALA D 300 -23.67 9.03 -15.83
N THR D 301 -23.58 8.21 -14.83
CA THR D 301 -23.08 8.61 -13.51
C THR D 301 -21.58 8.90 -13.54
N GLU D 302 -20.82 8.12 -14.31
CA GLU D 302 -19.35 8.21 -14.37
C GLU D 302 -18.92 8.15 -15.81
N ASP D 303 -17.69 8.52 -16.10
CA ASP D 303 -17.15 8.31 -17.46
C ASP D 303 -17.29 6.83 -17.85
N VAL D 304 -17.82 6.59 -19.04
CA VAL D 304 -17.90 5.23 -19.62
C VAL D 304 -17.44 5.19 -21.08
N GLU D 305 -16.77 4.11 -21.45
CA GLU D 305 -16.11 3.97 -22.75
C GLU D 305 -16.94 3.10 -23.66
N LEU D 306 -17.53 3.69 -24.69
CA LEU D 306 -18.18 2.90 -25.75
C LEU D 306 -17.19 2.57 -26.86
N SER D 307 -17.73 1.96 -27.91
CA SER D 307 -17.06 1.44 -29.12
C SER D 307 -16.13 2.49 -29.72
N THR D 308 -16.69 3.66 -29.99
CA THR D 308 -15.98 4.73 -30.73
C THR D 308 -15.86 5.99 -29.90
N VAL D 309 -16.61 6.16 -28.83
CA VAL D 309 -16.52 7.42 -28.07
C VAL D 309 -16.58 7.06 -26.59
N THR D 310 -16.16 7.97 -25.73
CA THR D 310 -16.28 7.79 -24.26
C THR D 310 -17.27 8.85 -23.77
N VAL D 311 -18.25 8.40 -23.01
CA VAL D 311 -19.37 9.24 -22.55
C VAL D 311 -18.97 9.77 -21.20
N ARG D 312 -19.10 11.07 -21.05
CA ARG D 312 -18.66 11.75 -19.82
C ARG D 312 -19.82 11.78 -18.84
N ALA D 313 -19.51 11.81 -17.56
CA ALA D 313 -20.56 11.81 -16.56
C ALA D 313 -21.50 12.99 -16.81
N GLY D 314 -22.80 12.80 -16.62
CA GLY D 314 -23.82 13.84 -16.78
C GLY D 314 -24.33 13.91 -18.20
N GLU D 315 -23.77 13.12 -19.13
CA GLU D 315 -24.16 13.17 -20.57
C GLU D 315 -25.26 12.16 -20.82
N PRO D 316 -26.36 12.56 -21.50
CA PRO D 316 -27.49 11.68 -21.74
C PRO D 316 -27.30 10.84 -23.00
N CYS D 317 -27.68 9.57 -22.91
CA CYS D 317 -27.62 8.59 -23.99
C CYS D 317 -29.02 8.09 -24.31
N VAL D 318 -29.20 7.73 -25.55
CA VAL D 318 -30.45 7.12 -26.05
C VAL D 318 -30.07 5.96 -27.00
N VAL D 319 -30.83 4.87 -26.92
CA VAL D 319 -30.59 3.66 -27.73
C VAL D 319 -31.77 3.46 -28.67
N HIS D 320 -31.48 3.08 -29.90
CA HIS D 320 -32.53 2.69 -30.85
C HIS D 320 -32.46 1.17 -30.96
N PHE D 321 -33.45 0.50 -30.35
CA PHE D 321 -33.37 -0.96 -30.17
C PHE D 321 -33.28 -1.59 -31.56
N ALA D 322 -34.18 -1.16 -32.45
CA ALA D 322 -34.36 -1.78 -33.78
C ALA D 322 -33.04 -1.76 -34.56
N SER D 323 -32.26 -0.68 -34.41
CA SER D 323 -30.96 -0.54 -35.11
C SER D 323 -30.04 -1.65 -34.64
N ALA D 324 -29.99 -1.78 -33.32
CA ALA D 324 -29.13 -2.78 -32.69
C ALA D 324 -29.47 -4.14 -33.29
N ASN D 325 -30.78 -4.37 -33.41
CA ASN D 325 -31.31 -5.66 -33.86
C ASN D 325 -30.95 -5.92 -35.33
N ARG D 326 -30.49 -4.88 -36.08
CA ARG D 326 -30.12 -5.01 -37.51
C ARG D 326 -28.61 -4.88 -37.69
N ASP D 327 -27.84 -4.86 -36.59
CA ASP D 327 -26.34 -4.85 -36.57
C ASP D 327 -25.79 -6.03 -37.38
N GLU D 328 -25.04 -5.73 -38.43
CA GLU D 328 -24.49 -6.68 -39.43
C GLU D 328 -23.36 -7.53 -38.85
N GLU D 329 -22.69 -7.05 -37.81
CA GLU D 329 -21.66 -7.79 -37.05
C GLU D 329 -22.30 -9.04 -36.43
N VAL D 330 -23.53 -8.88 -35.94
CA VAL D 330 -24.18 -9.86 -35.03
C VAL D 330 -25.00 -10.85 -35.89
N PHE D 331 -25.67 -10.34 -36.90
CA PHE D 331 -26.72 -11.05 -37.64
C PHE D 331 -26.41 -11.19 -39.15
N ASP D 332 -26.25 -12.40 -39.68
CA ASP D 332 -26.08 -12.50 -41.14
C ASP D 332 -27.33 -11.94 -41.75
N HIS D 333 -27.22 -11.32 -42.91
CA HIS D 333 -28.40 -10.84 -43.68
C HIS D 333 -29.42 -10.23 -42.72
N ALA D 334 -28.97 -9.28 -41.93
CA ALA D 334 -29.78 -8.66 -40.85
C ALA D 334 -31.07 -8.08 -41.43
N ASP D 335 -30.97 -7.45 -42.62
CA ASP D 335 -32.08 -6.78 -43.34
C ASP D 335 -33.15 -7.79 -43.79
N GLU D 336 -32.76 -9.05 -43.98
CA GLU D 336 -33.66 -10.15 -44.37
C GLU D 336 -34.34 -10.76 -43.12
N LEU D 337 -35.55 -11.33 -43.31
CA LEU D 337 -36.38 -12.01 -42.29
C LEU D 337 -36.23 -13.54 -42.40
N ASP D 338 -35.67 -14.18 -41.37
CA ASP D 338 -35.25 -15.62 -41.42
C ASP D 338 -35.80 -16.32 -40.19
N PHE D 339 -36.66 -17.31 -40.37
CA PHE D 339 -37.16 -18.12 -39.24
C PHE D 339 -36.25 -19.31 -38.94
N HIS D 340 -35.09 -19.40 -39.57
CA HIS D 340 -34.22 -20.57 -39.36
C HIS D 340 -32.84 -20.11 -38.91
N ARG D 341 -32.81 -19.14 -38.00
CA ARG D 341 -31.53 -18.68 -37.38
C ARG D 341 -31.13 -19.59 -36.22
N GLU D 342 -29.88 -20.00 -36.10
CA GLU D 342 -29.45 -20.82 -34.94
C GLU D 342 -29.54 -19.99 -33.66
N ARG D 343 -29.12 -18.74 -33.75
CA ARG D 343 -29.04 -17.85 -32.58
C ARG D 343 -29.81 -16.58 -32.90
N ASN D 344 -30.39 -15.98 -31.89
CA ASN D 344 -31.05 -14.69 -32.16
C ASN D 344 -31.02 -13.87 -30.89
N PRO D 345 -29.91 -13.13 -30.61
CA PRO D 345 -29.79 -12.39 -29.37
C PRO D 345 -30.29 -10.97 -29.53
N HIS D 346 -31.54 -10.82 -29.87
CA HIS D 346 -32.11 -9.49 -30.07
C HIS D 346 -32.38 -8.84 -28.71
N ILE D 347 -32.50 -7.53 -28.71
CA ILE D 347 -32.85 -6.74 -27.50
C ILE D 347 -34.19 -6.07 -27.76
N ALA D 348 -35.12 -6.81 -28.32
CA ALA D 348 -36.44 -6.25 -28.62
C ALA D 348 -37.10 -5.93 -27.29
N PHE D 349 -36.75 -6.72 -26.28
CA PHE D 349 -37.38 -6.60 -24.95
C PHE D 349 -36.54 -5.69 -24.09
N GLY D 350 -35.44 -5.22 -24.66
CA GLY D 350 -34.46 -4.43 -23.92
C GLY D 350 -33.35 -5.30 -23.36
N HIS D 351 -32.66 -4.75 -22.36
CA HIS D 351 -31.46 -5.40 -21.80
C HIS D 351 -31.18 -4.91 -20.40
N GLY D 352 -30.45 -5.75 -19.67
CA GLY D 352 -29.93 -5.42 -18.33
C GLY D 352 -31.03 -5.31 -17.30
N ALA D 353 -30.95 -4.29 -16.46
CA ALA D 353 -31.79 -4.18 -15.26
C ALA D 353 -33.24 -4.01 -15.68
N HIS D 354 -33.48 -3.31 -16.77
CA HIS D 354 -34.88 -2.94 -17.14
C HIS D 354 -35.48 -3.82 -18.26
N HIS D 355 -34.98 -5.05 -18.39
CA HIS D 355 -35.50 -6.04 -19.35
C HIS D 355 -36.99 -6.27 -19.11
N CYS D 356 -37.81 -6.03 -20.13
CA CYS D 356 -39.26 -6.21 -20.03
C CYS D 356 -39.55 -7.34 -19.03
N ILE D 357 -40.32 -7.07 -17.96
CA ILE D 357 -40.79 -8.15 -17.01
C ILE D 357 -41.76 -9.08 -17.73
N GLY D 358 -42.55 -8.49 -18.62
CA GLY D 358 -43.54 -9.23 -19.41
C GLY D 358 -42.94 -9.95 -20.60
N ALA D 359 -41.60 -9.99 -20.77
CA ALA D 359 -40.93 -10.62 -21.93
C ALA D 359 -41.49 -12.01 -22.17
N GLN D 360 -41.65 -12.84 -21.13
CA GLN D 360 -42.30 -14.16 -21.32
C GLN D 360 -43.79 -13.99 -21.73
N LEU D 361 -44.56 -13.20 -20.98
CA LEU D 361 -46.01 -13.09 -21.26
C LEU D 361 -46.21 -12.51 -22.67
N GLY D 362 -45.34 -11.61 -23.07
CA GLY D 362 -45.38 -11.05 -24.43
C GLY D 362 -45.19 -12.17 -25.42
N ARG D 363 -44.16 -12.97 -25.24
CA ARG D 363 -43.93 -14.08 -26.18
C ARG D 363 -45.16 -15.01 -26.22
N LEU D 364 -45.69 -15.38 -25.04
CA LEU D 364 -46.87 -16.27 -24.93
C LEU D 364 -47.98 -15.66 -25.80
N GLU D 365 -48.36 -14.41 -25.52
CA GLU D 365 -49.43 -13.71 -26.26
C GLU D 365 -49.20 -13.82 -27.77
N LEU D 366 -48.00 -13.53 -28.26
CA LEU D 366 -47.70 -13.56 -29.71
C LEU D 366 -47.75 -14.99 -30.22
N GLN D 367 -47.04 -15.90 -29.57
CA GLN D 367 -47.02 -17.32 -30.04
C GLN D 367 -48.46 -17.85 -30.13
N GLU D 368 -49.31 -17.55 -29.16
CA GLU D 368 -50.67 -18.14 -29.07
C GLU D 368 -51.61 -17.46 -30.08
N ALA D 369 -51.44 -16.16 -30.31
CA ALA D 369 -52.12 -15.49 -31.41
C ALA D 369 -51.67 -16.14 -32.73
N LEU D 370 -50.39 -16.27 -32.99
CA LEU D 370 -49.99 -16.79 -34.33
C LEU D 370 -50.47 -18.23 -34.52
N SER D 371 -50.30 -19.08 -33.52
CA SER D 371 -50.65 -20.52 -33.61
C SER D 371 -52.14 -20.69 -33.86
N ALA D 372 -52.97 -19.93 -33.14
CA ALA D 372 -54.42 -19.87 -33.34
C ALA D 372 -54.78 -19.43 -34.77
N LEU D 373 -54.14 -18.40 -35.30
CA LEU D 373 -54.44 -17.90 -36.68
C LEU D 373 -54.06 -18.98 -37.68
N VAL D 374 -52.88 -19.59 -37.53
CA VAL D 374 -52.37 -20.64 -38.46
C VAL D 374 -53.32 -21.84 -38.30
N ARG D 375 -53.72 -22.17 -37.08
CA ARG D 375 -54.61 -23.35 -36.87
C ARG D 375 -56.05 -23.17 -37.39
N ARG D 376 -56.62 -21.99 -37.23
CA ARG D 376 -58.02 -21.72 -37.63
C ARG D 376 -58.13 -21.19 -39.07
N PHE D 377 -57.11 -20.47 -39.56
CA PHE D 377 -57.15 -19.72 -40.84
C PHE D 377 -55.88 -19.93 -41.66
N PRO D 378 -55.62 -21.13 -42.20
CA PRO D 378 -54.48 -21.28 -43.10
C PRO D 378 -54.66 -20.39 -44.35
N THR D 379 -55.89 -20.00 -44.66
CA THR D 379 -56.20 -19.20 -45.86
C THR D 379 -56.16 -17.71 -45.55
N LEU D 380 -55.68 -17.35 -44.36
CA LEU D 380 -55.65 -15.95 -43.88
C LEU D 380 -54.91 -15.12 -44.91
N ASP D 381 -55.43 -13.92 -45.13
CA ASP D 381 -54.81 -12.99 -46.08
C ASP D 381 -55.32 -11.55 -45.85
N LEU D 382 -54.53 -10.59 -46.34
CA LEU D 382 -54.81 -9.16 -46.14
C LEU D 382 -55.89 -8.83 -47.15
N ALA D 383 -57.00 -8.29 -46.70
CA ALA D 383 -58.12 -7.94 -47.59
C ALA D 383 -57.90 -6.51 -48.07
N GLU D 384 -57.54 -5.61 -47.16
CA GLU D 384 -57.17 -4.20 -47.44
C GLU D 384 -55.98 -4.16 -48.41
N PRO D 385 -55.85 -3.13 -49.27
CA PRO D 385 -54.64 -3.01 -50.08
C PRO D 385 -53.50 -2.42 -49.25
N VAL D 386 -52.26 -2.77 -49.60
CA VAL D 386 -51.05 -2.38 -48.82
C VAL D 386 -50.85 -0.89 -48.77
N ALA D 387 -50.88 -0.24 -49.91
CA ALA D 387 -50.84 1.23 -49.94
C ALA D 387 -51.91 1.82 -49.02
N GLY D 388 -53.09 1.21 -48.92
CA GLY D 388 -54.26 1.72 -48.17
C GLY D 388 -54.03 1.79 -46.68
N LEU D 389 -53.10 0.98 -46.17
CA LEU D 389 -52.99 0.64 -44.72
C LEU D 389 -52.82 1.88 -43.87
N LYS D 390 -53.59 1.97 -42.78
CA LYS D 390 -53.60 3.17 -41.92
C LYS D 390 -52.69 2.88 -40.74
N TRP D 391 -51.40 3.21 -40.88
CA TRP D 391 -50.39 3.21 -39.77
C TRP D 391 -50.55 4.42 -38.84
N LYS D 392 -50.50 4.17 -37.54
CA LYS D 392 -50.62 5.21 -36.51
C LYS D 392 -49.43 6.16 -36.72
N GLN D 393 -49.67 7.46 -36.57
CA GLN D 393 -48.74 8.52 -37.06
C GLN D 393 -48.01 9.27 -35.94
N GLY D 394 -48.69 9.68 -34.89
CA GLY D 394 -48.09 10.58 -33.89
C GLY D 394 -47.22 9.85 -32.88
N MET D 395 -47.17 8.51 -32.93
CA MET D 395 -46.94 7.69 -31.70
C MET D 395 -45.48 7.31 -31.52
N LEU D 396 -45.10 7.00 -30.27
CA LEU D 396 -43.77 6.46 -29.89
C LEU D 396 -43.62 5.04 -30.43
N ILE D 397 -44.76 4.37 -30.60
CA ILE D 397 -44.86 2.92 -30.97
C ILE D 397 -45.59 2.73 -32.29
N ARG D 398 -45.00 1.95 -33.20
CA ARG D 398 -45.58 1.68 -34.53
C ARG D 398 -46.66 0.62 -34.43
N GLY D 399 -47.66 0.73 -35.29
CA GLY D 399 -48.81 -0.18 -35.30
C GLY D 399 -49.86 0.24 -36.34
N LEU D 400 -50.81 -0.64 -36.62
CA LEU D 400 -51.85 -0.31 -37.60
C LEU D 400 -53.13 0.06 -36.88
N GLU D 401 -53.72 1.19 -37.21
CA GLU D 401 -55.07 1.56 -36.70
C GLU D 401 -56.08 0.49 -37.10
N ARG D 402 -55.86 -0.18 -38.23
CA ARG D 402 -56.82 -1.13 -38.80
C ARG D 402 -56.09 -2.08 -39.75
N GLN D 403 -56.53 -3.32 -39.73
CA GLN D 403 -55.91 -4.42 -40.49
C GLN D 403 -57.02 -5.37 -40.95
N ILE D 404 -57.59 -5.16 -42.14
CA ILE D 404 -58.75 -5.95 -42.64
C ILE D 404 -58.24 -7.23 -43.32
N VAL D 405 -58.75 -8.40 -42.88
CA VAL D 405 -58.24 -9.72 -43.33
C VAL D 405 -59.41 -10.58 -43.78
N SER D 406 -59.06 -11.55 -44.59
CA SER D 406 -60.02 -12.44 -45.26
C SER D 406 -59.60 -13.86 -44.98
N TRP D 407 -60.53 -14.82 -45.06
CA TRP D 407 -60.17 -16.26 -44.88
C TRP D 407 -61.17 -17.19 -45.56
N VAL E 14 28.44 43.79 49.45
CA VAL E 14 27.86 44.30 50.72
C VAL E 14 26.48 43.65 50.86
N PRO E 15 25.40 44.11 50.15
CA PRO E 15 24.02 43.73 50.47
C PRO E 15 23.76 42.23 50.29
N ALA E 16 22.89 41.67 51.13
CA ALA E 16 22.57 40.21 51.13
C ALA E 16 21.38 39.97 50.23
N TYR E 17 21.42 38.88 49.46
CA TYR E 17 20.28 38.42 48.63
C TYR E 17 19.79 37.11 49.21
N PRO E 18 18.46 36.87 49.36
CA PRO E 18 17.40 37.83 49.01
C PRO E 18 17.35 39.06 49.92
N PHE E 19 16.79 40.17 49.45
CA PHE E 19 16.82 41.46 50.18
C PHE E 19 15.87 41.42 51.37
N SER E 20 14.79 40.68 51.25
CA SER E 20 13.75 40.65 52.29
C SER E 20 12.98 39.34 52.18
N LEU E 21 12.28 38.98 53.26
CA LEU E 21 11.28 37.90 53.23
C LEU E 21 10.20 38.31 52.23
N PRO E 22 9.67 37.34 51.46
CA PRO E 22 8.65 37.64 50.47
C PRO E 22 7.24 37.73 51.08
N HIS E 23 6.47 38.76 50.73
CA HIS E 23 5.06 38.93 51.17
C HIS E 23 4.13 38.67 49.99
N ALA E 24 3.24 37.68 50.12
CA ALA E 24 2.22 37.39 49.10
C ALA E 24 2.96 37.15 47.79
N LEU E 25 2.48 37.77 46.71
CA LEU E 25 3.13 37.66 45.39
C LEU E 25 3.67 39.03 45.03
N ASP E 26 3.83 39.89 46.02
CA ASP E 26 4.35 41.26 45.81
C ASP E 26 5.84 41.16 45.48
N LEU E 27 6.31 42.13 44.71
CA LEU E 27 7.72 42.16 44.33
C LEU E 27 8.37 43.19 45.21
N ASP E 28 9.57 42.89 45.69
CA ASP E 28 10.40 43.87 46.41
C ASP E 28 10.58 45.13 45.54
N PRO E 29 10.35 46.37 46.07
CA PRO E 29 10.39 47.56 45.23
C PRO E 29 11.81 47.84 44.72
N HIS E 30 12.81 47.29 45.40
CA HIS E 30 14.27 47.42 45.11
C HIS E 30 14.57 47.02 43.68
N TYR E 31 13.95 45.95 43.18
CA TYR E 31 14.23 45.44 41.81
C TYR E 31 13.98 46.56 40.78
N ALA E 32 12.87 47.30 40.91
CA ALA E 32 12.50 48.42 40.02
C ALA E 32 13.56 49.54 40.04
N GLU E 33 14.14 49.79 41.23
CA GLU E 33 15.26 50.76 41.44
C GLU E 33 16.50 50.22 40.73
N LEU E 34 16.88 48.96 40.96
CA LEU E 34 18.08 48.35 40.34
C LEU E 34 18.01 48.38 38.80
N ARG E 35 16.84 48.13 38.20
CA ARG E 35 16.70 48.20 36.72
C ARG E 35 17.13 49.59 36.21
N ARG E 36 16.59 50.67 36.80
CA ARG E 36 16.93 52.05 36.41
C ARG E 36 18.39 52.37 36.80
N ASP E 37 18.85 52.06 38.03
CA ASP E 37 20.07 52.65 38.65
C ASP E 37 21.28 51.73 38.61
N GLU E 38 21.11 50.42 38.75
CA GLU E 38 22.27 49.48 38.75
C GLU E 38 21.85 48.08 38.29
N PRO E 39 21.54 47.90 36.98
CA PRO E 39 20.98 46.63 36.49
C PRO E 39 21.76 45.43 36.98
N VAL E 40 23.09 45.53 36.97
CA VAL E 40 23.94 44.43 37.47
C VAL E 40 24.54 44.92 38.78
N SER E 41 24.23 44.22 39.86
CA SER E 41 24.53 44.65 41.24
C SER E 41 25.31 43.52 41.93
N ARG E 42 26.28 43.88 42.77
CA ARG E 42 27.01 42.89 43.58
C ARG E 42 26.10 42.54 44.77
N VAL E 43 26.20 41.32 45.26
CA VAL E 43 25.23 40.81 46.24
C VAL E 43 25.86 39.60 46.95
N ARG E 44 25.47 39.36 48.20
CA ARG E 44 25.98 38.20 48.98
C ARG E 44 24.86 37.18 49.14
N LEU E 45 25.09 35.98 48.62
CA LEU E 45 24.05 34.92 48.59
C LEU E 45 23.99 34.25 49.95
N PRO E 46 22.85 33.63 50.30
CA PRO E 46 22.67 33.03 51.61
C PRO E 46 23.74 31.98 51.91
N TYR E 47 24.11 31.17 50.92
CA TYR E 47 25.13 30.13 51.11
C TYR E 47 26.23 30.38 50.08
N GLY E 48 27.29 29.56 50.14
CA GLY E 48 28.47 29.73 49.29
C GLY E 48 29.37 30.83 49.83
N GLU E 49 30.59 30.87 49.29
CA GLU E 49 31.59 31.90 49.65
C GLU E 49 31.70 32.87 48.49
N GLY E 50 31.76 34.15 48.84
CA GLY E 50 32.10 35.22 47.90
C GLY E 50 30.88 36.01 47.50
N THR E 51 31.10 37.07 46.74
CA THR E 51 30.01 37.90 46.19
C THR E 51 29.63 37.31 44.82
N ALA E 52 28.43 37.65 44.36
CA ALA E 52 27.89 37.26 43.06
C ALA E 52 27.21 38.46 42.41
N TRP E 53 27.01 38.39 41.09
CA TRP E 53 26.31 39.45 40.34
C TRP E 53 24.84 39.09 40.23
N LEU E 54 23.97 40.06 40.41
CA LEU E 54 22.51 39.85 40.29
C LEU E 54 22.02 40.66 39.11
N VAL E 55 21.42 39.94 38.15
CA VAL E 55 20.90 40.47 36.87
C VAL E 55 19.41 40.75 37.03
N THR E 56 18.99 41.93 36.61
CA THR E 56 17.65 42.42 36.95
C THR E 56 16.89 42.82 35.70
N ARG E 57 17.50 42.72 34.51
CA ARG E 57 16.88 43.20 33.26
C ARG E 57 16.85 42.11 32.21
N MET E 58 15.91 42.23 31.29
CA MET E 58 15.61 41.12 30.37
C MET E 58 16.88 40.84 29.57
N SER E 59 17.43 41.87 28.91
CA SER E 59 18.52 41.73 27.92
C SER E 59 19.69 41.02 28.57
N ASP E 60 20.06 41.52 29.74
CA ASP E 60 21.16 40.93 30.54
C ASP E 60 20.83 39.48 30.89
N ALA E 61 19.58 39.21 31.27
CA ALA E 61 19.16 37.87 31.74
C ALA E 61 19.32 36.87 30.60
N ARG E 62 18.85 37.24 29.40
CA ARG E 62 18.93 36.38 28.19
C ARG E 62 20.39 36.04 27.89
N ILE E 63 21.27 37.05 27.98
CA ILE E 63 22.73 36.85 27.78
C ILE E 63 23.23 35.80 28.78
N VAL E 64 22.88 35.96 30.06
CA VAL E 64 23.40 35.08 31.13
C VAL E 64 22.92 33.65 30.89
N LEU E 65 21.66 33.50 30.50
CA LEU E 65 21.01 32.17 30.38
C LEU E 65 21.36 31.50 29.05
N GLY E 66 21.46 32.29 27.97
CA GLY E 66 21.49 31.83 26.57
C GLY E 66 22.87 31.78 25.95
N ASP E 67 23.83 32.57 26.44
CA ASP E 67 25.23 32.57 25.94
C ASP E 67 26.04 31.41 26.56
N SER E 68 26.81 30.72 25.72
CA SER E 68 27.59 29.51 26.03
C SER E 68 28.80 29.81 26.94
N ARG E 69 29.18 31.09 27.05
CA ARG E 69 30.31 31.52 27.91
C ARG E 69 29.97 31.36 29.40
N PHE E 70 28.71 31.12 29.77
CA PHE E 70 28.35 30.80 31.17
C PHE E 70 28.23 29.28 31.30
N SER E 71 28.52 28.81 32.52
CA SER E 71 28.48 27.39 32.89
C SER E 71 27.65 27.25 34.16
N THR E 72 26.74 26.28 34.18
CA THR E 72 26.03 25.81 35.39
C THR E 72 26.86 24.75 36.12
N ALA E 73 27.62 23.92 35.38
CA ALA E 73 28.41 22.80 35.95
C ALA E 73 29.41 23.31 37.00
N ALA E 74 30.01 24.48 36.75
CA ALA E 74 30.97 25.12 37.68
C ALA E 74 30.32 25.44 39.03
N ALA E 75 29.01 25.73 39.06
CA ALA E 75 28.25 26.08 40.27
C ALA E 75 28.13 24.91 41.27
N THR E 76 28.47 23.67 40.86
CA THR E 76 28.51 22.46 41.73
C THR E 76 29.56 22.54 42.83
N ASP E 77 30.59 23.38 42.63
CA ASP E 77 31.66 23.66 43.63
C ASP E 77 31.02 24.25 44.87
N PRO E 78 31.07 23.54 46.03
CA PRO E 78 30.45 24.03 47.27
C PRO E 78 30.84 25.48 47.61
N ALA E 79 32.05 25.89 47.22
CA ALA E 79 32.59 27.25 47.46
C ALA E 79 31.83 28.28 46.64
N THR E 80 31.17 27.83 45.58
CA THR E 80 30.36 28.69 44.70
C THR E 80 29.13 29.17 45.46
N PRO E 81 28.76 30.46 45.29
CA PRO E 81 27.52 30.98 45.88
C PRO E 81 26.29 30.20 45.41
N ARG E 82 25.22 30.22 46.20
CA ARG E 82 23.95 29.55 45.82
C ARG E 82 22.84 30.04 46.73
N MET E 83 21.58 29.84 46.32
CA MET E 83 20.37 30.32 47.04
C MET E 83 19.92 29.33 48.11
N PHE E 84 20.35 28.07 47.98
CA PHE E 84 19.85 26.93 48.77
C PHE E 84 21.00 26.34 49.57
N PRO E 85 20.69 25.65 50.68
CA PRO E 85 21.74 25.22 51.61
C PRO E 85 22.63 24.12 50.99
N THR E 86 22.02 23.01 50.52
CA THR E 86 22.77 21.84 49.98
C THR E 86 23.50 22.21 48.70
N PRO E 87 24.82 21.91 48.56
CA PRO E 87 25.51 22.11 47.29
C PRO E 87 24.78 21.31 46.21
N PRO E 88 24.72 21.83 44.96
CA PRO E 88 23.96 21.16 43.91
C PRO E 88 24.58 19.80 43.55
N GLU E 89 23.74 18.81 43.28
CA GLU E 89 24.22 17.50 42.78
C GLU E 89 24.73 17.74 41.38
N PRO E 90 25.92 17.19 41.03
CA PRO E 90 26.45 17.37 39.68
C PRO E 90 25.55 16.68 38.65
N ASP E 91 24.82 15.63 39.06
CA ASP E 91 23.95 14.81 38.17
C ASP E 91 22.70 15.57 37.72
N GLY E 92 22.26 16.57 38.49
CA GLY E 92 21.11 17.41 38.15
C GLY E 92 21.25 17.94 36.73
N VAL E 93 20.17 17.87 35.94
CA VAL E 93 20.22 18.29 34.51
C VAL E 93 20.56 19.79 34.45
N LEU E 94 20.18 20.56 35.46
CA LEU E 94 20.48 22.01 35.52
C LEU E 94 22.00 22.24 35.64
N ALA E 95 22.70 21.40 36.41
CA ALA E 95 24.15 21.50 36.61
C ALA E 95 24.93 21.01 35.37
N GLN E 96 24.27 20.33 34.44
CA GLN E 96 24.93 19.75 33.25
C GLN E 96 25.38 20.88 32.34
N ASP E 97 26.53 20.69 31.68
CA ASP E 97 27.08 21.62 30.69
C ASP E 97 27.16 20.92 29.33
N PRO E 98 27.17 21.68 28.21
CA PRO E 98 27.40 21.05 26.91
C PRO E 98 28.71 20.26 26.93
N PRO E 99 28.87 19.23 26.07
CA PRO E 99 27.84 18.79 25.14
C PRO E 99 27.04 17.61 25.70
N ASP E 100 27.32 17.17 26.94
CA ASP E 100 26.58 16.07 27.62
C ASP E 100 25.14 16.47 27.89
N HIS E 101 24.97 17.68 28.39
CA HIS E 101 23.65 18.35 28.51
C HIS E 101 22.91 18.34 27.16
N THR E 102 23.57 18.83 26.12
CA THR E 102 22.96 18.97 24.78
C THR E 102 22.39 17.61 24.36
N ARG E 103 23.14 16.53 24.60
CA ARG E 103 22.76 15.16 24.19
C ARG E 103 21.46 14.76 24.89
N LEU E 104 21.45 14.92 26.23
CA LEU E 104 20.25 14.71 27.06
C LEU E 104 19.06 15.41 26.40
N ARG E 105 19.13 16.74 26.26
CA ARG E 105 18.03 17.60 25.74
C ARG E 105 17.63 17.24 24.31
N ARG E 106 18.60 16.82 23.51
CA ARG E 106 18.37 16.33 22.13
C ARG E 106 17.52 15.06 22.18
N LEU E 107 17.91 14.07 22.98
CA LEU E 107 17.23 12.77 22.98
C LEU E 107 15.84 12.89 23.60
N VAL E 108 15.70 13.57 24.74
CA VAL E 108 14.39 13.69 25.45
C VAL E 108 13.44 14.60 24.66
N GLY E 109 14.00 15.61 24.00
CA GLY E 109 13.25 16.50 23.09
C GLY E 109 12.64 15.77 21.91
N LYS E 110 13.24 14.67 21.44
CA LYS E 110 12.64 13.86 20.35
C LYS E 110 11.29 13.29 20.77
N ALA E 111 11.21 12.74 21.98
CA ALA E 111 9.95 12.21 22.53
C ALA E 111 9.06 13.36 23.05
N PHE E 112 9.63 14.33 23.78
CA PHE E 112 8.87 15.40 24.49
C PHE E 112 8.48 16.52 23.53
N THR E 113 7.88 16.18 22.38
CA THR E 113 7.42 17.17 21.38
C THR E 113 6.23 17.96 21.89
N ALA E 114 6.01 19.16 21.34
CA ALA E 114 4.81 19.98 21.61
C ALA E 114 3.58 19.27 21.08
N ARG E 115 3.75 18.51 20.00
CA ARG E 115 2.67 17.65 19.49
C ARG E 115 2.25 16.65 20.55
N ARG E 116 3.20 15.91 21.12
CA ARG E 116 2.87 14.83 22.07
C ARG E 116 2.03 15.43 23.19
N VAL E 117 2.43 16.59 23.68
CA VAL E 117 1.73 17.24 24.80
C VAL E 117 0.29 17.50 24.35
N GLU E 118 0.07 18.07 23.15
CA GLU E 118 -1.28 18.54 22.73
C GLU E 118 -2.24 17.37 22.59
N GLU E 119 -1.70 16.18 22.35
CA GLU E 119 -2.51 14.95 22.22
C GLU E 119 -2.92 14.44 23.59
N MET E 120 -2.27 14.88 24.67
CA MET E 120 -2.67 14.57 26.06
C MET E 120 -3.94 15.33 26.42
N ARG E 121 -4.19 16.49 25.81
CA ARG E 121 -5.19 17.45 26.30
C ARG E 121 -6.51 16.75 26.63
N PRO E 122 -7.11 15.96 25.70
CA PRO E 122 -8.36 15.26 25.98
C PRO E 122 -8.33 14.51 27.31
N ARG E 123 -7.35 13.63 27.49
CA ARG E 123 -7.18 12.93 28.79
C ARG E 123 -7.10 13.92 29.95
N VAL E 124 -6.29 14.96 29.81
CA VAL E 124 -6.07 15.95 30.90
C VAL E 124 -7.38 16.67 31.20
N ARG E 125 -8.20 16.95 30.20
CA ARG E 125 -9.50 17.62 30.42
C ARG E 125 -10.42 16.72 31.26
N SER E 126 -10.49 15.44 30.93
CA SER E 126 -11.31 14.47 31.68
C SER E 126 -10.81 14.43 33.14
N LEU E 127 -9.48 14.44 33.33
CA LEU E 127 -8.82 14.36 34.66
C LEU E 127 -9.29 15.52 35.54
N VAL E 128 -9.25 16.75 35.04
CA VAL E 128 -9.65 17.96 35.82
C VAL E 128 -11.14 17.90 36.11
N ASP E 129 -11.94 17.34 35.19
CA ASP E 129 -13.42 17.27 35.41
C ASP E 129 -13.71 16.30 36.56
N SER E 130 -13.06 15.14 36.58
CA SER E 130 -13.22 14.17 37.69
C SER E 130 -12.84 14.88 39.01
N LEU E 131 -11.68 15.56 39.06
CA LEU E 131 -11.17 16.22 40.28
C LEU E 131 -12.17 17.26 40.75
N LEU E 132 -12.75 18.02 39.83
CA LEU E 132 -13.74 19.05 40.19
C LEU E 132 -15.06 18.37 40.57
N ASP E 133 -15.39 17.25 39.94
CA ASP E 133 -16.61 16.51 40.36
C ASP E 133 -16.48 16.24 41.85
N ASP E 134 -15.35 15.66 42.25
CA ASP E 134 -14.97 15.38 43.67
C ASP E 134 -15.22 16.63 44.53
N MET E 135 -14.76 17.81 44.06
CA MET E 135 -14.90 19.08 44.81
C MET E 135 -16.39 19.39 45.00
N VAL E 136 -17.19 19.09 43.99
CA VAL E 136 -18.65 19.34 44.07
C VAL E 136 -19.28 18.40 45.07
N ALA E 137 -18.81 17.16 45.10
CA ALA E 137 -19.30 16.18 46.10
C ALA E 137 -19.06 16.80 47.47
N HIS E 138 -17.84 17.29 47.70
CA HIS E 138 -17.49 17.93 48.98
C HIS E 138 -18.49 19.04 49.25
N GLY E 139 -18.76 19.88 48.25
CA GLY E 139 -19.65 21.04 48.43
C GLY E 139 -18.87 22.31 48.71
N SER E 140 -19.43 23.45 48.37
CA SER E 140 -18.82 24.75 48.71
C SER E 140 -18.98 25.01 50.21
N PRO E 141 -17.98 25.57 50.88
CA PRO E 141 -16.69 25.88 50.29
C PRO E 141 -15.73 24.72 50.49
N ALA E 142 -14.66 24.67 49.68
CA ALA E 142 -13.63 23.61 49.72
C ALA E 142 -12.24 24.17 49.41
N ASP E 143 -11.23 23.45 49.86
CA ASP E 143 -9.82 23.90 49.72
C ASP E 143 -9.40 23.60 48.31
N LEU E 144 -9.20 24.63 47.51
CA LEU E 144 -8.82 24.44 46.10
C LEU E 144 -7.41 23.85 45.98
N VAL E 145 -6.64 23.92 47.05
CA VAL E 145 -5.29 23.30 47.04
C VAL E 145 -5.44 21.81 47.11
N GLU E 146 -6.25 21.35 48.08
CA GLU E 146 -6.41 19.91 48.36
C GLU E 146 -7.12 19.20 47.20
N PHE E 147 -8.18 19.81 46.61
CA PHE E 147 -8.97 19.17 45.54
C PHE E 147 -8.37 19.31 44.15
N LEU E 148 -7.71 20.43 43.83
CA LEU E 148 -7.23 20.69 42.45
C LEU E 148 -5.73 20.78 42.42
N ALA E 149 -5.18 21.89 42.95
CA ALA E 149 -3.77 22.27 42.73
C ALA E 149 -2.79 21.15 43.06
N VAL E 150 -3.03 20.40 44.12
CA VAL E 150 -2.07 19.35 44.53
C VAL E 150 -2.20 18.13 43.62
N PRO E 151 -3.42 17.51 43.47
CA PRO E 151 -3.55 16.19 42.83
C PRO E 151 -3.32 16.22 41.32
N PHE E 152 -3.61 17.39 40.76
CA PHE E 152 -3.74 17.52 39.30
C PHE E 152 -2.38 17.34 38.65
N PRO E 153 -1.33 18.11 39.02
CA PRO E 153 -0.04 17.99 38.34
C PRO E 153 0.51 16.54 38.35
N VAL E 154 0.36 15.83 39.47
CA VAL E 154 0.96 14.49 39.64
C VAL E 154 0.25 13.55 38.68
N ALA E 155 -1.08 13.64 38.65
CA ALA E 155 -1.88 12.88 37.68
C ALA E 155 -1.41 13.19 36.26
N VAL E 156 -1.19 14.46 35.96
CA VAL E 156 -0.80 14.86 34.60
C VAL E 156 0.52 14.21 34.26
N ILE E 157 1.50 14.29 35.16
CA ILE E 157 2.86 13.68 34.96
C ILE E 157 2.76 12.16 34.87
N CYS E 158 1.86 11.54 35.63
CA CYS E 158 1.62 10.09 35.50
C CYS E 158 1.13 9.78 34.08
N GLU E 159 0.11 10.50 33.61
CA GLU E 159 -0.43 10.36 32.23
C GLU E 159 0.75 10.34 31.26
N LEU E 160 1.65 11.32 31.41
CA LEU E 160 2.80 11.53 30.52
C LEU E 160 3.71 10.32 30.53
N LEU E 161 3.92 9.72 31.69
CA LEU E 161 4.87 8.58 31.88
C LEU E 161 4.17 7.22 31.73
N GLY E 162 2.88 7.20 31.34
CA GLY E 162 2.09 5.97 31.17
C GLY E 162 2.07 5.12 32.43
N VAL E 163 1.96 5.74 33.60
CA VAL E 163 1.89 4.98 34.87
C VAL E 163 0.49 4.34 34.92
N PRO E 164 0.37 3.03 35.24
CA PRO E 164 -0.95 2.44 35.45
C PRO E 164 -1.65 3.01 36.69
N LEU E 165 -2.99 3.06 36.70
CA LEU E 165 -3.78 3.80 37.72
C LEU E 165 -3.52 3.27 39.15
N GLU E 166 -3.34 1.95 39.28
CA GLU E 166 -3.08 1.23 40.55
C GLU E 166 -1.82 1.76 41.24
N ASP E 167 -0.82 2.18 40.46
CA ASP E 167 0.52 2.55 40.99
C ASP E 167 0.72 4.08 41.11
N ARG E 168 -0.31 4.90 40.92
CA ARG E 168 -0.17 6.38 41.01
C ARG E 168 -0.14 6.86 42.46
N ASP E 169 -0.74 6.10 43.38
CA ASP E 169 -0.56 6.31 44.83
C ASP E 169 0.91 6.59 45.10
N LEU E 170 1.77 5.63 44.72
CA LEU E 170 3.20 5.60 45.11
C LEU E 170 3.88 6.89 44.60
N PHE E 171 3.45 7.41 43.46
CA PHE E 171 4.01 8.66 42.88
C PHE E 171 3.67 9.84 43.79
N ARG E 172 2.45 9.87 44.29
CA ARG E 172 2.01 11.02 45.11
C ARG E 172 2.86 11.16 46.37
N THR E 173 3.18 10.04 47.02
CA THR E 173 3.97 10.06 48.26
C THR E 173 5.25 10.86 47.97
N PHE E 174 5.95 10.43 46.91
CA PHE E 174 7.22 11.04 46.50
C PHE E 174 7.03 12.53 46.20
N SER E 175 6.02 12.88 45.39
CA SER E 175 5.76 14.28 44.95
C SER E 175 5.55 15.17 46.18
N ASP E 176 4.64 14.80 47.10
CA ASP E 176 4.39 15.58 48.34
C ASP E 176 5.72 15.71 49.11
N ALA E 177 6.48 14.62 49.20
CA ALA E 177 7.82 14.58 49.82
C ALA E 177 8.86 15.25 48.89
N ALA E 186 12.39 12.96 56.91
CA ALA E 186 13.83 12.86 56.57
C ALA E 186 14.28 11.41 56.38
N ALA E 187 14.00 10.54 57.38
CA ALA E 187 14.27 9.09 57.30
C ALA E 187 13.10 8.36 56.62
N GLU E 188 11.87 8.87 56.80
CA GLU E 188 10.65 8.33 56.16
C GLU E 188 10.66 8.64 54.66
N ILE E 189 11.00 9.88 54.28
CA ILE E 189 11.14 10.35 52.87
C ILE E 189 12.15 9.43 52.17
N GLN E 190 13.29 9.21 52.81
CA GLN E 190 14.40 8.39 52.29
C GLN E 190 13.90 6.98 51.99
N ARG E 191 13.02 6.46 52.85
CA ARG E 191 12.35 5.15 52.69
C ARG E 191 11.55 5.14 51.37
N VAL E 192 10.75 6.19 51.14
CA VAL E 192 9.86 6.23 49.95
C VAL E 192 10.71 6.49 48.70
N GLN E 193 11.84 7.19 48.85
CA GLN E 193 12.76 7.59 47.75
C GLN E 193 13.30 6.29 47.10
N GLN E 194 13.87 5.41 47.92
CA GLN E 194 14.50 4.14 47.46
C GLN E 194 13.43 3.21 46.90
N ASP E 195 12.29 3.12 47.58
CA ASP E 195 11.12 2.32 47.14
C ASP E 195 10.71 2.74 45.73
N PHE E 196 10.59 4.05 45.55
CA PHE E 196 10.20 4.67 44.27
C PHE E 196 11.22 4.28 43.19
N MET E 197 12.51 4.45 43.49
CA MET E 197 13.63 4.23 42.53
C MET E 197 13.59 2.82 41.95
N VAL E 198 13.40 1.81 42.79
CA VAL E 198 13.28 0.40 42.32
C VAL E 198 12.06 0.27 41.42
N TYR E 199 10.96 0.93 41.77
CA TYR E 199 9.72 0.83 40.96
C TYR E 199 9.99 1.38 39.55
N MET E 200 10.56 2.59 39.47
CA MET E 200 10.91 3.25 38.19
C MET E 200 11.73 2.25 37.36
N ASP E 201 12.81 1.75 37.94
CA ASP E 201 13.70 0.74 37.32
C ASP E 201 12.85 -0.31 36.63
N GLY E 202 11.93 -0.91 37.38
CA GLY E 202 11.05 -1.98 36.88
C GLY E 202 10.25 -1.48 35.69
N LEU E 203 9.70 -0.27 35.83
CA LEU E 203 8.82 0.35 34.81
C LEU E 203 9.58 0.53 33.49
N VAL E 204 10.80 1.06 33.58
CA VAL E 204 11.65 1.27 32.38
C VAL E 204 11.95 -0.08 31.73
N ALA E 205 12.38 -1.06 32.54
CA ALA E 205 12.64 -2.43 32.05
C ALA E 205 11.42 -2.88 31.25
N GLN E 206 10.22 -2.79 31.85
CA GLN E 206 8.96 -3.22 31.20
C GLN E 206 8.82 -2.58 29.83
N ARG E 207 9.25 -1.32 29.71
CA ARG E 207 9.11 -0.56 28.45
C ARG E 207 10.11 -1.09 27.42
N ARG E 208 11.28 -1.49 27.90
CA ARG E 208 12.37 -2.03 27.03
C ARG E 208 11.95 -3.38 26.47
N ASP E 209 11.25 -4.19 27.27
CA ASP E 209 10.62 -5.46 26.84
C ASP E 209 9.52 -5.18 25.83
N ALA E 210 8.51 -4.40 26.24
CA ALA E 210 7.29 -4.14 25.47
C ALA E 210 7.09 -2.63 25.44
N PRO E 211 7.56 -1.95 24.37
CA PRO E 211 7.55 -0.48 24.32
C PRO E 211 6.15 0.09 24.07
N THR E 212 5.82 1.15 24.80
CA THR E 212 4.46 1.74 24.91
C THR E 212 4.44 3.05 24.13
N GLU E 213 3.24 3.64 24.02
CA GLU E 213 3.00 4.94 23.36
C GLU E 213 3.17 6.13 24.30
N ASP E 214 3.56 5.90 25.57
CA ASP E 214 3.85 7.00 26.53
C ASP E 214 5.31 7.46 26.37
N LEU E 215 5.64 8.61 26.94
CA LEU E 215 6.99 9.23 26.80
C LEU E 215 8.10 8.27 27.25
N LEU E 216 7.89 7.48 28.31
CA LEU E 216 8.90 6.47 28.72
C LEU E 216 9.06 5.44 27.60
N GLY E 217 7.95 5.09 26.96
CA GLY E 217 7.91 4.06 25.90
C GLY E 217 8.64 4.51 24.65
N ALA E 218 8.62 5.82 24.38
CA ALA E 218 9.34 6.45 23.25
C ALA E 218 10.85 6.46 23.55
N LEU E 219 11.24 6.88 24.76
CA LEU E 219 12.67 6.96 25.16
C LEU E 219 13.30 5.57 25.21
N ALA E 220 12.52 4.55 25.58
CA ALA E 220 12.95 3.13 25.69
C ALA E 220 13.19 2.48 24.32
N LEU E 221 12.65 3.00 23.22
CA LEU E 221 12.64 2.29 21.91
C LEU E 221 14.05 1.80 21.54
N ALA E 222 14.11 0.59 21.00
CA ALA E 222 15.34 -0.20 20.84
C ALA E 222 16.19 0.41 19.74
N THR E 223 17.50 0.21 19.85
CA THR E 223 18.54 0.88 19.05
C THR E 223 18.38 0.66 17.54
N ASP E 224 18.20 1.76 16.81
CA ASP E 224 18.52 1.89 15.37
C ASP E 224 19.62 2.93 15.30
N ASN E 225 20.75 2.59 14.69
CA ASN E 225 21.97 3.42 14.70
C ASN E 225 22.57 3.41 16.10
N ASP E 226 22.07 2.54 16.98
CA ASP E 226 22.72 2.17 18.26
C ASP E 226 22.65 3.32 19.30
N ASP E 227 21.86 4.39 19.10
CA ASP E 227 21.98 5.63 19.93
C ASP E 227 20.65 6.07 20.55
N HIS E 228 20.58 5.95 21.88
CA HIS E 228 19.40 6.22 22.73
C HIS E 228 19.92 6.61 24.11
N LEU E 229 19.04 6.81 25.10
CA LEU E 229 19.47 7.08 26.50
C LEU E 229 19.87 5.75 27.15
N THR E 230 20.63 5.80 28.24
CA THR E 230 20.81 4.66 29.16
C THR E 230 19.47 4.35 29.81
N LYS E 231 19.22 3.10 30.14
CA LYS E 231 18.07 2.74 31.00
C LYS E 231 18.21 3.47 32.35
N GLY E 232 19.41 3.55 32.92
CA GLY E 232 19.66 4.34 34.13
C GLY E 232 19.33 5.80 33.90
N GLU E 233 19.76 6.36 32.77
CA GLU E 233 19.56 7.80 32.52
C GLU E 233 18.07 8.08 32.29
N ILE E 234 17.36 7.14 31.67
CA ILE E 234 15.90 7.29 31.46
C ILE E 234 15.24 7.36 32.85
N VAL E 235 15.64 6.47 33.78
CA VAL E 235 15.07 6.40 35.15
C VAL E 235 15.29 7.80 35.76
N ASN E 236 16.53 8.29 35.71
CA ASN E 236 16.90 9.56 36.37
C ASN E 236 16.08 10.70 35.77
N MET E 237 15.95 10.71 34.45
CA MET E 237 15.19 11.75 33.71
C MET E 237 13.74 11.73 34.20
N GLY E 238 13.18 10.53 34.34
CA GLY E 238 11.79 10.37 34.80
C GLY E 238 11.61 11.06 36.13
N VAL E 239 12.57 10.84 37.03
CA VAL E 239 12.54 11.41 38.40
C VAL E 239 12.72 12.92 38.29
N SER E 240 13.66 13.33 37.45
CA SER E 240 13.91 14.77 37.27
C SER E 240 12.63 15.44 36.81
N LEU E 241 11.92 14.82 35.86
CA LEU E 241 10.72 15.45 35.28
C LEU E 241 9.68 15.59 36.38
N LEU E 242 9.48 14.53 37.15
CA LEU E 242 8.41 14.52 38.17
C LEU E 242 8.66 15.69 39.11
N ILE E 243 9.89 15.80 39.59
CA ILE E 243 10.22 16.71 40.72
C ILE E 243 10.07 18.15 40.24
N ALA E 244 10.73 18.47 39.12
CA ALA E 244 10.84 19.84 38.57
C ALA E 244 9.44 20.37 38.23
N GLY E 245 8.59 19.46 37.74
CA GLY E 245 7.25 19.80 37.22
C GLY E 245 6.23 20.01 38.32
N HIS E 246 6.42 19.34 39.44
CA HIS E 246 5.39 19.21 40.49
C HIS E 246 5.34 20.46 41.36
N GLU E 247 6.44 20.83 42.02
CA GLU E 247 6.38 21.95 42.99
C GLU E 247 5.98 23.21 42.23
N THR E 248 6.56 23.43 41.05
CA THR E 248 6.28 24.63 40.23
C THR E 248 4.80 24.70 39.84
N SER E 249 4.29 23.62 39.22
CA SER E 249 2.90 23.59 38.71
C SER E 249 1.93 23.76 39.88
N VAL E 250 2.11 22.98 40.95
CA VAL E 250 1.19 22.92 42.12
C VAL E 250 0.94 24.36 42.58
N ASN E 251 2.00 25.12 42.82
CA ASN E 251 1.92 26.47 43.44
C ASN E 251 1.43 27.46 42.38
N GLN E 252 1.85 27.23 41.14
CA GLN E 252 1.53 28.14 40.03
C GLN E 252 0.01 28.19 39.81
N ILE E 253 -0.64 27.03 39.83
CA ILE E 253 -2.12 26.96 39.74
C ILE E 253 -2.72 27.90 40.78
N THR E 254 -2.39 27.64 42.05
CA THR E 254 -2.93 28.39 43.20
C THR E 254 -2.66 29.88 43.00
N ASN E 255 -1.47 30.24 42.57
CA ASN E 255 -1.07 31.67 42.44
C ASN E 255 -1.92 32.37 41.38
N LEU E 256 -2.16 31.67 40.24
CA LEU E 256 -2.99 32.20 39.13
C LEU E 256 -4.37 32.47 39.70
N VAL E 257 -4.90 31.45 40.36
CA VAL E 257 -6.27 31.59 40.91
C VAL E 257 -6.29 32.80 41.83
N HIS E 258 -5.23 32.97 42.63
CA HIS E 258 -5.13 34.07 43.64
C HIS E 258 -5.21 35.41 42.93
N LEU E 259 -4.41 35.58 41.85
CA LEU E 259 -4.46 36.81 41.03
C LEU E 259 -5.89 36.98 40.53
N LEU E 260 -6.45 35.92 39.92
CA LEU E 260 -7.79 36.00 39.32
C LEU E 260 -8.82 36.51 40.35
N LEU E 261 -8.89 35.90 41.53
CA LEU E 261 -9.97 36.18 42.49
C LEU E 261 -9.74 37.45 43.29
N THR E 262 -8.51 37.88 43.56
CA THR E 262 -8.30 39.03 44.48
C THR E 262 -8.78 40.30 43.79
N GLU E 263 -8.58 40.43 42.47
CA GLU E 263 -9.21 41.46 41.61
C GLU E 263 -10.19 40.70 40.70
N ARG E 264 -11.44 40.54 41.11
CA ARG E 264 -12.27 39.48 40.51
C ARG E 264 -12.63 39.91 39.09
N LYS E 265 -12.51 41.21 38.83
CA LYS E 265 -12.71 41.72 37.47
C LYS E 265 -12.04 40.77 36.48
N ARG E 266 -10.83 40.33 36.82
CA ARG E 266 -10.01 39.49 35.91
C ARG E 266 -10.67 38.14 35.64
N TYR E 267 -11.14 37.48 36.70
CA TYR E 267 -11.83 36.18 36.55
C TYR E 267 -13.04 36.42 35.62
N GLU E 268 -13.82 37.44 35.94
CA GLU E 268 -15.04 37.78 35.19
C GLU E 268 -14.68 37.91 33.72
N SER E 269 -13.54 38.54 33.43
CA SER E 269 -13.05 38.72 32.05
C SER E 269 -12.88 37.36 31.36
N LEU E 270 -12.31 36.36 32.02
CA LEU E 270 -12.19 35.03 31.38
C LEU E 270 -13.55 34.34 31.28
N VAL E 271 -14.49 34.67 32.16
CA VAL E 271 -15.84 34.04 32.10
C VAL E 271 -16.51 34.56 30.84
N ALA E 272 -16.48 35.87 30.68
CA ALA E 272 -17.06 36.59 29.51
C ALA E 272 -16.46 36.10 28.21
N ASP E 273 -15.17 35.80 28.19
CA ASP E 273 -14.46 35.33 26.99
C ASP E 273 -13.51 34.20 27.37
N PRO E 274 -13.98 32.95 27.39
CA PRO E 274 -13.14 31.83 27.76
C PRO E 274 -11.96 31.61 26.82
N ALA E 275 -12.00 32.12 25.59
CA ALA E 275 -10.91 31.90 24.60
C ALA E 275 -9.73 32.74 25.03
N LEU E 276 -9.96 33.67 25.96
CA LEU E 276 -8.90 34.56 26.45
C LEU E 276 -7.86 33.78 27.30
N VAL E 277 -8.17 32.55 27.71
CA VAL E 277 -7.43 31.89 28.80
C VAL E 277 -5.96 31.74 28.44
N PRO E 278 -5.58 31.20 27.25
CA PRO E 278 -4.18 30.90 26.98
C PRO E 278 -3.30 32.14 27.08
N ALA E 279 -3.77 33.25 26.51
CA ALA E 279 -3.11 34.56 26.65
C ALA E 279 -2.97 34.85 28.15
N ALA E 280 -4.09 34.75 28.88
CA ALA E 280 -4.20 35.14 30.29
C ALA E 280 -3.16 34.37 31.08
N VAL E 281 -2.95 33.11 30.72
CA VAL E 281 -1.98 32.23 31.42
C VAL E 281 -0.56 32.73 31.20
N GLU E 282 -0.27 33.10 29.96
CA GLU E 282 1.05 33.73 29.64
C GLU E 282 1.26 34.98 30.50
N GLU E 283 0.27 35.87 30.53
CA GLU E 283 0.41 37.13 31.27
C GLU E 283 0.64 36.83 32.74
N MET E 284 -0.09 35.87 33.29
CA MET E 284 0.05 35.51 34.71
C MET E 284 1.31 34.69 34.99
N LEU E 285 1.85 33.94 34.01
CA LEU E 285 3.19 33.33 34.18
C LEU E 285 4.27 34.41 34.43
N ARG E 286 4.27 35.46 33.60
CA ARG E 286 5.22 36.60 33.68
C ARG E 286 5.03 37.32 35.03
N TYR E 287 3.77 37.56 35.41
CA TYR E 287 3.39 38.53 36.46
C TYR E 287 3.63 37.94 37.85
N THR E 288 3.59 36.62 37.92
CA THR E 288 3.76 35.84 39.15
C THR E 288 5.25 35.61 39.42
N PRO E 289 5.75 36.05 40.61
CA PRO E 289 7.10 35.67 41.02
C PRO E 289 7.20 34.28 41.66
N LEU E 290 6.96 33.25 40.83
CA LEU E 290 6.86 31.86 41.30
C LEU E 290 8.19 31.54 41.95
N VAL E 291 9.27 31.90 41.28
CA VAL E 291 10.61 31.80 41.90
C VAL E 291 10.81 33.07 42.71
N SER E 292 10.83 32.94 44.04
CA SER E 292 10.82 34.08 44.97
C SER E 292 12.23 34.67 44.96
N ALA E 293 13.22 33.76 44.89
CA ALA E 293 14.68 34.04 44.91
C ALA E 293 15.26 34.16 43.50
N GLY E 294 16.57 34.20 43.42
CA GLY E 294 17.24 34.23 42.12
C GLY E 294 17.18 32.87 41.49
N SER E 295 17.96 32.72 40.44
CA SER E 295 18.00 31.49 39.62
C SER E 295 19.08 30.57 40.17
N PHE E 296 19.21 29.43 39.51
CA PHE E 296 20.41 28.57 39.65
C PHE E 296 21.58 29.35 39.05
N VAL E 297 22.72 29.28 39.72
CA VAL E 297 23.83 30.24 39.48
C VAL E 297 24.58 29.84 38.22
N ARG E 298 25.02 30.86 37.46
CA ARG E 298 25.79 30.72 36.20
C ARG E 298 27.15 31.39 36.40
N VAL E 299 28.22 30.60 36.32
CA VAL E 299 29.61 31.10 36.48
C VAL E 299 30.18 31.28 35.07
N ALA E 300 30.88 32.39 34.83
CA ALA E 300 31.37 32.75 33.49
C ALA E 300 32.66 31.97 33.20
N THR E 301 32.71 31.32 32.03
CA THR E 301 33.87 30.57 31.48
C THR E 301 34.90 31.61 30.95
N GLU E 302 34.40 32.74 30.41
CA GLU E 302 35.23 33.79 29.78
C GLU E 302 34.67 35.17 30.14
N ASP E 303 35.44 36.22 29.84
CA ASP E 303 34.94 37.61 29.97
C ASP E 303 33.68 37.69 29.11
N VAL E 304 32.67 38.38 29.62
CA VAL E 304 31.39 38.63 28.90
C VAL E 304 30.90 40.01 29.28
N GLU E 305 30.40 40.78 28.32
CA GLU E 305 29.97 42.17 28.60
C GLU E 305 28.44 42.25 28.60
N LEU E 306 27.90 42.64 29.76
CA LEU E 306 26.47 42.93 29.96
C LEU E 306 26.24 44.43 29.72
N SER E 307 24.97 44.85 29.88
CA SER E 307 24.44 46.20 29.58
C SER E 307 25.23 47.29 30.31
N THR E 308 25.58 47.11 31.58
CA THR E 308 26.30 48.14 32.38
C THR E 308 27.59 47.64 33.01
N VAL E 309 27.86 46.34 33.01
CA VAL E 309 29.13 45.84 33.61
C VAL E 309 29.64 44.67 32.76
N THR E 310 30.95 44.41 32.78
CA THR E 310 31.53 43.19 32.17
C THR E 310 31.89 42.21 33.27
N VAL E 311 31.41 41.00 33.11
CA VAL E 311 31.63 39.92 34.09
C VAL E 311 32.94 39.30 33.69
N ARG E 312 33.83 39.11 34.66
CA ARG E 312 35.12 38.43 34.47
C ARG E 312 34.92 36.92 34.67
N ALA E 313 35.69 36.12 33.94
CA ALA E 313 35.66 34.65 34.03
C ALA E 313 35.77 34.27 35.50
N GLY E 314 35.12 33.18 35.90
CA GLY E 314 35.10 32.68 37.30
C GLY E 314 34.12 33.43 38.21
N GLU E 315 33.52 34.54 37.75
CA GLU E 315 32.61 35.36 38.58
C GLU E 315 31.21 34.79 38.49
N PRO E 316 30.51 34.56 39.63
CA PRO E 316 29.18 33.96 39.60
C PRO E 316 28.07 34.98 39.34
N CYS E 317 27.08 34.59 38.52
CA CYS E 317 25.89 35.41 38.17
C CYS E 317 24.58 34.71 38.52
N VAL E 318 23.64 35.50 39.02
CA VAL E 318 22.33 34.99 39.43
C VAL E 318 21.27 35.91 38.83
N VAL E 319 20.19 35.30 38.31
CA VAL E 319 19.07 36.00 37.62
C VAL E 319 17.81 35.91 38.49
N HIS E 320 17.09 37.00 38.56
CA HIS E 320 15.75 36.98 39.18
C HIS E 320 14.73 37.08 38.07
N PHE E 321 14.13 35.96 37.73
CA PHE E 321 13.30 35.88 36.51
C PHE E 321 12.19 36.92 36.59
N ALA E 322 11.55 37.04 37.76
CA ALA E 322 10.35 37.88 37.92
C ALA E 322 10.66 39.34 37.61
N SER E 323 11.89 39.77 37.89
CA SER E 323 12.31 41.17 37.64
C SER E 323 12.33 41.39 36.14
N ALA E 324 13.01 40.46 35.44
CA ALA E 324 13.17 40.49 33.98
C ALA E 324 11.79 40.61 33.35
N ASN E 325 10.84 39.85 33.89
CA ASN E 325 9.43 39.86 33.44
C ASN E 325 8.73 41.20 33.73
N ARG E 326 9.28 42.09 34.56
CA ARG E 326 8.61 43.39 34.85
C ARG E 326 9.42 44.55 34.26
N ASP E 327 10.39 44.25 33.37
CA ASP E 327 11.29 45.21 32.67
C ASP E 327 10.47 46.17 31.78
N GLU E 328 10.58 47.46 32.05
CA GLU E 328 9.74 48.55 31.49
C GLU E 328 10.06 48.72 30.00
N GLU E 329 11.32 48.49 29.61
CA GLU E 329 11.81 48.50 28.19
C GLU E 329 10.91 47.60 27.33
N VAL E 330 10.69 46.39 27.83
CA VAL E 330 10.12 45.25 27.06
C VAL E 330 8.59 45.34 27.10
N PHE E 331 8.03 45.74 28.23
CA PHE E 331 6.59 45.57 28.52
C PHE E 331 5.97 46.91 28.91
N ASP E 332 4.99 47.37 28.15
CA ASP E 332 4.25 48.57 28.56
C ASP E 332 3.60 48.24 29.87
N HIS E 333 3.41 49.23 30.76
CA HIS E 333 2.68 49.04 32.05
C HIS E 333 3.01 47.65 32.63
N ALA E 334 4.30 47.35 32.81
CA ALA E 334 4.83 46.04 33.26
C ALA E 334 4.22 45.66 34.62
N ASP E 335 4.07 46.64 35.52
CA ASP E 335 3.49 46.45 36.88
C ASP E 335 1.99 46.06 36.81
N GLU E 336 1.29 46.38 35.72
CA GLU E 336 -0.16 46.09 35.52
C GLU E 336 -0.35 44.70 34.87
N LEU E 337 -1.47 44.06 35.18
CA LEU E 337 -1.80 42.69 34.69
C LEU E 337 -2.73 42.85 33.47
N ASP E 338 -2.27 42.48 32.27
CA ASP E 338 -3.02 42.74 31.00
C ASP E 338 -3.18 41.47 30.16
N PHE E 339 -4.42 41.04 29.88
CA PHE E 339 -4.65 39.81 29.08
C PHE E 339 -4.70 40.07 27.57
N HIS E 340 -4.52 41.31 27.17
CA HIS E 340 -4.62 41.72 25.76
C HIS E 340 -3.30 42.31 25.31
N ARG E 341 -2.21 41.63 25.59
CA ARG E 341 -0.89 42.01 25.05
C ARG E 341 -0.75 41.29 23.72
N GLU E 342 -0.20 41.96 22.71
CA GLU E 342 0.02 41.38 21.36
C GLU E 342 1.16 40.40 21.43
N ARG E 343 2.16 40.70 22.25
CA ARG E 343 3.28 39.77 22.44
C ARG E 343 3.66 39.77 23.90
N ASN E 344 4.37 38.72 24.29
CA ASN E 344 4.70 38.48 25.70
C ASN E 344 5.88 37.53 25.77
N PRO E 345 7.10 38.04 25.57
CA PRO E 345 8.29 37.19 25.60
C PRO E 345 8.87 37.03 27.00
N HIS E 346 8.05 36.62 27.96
CA HIS E 346 8.49 36.42 29.36
C HIS E 346 9.48 35.26 29.44
N ILE E 347 10.25 35.21 30.52
CA ILE E 347 11.20 34.08 30.75
C ILE E 347 10.76 33.41 32.05
N ALA E 348 9.46 33.26 32.26
CA ALA E 348 8.88 32.49 33.38
C ALA E 348 9.30 31.03 33.30
N PHE E 349 9.60 30.54 32.09
CA PHE E 349 10.10 29.16 31.83
C PHE E 349 11.60 29.13 31.57
N GLY E 350 12.23 30.27 31.77
CA GLY E 350 13.68 30.39 31.63
C GLY E 350 14.04 30.74 30.21
N HIS E 351 15.24 30.32 29.82
CA HIS E 351 15.85 30.79 28.55
C HIS E 351 17.11 30.01 28.21
N GLY E 352 17.39 29.96 26.92
CA GLY E 352 18.60 29.30 26.41
C GLY E 352 18.54 27.82 26.65
N ALA E 353 19.67 27.21 26.91
CA ALA E 353 19.88 25.74 26.92
C ALA E 353 19.02 25.06 27.98
N HIS E 354 18.72 25.74 29.08
CA HIS E 354 18.01 25.14 30.24
C HIS E 354 16.52 25.54 30.27
N HIS E 355 15.93 25.85 29.12
CA HIS E 355 14.50 26.25 29.05
C HIS E 355 13.67 25.08 29.51
N CYS E 356 12.74 25.31 30.43
CA CYS E 356 11.89 24.23 31.00
C CYS E 356 11.52 23.26 29.88
N ILE E 357 11.84 22.00 30.04
CA ILE E 357 11.41 20.98 29.06
C ILE E 357 9.89 20.91 29.11
N GLY E 358 9.34 21.06 30.30
CA GLY E 358 7.89 20.88 30.51
C GLY E 358 7.10 22.10 30.09
N ALA E 359 7.74 23.13 29.58
CA ALA E 359 7.08 24.43 29.32
C ALA E 359 5.73 24.19 28.64
N GLN E 360 5.68 23.23 27.71
CA GLN E 360 4.42 22.93 27.00
C GLN E 360 3.45 22.27 27.96
N LEU E 361 3.91 21.22 28.63
CA LEU E 361 3.04 20.51 29.62
C LEU E 361 2.57 21.44 30.71
N GLY E 362 3.41 22.39 31.11
CA GLY E 362 3.07 23.39 32.12
C GLY E 362 1.92 24.22 31.62
N ARG E 363 2.02 24.63 30.37
CA ARG E 363 1.02 25.54 29.77
C ARG E 363 -0.28 24.77 29.61
N LEU E 364 -0.18 23.48 29.33
CA LEU E 364 -1.38 22.65 29.20
C LEU E 364 -2.10 22.62 30.55
N GLU E 365 -1.36 22.24 31.59
CA GLU E 365 -1.90 22.07 32.94
C GLU E 365 -2.67 23.34 33.30
N LEU E 366 -2.04 24.48 33.16
CA LEU E 366 -2.62 25.74 33.67
C LEU E 366 -3.85 26.10 32.85
N GLN E 367 -3.74 25.97 31.54
CA GLN E 367 -4.82 26.31 30.59
C GLN E 367 -6.02 25.44 30.89
N GLU E 368 -5.77 24.14 31.05
CA GLU E 368 -6.88 23.18 31.27
C GLU E 368 -7.56 23.43 32.62
N ALA E 369 -6.79 23.80 33.65
CA ALA E 369 -7.29 24.08 35.00
C ALA E 369 -8.11 25.37 34.98
N LEU E 370 -7.61 26.40 34.35
CA LEU E 370 -8.39 27.65 34.32
C LEU E 370 -9.66 27.46 33.49
N SER E 371 -9.54 26.76 32.36
CA SER E 371 -10.68 26.65 31.44
C SER E 371 -11.79 25.91 32.21
N ALA E 372 -11.42 24.78 32.82
CA ALA E 372 -12.31 23.98 33.70
C ALA E 372 -12.97 24.87 34.78
N LEU E 373 -12.18 25.69 35.47
CA LEU E 373 -12.73 26.47 36.60
C LEU E 373 -13.75 27.48 36.09
N VAL E 374 -13.43 28.13 34.99
CA VAL E 374 -14.33 29.08 34.29
C VAL E 374 -15.58 28.35 33.73
N ARG E 375 -15.39 27.21 33.11
CA ARG E 375 -16.55 26.47 32.55
C ARG E 375 -17.51 26.07 33.66
N ARG E 376 -16.97 25.47 34.73
CA ARG E 376 -17.78 24.79 35.76
C ARG E 376 -18.28 25.80 36.78
N PHE E 377 -17.47 26.84 37.05
CA PHE E 377 -17.62 27.70 38.24
C PHE E 377 -17.41 29.16 37.88
N PRO E 378 -18.34 29.73 37.12
CA PRO E 378 -18.30 31.17 36.86
C PRO E 378 -18.52 31.95 38.16
N THR E 379 -19.14 31.31 39.16
CA THR E 379 -19.41 31.96 40.45
C THR E 379 -18.27 31.72 41.43
N LEU E 380 -17.16 31.16 40.95
CA LEU E 380 -15.97 30.83 41.79
C LEU E 380 -15.56 32.07 42.54
N ASP E 381 -15.21 31.92 43.82
CA ASP E 381 -14.76 33.06 44.64
C ASP E 381 -13.84 32.56 45.73
N LEU E 382 -13.08 33.47 46.32
CA LEU E 382 -12.30 33.19 47.54
C LEU E 382 -13.24 33.25 48.74
N ALA E 383 -13.33 32.18 49.52
CA ALA E 383 -14.21 32.10 50.72
C ALA E 383 -13.47 32.58 51.95
N GLU E 384 -12.23 32.11 52.16
CA GLU E 384 -11.24 32.58 53.16
C GLU E 384 -11.02 34.07 52.98
N PRO E 385 -10.87 34.86 54.07
CA PRO E 385 -10.55 36.29 53.94
C PRO E 385 -9.10 36.46 53.48
N VAL E 386 -8.79 37.57 52.82
CA VAL E 386 -7.45 37.76 52.20
C VAL E 386 -6.41 37.84 53.32
N ALA E 387 -6.73 38.56 54.40
CA ALA E 387 -5.88 38.70 55.59
C ALA E 387 -5.51 37.33 56.14
N GLY E 388 -6.50 36.47 56.23
CA GLY E 388 -6.33 35.07 56.64
C GLY E 388 -5.27 34.27 55.88
N LEU E 389 -5.06 34.49 54.58
CA LEU E 389 -4.34 33.53 53.69
C LEU E 389 -3.00 33.06 54.30
N LYS E 390 -2.71 31.76 54.19
CA LYS E 390 -1.46 31.18 54.72
C LYS E 390 -0.51 30.89 53.55
N TRP E 391 0.41 31.85 53.33
CA TRP E 391 1.47 31.76 52.30
C TRP E 391 2.64 30.96 52.85
N LYS E 392 3.14 29.97 52.09
CA LYS E 392 4.32 29.15 52.45
C LYS E 392 5.49 30.13 52.70
N GLN E 393 6.30 29.85 53.72
CA GLN E 393 7.19 30.87 54.28
C GLN E 393 8.65 30.60 53.90
N GLY E 394 9.15 29.41 54.21
CA GLY E 394 10.59 29.13 54.14
C GLY E 394 11.12 28.94 52.72
N MET E 395 10.26 28.98 51.69
CA MET E 395 10.50 28.25 50.42
C MET E 395 11.12 29.14 49.35
N LEU E 396 11.83 28.47 48.43
CA LEU E 396 12.45 29.06 47.22
C LEU E 396 11.31 29.52 46.30
N ILE E 397 10.18 28.79 46.33
CA ILE E 397 8.99 28.98 45.45
C ILE E 397 7.77 29.42 46.27
N ARG E 398 7.12 30.50 45.85
CA ARG E 398 5.95 31.06 46.55
C ARG E 398 4.71 30.27 46.24
N GLY E 399 3.75 30.33 47.14
CA GLY E 399 2.53 29.55 46.97
C GLY E 399 1.71 29.58 48.24
N LEU E 400 0.47 29.12 48.17
CA LEU E 400 -0.42 29.14 49.34
C LEU E 400 -0.49 27.73 49.91
N GLU E 401 -0.46 27.65 51.23
CA GLU E 401 -0.68 26.36 51.94
C GLU E 401 -2.12 25.93 51.78
N ARG E 402 -3.01 26.92 51.79
CA ARG E 402 -4.45 26.66 51.66
C ARG E 402 -5.14 27.85 50.99
N GLN E 403 -6.16 27.55 50.17
CA GLN E 403 -6.98 28.47 49.33
C GLN E 403 -8.44 27.99 49.32
N ILE E 404 -9.23 28.45 50.29
CA ILE E 404 -10.63 27.97 50.37
C ILE E 404 -11.47 28.84 49.44
N VAL E 405 -12.26 28.17 48.59
CA VAL E 405 -13.10 28.83 47.56
C VAL E 405 -14.57 28.38 47.70
N SER E 406 -15.44 29.19 47.11
CA SER E 406 -16.90 29.05 47.17
C SER E 406 -17.43 29.17 45.77
N TRP E 407 -18.57 28.56 45.51
CA TRP E 407 -19.21 28.63 44.17
C TRP E 407 -20.72 28.37 44.27
N VAL F 14 -72.47 6.37 28.41
CA VAL F 14 -72.90 7.60 29.14
C VAL F 14 -71.66 8.45 29.42
N PRO F 15 -70.75 8.11 30.38
CA PRO F 15 -69.70 9.04 30.81
C PRO F 15 -68.74 9.39 29.67
N ALA F 16 -68.13 10.57 29.75
CA ALA F 16 -67.14 11.06 28.78
C ALA F 16 -65.73 10.73 29.29
N TYR F 17 -64.83 10.40 28.35
CA TYR F 17 -63.38 10.27 28.55
C TYR F 17 -62.74 11.39 27.74
N PRO F 18 -61.75 12.13 28.26
CA PRO F 18 -61.26 12.00 29.64
C PRO F 18 -62.25 12.50 30.69
N PHE F 19 -62.21 11.93 31.89
CA PHE F 19 -63.21 12.22 32.94
C PHE F 19 -63.14 13.68 33.38
N SER F 20 -61.93 14.22 33.41
CA SER F 20 -61.64 15.55 34.01
C SER F 20 -60.36 16.11 33.41
N LEU F 21 -60.19 17.42 33.52
CA LEU F 21 -58.92 18.11 33.19
C LEU F 21 -57.83 17.64 34.14
N PRO F 22 -56.61 17.37 33.62
CA PRO F 22 -55.54 16.80 34.44
C PRO F 22 -55.03 17.94 35.34
N HIS F 23 -54.56 17.59 36.54
CA HIS F 23 -53.79 18.51 37.43
C HIS F 23 -52.41 17.91 37.76
N ALA F 24 -51.33 18.50 37.26
CA ALA F 24 -49.96 18.36 37.83
C ALA F 24 -49.49 16.92 38.09
N LEU F 25 -49.55 16.00 37.13
CA LEU F 25 -49.05 14.60 37.29
C LEU F 25 -49.82 13.77 38.33
N ASP F 26 -50.84 14.30 38.97
CA ASP F 26 -51.76 13.51 39.83
C ASP F 26 -52.61 12.61 38.95
N LEU F 27 -53.06 11.50 39.50
CA LEU F 27 -53.95 10.62 38.73
C LEU F 27 -55.37 10.88 39.21
N ASP F 28 -56.34 10.82 38.30
CA ASP F 28 -57.78 10.82 38.62
C ASP F 28 -58.04 9.66 39.56
N PRO F 29 -58.74 9.87 40.70
CA PRO F 29 -58.95 8.78 41.65
C PRO F 29 -59.84 7.69 41.02
N HIS F 30 -60.70 8.08 40.06
CA HIS F 30 -61.66 7.18 39.34
C HIS F 30 -60.96 5.91 38.88
N TYR F 31 -59.75 6.00 38.34
CA TYR F 31 -59.04 4.85 37.73
C TYR F 31 -58.83 3.76 38.77
N ALA F 32 -58.58 4.13 40.02
CA ALA F 32 -58.36 3.15 41.12
C ALA F 32 -59.67 2.42 41.50
N GLU F 33 -60.79 3.13 41.36
CA GLU F 33 -62.18 2.61 41.55
C GLU F 33 -62.48 1.61 40.41
N LEU F 34 -62.24 2.00 39.16
CA LEU F 34 -62.51 1.19 37.95
C LEU F 34 -61.69 -0.09 37.97
N ARG F 35 -60.50 -0.08 38.56
CA ARG F 35 -59.66 -1.30 38.60
C ARG F 35 -60.36 -2.34 39.45
N ARG F 36 -60.79 -1.91 40.63
CA ARG F 36 -61.53 -2.76 41.61
C ARG F 36 -62.92 -3.12 41.07
N ASP F 37 -63.73 -2.11 40.70
CA ASP F 37 -65.19 -2.23 40.45
C ASP F 37 -65.49 -2.65 39.01
N GLU F 38 -64.95 -1.97 38.02
CA GLU F 38 -65.30 -2.21 36.61
C GLU F 38 -64.05 -2.06 35.73
N PRO F 39 -63.13 -3.04 35.70
CA PRO F 39 -61.89 -2.88 34.93
C PRO F 39 -62.09 -2.43 33.46
N VAL F 40 -63.08 -2.98 32.77
CA VAL F 40 -63.41 -2.58 31.38
C VAL F 40 -64.76 -1.84 31.43
N SER F 41 -64.78 -0.59 31.02
CA SER F 41 -65.91 0.34 31.24
C SER F 41 -66.28 0.99 29.90
N ARG F 42 -67.56 1.18 29.61
CA ARG F 42 -67.97 1.88 28.37
C ARG F 42 -67.87 3.39 28.62
N VAL F 43 -67.29 4.14 27.67
CA VAL F 43 -67.09 5.61 27.77
C VAL F 43 -67.10 6.26 26.40
N ARG F 44 -67.51 7.53 26.37
CA ARG F 44 -67.57 8.30 25.12
C ARG F 44 -66.31 9.15 24.95
N LEU F 45 -65.56 8.88 23.88
CA LEU F 45 -64.33 9.64 23.57
C LEU F 45 -64.68 11.02 23.02
N PRO F 46 -63.72 11.96 23.02
CA PRO F 46 -63.99 13.34 22.63
C PRO F 46 -64.35 13.48 21.16
N TYR F 47 -63.71 12.69 20.30
CA TYR F 47 -63.99 12.71 18.84
C TYR F 47 -64.30 11.28 18.40
N GLY F 48 -64.82 11.13 17.17
CA GLY F 48 -65.33 9.85 16.66
C GLY F 48 -66.78 9.66 17.05
N GLU F 49 -67.42 8.64 16.50
CA GLU F 49 -68.83 8.34 16.76
C GLU F 49 -68.93 7.02 17.54
N GLY F 50 -69.90 6.95 18.45
CA GLY F 50 -70.20 5.72 19.20
C GLY F 50 -69.61 5.71 20.59
N THR F 51 -69.67 4.55 21.23
CA THR F 51 -69.02 4.28 22.53
C THR F 51 -67.73 3.52 22.24
N ALA F 52 -66.84 3.47 23.24
CA ALA F 52 -65.61 2.66 23.22
C ALA F 52 -65.38 2.04 24.61
N TRP F 53 -64.62 0.96 24.65
CA TRP F 53 -64.20 0.34 25.93
C TRP F 53 -62.91 1.00 26.41
N LEU F 54 -62.77 1.22 27.72
CA LEU F 54 -61.54 1.71 28.38
C LEU F 54 -60.99 0.63 29.29
N VAL F 55 -59.78 0.18 29.01
CA VAL F 55 -59.07 -0.86 29.78
C VAL F 55 -58.23 -0.19 30.87
N THR F 56 -58.29 -0.70 32.08
CA THR F 56 -57.70 -0.01 33.24
C THR F 56 -56.68 -0.92 33.95
N ARG F 57 -56.53 -2.16 33.53
CA ARG F 57 -55.64 -3.09 34.26
C ARG F 57 -54.57 -3.62 33.37
N MET F 58 -53.49 -4.11 33.99
CA MET F 58 -52.26 -4.53 33.27
C MET F 58 -52.59 -5.72 32.35
N SER F 59 -53.05 -6.83 32.90
CA SER F 59 -53.36 -8.06 32.11
C SER F 59 -54.21 -7.68 30.89
N ASP F 60 -55.32 -6.97 31.10
CA ASP F 60 -56.25 -6.56 30.02
C ASP F 60 -55.52 -5.69 29.02
N ALA F 61 -54.70 -4.75 29.48
CA ALA F 61 -53.97 -3.83 28.59
C ALA F 61 -53.02 -4.64 27.71
N ARG F 62 -52.31 -5.60 28.29
CA ARG F 62 -51.33 -6.40 27.53
C ARG F 62 -52.04 -7.14 26.40
N ILE F 63 -53.21 -7.71 26.70
CA ILE F 63 -54.08 -8.43 25.72
C ILE F 63 -54.41 -7.46 24.58
N VAL F 64 -54.90 -6.26 24.90
CA VAL F 64 -55.38 -5.29 23.88
C VAL F 64 -54.20 -4.88 22.99
N LEU F 65 -53.01 -4.77 23.57
CA LEU F 65 -51.83 -4.22 22.85
C LEU F 65 -51.13 -5.35 22.10
N GLY F 66 -51.00 -6.50 22.74
CA GLY F 66 -50.14 -7.62 22.27
C GLY F 66 -50.87 -8.70 21.48
N ASP F 67 -52.21 -8.78 21.53
CA ASP F 67 -52.99 -9.85 20.84
C ASP F 67 -53.35 -9.34 19.46
N SER F 68 -53.09 -10.21 18.46
CA SER F 68 -53.18 -9.92 17.01
C SER F 68 -54.64 -9.69 16.59
N ARG F 69 -55.61 -10.09 17.42
CA ARG F 69 -57.05 -9.91 17.13
C ARG F 69 -57.48 -8.44 17.22
N PHE F 70 -56.61 -7.53 17.69
CA PHE F 70 -56.88 -6.07 17.64
C PHE F 70 -56.16 -5.48 16.43
N SER F 71 -56.73 -4.43 15.87
CA SER F 71 -56.16 -3.71 14.72
C SER F 71 -56.13 -2.21 15.02
N THR F 72 -54.98 -1.58 14.76
CA THR F 72 -54.82 -0.12 14.78
C THR F 72 -55.31 0.47 13.46
N ALA F 73 -55.06 -0.23 12.36
CA ALA F 73 -55.35 0.25 10.99
C ALA F 73 -56.82 0.67 10.92
N ALA F 74 -57.71 -0.19 11.43
CA ALA F 74 -59.16 0.09 11.47
C ALA F 74 -59.41 1.51 12.03
N ALA F 75 -58.64 1.92 13.03
CA ALA F 75 -58.88 3.18 13.77
C ALA F 75 -58.77 4.39 12.85
N THR F 76 -58.22 4.22 11.65
CA THR F 76 -58.11 5.31 10.67
C THR F 76 -59.48 5.85 10.26
N ASP F 77 -60.52 5.00 10.27
CA ASP F 77 -61.89 5.40 9.88
C ASP F 77 -62.32 6.61 10.73
N PRO F 78 -62.57 7.78 10.10
CA PRO F 78 -62.99 8.97 10.87
C PRO F 78 -64.18 8.72 11.81
N ALA F 79 -65.02 7.74 11.50
CA ALA F 79 -66.20 7.38 12.32
C ALA F 79 -65.71 6.76 13.61
N THR F 80 -64.52 6.18 13.59
CA THR F 80 -63.96 5.48 14.77
C THR F 80 -63.66 6.48 15.87
N PRO F 81 -63.99 6.15 17.15
CA PRO F 81 -63.63 7.02 18.27
C PRO F 81 -62.12 7.26 18.33
N ARG F 82 -61.74 8.40 18.91
CA ARG F 82 -60.31 8.80 19.07
C ARG F 82 -60.20 9.99 20.04
N MET F 83 -59.04 10.11 20.68
CA MET F 83 -58.76 11.13 21.72
C MET F 83 -58.54 12.52 21.11
N PHE F 84 -58.12 12.59 19.84
CA PHE F 84 -57.57 13.80 19.19
C PHE F 84 -58.39 14.17 17.98
N PRO F 85 -58.44 15.47 17.63
CA PRO F 85 -59.46 15.97 16.69
C PRO F 85 -59.30 15.49 15.25
N THR F 86 -58.09 15.52 14.69
CA THR F 86 -57.79 15.06 13.30
C THR F 86 -57.81 13.55 13.23
N PRO F 87 -58.57 12.95 12.28
CA PRO F 87 -58.54 11.51 12.10
C PRO F 87 -57.11 11.09 11.80
N PRO F 88 -56.70 9.87 12.20
CA PRO F 88 -55.30 9.45 12.07
C PRO F 88 -54.90 9.29 10.61
N GLU F 89 -53.68 9.67 10.25
CA GLU F 89 -53.13 9.40 8.91
C GLU F 89 -52.91 7.91 8.85
N PRO F 90 -53.32 7.26 7.74
CA PRO F 90 -53.12 5.82 7.61
C PRO F 90 -51.65 5.43 7.48
N ASP F 91 -50.83 6.40 7.07
CA ASP F 91 -49.37 6.27 6.88
C ASP F 91 -48.66 6.10 8.23
N GLY F 92 -49.15 6.75 9.30
CA GLY F 92 -48.58 6.67 10.66
C GLY F 92 -48.25 5.26 11.07
N VAL F 93 -47.07 5.01 11.62
CA VAL F 93 -46.61 3.62 11.90
C VAL F 93 -47.54 3.02 12.94
N LEU F 94 -48.12 3.87 13.73
CA LEU F 94 -49.08 3.40 14.75
C LEU F 94 -50.36 2.88 14.09
N ALA F 95 -50.81 3.46 12.97
CA ALA F 95 -52.00 3.03 12.20
C ALA F 95 -51.71 1.85 11.26
N GLN F 96 -50.48 1.33 11.29
CA GLN F 96 -50.11 0.20 10.43
C GLN F 96 -50.38 -1.14 11.10
N ASP F 97 -50.92 -2.06 10.30
CA ASP F 97 -51.27 -3.43 10.69
C ASP F 97 -50.31 -4.40 10.03
N PRO F 98 -50.14 -5.61 10.58
CA PRO F 98 -49.32 -6.63 9.92
C PRO F 98 -49.89 -6.94 8.55
N PRO F 99 -49.09 -7.44 7.59
CA PRO F 99 -47.68 -7.72 7.81
C PRO F 99 -46.77 -6.58 7.34
N ASP F 100 -47.32 -5.52 6.75
CA ASP F 100 -46.50 -4.36 6.28
C ASP F 100 -45.82 -3.63 7.44
N HIS F 101 -46.55 -3.48 8.56
CA HIS F 101 -46.04 -3.02 9.86
C HIS F 101 -44.85 -3.90 10.26
N THR F 102 -45.06 -5.21 10.27
CA THR F 102 -44.04 -6.17 10.73
C THR F 102 -42.77 -5.90 9.94
N ARG F 103 -42.90 -5.68 8.63
CA ARG F 103 -41.73 -5.46 7.73
C ARG F 103 -40.95 -4.23 8.22
N LEU F 104 -41.65 -3.10 8.36
CA LEU F 104 -41.06 -1.83 8.81
C LEU F 104 -40.23 -2.09 10.08
N ARG F 105 -40.86 -2.68 11.09
CA ARG F 105 -40.22 -2.92 12.40
C ARG F 105 -39.02 -3.87 12.25
N ARG F 106 -39.12 -4.88 11.41
CA ARG F 106 -38.05 -5.89 11.22
C ARG F 106 -36.82 -5.17 10.66
N LEU F 107 -37.03 -4.35 9.64
CA LEU F 107 -35.91 -3.70 8.91
C LEU F 107 -35.30 -2.60 9.80
N VAL F 108 -36.13 -1.75 10.42
CA VAL F 108 -35.60 -0.61 11.21
C VAL F 108 -34.96 -1.16 12.47
N GLY F 109 -35.45 -2.29 12.96
CA GLY F 109 -34.91 -3.00 14.13
C GLY F 109 -33.53 -3.57 13.89
N LYS F 110 -33.21 -3.99 12.67
CA LYS F 110 -31.87 -4.56 12.42
C LYS F 110 -30.80 -3.45 12.63
N ALA F 111 -31.12 -2.18 12.37
CA ALA F 111 -30.23 -1.00 12.56
C ALA F 111 -30.35 -0.40 13.96
N PHE F 112 -31.58 -0.19 14.44
CA PHE F 112 -31.91 0.46 15.72
C PHE F 112 -31.72 -0.53 16.86
N THR F 113 -30.61 -1.27 16.88
CA THR F 113 -30.32 -2.23 17.96
C THR F 113 -30.24 -1.49 19.32
N ALA F 114 -30.38 -2.22 20.42
CA ALA F 114 -30.01 -1.73 21.76
C ALA F 114 -28.51 -1.44 21.76
N ARG F 115 -27.71 -2.31 21.13
CA ARG F 115 -26.24 -2.16 21.07
C ARG F 115 -25.85 -0.84 20.41
N ARG F 116 -26.46 -0.50 19.29
CA ARG F 116 -26.19 0.80 18.65
C ARG F 116 -26.45 1.91 19.65
N VAL F 117 -27.56 1.84 20.41
CA VAL F 117 -27.96 2.92 21.34
C VAL F 117 -26.89 3.06 22.44
N GLU F 118 -26.43 1.94 23.01
CA GLU F 118 -25.44 2.01 24.10
C GLU F 118 -24.16 2.64 23.60
N GLU F 119 -23.83 2.45 22.33
CA GLU F 119 -22.58 3.02 21.77
C GLU F 119 -22.68 4.56 21.63
N MET F 120 -23.89 5.11 21.61
CA MET F 120 -24.07 6.58 21.57
C MET F 120 -23.72 7.21 22.92
N ARG F 121 -23.76 6.43 24.01
CA ARG F 121 -23.75 7.01 25.38
C ARG F 121 -22.65 8.06 25.50
N PRO F 122 -21.38 7.69 25.22
CA PRO F 122 -20.27 8.65 25.30
C PRO F 122 -20.62 9.98 24.63
N ARG F 123 -21.10 9.94 23.38
CA ARG F 123 -21.42 11.18 22.65
C ARG F 123 -22.56 11.90 23.38
N VAL F 124 -23.52 11.16 23.90
CA VAL F 124 -24.72 11.75 24.57
C VAL F 124 -24.31 12.39 25.89
N ARG F 125 -23.40 11.75 26.64
CA ARG F 125 -22.86 12.35 27.87
C ARG F 125 -22.29 13.74 27.52
N SER F 126 -21.37 13.77 26.53
CA SER F 126 -20.64 14.99 26.16
C SER F 126 -21.63 16.08 25.78
N LEU F 127 -22.75 15.67 25.18
CA LEU F 127 -23.83 16.57 24.73
C LEU F 127 -24.51 17.25 25.92
N VAL F 128 -24.83 16.47 26.96
CA VAL F 128 -25.54 16.98 28.16
C VAL F 128 -24.57 17.88 28.92
N ASP F 129 -23.31 17.51 28.93
CA ASP F 129 -22.31 18.33 29.62
C ASP F 129 -22.34 19.73 29.00
N SER F 130 -22.26 19.78 27.67
CA SER F 130 -22.18 21.04 26.93
C SER F 130 -23.42 21.88 27.26
N LEU F 131 -24.59 21.23 27.29
CA LEU F 131 -25.87 21.94 27.56
C LEU F 131 -25.88 22.52 28.98
N LEU F 132 -25.41 21.73 29.95
CA LEU F 132 -25.35 22.19 31.35
C LEU F 132 -24.31 23.32 31.44
N ASP F 133 -23.21 23.22 30.68
CA ASP F 133 -22.16 24.25 30.69
C ASP F 133 -22.83 25.57 30.37
N ASP F 134 -23.75 25.52 29.39
CA ASP F 134 -24.47 26.70 28.88
C ASP F 134 -25.36 27.24 29.99
N MET F 135 -25.99 26.34 30.73
CA MET F 135 -26.83 26.72 31.89
C MET F 135 -25.98 27.40 32.97
N VAL F 136 -24.76 26.91 33.18
CA VAL F 136 -23.84 27.49 34.20
C VAL F 136 -23.47 28.91 33.78
N ALA F 137 -23.18 29.11 32.49
CA ALA F 137 -22.84 30.44 31.97
C ALA F 137 -23.98 31.38 32.23
N HIS F 138 -25.21 30.92 32.03
CA HIS F 138 -26.39 31.76 32.36
C HIS F 138 -26.37 32.15 33.84
N GLY F 139 -26.07 31.17 34.73
CA GLY F 139 -26.07 31.34 36.21
C GLY F 139 -27.37 30.84 36.81
N SER F 140 -27.37 30.43 38.08
CA SER F 140 -28.62 30.12 38.79
C SER F 140 -29.34 31.45 39.11
N PRO F 141 -30.68 31.47 39.08
CA PRO F 141 -31.48 30.34 38.64
C PRO F 141 -31.73 30.39 37.13
N ALA F 142 -32.00 29.25 36.52
CA ALA F 142 -32.28 29.17 35.07
C ALA F 142 -33.42 28.21 34.77
N ASP F 143 -34.05 28.40 33.61
CA ASP F 143 -35.15 27.52 33.16
C ASP F 143 -34.58 26.18 32.70
N LEU F 144 -34.91 25.09 33.37
CA LEU F 144 -34.29 23.79 33.02
C LEU F 144 -34.93 23.27 31.74
N VAL F 145 -36.13 23.77 31.46
CA VAL F 145 -36.82 23.47 30.17
C VAL F 145 -35.96 24.03 29.04
N GLU F 146 -35.71 25.34 29.09
CA GLU F 146 -35.05 26.01 27.96
C GLU F 146 -33.62 25.49 27.80
N PHE F 147 -32.87 25.17 28.86
CA PHE F 147 -31.45 24.80 28.68
C PHE F 147 -31.24 23.28 28.56
N LEU F 148 -32.11 22.46 29.13
CA LEU F 148 -31.85 21.00 29.11
C LEU F 148 -32.96 20.24 28.40
N ALA F 149 -34.18 20.30 28.92
CA ALA F 149 -35.29 19.43 28.47
C ALA F 149 -35.58 19.62 26.98
N VAL F 150 -35.67 20.85 26.46
CA VAL F 150 -36.05 21.09 25.05
C VAL F 150 -34.90 20.75 24.10
N PRO F 151 -33.69 21.34 24.24
CA PRO F 151 -32.62 21.12 23.27
C PRO F 151 -32.13 19.67 23.23
N PHE F 152 -32.16 19.00 24.36
CA PHE F 152 -31.39 17.75 24.51
C PHE F 152 -31.93 16.69 23.55
N PRO F 153 -33.24 16.35 23.59
CA PRO F 153 -33.73 15.20 22.83
C PRO F 153 -33.51 15.39 21.33
N VAL F 154 -33.66 16.63 20.84
CA VAL F 154 -33.46 16.92 19.40
C VAL F 154 -32.00 16.66 19.05
N ALA F 155 -31.09 17.14 19.87
CA ALA F 155 -29.66 16.85 19.67
C ALA F 155 -29.40 15.33 19.68
N VAL F 156 -30.08 14.58 20.50
CA VAL F 156 -29.77 13.13 20.60
C VAL F 156 -30.22 12.45 19.32
N ILE F 157 -31.38 12.87 18.82
CA ILE F 157 -31.98 12.27 17.61
C ILE F 157 -31.08 12.63 16.41
N CYS F 158 -30.61 13.87 16.36
CA CYS F 158 -29.66 14.31 15.32
C CYS F 158 -28.42 13.43 15.33
N GLU F 159 -27.81 13.21 16.49
CA GLU F 159 -26.68 12.27 16.66
C GLU F 159 -27.05 10.90 16.08
N LEU F 160 -28.27 10.44 16.36
CA LEU F 160 -28.72 9.10 15.91
C LEU F 160 -28.78 9.09 14.38
N LEU F 161 -29.26 10.16 13.78
CA LEU F 161 -29.45 10.20 12.32
C LEU F 161 -28.17 10.60 11.55
N GLY F 162 -27.12 11.01 12.26
CA GLY F 162 -25.88 11.55 11.67
C GLY F 162 -26.06 12.90 10.99
N VAL F 163 -26.90 13.76 11.52
CA VAL F 163 -27.06 15.13 10.96
C VAL F 163 -25.79 15.91 11.26
N PRO F 164 -25.24 16.64 10.28
CA PRO F 164 -24.13 17.54 10.54
C PRO F 164 -24.58 18.72 11.40
N LEU F 165 -23.65 19.31 12.17
CA LEU F 165 -23.92 20.32 13.24
C LEU F 165 -24.57 21.59 12.66
N GLU F 166 -24.10 21.98 11.47
CA GLU F 166 -24.59 23.13 10.66
C GLU F 166 -26.11 23.10 10.50
N ASP F 167 -26.65 21.92 10.21
CA ASP F 167 -28.05 21.74 9.77
C ASP F 167 -29.00 21.38 10.92
N ARG F 168 -28.52 21.33 12.18
CA ARG F 168 -29.37 20.89 13.31
C ARG F 168 -30.38 21.99 13.67
N ASP F 169 -30.03 23.24 13.41
CA ASP F 169 -31.01 24.35 13.48
C ASP F 169 -32.32 23.85 12.87
N LEU F 170 -32.25 23.43 11.60
CA LEU F 170 -33.42 23.08 10.73
C LEU F 170 -34.33 22.08 11.46
N PHE F 171 -33.73 21.13 12.19
CA PHE F 171 -34.45 20.04 12.90
C PHE F 171 -35.15 20.57 14.13
N ARG F 172 -34.60 21.59 14.78
CA ARG F 172 -35.31 22.19 15.93
C ARG F 172 -36.56 22.90 15.45
N THR F 173 -36.44 23.70 14.39
CA THR F 173 -37.58 24.47 13.82
C THR F 173 -38.72 23.48 13.51
N PHE F 174 -38.40 22.40 12.80
CA PHE F 174 -39.40 21.41 12.32
C PHE F 174 -40.11 20.79 13.52
N SER F 175 -39.37 20.33 14.53
CA SER F 175 -39.95 19.63 15.72
C SER F 175 -40.90 20.57 16.47
N ASP F 176 -40.50 21.84 16.68
CA ASP F 176 -41.30 22.87 17.40
C ASP F 176 -42.54 23.23 16.59
N ALA F 177 -42.40 23.21 15.26
CA ALA F 177 -43.48 23.49 14.28
C ALA F 177 -44.53 22.34 14.30
N MET F 178 -44.06 21.09 14.32
CA MET F 178 -44.95 19.91 14.37
C MET F 178 -45.76 19.91 15.69
N LEU F 179 -45.19 20.45 16.77
CA LEU F 179 -45.89 20.57 18.08
C LEU F 179 -47.14 21.43 17.97
N SER F 180 -48.16 20.96 18.64
CA SER F 180 -49.49 21.56 18.69
C SER F 180 -49.45 22.88 19.46
N SER F 181 -50.37 23.79 19.13
CA SER F 181 -50.84 24.93 19.97
C SER F 181 -49.78 26.03 20.09
N THR F 182 -48.57 25.78 19.60
CA THR F 182 -47.39 26.66 19.75
C THR F 182 -47.00 27.18 18.36
N ARG F 183 -47.29 26.37 17.35
CA ARG F 183 -46.92 26.58 15.93
C ARG F 183 -47.29 27.97 15.36
N LEU F 184 -48.43 28.53 15.77
CA LEU F 184 -49.11 29.70 15.14
C LEU F 184 -49.46 29.41 13.65
N THR F 185 -49.00 30.16 12.64
CA THR F 185 -49.63 30.14 11.27
C THR F 185 -49.60 28.74 10.66
N ALA F 186 -50.66 28.38 9.92
CA ALA F 186 -50.85 27.08 9.23
C ALA F 186 -50.05 27.05 7.92
N ALA F 187 -50.15 28.10 7.10
CA ALA F 187 -49.50 28.13 5.76
C ALA F 187 -47.97 28.18 5.89
N GLU F 188 -47.47 28.88 6.92
CA GLU F 188 -46.01 29.02 7.13
C GLU F 188 -45.43 27.73 7.75
N ILE F 189 -46.15 27.07 8.67
CA ILE F 189 -45.77 25.73 9.22
C ILE F 189 -45.77 24.72 8.06
N GLN F 190 -46.72 24.82 7.15
CA GLN F 190 -46.74 23.93 5.97
C GLN F 190 -45.42 24.12 5.23
N ARG F 191 -44.99 25.36 5.01
CA ARG F 191 -43.76 25.71 4.25
C ARG F 191 -42.52 25.04 4.86
N VAL F 192 -42.36 25.07 6.18
CA VAL F 192 -41.19 24.41 6.83
C VAL F 192 -41.27 22.89 6.62
N GLN F 193 -42.46 22.30 6.71
CA GLN F 193 -42.60 20.82 6.64
C GLN F 193 -42.06 20.37 5.29
N GLN F 194 -42.38 21.08 4.22
CA GLN F 194 -41.92 20.75 2.86
C GLN F 194 -40.42 21.01 2.78
N ASP F 195 -39.98 22.16 3.28
CA ASP F 195 -38.54 22.53 3.30
C ASP F 195 -37.76 21.37 3.91
N PHE F 196 -38.18 20.97 5.12
CA PHE F 196 -37.57 19.88 5.90
C PHE F 196 -37.53 18.62 5.04
N MET F 197 -38.67 18.30 4.42
CA MET F 197 -38.89 17.07 3.62
C MET F 197 -37.89 16.99 2.46
N VAL F 198 -37.63 18.12 1.82
CA VAL F 198 -36.59 18.13 0.75
C VAL F 198 -35.23 17.95 1.41
N TYR F 199 -35.02 18.50 2.60
CA TYR F 199 -33.71 18.31 3.23
C TYR F 199 -33.50 16.80 3.47
N MET F 200 -34.49 16.12 4.05
CA MET F 200 -34.36 14.70 4.43
C MET F 200 -34.06 13.85 3.20
N ASP F 201 -34.78 14.08 2.09
CA ASP F 201 -34.58 13.34 0.82
C ASP F 201 -33.10 13.46 0.37
N GLY F 202 -32.51 14.66 0.52
CA GLY F 202 -31.11 14.95 0.11
C GLY F 202 -30.11 14.23 1.00
N LEU F 203 -30.44 14.20 2.28
CA LEU F 203 -29.64 13.51 3.30
C LEU F 203 -29.60 12.01 3.00
N VAL F 204 -30.76 11.41 2.76
CA VAL F 204 -30.86 9.94 2.51
C VAL F 204 -30.11 9.60 1.21
N ALA F 205 -30.26 10.47 0.20
CA ALA F 205 -29.57 10.33 -1.09
C ALA F 205 -28.06 10.35 -0.87
N GLN F 206 -27.58 11.30 -0.08
CA GLN F 206 -26.15 11.35 0.30
C GLN F 206 -25.75 9.98 0.84
N ARG F 207 -26.59 9.38 1.71
CA ARG F 207 -26.22 8.16 2.44
C ARG F 207 -26.12 7.02 1.46
N ARG F 208 -27.00 7.07 0.47
CA ARG F 208 -27.08 6.05 -0.60
C ARG F 208 -25.80 6.15 -1.44
N ASP F 209 -25.30 7.37 -1.66
CA ASP F 209 -24.03 7.65 -2.37
C ASP F 209 -22.83 7.14 -1.58
N ALA F 210 -22.74 7.57 -0.32
CA ALA F 210 -21.62 7.31 0.62
C ALA F 210 -22.12 6.81 1.96
N PRO F 211 -21.80 5.55 2.32
CA PRO F 211 -22.35 4.98 3.54
C PRO F 211 -21.76 5.70 4.75
N THR F 212 -22.58 5.98 5.77
CA THR F 212 -22.19 6.59 7.06
C THR F 212 -22.46 5.59 8.15
N GLU F 213 -21.90 5.82 9.34
CA GLU F 213 -22.03 4.87 10.48
C GLU F 213 -23.34 5.13 11.23
N ASP F 214 -24.07 6.18 10.90
CA ASP F 214 -25.31 6.52 11.64
C ASP F 214 -26.44 5.61 11.20
N LEU F 215 -27.59 5.73 11.86
CA LEU F 215 -28.76 4.88 11.62
C LEU F 215 -29.28 5.08 10.18
N LEU F 216 -29.40 6.30 9.70
CA LEU F 216 -29.76 6.49 8.27
C LEU F 216 -28.77 5.73 7.39
N GLY F 217 -27.50 5.69 7.76
CA GLY F 217 -26.46 5.06 6.95
C GLY F 217 -26.67 3.57 6.88
N ALA F 218 -26.96 2.94 8.01
CA ALA F 218 -27.27 1.49 8.06
C ALA F 218 -28.51 1.18 7.21
N LEU F 219 -29.59 1.92 7.38
CA LEU F 219 -30.86 1.72 6.61
C LEU F 219 -30.61 1.92 5.12
N ALA F 220 -29.69 2.79 4.75
CA ALA F 220 -29.40 3.09 3.34
C ALA F 220 -28.67 1.93 2.68
N LEU F 221 -27.89 1.17 3.42
CA LEU F 221 -27.18 0.02 2.82
C LEU F 221 -28.17 -1.06 2.31
N ALA F 222 -28.04 -1.38 1.02
CA ALA F 222 -28.42 -2.66 0.40
C ALA F 222 -27.12 -3.32 0.03
N THR F 223 -26.86 -4.49 0.58
CA THR F 223 -25.64 -5.24 0.25
C THR F 223 -26.04 -6.37 -0.68
N ASP F 224 -27.26 -6.88 -0.50
CA ASP F 224 -27.62 -8.16 -1.12
C ASP F 224 -29.08 -8.17 -1.51
N ASN F 225 -29.59 -9.39 -1.67
CA ASN F 225 -31.01 -9.70 -1.96
C ASN F 225 -31.69 -10.02 -0.64
N ASP F 226 -31.62 -9.03 0.23
CA ASP F 226 -32.30 -9.02 1.53
C ASP F 226 -33.18 -7.77 1.47
N ASP F 227 -34.27 -7.78 2.21
CA ASP F 227 -35.16 -6.64 2.08
C ASP F 227 -34.36 -5.51 2.68
N HIS F 228 -34.61 -4.34 2.15
CA HIS F 228 -34.19 -3.08 2.75
C HIS F 228 -35.39 -2.16 2.62
N LEU F 229 -35.24 -0.93 3.05
CA LEU F 229 -36.33 0.04 2.89
C LEU F 229 -36.13 0.88 1.63
N THR F 230 -37.25 1.31 1.05
CA THR F 230 -37.26 2.27 -0.06
C THR F 230 -36.72 3.60 0.48
N LYS F 231 -36.06 4.36 -0.37
CA LYS F 231 -35.48 5.66 0.01
C LYS F 231 -36.56 6.56 0.61
N GLY F 232 -37.75 6.58 0.03
CA GLY F 232 -38.87 7.35 0.57
C GLY F 232 -39.33 6.83 1.91
N GLU F 233 -39.35 5.50 2.09
CA GLU F 233 -39.72 4.85 3.39
C GLU F 233 -38.72 5.35 4.45
N ILE F 234 -37.42 5.38 4.10
CA ILE F 234 -36.34 5.80 5.04
C ILE F 234 -36.59 7.25 5.45
N VAL F 235 -36.91 8.09 4.49
CA VAL F 235 -37.17 9.51 4.79
C VAL F 235 -38.34 9.59 5.77
N ASN F 236 -39.45 8.95 5.43
CA ASN F 236 -40.66 9.00 6.29
C ASN F 236 -40.33 8.51 7.71
N MET F 237 -39.58 7.42 7.80
CA MET F 237 -39.22 6.80 9.09
C MET F 237 -38.42 7.83 9.89
N GLY F 238 -37.46 8.48 9.26
CA GLY F 238 -36.61 9.47 9.94
C GLY F 238 -37.44 10.59 10.52
N VAL F 239 -38.51 10.95 9.84
CA VAL F 239 -39.47 11.96 10.35
C VAL F 239 -40.30 11.32 11.46
N SER F 240 -40.74 10.09 11.27
CA SER F 240 -41.57 9.41 12.31
C SER F 240 -40.77 9.38 13.61
N LEU F 241 -39.50 8.95 13.53
CA LEU F 241 -38.62 8.87 14.73
C LEU F 241 -38.42 10.24 15.38
N LEU F 242 -38.27 11.29 14.59
CA LEU F 242 -38.02 12.63 15.17
C LEU F 242 -39.24 13.06 15.96
N ILE F 243 -40.45 12.86 15.42
CA ILE F 243 -41.68 13.45 16.03
C ILE F 243 -42.12 12.64 17.25
N ALA F 244 -42.14 11.32 17.12
CA ALA F 244 -42.54 10.43 18.23
C ALA F 244 -41.62 10.61 19.44
N GLY F 245 -40.31 10.71 19.20
CA GLY F 245 -39.26 10.73 20.24
C GLY F 245 -39.17 12.06 20.95
N HIS F 246 -39.57 13.14 20.30
CA HIS F 246 -39.32 14.51 20.77
C HIS F 246 -40.33 14.84 21.87
N GLU F 247 -41.62 14.92 21.56
CA GLU F 247 -42.62 15.48 22.51
C GLU F 247 -42.65 14.65 23.78
N THR F 248 -42.62 13.34 23.67
CA THR F 248 -42.55 12.45 24.85
C THR F 248 -41.30 12.83 25.65
N SER F 249 -40.11 12.78 25.04
CA SER F 249 -38.83 12.87 25.78
C SER F 249 -38.77 14.21 26.49
N VAL F 250 -39.09 15.26 25.74
CA VAL F 250 -38.98 16.66 26.22
C VAL F 250 -39.71 16.82 27.55
N ASN F 251 -40.96 16.41 27.59
CA ASN F 251 -41.81 16.54 28.78
C ASN F 251 -41.38 15.52 29.83
N GLN F 252 -40.92 14.34 29.40
CA GLN F 252 -40.58 13.26 30.33
C GLN F 252 -39.40 13.68 31.20
N ILE F 253 -38.39 14.31 30.60
CA ILE F 253 -37.25 14.84 31.38
C ILE F 253 -37.84 15.72 32.48
N THR F 254 -38.53 16.78 32.09
CA THR F 254 -39.12 17.77 33.01
C THR F 254 -39.93 17.11 34.12
N ASN F 255 -40.71 16.10 33.77
CA ASN F 255 -41.59 15.41 34.74
C ASN F 255 -40.72 14.69 35.78
N LEU F 256 -39.70 13.93 35.37
CA LEU F 256 -38.85 13.19 36.32
C LEU F 256 -38.30 14.22 37.31
N VAL F 257 -37.68 15.25 36.76
CA VAL F 257 -37.06 16.28 37.61
C VAL F 257 -38.11 16.78 38.59
N HIS F 258 -39.35 16.97 38.15
CA HIS F 258 -40.43 17.48 39.03
C HIS F 258 -40.62 16.51 40.20
N LEU F 259 -40.73 15.23 39.90
CA LEU F 259 -40.93 14.23 40.97
C LEU F 259 -39.74 14.36 41.90
N LEU F 260 -38.54 14.41 41.34
CA LEU F 260 -37.29 14.33 42.14
C LEU F 260 -37.18 15.48 43.14
N LEU F 261 -37.56 16.70 42.74
CA LEU F 261 -37.36 17.92 43.55
C LEU F 261 -38.56 18.21 44.44
N THR F 262 -39.78 17.87 44.06
CA THR F 262 -40.94 18.18 44.95
C THR F 262 -40.83 17.37 46.26
N GLU F 263 -40.29 16.17 46.21
CA GLU F 263 -40.00 15.38 47.40
C GLU F 263 -38.49 15.21 47.36
N ARG F 264 -37.75 16.20 47.84
CA ARG F 264 -36.31 16.26 47.53
C ARG F 264 -35.58 15.04 48.06
N LYS F 265 -36.15 14.40 49.07
CA LYS F 265 -35.51 13.20 49.64
C LYS F 265 -35.11 12.30 48.47
N ARG F 266 -35.93 12.25 47.42
CA ARG F 266 -35.72 11.30 46.30
C ARG F 266 -34.48 11.67 45.50
N TYR F 267 -34.34 12.96 45.18
CA TYR F 267 -33.14 13.49 44.49
C TYR F 267 -31.92 13.15 45.34
N GLU F 268 -32.01 13.37 46.67
CA GLU F 268 -30.90 13.16 47.63
C GLU F 268 -30.48 11.69 47.62
N SER F 269 -31.44 10.82 47.40
CA SER F 269 -31.20 9.38 47.32
C SER F 269 -30.29 9.07 46.10
N LEU F 270 -30.48 9.75 44.98
CA LEU F 270 -29.67 9.49 43.76
C LEU F 270 -28.29 10.09 43.96
N VAL F 271 -28.23 11.26 44.60
CA VAL F 271 -26.92 11.91 44.88
C VAL F 271 -26.08 10.95 45.70
N ALA F 272 -26.69 10.40 46.74
CA ALA F 272 -26.05 9.45 47.66
C ALA F 272 -25.56 8.24 46.87
N ASP F 273 -26.42 7.73 45.99
CA ASP F 273 -26.14 6.51 45.21
C ASP F 273 -26.43 6.83 43.76
N PRO F 274 -25.42 7.24 42.96
CA PRO F 274 -25.66 7.56 41.57
C PRO F 274 -25.93 6.30 40.76
N ALA F 275 -25.49 5.12 41.20
CA ALA F 275 -25.75 3.85 40.47
C ALA F 275 -27.25 3.49 40.47
N LEU F 276 -28.04 4.12 41.35
CA LEU F 276 -29.50 3.93 41.49
C LEU F 276 -30.30 4.57 40.34
N VAL F 277 -29.69 5.38 39.47
CA VAL F 277 -30.44 6.19 38.47
C VAL F 277 -31.22 5.31 37.51
N PRO F 278 -30.62 4.27 36.90
CA PRO F 278 -31.36 3.51 35.90
C PRO F 278 -32.65 2.97 36.51
N ALA F 279 -32.54 2.31 37.65
CA ALA F 279 -33.68 1.74 38.37
C ALA F 279 -34.70 2.85 38.63
N ALA F 280 -34.19 4.03 38.99
CA ALA F 280 -35.01 5.21 39.33
C ALA F 280 -35.81 5.70 38.12
N VAL F 281 -35.23 5.67 36.93
CA VAL F 281 -35.97 6.16 35.73
C VAL F 281 -37.09 5.19 35.39
N GLU F 282 -36.84 3.88 35.53
CA GLU F 282 -37.86 2.84 35.27
C GLU F 282 -39.07 3.11 36.15
N GLU F 283 -38.83 3.38 37.43
CA GLU F 283 -39.91 3.63 38.40
C GLU F 283 -40.69 4.89 38.00
N MET F 284 -39.95 5.93 37.63
CA MET F 284 -40.55 7.24 37.30
C MET F 284 -41.27 7.16 35.96
N LEU F 285 -40.75 6.35 35.04
CA LEU F 285 -41.45 6.08 33.77
C LEU F 285 -42.85 5.56 34.11
N ARG F 286 -42.92 4.56 35.01
CA ARG F 286 -44.17 3.86 35.37
C ARG F 286 -45.07 4.77 36.20
N TYR F 287 -44.45 5.64 36.99
CA TYR F 287 -45.17 6.51 37.94
C TYR F 287 -45.79 7.69 37.19
N THR F 288 -45.11 8.16 36.17
CA THR F 288 -45.48 9.43 35.49
C THR F 288 -46.57 9.18 34.47
N PRO F 289 -47.74 9.86 34.59
CA PRO F 289 -48.76 9.77 33.54
C PRO F 289 -48.40 10.70 32.39
N LEU F 290 -47.34 10.35 31.66
CA LEU F 290 -46.89 11.16 30.51
C LEU F 290 -48.07 11.30 29.57
N VAL F 291 -48.75 10.19 29.29
CA VAL F 291 -49.95 10.25 28.42
C VAL F 291 -51.18 10.45 29.30
N SER F 292 -51.86 11.60 29.18
CA SER F 292 -53.25 11.75 29.66
C SER F 292 -54.20 11.28 28.56
N ALA F 293 -55.38 10.78 28.92
CA ALA F 293 -56.46 10.57 27.95
C ALA F 293 -56.27 9.28 27.13
N GLY F 294 -55.71 8.21 27.68
CA GLY F 294 -55.81 6.92 26.98
C GLY F 294 -54.76 6.76 25.90
N SER F 295 -54.98 5.80 25.02
CA SER F 295 -54.03 5.35 23.99
C SER F 295 -54.60 5.63 22.61
N PHE F 296 -53.81 5.37 21.59
CA PHE F 296 -54.30 5.24 20.21
C PHE F 296 -55.21 4.03 20.16
N VAL F 297 -56.32 4.15 19.43
CA VAL F 297 -57.47 3.20 19.53
C VAL F 297 -57.11 1.84 18.92
N ARG F 298 -57.61 0.74 19.51
CA ARG F 298 -57.47 -0.66 19.02
C ARG F 298 -58.86 -1.25 18.79
N VAL F 299 -59.18 -1.55 17.53
CA VAL F 299 -60.50 -2.12 17.13
C VAL F 299 -60.30 -3.63 17.01
N ALA F 300 -61.24 -4.39 17.55
CA ALA F 300 -61.18 -5.86 17.53
C ALA F 300 -61.63 -6.37 16.14
N THR F 301 -60.78 -7.17 15.52
CA THR F 301 -61.10 -7.95 14.30
C THR F 301 -62.08 -9.08 14.65
N GLU F 302 -61.87 -9.71 15.80
CA GLU F 302 -62.62 -10.90 16.25
C GLU F 302 -63.20 -10.62 17.65
N ASP F 303 -63.99 -11.54 18.16
CA ASP F 303 -64.37 -11.59 19.59
C ASP F 303 -63.12 -11.98 20.38
N VAL F 304 -62.90 -11.28 21.49
CA VAL F 304 -61.75 -11.47 22.39
C VAL F 304 -62.24 -11.25 23.81
N GLU F 305 -61.70 -12.06 24.70
CA GLU F 305 -62.17 -12.20 26.09
C GLU F 305 -61.17 -11.53 27.04
N LEU F 306 -61.61 -10.45 27.66
CA LEU F 306 -60.82 -9.77 28.71
C LEU F 306 -61.24 -10.30 30.08
N SER F 307 -60.51 -9.85 31.10
CA SER F 307 -60.71 -10.14 32.54
C SER F 307 -62.19 -10.23 32.92
N THR F 308 -62.97 -9.18 32.66
CA THR F 308 -64.37 -9.07 33.14
C THR F 308 -65.37 -9.04 31.98
N VAL F 309 -64.98 -8.64 30.78
CA VAL F 309 -65.94 -8.57 29.64
C VAL F 309 -65.27 -9.26 28.46
N THR F 310 -66.09 -9.56 27.44
CA THR F 310 -65.63 -10.09 26.14
C THR F 310 -65.93 -8.97 25.13
N VAL F 311 -64.91 -8.60 24.33
CA VAL F 311 -65.03 -7.47 23.36
C VAL F 311 -65.46 -8.10 22.05
N ARG F 312 -66.52 -7.55 21.46
CA ARG F 312 -67.09 -8.06 20.19
C ARG F 312 -66.31 -7.42 19.04
N ALA F 313 -66.12 -8.18 17.95
CA ALA F 313 -65.44 -7.67 16.74
C ALA F 313 -66.08 -6.34 16.34
N GLY F 314 -65.27 -5.39 15.88
CA GLY F 314 -65.74 -4.07 15.43
C GLY F 314 -65.91 -3.09 16.57
N GLU F 315 -65.69 -3.52 17.81
CA GLU F 315 -65.77 -2.66 19.01
C GLU F 315 -64.41 -1.97 19.23
N PRO F 316 -64.38 -0.62 19.39
CA PRO F 316 -63.13 0.07 19.72
C PRO F 316 -62.72 -0.02 21.21
N CYS F 317 -61.43 -0.27 21.46
CA CYS F 317 -60.83 -0.25 22.82
C CYS F 317 -59.80 0.85 22.98
N VAL F 318 -59.68 1.37 24.19
CA VAL F 318 -58.66 2.39 24.53
C VAL F 318 -58.02 1.97 25.85
N VAL F 319 -56.72 2.16 25.96
CA VAL F 319 -55.91 1.83 27.16
C VAL F 319 -55.37 3.13 27.78
N HIS F 320 -55.40 3.25 29.11
CA HIS F 320 -54.78 4.38 29.85
C HIS F 320 -53.50 3.90 30.54
N PHE F 321 -52.35 4.17 29.96
CA PHE F 321 -51.15 3.37 30.29
C PHE F 321 -50.84 3.51 31.77
N ALA F 322 -51.03 4.73 32.27
CA ALA F 322 -50.66 5.15 33.64
C ALA F 322 -51.45 4.33 34.66
N SER F 323 -52.69 4.02 34.33
CA SER F 323 -53.59 3.24 35.22
C SER F 323 -52.98 1.86 35.37
N ALA F 324 -52.64 1.24 34.25
CA ALA F 324 -52.05 -0.12 34.20
C ALA F 324 -50.79 -0.15 35.04
N ASN F 325 -50.06 0.96 35.00
CA ASN F 325 -48.76 1.06 35.69
C ASN F 325 -49.00 1.14 37.20
N ARG F 326 -50.22 1.49 37.63
CA ARG F 326 -50.61 1.57 39.07
C ARG F 326 -51.56 0.45 39.51
N ASP F 327 -51.59 -0.64 38.76
CA ASP F 327 -52.37 -1.85 39.08
C ASP F 327 -51.75 -2.48 40.33
N GLU F 328 -52.61 -2.69 41.32
CA GLU F 328 -52.24 -3.14 42.68
C GLU F 328 -51.78 -4.61 42.59
N GLU F 329 -52.43 -5.35 41.71
CA GLU F 329 -52.14 -6.78 41.48
C GLU F 329 -50.66 -6.95 41.23
N VAL F 330 -50.14 -6.07 40.37
CA VAL F 330 -48.81 -6.24 39.75
C VAL F 330 -47.74 -5.56 40.61
N PHE F 331 -48.09 -4.44 41.25
CA PHE F 331 -47.15 -3.56 41.98
C PHE F 331 -47.55 -3.35 43.46
N ASP F 332 -46.68 -3.77 44.39
CA ASP F 332 -46.86 -3.44 45.82
C ASP F 332 -46.85 -1.92 45.92
N HIS F 333 -47.67 -1.34 46.78
CA HIS F 333 -47.67 0.12 47.06
C HIS F 333 -47.50 0.86 45.73
N ALA F 334 -48.37 0.56 44.79
CA ALA F 334 -48.33 1.09 43.41
C ALA F 334 -48.34 2.61 43.42
N ASP F 335 -49.10 3.23 44.32
CA ASP F 335 -49.21 4.71 44.41
C ASP F 335 -47.97 5.34 44.99
N GLU F 336 -47.10 4.55 45.62
CA GLU F 336 -45.85 5.06 46.22
C GLU F 336 -44.71 5.00 45.21
N LEU F 337 -43.78 5.94 45.29
CA LEU F 337 -42.58 5.93 44.43
C LEU F 337 -41.42 5.17 45.08
N ASP F 338 -40.97 4.08 44.48
CA ASP F 338 -39.89 3.22 45.05
C ASP F 338 -38.78 2.87 44.04
N PHE F 339 -37.57 3.33 44.29
CA PHE F 339 -36.39 3.04 43.43
C PHE F 339 -35.73 1.71 43.83
N HIS F 340 -36.30 0.97 44.77
CA HIS F 340 -35.74 -0.35 45.18
C HIS F 340 -36.78 -1.46 44.99
N ARG F 341 -37.43 -1.49 43.83
CA ARG F 341 -38.25 -2.64 43.39
C ARG F 341 -37.36 -3.69 42.74
N GLU F 342 -37.66 -4.97 43.00
CA GLU F 342 -36.89 -6.10 42.44
C GLU F 342 -37.18 -6.18 40.95
N ARG F 343 -38.43 -5.94 40.58
CA ARG F 343 -38.84 -6.01 39.17
C ARG F 343 -39.90 -4.95 38.91
N ASN F 344 -40.00 -4.55 37.65
CA ASN F 344 -40.82 -3.39 37.26
C ASN F 344 -41.19 -3.61 35.80
N PRO F 345 -42.27 -4.37 35.54
CA PRO F 345 -42.78 -4.58 34.18
C PRO F 345 -43.87 -3.56 33.80
N HIS F 346 -43.48 -2.29 33.72
CA HIS F 346 -44.40 -1.21 33.34
C HIS F 346 -44.57 -1.23 31.85
N ILE F 347 -45.64 -0.58 31.39
CA ILE F 347 -45.93 -0.40 29.95
C ILE F 347 -46.00 1.09 29.67
N ALA F 348 -45.00 1.82 30.16
CA ALA F 348 -44.81 3.27 29.88
C ALA F 348 -44.37 3.44 28.43
N PHE F 349 -43.73 2.40 27.88
CA PHE F 349 -43.25 2.33 26.48
C PHE F 349 -44.24 1.58 25.57
N GLY F 350 -45.39 1.22 26.15
CA GLY F 350 -46.43 0.44 25.47
C GLY F 350 -46.01 -1.00 25.44
N HIS F 351 -46.63 -1.77 24.56
CA HIS F 351 -46.55 -3.24 24.60
C HIS F 351 -46.85 -3.83 23.25
N GLY F 352 -46.39 -5.06 23.05
CA GLY F 352 -46.71 -5.85 21.85
C GLY F 352 -46.06 -5.27 20.60
N ALA F 353 -46.79 -5.32 19.48
CA ALA F 353 -46.27 -4.95 18.15
C ALA F 353 -45.77 -3.50 18.13
N HIS F 354 -46.44 -2.57 18.84
CA HIS F 354 -46.17 -1.11 18.72
C HIS F 354 -45.32 -0.59 19.90
N HIS F 355 -44.49 -1.44 20.47
CA HIS F 355 -43.60 -1.08 21.60
C HIS F 355 -42.63 -0.01 21.15
N CYS F 356 -42.59 1.16 21.81
CA CYS F 356 -41.73 2.30 21.40
C CYS F 356 -40.40 1.77 20.80
N ILE F 357 -40.10 2.10 19.54
CA ILE F 357 -38.79 1.73 18.93
C ILE F 357 -37.69 2.45 19.71
N GLY F 358 -38.01 3.65 20.18
CA GLY F 358 -37.05 4.51 20.85
C GLY F 358 -36.83 4.09 22.29
N ALA F 359 -37.55 3.10 22.80
CA ALA F 359 -37.52 2.71 24.23
C ALA F 359 -36.10 2.73 24.78
N GLN F 360 -35.10 2.28 24.03
CA GLN F 360 -33.69 2.28 24.51
C GLN F 360 -33.09 3.70 24.46
N LEU F 361 -33.34 4.40 23.38
CA LEU F 361 -32.87 5.78 23.24
C LEU F 361 -33.53 6.69 24.28
N GLY F 362 -34.79 6.45 24.59
CA GLY F 362 -35.52 7.21 25.63
C GLY F 362 -34.91 6.93 26.98
N ARG F 363 -34.55 5.68 27.20
CA ARG F 363 -33.93 5.30 28.48
C ARG F 363 -32.59 5.99 28.55
N LEU F 364 -31.82 5.90 27.48
CA LEU F 364 -30.49 6.54 27.46
C LEU F 364 -30.60 8.03 27.81
N GLU F 365 -31.45 8.75 27.07
CA GLU F 365 -31.65 10.20 27.26
C GLU F 365 -31.90 10.48 28.74
N LEU F 366 -32.83 9.75 29.35
CA LEU F 366 -33.30 10.07 30.71
C LEU F 366 -32.22 9.72 31.74
N GLN F 367 -31.55 8.58 31.61
CA GLN F 367 -30.44 8.16 32.50
C GLN F 367 -29.24 9.13 32.44
N GLU F 368 -28.89 9.55 31.23
CA GLU F 368 -27.78 10.47 31.04
C GLU F 368 -28.11 11.84 31.61
N ALA F 369 -29.34 12.31 31.45
CA ALA F 369 -29.76 13.65 31.95
C ALA F 369 -29.78 13.65 33.48
N LEU F 370 -30.34 12.61 34.11
CA LEU F 370 -30.33 12.53 35.58
C LEU F 370 -28.90 12.42 36.06
N SER F 371 -28.12 11.52 35.49
CA SER F 371 -26.74 11.23 35.99
C SER F 371 -25.93 12.51 35.98
N ALA F 372 -25.93 13.20 34.85
CA ALA F 372 -25.31 14.54 34.70
C ALA F 372 -25.85 15.49 35.79
N LEU F 373 -27.16 15.60 35.98
CA LEU F 373 -27.68 16.59 36.93
C LEU F 373 -27.14 16.27 38.32
N VAL F 374 -27.26 15.03 38.73
CA VAL F 374 -26.78 14.60 40.04
C VAL F 374 -25.29 14.88 40.11
N ARG F 375 -24.54 14.51 39.08
CA ARG F 375 -23.06 14.66 39.07
C ARG F 375 -22.63 16.13 39.19
N ARG F 376 -23.26 17.03 38.47
CA ARG F 376 -22.84 18.45 38.35
C ARG F 376 -23.53 19.30 39.40
N PHE F 377 -24.72 18.92 39.87
CA PHE F 377 -25.64 19.77 40.68
C PHE F 377 -26.30 18.99 41.82
N PRO F 378 -25.51 18.57 42.85
CA PRO F 378 -26.08 17.88 44.00
C PRO F 378 -26.97 18.84 44.77
N THR F 379 -26.70 20.10 44.58
CA THR F 379 -27.44 21.17 45.24
C THR F 379 -28.73 21.53 44.48
N LEU F 380 -29.05 20.79 43.41
CA LEU F 380 -30.10 21.20 42.44
C LEU F 380 -31.42 21.35 43.20
N ASP F 381 -32.23 22.34 42.87
CA ASP F 381 -33.50 22.57 43.60
C ASP F 381 -34.46 23.42 42.77
N LEU F 382 -35.74 23.33 43.07
CA LEU F 382 -36.78 24.07 42.32
C LEU F 382 -36.80 25.48 42.86
N ALA F 383 -36.56 26.47 42.01
CA ALA F 383 -36.41 27.89 42.40
C ALA F 383 -37.79 28.58 42.40
N GLU F 384 -38.59 28.23 41.39
CA GLU F 384 -40.03 28.57 41.22
C GLU F 384 -40.80 27.95 42.39
N PRO F 385 -41.83 28.63 42.94
CA PRO F 385 -42.66 28.02 43.95
C PRO F 385 -43.51 26.95 43.27
N VAL F 386 -43.96 25.94 44.02
CA VAL F 386 -44.75 24.82 43.43
C VAL F 386 -46.07 25.39 42.90
N ALA F 387 -46.72 26.27 43.67
CA ALA F 387 -48.04 26.83 43.30
C ALA F 387 -47.98 27.64 42.01
N GLY F 388 -46.87 28.33 41.78
CA GLY F 388 -46.57 29.05 40.54
C GLY F 388 -46.54 28.17 39.28
N LEU F 389 -46.06 26.91 39.37
CA LEU F 389 -45.66 26.09 38.19
C LEU F 389 -46.71 26.18 37.07
N LYS F 390 -46.28 26.25 35.81
CA LYS F 390 -47.16 26.39 34.61
C LYS F 390 -47.17 25.07 33.85
N TRP F 391 -48.15 24.22 34.18
CA TRP F 391 -48.39 22.93 33.48
C TRP F 391 -49.12 23.16 32.15
N LYS F 392 -48.67 22.47 31.10
CA LYS F 392 -49.26 22.61 29.76
C LYS F 392 -50.69 22.09 29.88
N GLN F 393 -51.64 22.83 29.30
CA GLN F 393 -53.09 22.66 29.56
C GLN F 393 -53.84 21.86 28.47
N GLY F 394 -53.62 22.17 27.17
CA GLY F 394 -54.48 21.64 26.10
C GLY F 394 -54.11 20.23 25.63
N MET F 395 -53.01 19.65 26.11
CA MET F 395 -52.23 18.66 25.35
C MET F 395 -52.63 17.24 25.72
N LEU F 396 -52.31 16.30 24.83
CA LEU F 396 -52.41 14.82 25.03
C LEU F 396 -51.33 14.35 26.01
N ILE F 397 -50.24 15.09 26.10
CA ILE F 397 -49.03 14.74 26.91
C ILE F 397 -48.84 15.80 28.01
N ARG F 398 -48.67 15.37 29.26
CA ARG F 398 -48.42 16.29 30.39
C ARG F 398 -46.94 16.65 30.51
N GLY F 399 -46.70 17.88 30.95
CA GLY F 399 -45.35 18.45 31.01
C GLY F 399 -45.37 19.85 31.59
N LEU F 400 -44.21 20.44 31.83
CA LEU F 400 -44.20 21.83 32.32
C LEU F 400 -43.75 22.77 31.22
N GLU F 401 -44.42 23.93 31.11
CA GLU F 401 -44.00 25.00 30.20
C GLU F 401 -42.64 25.53 30.63
N ARG F 402 -42.44 25.59 31.94
CA ARG F 402 -41.24 26.20 32.53
C ARG F 402 -41.03 25.67 33.94
N GLN F 403 -39.75 25.50 34.24
CA GLN F 403 -39.20 24.76 35.41
C GLN F 403 -37.91 25.44 35.81
N ILE F 404 -38.01 26.51 36.59
CA ILE F 404 -36.81 27.28 36.99
C ILE F 404 -36.18 26.54 38.17
N VAL F 405 -34.88 26.36 38.10
CA VAL F 405 -34.11 25.62 39.12
C VAL F 405 -32.93 26.46 39.57
N SER F 406 -32.43 26.15 40.77
CA SER F 406 -31.26 26.80 41.38
C SER F 406 -30.21 25.73 41.69
N TRP F 407 -28.96 26.14 41.83
CA TRP F 407 -27.88 25.23 42.27
C TRP F 407 -26.72 26.03 42.88
N VAL G 14 -22.68 -71.05 26.99
CA VAL G 14 -21.94 -72.05 27.87
C VAL G 14 -20.49 -71.54 28.06
N PRO G 15 -19.58 -71.58 27.02
CA PRO G 15 -18.15 -71.34 27.21
C PRO G 15 -17.83 -69.88 27.58
N ALA G 16 -16.81 -69.69 28.42
CA ALA G 16 -16.38 -68.36 28.92
C ALA G 16 -15.39 -67.74 27.92
N TYR G 17 -15.52 -66.44 27.73
CA TYR G 17 -14.56 -65.60 26.98
C TYR G 17 -13.95 -64.61 27.96
N PRO G 18 -12.61 -64.41 27.95
CA PRO G 18 -11.67 -65.13 27.07
C PRO G 18 -11.54 -66.62 27.39
N PHE G 19 -11.15 -67.44 26.41
CA PHE G 19 -11.05 -68.92 26.54
C PHE G 19 -9.94 -69.29 27.54
N SER G 20 -8.81 -68.60 27.45
CA SER G 20 -7.58 -68.94 28.21
C SER G 20 -6.80 -67.67 28.48
N LEU G 21 -5.85 -67.76 29.41
CA LEU G 21 -4.87 -66.68 29.63
C LEU G 21 -4.01 -66.59 28.38
N PRO G 22 -3.63 -65.36 27.99
CA PRO G 22 -2.86 -65.18 26.76
C PRO G 22 -1.38 -65.48 26.99
N HIS G 23 -0.75 -66.27 26.12
CA HIS G 23 0.72 -66.49 26.15
C HIS G 23 1.39 -65.74 24.98
N ALA G 24 2.30 -64.81 25.33
CA ALA G 24 3.17 -64.04 24.41
C ALA G 24 2.28 -63.27 23.45
N LEU G 25 2.47 -63.45 22.15
CA LEU G 25 1.58 -62.87 21.14
C LEU G 25 0.93 -63.99 20.35
N ASP G 26 0.94 -65.21 20.91
CA ASP G 26 0.34 -66.38 20.24
C ASP G 26 -1.17 -66.17 20.18
N LEU G 27 -1.81 -66.81 19.22
CA LEU G 27 -3.28 -66.78 19.17
C LEU G 27 -3.82 -68.12 19.67
N ASP G 28 -4.86 -68.08 20.50
CA ASP G 28 -5.60 -69.31 20.90
C ASP G 28 -5.95 -70.10 19.63
N PRO G 29 -5.69 -71.42 19.58
CA PRO G 29 -5.95 -72.17 18.35
C PRO G 29 -7.46 -72.31 18.08
N HIS G 30 -8.29 -72.06 19.11
CA HIS G 30 -9.78 -72.13 19.10
C HIS G 30 -10.35 -71.24 17.98
N TYR G 31 -9.84 -70.02 17.86
CA TYR G 31 -10.34 -69.02 16.88
C TYR G 31 -10.33 -69.66 15.50
N ALA G 32 -9.25 -70.35 15.10
CA ALA G 32 -9.09 -71.03 13.79
C ALA G 32 -10.15 -72.13 13.56
N GLU G 33 -10.52 -72.85 14.62
CA GLU G 33 -11.62 -73.84 14.64
C GLU G 33 -12.97 -73.12 14.46
N LEU G 34 -13.25 -72.08 15.26
CA LEU G 34 -14.51 -71.29 15.19
C LEU G 34 -14.73 -70.71 13.79
N ARG G 35 -13.69 -70.21 13.12
CA ARG G 35 -13.81 -69.63 11.75
C ARG G 35 -14.33 -70.70 10.80
N ARG G 36 -13.79 -71.90 10.89
CA ARG G 36 -14.24 -73.05 10.06
C ARG G 36 -15.65 -73.50 10.50
N ASP G 37 -15.83 -73.77 11.79
CA ASP G 37 -16.93 -74.61 12.32
C ASP G 37 -18.10 -73.78 12.84
N GLU G 38 -17.85 -72.63 13.46
CA GLU G 38 -18.93 -71.81 14.08
C GLU G 38 -18.49 -70.35 14.16
N PRO G 39 -18.47 -69.64 13.01
CA PRO G 39 -17.97 -68.26 12.99
C PRO G 39 -18.60 -67.36 14.05
N VAL G 40 -19.92 -67.50 14.25
CA VAL G 40 -20.64 -66.72 15.30
C VAL G 40 -21.03 -67.69 16.39
N SER G 41 -20.45 -67.49 17.55
CA SER G 41 -20.46 -68.45 18.66
C SER G 41 -21.01 -67.71 19.89
N ARG G 42 -21.80 -68.40 20.71
CA ARG G 42 -22.32 -67.87 21.99
C ARG G 42 -21.21 -68.02 23.00
N VAL G 43 -21.16 -67.12 23.97
CA VAL G 43 -19.99 -67.01 24.87
C VAL G 43 -20.42 -66.21 26.08
N ARG G 44 -19.86 -66.52 27.26
CA ARG G 44 -20.13 -65.76 28.50
C ARG G 44 -18.95 -64.83 28.78
N LEU G 45 -19.20 -63.53 28.87
CA LEU G 45 -18.14 -62.51 29.08
C LEU G 45 -17.82 -62.40 30.56
N PRO G 46 -16.59 -61.97 30.92
CA PRO G 46 -16.12 -61.92 32.30
C PRO G 46 -16.95 -61.03 33.23
N TYR G 47 -17.56 -59.99 32.70
CA TYR G 47 -18.48 -59.15 33.47
C TYR G 47 -19.78 -59.10 32.67
N GLY G 48 -20.76 -58.38 33.22
CA GLY G 48 -22.09 -58.24 32.61
C GLY G 48 -22.91 -59.51 32.78
N GLU G 49 -24.21 -59.38 32.55
CA GLU G 49 -25.18 -60.47 32.74
C GLU G 49 -25.63 -60.92 31.35
N GLY G 50 -25.71 -62.22 31.15
CA GLY G 50 -26.26 -62.83 29.92
C GLY G 50 -25.17 -63.45 29.10
N THR G 51 -25.53 -63.99 27.95
CA THR G 51 -24.56 -64.50 26.95
C THR G 51 -24.37 -63.38 25.94
N ALA G 52 -23.31 -63.49 25.12
CA ALA G 52 -23.01 -62.58 24.00
C ALA G 52 -22.51 -63.40 22.81
N TRP G 53 -22.62 -62.84 21.61
CA TRP G 53 -22.12 -63.46 20.35
C TRP G 53 -20.66 -63.04 20.18
N LEU G 54 -19.83 -63.97 19.74
CA LEU G 54 -18.44 -63.64 19.39
C LEU G 54 -18.23 -63.84 17.89
N VAL G 55 -17.78 -62.76 17.24
CA VAL G 55 -17.54 -62.71 15.77
C VAL G 55 -16.07 -62.98 15.49
N THR G 56 -15.82 -63.90 14.59
CA THR G 56 -14.47 -64.45 14.39
C THR G 56 -14.05 -64.37 12.92
N ARG G 57 -14.84 -63.78 12.04
CA ARG G 57 -14.45 -63.68 10.61
C ARG G 57 -14.47 -62.23 10.14
N MET G 58 -13.84 -61.98 8.99
CA MET G 58 -13.61 -60.57 8.56
C MET G 58 -14.96 -59.95 8.18
N SER G 59 -15.70 -60.61 7.28
CA SER G 59 -16.98 -60.11 6.72
C SER G 59 -17.94 -59.75 7.85
N ASP G 60 -18.19 -60.71 8.75
CA ASP G 60 -19.07 -60.56 9.92
C ASP G 60 -18.58 -59.39 10.80
N ALA G 61 -17.26 -59.27 10.96
CA ALA G 61 -16.64 -58.26 11.83
C ALA G 61 -16.92 -56.88 11.26
N ARG G 62 -16.74 -56.73 9.94
CA ARG G 62 -17.05 -55.46 9.23
C ARG G 62 -18.53 -55.08 9.38
N ILE G 63 -19.43 -56.06 9.22
CA ILE G 63 -20.87 -55.85 9.44
C ILE G 63 -21.12 -55.32 10.85
N VAL G 64 -20.54 -55.95 11.86
CA VAL G 64 -20.83 -55.55 13.26
C VAL G 64 -20.31 -54.13 13.52
N LEU G 65 -19.18 -53.78 12.95
CA LEU G 65 -18.49 -52.51 13.31
C LEU G 65 -19.06 -51.38 12.44
N GLY G 66 -19.38 -51.71 11.18
CA GLY G 66 -19.65 -50.75 10.11
C GLY G 66 -21.12 -50.47 9.92
N ASP G 67 -22.01 -51.42 10.20
CA ASP G 67 -23.48 -51.25 10.00
C ASP G 67 -24.06 -50.44 11.17
N SER G 68 -25.00 -49.53 10.85
CA SER G 68 -25.63 -48.55 11.78
C SER G 68 -26.64 -49.25 12.68
N ARG G 69 -27.06 -50.45 12.32
CA ARG G 69 -28.03 -51.23 13.13
C ARG G 69 -27.45 -51.64 14.49
N PHE G 70 -26.14 -51.57 14.68
CA PHE G 70 -25.49 -51.86 16.00
C PHE G 70 -25.15 -50.57 16.73
N SER G 71 -25.29 -50.60 18.05
CA SER G 71 -25.10 -49.43 18.92
C SER G 71 -24.07 -49.75 19.98
N THR G 72 -23.09 -48.86 20.14
CA THR G 72 -22.14 -48.88 21.27
C THR G 72 -22.83 -48.27 22.48
N ALA G 73 -23.63 -47.22 22.32
CA ALA G 73 -24.20 -46.44 23.44
C ALA G 73 -25.01 -47.34 24.37
N ALA G 74 -25.72 -48.31 23.79
CA ALA G 74 -26.48 -49.33 24.54
C ALA G 74 -25.56 -50.04 25.55
N ALA G 75 -24.34 -50.41 25.16
CA ALA G 75 -23.39 -51.20 25.97
C ALA G 75 -23.00 -50.49 27.28
N THR G 76 -23.38 -49.22 27.44
CA THR G 76 -23.24 -48.44 28.70
C THR G 76 -23.96 -49.12 29.87
N ASP G 77 -25.10 -49.78 29.59
CA ASP G 77 -25.93 -50.41 30.64
C ASP G 77 -25.08 -51.41 31.41
N PRO G 78 -24.96 -51.23 32.75
CA PRO G 78 -24.17 -52.17 33.56
C PRO G 78 -24.59 -53.64 33.42
N ALA G 79 -25.86 -53.91 33.10
CA ALA G 79 -26.36 -55.29 32.88
C ALA G 79 -25.78 -55.89 31.59
N THR G 80 -25.36 -55.05 30.64
CA THR G 80 -24.79 -55.50 29.36
C THR G 80 -23.46 -56.23 29.63
N PRO G 81 -23.17 -57.32 28.88
CA PRO G 81 -21.86 -57.98 28.94
C PRO G 81 -20.72 -57.05 28.51
N ARG G 82 -19.51 -57.28 29.03
CA ARG G 82 -18.30 -56.48 28.70
C ARG G 82 -17.06 -57.28 29.10
N MET G 83 -15.89 -56.89 28.58
CA MET G 83 -14.58 -57.56 28.86
C MET G 83 -13.93 -57.05 30.14
N PHE G 84 -14.32 -55.87 30.62
CA PHE G 84 -13.59 -55.10 31.66
C PHE G 84 -14.52 -54.80 32.83
N PRO G 85 -13.96 -54.68 34.05
CA PRO G 85 -14.79 -54.68 35.25
C PRO G 85 -15.72 -53.46 35.37
N THR G 86 -15.20 -52.25 35.23
CA THR G 86 -16.02 -51.02 35.36
C THR G 86 -17.02 -50.98 34.21
N PRO G 87 -18.31 -50.63 34.45
CA PRO G 87 -19.23 -50.32 33.35
C PRO G 87 -18.75 -49.10 32.55
N PRO G 88 -18.93 -49.06 31.22
CA PRO G 88 -18.30 -48.03 30.41
C PRO G 88 -18.89 -46.65 30.74
N GLU G 89 -18.04 -45.63 30.78
CA GLU G 89 -18.51 -44.23 30.93
C GLU G 89 -19.29 -43.89 29.67
N PRO G 90 -20.50 -43.28 29.78
CA PRO G 90 -21.26 -42.91 28.59
C PRO G 90 -20.56 -41.83 27.75
N ASP G 91 -19.72 -41.00 28.40
CA ASP G 91 -18.96 -39.88 27.78
C ASP G 91 -17.91 -40.42 26.79
N GLY G 92 -17.31 -41.58 27.07
CA GLY G 92 -16.32 -42.20 26.17
C GLY G 92 -16.77 -42.09 24.72
N VAL G 93 -15.88 -41.68 23.83
CA VAL G 93 -16.17 -41.52 22.38
C VAL G 93 -16.56 -42.88 21.80
N LEU G 94 -16.03 -43.96 22.36
CA LEU G 94 -16.41 -45.31 21.91
C LEU G 94 -17.89 -45.57 22.21
N ALA G 95 -18.38 -45.10 23.36
CA ALA G 95 -19.78 -45.29 23.81
C ALA G 95 -20.74 -44.35 23.08
N GLN G 96 -20.23 -43.37 22.32
CA GLN G 96 -21.05 -42.41 21.54
C GLN G 96 -21.73 -43.11 20.35
N ASP G 97 -22.97 -42.72 20.09
CA ASP G 97 -23.77 -43.22 18.95
C ASP G 97 -24.07 -42.06 18.02
N PRO G 98 -24.36 -42.33 16.73
CA PRO G 98 -24.79 -41.26 15.83
C PRO G 98 -26.05 -40.56 16.36
N PRO G 99 -26.27 -39.27 16.02
CA PRO G 99 -25.38 -38.49 15.18
C PRO G 99 -24.34 -37.66 15.97
N ASP G 100 -24.45 -37.57 17.30
CA ASP G 100 -23.52 -36.77 18.14
C ASP G 100 -22.09 -37.23 17.90
N HIS G 101 -21.89 -38.54 17.88
CA HIS G 101 -20.62 -39.22 17.55
C HIS G 101 -20.12 -38.73 16.20
N THR G 102 -20.99 -38.81 15.17
CA THR G 102 -20.65 -38.40 13.79
C THR G 102 -20.13 -36.97 13.82
N ARG G 103 -20.77 -36.09 14.60
CA ARG G 103 -20.39 -34.66 14.73
C ARG G 103 -18.96 -34.58 15.28
N LEU G 104 -18.71 -35.21 16.42
CA LEU G 104 -17.35 -35.24 17.00
C LEU G 104 -16.34 -35.61 15.91
N ARG G 105 -16.56 -36.71 15.20
CA ARG G 105 -15.58 -37.27 14.24
C ARG G 105 -15.36 -36.33 13.06
N ARG G 106 -16.42 -35.71 12.53
CA ARG G 106 -16.33 -34.78 11.37
C ARG G 106 -15.50 -33.54 11.72
N LEU G 107 -15.67 -32.97 12.92
CA LEU G 107 -14.96 -31.74 13.35
C LEU G 107 -13.48 -32.06 13.52
N VAL G 108 -13.18 -33.06 14.36
CA VAL G 108 -11.79 -33.44 14.72
C VAL G 108 -11.07 -33.97 13.48
N GLY G 109 -11.80 -34.69 12.62
CA GLY G 109 -11.32 -35.22 11.34
C GLY G 109 -10.88 -34.13 10.39
N LYS G 110 -11.49 -32.94 10.46
CA LYS G 110 -11.07 -31.77 9.65
C LYS G 110 -9.61 -31.44 9.98
N ALA G 111 -9.29 -31.35 11.28
CA ALA G 111 -7.95 -30.96 11.75
C ALA G 111 -6.98 -32.15 11.73
N PHE G 112 -7.44 -33.36 12.02
CA PHE G 112 -6.59 -34.57 12.16
C PHE G 112 -6.37 -35.24 10.79
N THR G 113 -6.07 -34.45 9.77
CA THR G 113 -5.88 -34.95 8.39
C THR G 113 -4.66 -35.87 8.34
N ALA G 114 -4.62 -36.76 7.36
CA ALA G 114 -3.43 -37.58 7.04
C ALA G 114 -2.29 -36.68 6.58
N ARG G 115 -2.64 -35.59 5.93
CA ARG G 115 -1.63 -34.60 5.55
C ARG G 115 -0.97 -34.07 6.83
N ARG G 116 -1.75 -33.61 7.81
CA ARG G 116 -1.17 -32.94 8.99
C ARG G 116 -0.21 -33.86 9.73
N VAL G 117 -0.52 -35.15 9.74
CA VAL G 117 0.37 -36.15 10.37
C VAL G 117 1.68 -36.23 9.57
N GLU G 118 1.63 -36.46 8.25
CA GLU G 118 2.86 -36.61 7.44
C GLU G 118 3.81 -35.43 7.66
N GLU G 119 3.28 -34.21 7.82
CA GLU G 119 4.13 -33.01 8.06
C GLU G 119 4.89 -33.13 9.38
N MET G 120 4.35 -33.89 10.33
CA MET G 120 5.02 -34.07 11.64
C MET G 120 6.30 -34.87 11.42
N ARG G 121 6.38 -35.64 10.35
CA ARG G 121 7.40 -36.72 10.25
C ARG G 121 8.81 -36.18 10.55
N PRO G 122 9.28 -35.08 9.91
CA PRO G 122 10.60 -34.53 10.21
C PRO G 122 10.89 -34.28 11.70
N ARG G 123 9.95 -33.66 12.41
CA ARG G 123 10.04 -33.45 13.88
C ARG G 123 10.17 -34.80 14.61
N VAL G 124 9.30 -35.75 14.27
CA VAL G 124 9.20 -37.09 14.90
C VAL G 124 10.50 -37.84 14.69
N ARG G 125 11.10 -37.76 13.49
CA ARG G 125 12.40 -38.40 13.20
C ARG G 125 13.47 -37.83 14.15
N SER G 126 13.51 -36.51 14.34
CA SER G 126 14.47 -35.84 15.26
C SER G 126 14.25 -36.32 16.70
N LEU G 127 12.99 -36.49 17.11
CA LEU G 127 12.62 -36.98 18.46
C LEU G 127 13.22 -38.39 18.69
N VAL G 128 13.00 -39.33 17.77
CA VAL G 128 13.46 -40.74 17.92
C VAL G 128 14.98 -40.73 18.02
N ASP G 129 15.62 -39.93 17.18
CA ASP G 129 17.10 -39.89 17.12
C ASP G 129 17.64 -39.54 18.49
N SER G 130 17.01 -38.54 19.11
CA SER G 130 17.43 -38.03 20.43
C SER G 130 17.27 -39.16 21.45
N LEU G 131 16.13 -39.86 21.41
CA LEU G 131 15.84 -40.97 22.34
C LEU G 131 16.92 -42.04 22.18
N LEU G 132 17.22 -42.42 20.94
CA LEU G 132 18.22 -43.48 20.66
C LEU G 132 19.61 -42.99 21.05
N ASP G 133 19.89 -41.70 20.90
CA ASP G 133 21.20 -41.14 21.33
C ASP G 133 21.38 -41.46 22.82
N ASP G 134 20.35 -41.16 23.63
CA ASP G 134 20.31 -41.48 25.08
C ASP G 134 20.66 -42.96 25.29
N MET G 135 20.01 -43.85 24.55
CA MET G 135 20.23 -45.31 24.66
C MET G 135 21.72 -45.62 24.41
N VAL G 136 22.32 -44.97 23.43
CA VAL G 136 23.73 -45.21 23.08
C VAL G 136 24.60 -44.77 24.23
N ALA G 137 24.24 -43.64 24.85
CA ALA G 137 24.95 -43.12 26.04
C ALA G 137 24.94 -44.26 27.08
N HIS G 138 23.75 -44.76 27.41
CA HIS G 138 23.59 -45.87 28.36
C HIS G 138 24.51 -47.02 27.95
N GLY G 139 24.56 -47.37 26.69
CA GLY G 139 25.41 -48.48 26.24
C GLY G 139 24.66 -49.78 26.15
N SER G 140 25.08 -50.67 25.25
CA SER G 140 24.50 -52.01 25.05
C SER G 140 24.87 -52.88 26.24
N PRO G 141 23.93 -53.67 26.79
CA PRO G 141 22.54 -53.68 26.39
C PRO G 141 21.72 -52.72 27.26
N ALA G 142 20.51 -52.42 26.80
CA ALA G 142 19.58 -51.52 27.50
C ALA G 142 18.13 -51.96 27.29
N ASP G 143 17.27 -51.49 28.18
CA ASP G 143 15.80 -51.71 28.13
C ASP G 143 15.19 -50.83 27.03
N LEU G 144 14.81 -51.44 25.90
CA LEU G 144 14.19 -50.69 24.77
C LEU G 144 12.85 -50.10 25.20
N VAL G 145 12.19 -50.72 26.15
CA VAL G 145 10.95 -50.13 26.71
C VAL G 145 11.29 -48.76 27.33
N GLU G 146 12.28 -48.73 28.21
CA GLU G 146 12.53 -47.52 29.04
C GLU G 146 13.04 -46.38 28.16
N PHE G 147 13.88 -46.69 27.16
CA PHE G 147 14.51 -45.66 26.29
C PHE G 147 13.64 -45.31 25.08
N LEU G 148 12.95 -46.26 24.45
CA LEU G 148 12.19 -45.94 23.21
C LEU G 148 10.67 -45.99 23.43
N ALA G 149 10.15 -47.18 23.69
CA ALA G 149 8.70 -47.48 23.58
C ALA G 149 7.90 -46.52 24.45
N VAL G 150 8.34 -46.25 25.66
CA VAL G 150 7.51 -45.51 26.67
C VAL G 150 7.59 -44.00 26.40
N PRO G 151 8.79 -43.38 26.28
CA PRO G 151 8.88 -41.92 26.11
C PRO G 151 8.35 -41.43 24.75
N PHE G 152 8.57 -42.27 23.74
CA PHE G 152 8.34 -41.86 22.34
C PHE G 152 6.88 -41.43 22.18
N PRO G 153 5.89 -42.32 22.34
CA PRO G 153 4.53 -41.95 21.98
C PRO G 153 4.00 -40.73 22.71
N VAL G 154 4.46 -40.46 23.93
CA VAL G 154 3.97 -39.27 24.69
C VAL G 154 4.58 -38.00 24.08
N ALA G 155 5.86 -38.04 23.74
CA ALA G 155 6.47 -36.91 23.04
C ALA G 155 5.66 -36.65 21.77
N VAL G 156 5.37 -37.71 20.98
CA VAL G 156 4.75 -37.57 19.64
C VAL G 156 3.43 -36.84 19.83
N ILE G 157 2.63 -37.23 20.82
CA ILE G 157 1.27 -36.65 21.05
C ILE G 157 1.40 -35.22 21.58
N CYS G 158 2.52 -34.89 22.22
CA CYS G 158 2.80 -33.49 22.65
C CYS G 158 3.13 -32.56 21.45
N GLU G 159 3.93 -33.06 20.49
CA GLU G 159 4.21 -32.44 19.15
C GLU G 159 2.90 -32.15 18.42
N LEU G 160 2.00 -33.14 18.39
CA LEU G 160 0.65 -33.04 17.79
C LEU G 160 -0.16 -31.93 18.49
N LEU G 161 -0.14 -31.86 19.81
CA LEU G 161 -1.00 -30.90 20.55
C LEU G 161 -0.28 -29.55 20.71
N GLY G 162 0.97 -29.45 20.23
CA GLY G 162 1.79 -28.23 20.26
C GLY G 162 2.22 -27.88 21.67
N VAL G 163 2.35 -28.87 22.57
CA VAL G 163 2.67 -28.58 23.98
C VAL G 163 4.07 -27.96 23.98
N PRO G 164 4.33 -26.90 24.78
CA PRO G 164 5.70 -26.38 24.94
C PRO G 164 6.59 -27.37 25.72
N LEU G 165 7.90 -27.38 25.47
CA LEU G 165 8.82 -28.44 25.97
C LEU G 165 8.94 -28.46 27.50
N GLU G 166 8.77 -27.30 28.14
CA GLU G 166 8.82 -27.12 29.62
C GLU G 166 7.69 -27.89 30.31
N ASP G 167 6.53 -28.07 29.65
CA ASP G 167 5.30 -28.62 30.28
C ASP G 167 5.08 -30.12 29.99
N ARG G 168 5.93 -30.75 29.17
CA ARG G 168 5.72 -32.15 28.69
C ARG G 168 5.92 -33.16 29.82
N ASP G 169 6.72 -32.79 30.82
CA ASP G 169 6.80 -33.52 32.12
C ASP G 169 5.39 -33.80 32.66
N LEU G 170 4.50 -32.81 32.60
CA LEU G 170 3.13 -32.86 33.17
C LEU G 170 2.24 -33.83 32.40
N PHE G 171 2.54 -34.03 31.11
CA PHE G 171 1.86 -35.02 30.25
C PHE G 171 2.28 -36.44 30.63
N ARG G 172 3.57 -36.67 30.81
CA ARG G 172 4.08 -38.03 31.13
C ARG G 172 3.45 -38.55 32.41
N THR G 173 3.42 -37.73 33.46
CA THR G 173 2.86 -38.09 34.78
C THR G 173 1.42 -38.53 34.59
N PHE G 174 0.65 -37.73 33.84
CA PHE G 174 -0.79 -37.95 33.60
C PHE G 174 -1.01 -39.27 32.85
N SER G 175 -0.24 -39.56 31.82
CA SER G 175 -0.39 -40.80 31.02
C SER G 175 -0.12 -42.03 31.89
N ASP G 176 1.00 -41.99 32.62
CA ASP G 176 1.42 -43.07 33.53
C ASP G 176 0.33 -43.29 34.58
N ALA G 177 -0.17 -42.18 35.15
CA ALA G 177 -1.23 -42.19 36.19
C ALA G 177 -2.53 -42.82 35.66
N MET G 178 -2.85 -42.59 34.39
CA MET G 178 -4.11 -43.08 33.78
C MET G 178 -4.04 -44.61 33.51
N LEU G 179 -2.90 -45.18 33.11
CA LEU G 179 -2.78 -46.66 32.90
C LEU G 179 -3.38 -47.38 34.12
N ALA G 186 -4.12 -43.40 44.34
CA ALA G 186 -5.60 -43.25 44.33
C ALA G 186 -6.00 -41.79 44.52
N ALA G 187 -5.91 -41.26 45.76
CA ALA G 187 -6.25 -39.85 46.07
C ALA G 187 -5.25 -38.90 45.43
N GLU G 188 -3.97 -39.32 45.32
CA GLU G 188 -2.90 -38.55 44.62
C GLU G 188 -3.13 -38.59 43.11
N ILE G 189 -3.56 -39.74 42.58
CA ILE G 189 -3.90 -39.92 41.13
C ILE G 189 -5.03 -38.95 40.78
N GLN G 190 -6.04 -38.86 41.65
CA GLN G 190 -7.25 -38.01 41.49
C GLN G 190 -6.85 -36.53 41.46
N ARG G 191 -5.79 -36.18 42.22
CA ARG G 191 -5.22 -34.82 42.22
C ARG G 191 -4.60 -34.52 40.84
N VAL G 192 -3.72 -35.40 40.33
CA VAL G 192 -2.98 -35.16 39.04
C VAL G 192 -3.94 -35.12 37.83
N GLN G 193 -5.10 -35.81 37.87
CA GLN G 193 -6.11 -35.74 36.78
C GLN G 193 -6.71 -34.33 36.75
N GLN G 194 -7.10 -33.81 37.90
CA GLN G 194 -7.73 -32.48 38.05
C GLN G 194 -6.73 -31.37 37.73
N ASP G 195 -5.46 -31.56 38.14
CA ASP G 195 -4.33 -30.62 37.91
C ASP G 195 -4.05 -30.49 36.41
N PHE G 196 -4.08 -31.65 35.74
CA PHE G 196 -3.90 -31.78 34.27
C PHE G 196 -5.08 -31.12 33.53
N MET G 197 -6.31 -31.32 34.03
CA MET G 197 -7.56 -30.81 33.44
C MET G 197 -7.54 -29.28 33.41
N VAL G 198 -7.13 -28.65 34.52
CA VAL G 198 -7.01 -27.16 34.56
C VAL G 198 -5.95 -26.70 33.56
N TYR G 199 -4.86 -27.46 33.39
CA TYR G 199 -3.75 -27.07 32.48
C TYR G 199 -4.20 -27.16 31.00
N MET G 200 -4.96 -28.20 30.64
CA MET G 200 -5.55 -28.32 29.28
C MET G 200 -6.51 -27.15 29.02
N ASP G 201 -7.36 -26.80 30.00
CA ASP G 201 -8.31 -25.65 29.98
C ASP G 201 -7.63 -24.31 29.66
N GLY G 202 -6.50 -24.05 30.32
CA GLY G 202 -5.64 -22.88 30.08
C GLY G 202 -4.97 -22.90 28.71
N LEU G 203 -4.53 -24.09 28.24
CA LEU G 203 -3.85 -24.33 26.94
C LEU G 203 -4.80 -24.03 25.77
N VAL G 204 -6.05 -24.50 25.86
CA VAL G 204 -7.10 -24.31 24.82
C VAL G 204 -7.54 -22.84 24.79
N ALA G 205 -7.55 -22.17 25.95
CA ALA G 205 -7.86 -20.72 26.10
C ALA G 205 -6.75 -19.88 25.45
N GLN G 206 -5.50 -20.28 25.66
CA GLN G 206 -4.33 -19.67 24.98
C GLN G 206 -4.52 -19.77 23.47
N ARG G 207 -4.97 -20.94 22.97
CA ARG G 207 -5.13 -21.21 21.52
C ARG G 207 -6.23 -20.33 20.94
N ARG G 208 -7.33 -20.17 21.69
CA ARG G 208 -8.47 -19.32 21.31
C ARG G 208 -7.99 -17.86 21.21
N ASP G 209 -7.15 -17.43 22.16
CA ASP G 209 -6.53 -16.08 22.15
C ASP G 209 -5.68 -15.93 20.87
N ALA G 210 -4.69 -16.81 20.67
CA ALA G 210 -3.67 -16.68 19.60
C ALA G 210 -3.77 -17.89 18.67
N PRO G 211 -3.91 -17.69 17.35
CA PRO G 211 -4.06 -18.82 16.43
C PRO G 211 -2.75 -19.59 16.26
N THR G 212 -2.84 -20.91 16.31
CA THR G 212 -1.70 -21.83 16.47
C THR G 212 -1.74 -22.84 15.32
N GLU G 213 -0.57 -23.27 14.83
CA GLU G 213 -0.49 -24.23 13.71
C GLU G 213 -0.72 -25.66 14.18
N ASP G 214 -0.84 -25.92 15.48
CA ASP G 214 -1.03 -27.28 16.08
C ASP G 214 -2.50 -27.73 15.93
N LEU G 215 -2.79 -29.04 16.12
CA LEU G 215 -4.16 -29.64 16.05
C LEU G 215 -5.10 -28.96 17.05
N LEU G 216 -4.63 -28.60 18.27
CA LEU G 216 -5.43 -27.79 19.24
C LEU G 216 -5.73 -26.41 18.64
N GLY G 217 -4.75 -25.78 17.98
CA GLY G 217 -4.91 -24.50 17.28
C GLY G 217 -5.99 -24.57 16.20
N ALA G 218 -5.92 -25.55 15.28
CA ALA G 218 -6.85 -25.64 14.14
C ALA G 218 -8.29 -25.85 14.63
N LEU G 219 -8.48 -26.71 15.63
CA LEU G 219 -9.82 -26.99 16.20
C LEU G 219 -10.41 -25.72 16.83
N ALA G 220 -9.59 -24.87 17.47
CA ALA G 220 -10.08 -23.68 18.22
C ALA G 220 -10.62 -22.62 17.24
N HIS G 228 -19.79 -24.69 13.64
CA HIS G 228 -19.94 -24.51 15.12
C HIS G 228 -18.67 -25.05 15.79
N LEU G 229 -18.52 -24.92 17.10
CA LEU G 229 -17.37 -25.53 17.82
C LEU G 229 -17.66 -25.70 19.30
N THR G 230 -16.65 -26.17 20.05
CA THR G 230 -16.68 -26.20 21.54
C THR G 230 -15.30 -26.28 22.22
N LYS G 231 -15.14 -25.52 23.31
CA LYS G 231 -13.95 -25.42 24.20
C LYS G 231 -13.81 -26.59 25.17
N GLY G 232 -14.86 -26.88 25.95
CA GLY G 232 -14.87 -28.01 26.88
C GLY G 232 -14.67 -29.31 26.12
N GLU G 233 -15.41 -29.49 25.02
CA GLU G 233 -15.31 -30.68 24.13
C GLU G 233 -13.86 -30.84 23.65
N ILE G 234 -13.22 -29.73 23.27
CA ILE G 234 -11.84 -29.75 22.70
C ILE G 234 -10.88 -30.24 23.78
N VAL G 235 -11.09 -29.82 25.02
CA VAL G 235 -10.24 -30.24 26.18
C VAL G 235 -10.43 -31.75 26.38
N ASN G 236 -11.68 -32.25 26.38
CA ASN G 236 -12.04 -33.67 26.60
C ASN G 236 -11.56 -34.57 25.45
N MET G 237 -11.52 -34.02 24.24
CA MET G 237 -10.98 -34.73 23.05
C MET G 237 -9.45 -34.86 23.16
N GLY G 238 -8.75 -33.78 23.55
CA GLY G 238 -7.29 -33.80 23.77
C GLY G 238 -6.88 -34.92 24.72
N VAL G 239 -7.65 -35.09 25.81
CA VAL G 239 -7.41 -36.11 26.89
C VAL G 239 -7.74 -37.49 26.32
N SER G 240 -8.84 -37.58 25.59
CA SER G 240 -9.23 -38.83 24.91
C SER G 240 -8.12 -39.27 23.96
N LEU G 241 -7.55 -38.33 23.20
CA LEU G 241 -6.48 -38.65 22.21
C LEU G 241 -5.25 -39.15 22.96
N LEU G 242 -4.85 -38.46 24.03
CA LEU G 242 -3.62 -38.80 24.79
C LEU G 242 -3.73 -40.23 25.31
N ILE G 243 -4.85 -40.55 25.96
CA ILE G 243 -5.04 -41.85 26.65
C ILE G 243 -5.10 -42.98 25.63
N ALA G 244 -6.00 -42.88 24.65
CA ALA G 244 -6.22 -43.93 23.64
C ALA G 244 -4.91 -44.21 22.89
N GLY G 245 -4.17 -43.17 22.57
CA GLY G 245 -3.01 -43.28 21.68
C GLY G 245 -1.81 -43.87 22.38
N HIS G 246 -1.71 -43.60 23.67
CA HIS G 246 -0.51 -43.88 24.47
C HIS G 246 -0.36 -45.38 24.72
N GLU G 247 -1.35 -46.02 25.37
CA GLU G 247 -1.13 -47.42 25.78
C GLU G 247 -0.96 -48.31 24.56
N THR G 248 -1.81 -48.13 23.54
CA THR G 248 -1.75 -48.92 22.30
C THR G 248 -0.35 -48.80 21.70
N SER G 249 0.09 -47.58 21.46
CA SER G 249 1.34 -47.34 20.72
C SER G 249 2.54 -47.91 21.49
N VAL G 250 2.60 -47.59 22.79
CA VAL G 250 3.70 -47.98 23.70
C VAL G 250 3.97 -49.48 23.54
N ASN G 251 2.93 -50.29 23.73
CA ASN G 251 3.01 -51.77 23.65
C ASN G 251 3.28 -52.20 22.21
N GLN G 252 2.64 -51.52 21.26
CA GLN G 252 2.67 -51.96 19.86
C GLN G 252 4.11 -51.89 19.37
N ILE G 253 4.84 -50.85 19.79
CA ILE G 253 6.29 -50.69 19.46
C ILE G 253 7.03 -51.96 19.86
N THR G 254 6.94 -52.31 21.15
CA THR G 254 7.61 -53.50 21.75
C THR G 254 7.21 -54.80 21.05
N ASN G 255 5.93 -54.91 20.66
CA ASN G 255 5.37 -56.13 20.04
C ASN G 255 5.95 -56.36 18.63
N LEU G 256 6.10 -55.28 17.85
CA LEU G 256 6.71 -55.34 16.50
C LEU G 256 8.19 -55.70 16.62
N VAL G 257 8.86 -55.07 17.58
CA VAL G 257 10.30 -55.37 17.78
C VAL G 257 10.41 -56.82 18.18
N HIS G 258 9.47 -57.30 18.99
CA HIS G 258 9.47 -58.72 19.43
C HIS G 258 9.40 -59.64 18.23
N LEU G 259 8.44 -59.41 17.35
CA LEU G 259 8.23 -60.26 16.16
C LEU G 259 9.49 -60.23 15.27
N LEU G 260 10.08 -59.04 15.15
CA LEU G 260 11.25 -58.80 14.28
C LEU G 260 12.45 -59.64 14.76
N LEU G 261 12.71 -59.61 16.06
CA LEU G 261 13.93 -60.19 16.65
C LEU G 261 13.78 -61.70 16.87
N THR G 262 12.61 -62.20 17.27
CA THR G 262 12.45 -63.63 17.66
C THR G 262 12.59 -64.54 16.46
N GLU G 263 12.24 -64.05 15.25
CA GLU G 263 12.70 -64.60 13.95
C GLU G 263 13.52 -63.49 13.29
N ARG G 264 14.83 -63.46 13.53
CA ARG G 264 15.68 -62.28 13.16
C ARG G 264 15.76 -62.12 11.64
N LYS G 265 15.61 -63.19 10.87
CA LYS G 265 15.54 -63.13 9.38
C LYS G 265 14.72 -61.91 9.00
N ARG G 266 13.62 -61.64 9.74
CA ARG G 266 12.64 -60.55 9.45
C ARG G 266 13.26 -59.16 9.63
N TYR G 267 13.90 -58.94 10.77
CA TYR G 267 14.63 -57.69 11.00
C TYR G 267 15.67 -57.50 9.90
N GLU G 268 16.40 -58.57 9.55
CA GLU G 268 17.51 -58.57 8.55
C GLU G 268 16.97 -58.16 7.18
N SER G 269 15.75 -58.58 6.91
CA SER G 269 15.00 -58.23 5.69
C SER G 269 14.77 -56.72 5.62
N LEU G 270 14.39 -56.08 6.73
CA LEU G 270 14.20 -54.61 6.76
C LEU G 270 15.54 -53.87 6.70
N VAL G 271 16.60 -54.47 7.23
CA VAL G 271 17.96 -53.89 7.11
C VAL G 271 18.35 -53.89 5.64
N ALA G 272 18.23 -55.04 4.98
CA ALA G 272 18.58 -55.21 3.55
C ALA G 272 17.81 -54.20 2.71
N ASP G 273 16.54 -53.95 3.06
CA ASP G 273 15.64 -53.07 2.28
C ASP G 273 14.83 -52.20 3.24
N PRO G 274 15.32 -51.01 3.61
CA PRO G 274 14.64 -50.18 4.59
C PRO G 274 13.33 -49.60 4.10
N ALA G 275 13.10 -49.64 2.78
CA ALA G 275 11.86 -49.12 2.16
C ALA G 275 10.73 -50.05 2.51
N LEU G 276 11.08 -51.28 2.84
CA LEU G 276 10.07 -52.31 3.16
C LEU G 276 9.28 -51.97 4.43
N VAL G 277 9.72 -50.99 5.21
CA VAL G 277 9.21 -50.81 6.59
C VAL G 277 7.70 -50.60 6.60
N PRO G 278 7.14 -49.61 5.86
CA PRO G 278 5.73 -49.32 6.02
C PRO G 278 4.87 -50.57 5.71
N ALA G 279 5.21 -51.30 4.64
CA ALA G 279 4.50 -52.56 4.29
C ALA G 279 4.57 -53.45 5.51
N ALA G 280 5.77 -53.59 6.07
CA ALA G 280 6.06 -54.50 7.19
C ALA G 280 5.23 -54.11 8.41
N VAL G 281 5.06 -52.81 8.65
CA VAL G 281 4.29 -52.31 9.82
C VAL G 281 2.84 -52.70 9.63
N GLU G 282 2.33 -52.57 8.42
CA GLU G 282 0.97 -53.02 8.14
C GLU G 282 0.83 -54.51 8.51
N GLU G 283 1.72 -55.35 7.99
CA GLU G 283 1.62 -56.82 8.15
C GLU G 283 1.68 -57.20 9.64
N MET G 284 2.53 -56.51 10.39
CA MET G 284 2.72 -56.74 11.85
C MET G 284 1.56 -56.16 12.64
N LEU G 285 0.83 -55.17 12.11
CA LEU G 285 -0.34 -54.58 12.81
C LEU G 285 -1.46 -55.62 12.82
N ARG G 286 -1.63 -56.28 11.68
CA ARG G 286 -2.64 -57.34 11.51
C ARG G 286 -2.27 -58.61 12.30
N TYR G 287 -0.99 -58.96 12.30
CA TYR G 287 -0.48 -60.24 12.85
C TYR G 287 -0.48 -60.17 14.38
N THR G 288 -0.35 -58.98 14.94
CA THR G 288 -0.23 -58.77 16.40
C THR G 288 -1.62 -58.70 16.98
N PRO G 289 -1.95 -59.58 17.97
CA PRO G 289 -3.17 -59.43 18.75
C PRO G 289 -3.00 -58.40 19.88
N LEU G 290 -2.81 -57.13 19.51
CA LEU G 290 -2.58 -56.05 20.50
C LEU G 290 -3.75 -56.05 21.48
N VAL G 291 -4.96 -56.19 20.94
CA VAL G 291 -6.14 -56.40 21.80
C VAL G 291 -6.21 -57.90 22.06
N SER G 292 -5.94 -58.33 23.30
CA SER G 292 -5.91 -59.77 23.68
C SER G 292 -7.33 -60.32 23.68
N ALA G 293 -8.24 -59.52 24.20
CA ALA G 293 -9.64 -59.91 24.41
C ALA G 293 -10.47 -59.66 23.15
N GLY G 294 -11.79 -59.63 23.33
CA GLY G 294 -12.69 -59.12 22.30
C GLY G 294 -12.71 -57.59 22.26
N SER G 295 -13.68 -57.05 21.54
CA SER G 295 -13.84 -55.60 21.31
C SER G 295 -14.68 -55.00 22.42
N PHE G 296 -14.82 -53.69 22.37
CA PHE G 296 -15.93 -53.02 23.06
C PHE G 296 -17.22 -53.55 22.42
N VAL G 297 -18.25 -53.71 23.24
CA VAL G 297 -19.47 -54.48 22.86
C VAL G 297 -20.35 -53.65 21.92
N ARG G 298 -20.96 -54.33 20.95
CA ARG G 298 -21.94 -53.73 20.01
C ARG G 298 -23.27 -54.42 20.25
N VAL G 299 -24.31 -53.66 20.61
CA VAL G 299 -25.70 -54.19 20.78
C VAL G 299 -26.46 -53.91 19.49
N ALA G 300 -27.22 -54.87 18.98
CA ALA G 300 -28.01 -54.71 17.74
C ALA G 300 -29.29 -53.93 18.10
N THR G 301 -29.55 -52.80 17.40
CA THR G 301 -30.81 -51.99 17.49
C THR G 301 -31.93 -52.71 16.72
N GLU G 302 -31.57 -53.49 15.68
CA GLU G 302 -32.52 -54.24 14.82
C GLU G 302 -31.96 -55.62 14.52
N ASP G 303 -32.82 -56.50 13.99
CA ASP G 303 -32.41 -57.83 13.47
C ASP G 303 -31.44 -57.63 12.32
N VAL G 304 -30.32 -58.33 12.36
CA VAL G 304 -29.17 -58.15 11.43
C VAL G 304 -28.62 -59.53 11.11
N GLU G 305 -28.45 -59.83 9.84
CA GLU G 305 -28.08 -61.18 9.39
C GLU G 305 -26.58 -61.27 9.09
N LEU G 306 -25.86 -62.07 9.88
CA LEU G 306 -24.42 -62.41 9.66
C LEU G 306 -24.30 -63.67 8.78
N SER G 307 -23.05 -64.12 8.58
CA SER G 307 -22.66 -65.19 7.60
C SER G 307 -23.36 -66.50 7.88
N THR G 308 -23.52 -66.84 9.18
CA THR G 308 -24.09 -68.13 9.65
C THR G 308 -25.24 -67.95 10.64
N VAL G 309 -25.42 -66.80 11.29
CA VAL G 309 -26.51 -66.63 12.29
C VAL G 309 -27.11 -65.24 12.16
N THR G 310 -28.39 -65.09 12.50
CA THR G 310 -28.99 -63.73 12.56
C THR G 310 -29.01 -63.31 14.02
N VAL G 311 -28.58 -62.09 14.25
CA VAL G 311 -28.56 -61.50 15.59
C VAL G 311 -29.88 -60.79 15.80
N ARG G 312 -30.57 -61.10 16.88
CA ARG G 312 -31.84 -60.44 17.22
C ARG G 312 -31.53 -59.10 17.88
N ALA G 313 -32.45 -58.16 17.76
CA ALA G 313 -32.35 -56.85 18.42
C ALA G 313 -32.19 -57.04 19.93
N GLY G 314 -31.38 -56.23 20.59
CA GLY G 314 -31.08 -56.31 22.03
C GLY G 314 -29.97 -57.32 22.34
N GLU G 315 -29.52 -58.13 21.37
CA GLU G 315 -28.49 -59.18 21.60
C GLU G 315 -27.09 -58.58 21.47
N PRO G 316 -26.19 -58.75 22.47
CA PRO G 316 -24.88 -58.12 22.42
C PRO G 316 -23.92 -58.93 21.55
N CYS G 317 -23.04 -58.24 20.83
CA CYS G 317 -21.96 -58.85 20.01
C CYS G 317 -20.61 -58.33 20.45
N VAL G 318 -19.63 -59.18 20.20
CA VAL G 318 -18.24 -58.83 20.45
C VAL G 318 -17.44 -59.35 19.27
N VAL G 319 -16.35 -58.64 18.97
CA VAL G 319 -15.40 -58.97 17.88
C VAL G 319 -13.98 -59.15 18.45
N HIS G 320 -13.30 -60.15 17.95
CA HIS G 320 -11.87 -60.33 18.23
C HIS G 320 -11.08 -59.96 16.99
N PHE G 321 -10.46 -58.78 17.04
CA PHE G 321 -9.92 -58.16 15.81
C PHE G 321 -8.91 -59.15 15.23
N ALA G 322 -8.06 -59.69 16.10
CA ALA G 322 -6.88 -60.46 15.71
C ALA G 322 -7.29 -61.70 14.94
N SER G 323 -8.47 -62.24 15.26
CA SER G 323 -8.96 -63.45 14.57
C SER G 323 -9.32 -63.05 13.16
N ALA G 324 -10.02 -61.93 13.04
CA ALA G 324 -10.46 -61.40 11.74
C ALA G 324 -9.22 -61.25 10.86
N ASN G 325 -8.18 -60.64 11.42
CA ASN G 325 -6.92 -60.37 10.69
C ASN G 325 -6.22 -61.67 10.25
N ARG G 326 -6.64 -62.86 10.72
CA ARG G 326 -6.01 -64.15 10.35
C ARG G 326 -6.97 -65.00 9.49
N ASP G 327 -8.14 -64.44 9.13
CA ASP G 327 -9.20 -65.10 8.31
C ASP G 327 -8.55 -65.65 7.04
N GLU G 328 -8.74 -66.94 6.73
CA GLU G 328 -8.07 -67.65 5.60
C GLU G 328 -8.68 -67.21 4.26
N GLU G 329 -9.95 -66.82 4.28
CA GLU G 329 -10.73 -66.31 3.12
C GLU G 329 -10.01 -65.12 2.50
N VAL G 330 -9.53 -64.21 3.37
CA VAL G 330 -9.05 -62.84 3.03
C VAL G 330 -7.54 -62.86 2.73
N PHE G 331 -6.77 -63.66 3.46
CA PHE G 331 -5.29 -63.59 3.49
C PHE G 331 -4.65 -64.93 3.23
N ASP G 332 -3.91 -65.04 2.13
CA ASP G 332 -3.15 -66.28 1.87
C ASP G 332 -2.22 -66.49 3.06
N HIS G 333 -1.93 -67.74 3.38
CA HIS G 333 -1.03 -68.07 4.51
C HIS G 333 -1.18 -67.02 5.61
N ALA G 334 -2.41 -66.83 6.12
CA ALA G 334 -2.77 -65.87 7.19
C ALA G 334 -1.93 -66.04 8.47
N ASP G 335 -1.58 -67.28 8.83
CA ASP G 335 -0.75 -67.67 10.00
C ASP G 335 0.73 -67.27 9.81
N GLU G 336 1.20 -67.15 8.57
CA GLU G 336 2.59 -66.77 8.25
C GLU G 336 2.77 -65.25 8.23
N LEU G 337 3.98 -64.77 8.55
CA LEU G 337 4.30 -63.33 8.50
C LEU G 337 4.96 -62.99 7.16
N ASP G 338 4.36 -62.08 6.39
CA ASP G 338 4.75 -61.79 4.98
C ASP G 338 4.80 -60.29 4.72
N PHE G 339 5.98 -59.77 4.39
CA PHE G 339 6.15 -58.32 4.13
C PHE G 339 5.97 -57.99 2.65
N HIS G 340 5.62 -58.97 1.83
CA HIS G 340 5.44 -58.80 0.37
C HIS G 340 4.00 -59.17 -0.05
N ARG G 341 3.02 -58.71 0.72
CA ARG G 341 1.59 -58.80 0.35
C ARG G 341 1.24 -57.59 -0.50
N GLU G 342 0.46 -57.78 -1.57
CA GLU G 342 0.02 -56.67 -2.45
C GLU G 342 -1.01 -55.82 -1.72
N ARG G 343 -1.95 -56.50 -1.08
CA ARG G 343 -3.01 -55.82 -0.33
C ARG G 343 -2.95 -56.28 1.11
N ASN G 344 -3.53 -55.49 2.00
CA ASN G 344 -3.59 -55.87 3.43
C ASN G 344 -4.70 -55.09 4.09
N PRO G 345 -5.97 -55.53 3.93
CA PRO G 345 -7.08 -54.79 4.49
C PRO G 345 -7.43 -55.18 5.93
N HIS G 346 -6.46 -55.11 6.82
CA HIS G 346 -6.62 -55.57 8.22
C HIS G 346 -7.50 -54.59 8.96
N ILE G 347 -8.05 -54.98 10.10
CA ILE G 347 -8.90 -54.05 10.90
C ILE G 347 -8.21 -53.84 12.22
N ALA G 348 -6.87 -53.94 12.26
CA ALA G 348 -6.05 -53.68 13.47
C ALA G 348 -6.41 -52.33 14.07
N PHE G 349 -6.90 -51.41 13.23
CA PHE G 349 -7.34 -50.06 13.66
C PHE G 349 -8.86 -50.03 13.79
N GLY G 350 -9.49 -51.18 13.64
CA GLY G 350 -10.95 -51.29 13.76
C GLY G 350 -11.57 -50.99 12.42
N HIS G 351 -12.80 -50.47 12.44
CA HIS G 351 -13.63 -50.36 11.22
C HIS G 351 -14.92 -49.56 11.46
N GLY G 352 -15.47 -49.03 10.38
CA GLY G 352 -16.68 -48.23 10.45
C GLY G 352 -16.47 -46.98 11.30
N ALA G 353 -17.53 -46.51 11.96
CA ALA G 353 -17.68 -45.19 12.62
C ALA G 353 -16.64 -44.99 13.70
N HIS G 354 -16.26 -46.08 14.36
CA HIS G 354 -15.14 -46.14 15.33
C HIS G 354 -13.99 -46.83 14.60
N HIS G 355 -13.27 -46.04 13.81
CA HIS G 355 -11.96 -46.36 13.24
C HIS G 355 -11.01 -45.44 13.99
N CYS G 356 -9.92 -45.99 14.51
CA CYS G 356 -8.89 -45.24 15.29
C CYS G 356 -8.64 -43.88 14.62
N ILE G 357 -8.96 -42.78 15.29
CA ILE G 357 -8.65 -41.45 14.72
C ILE G 357 -7.15 -41.40 14.49
N GLY G 358 -6.38 -41.93 15.44
CA GLY G 358 -4.92 -41.87 15.39
C GLY G 358 -4.30 -42.84 14.40
N ALA G 359 -5.09 -43.54 13.59
CA ALA G 359 -4.56 -44.60 12.71
C ALA G 359 -3.31 -44.09 12.01
N GLN G 360 -3.36 -42.85 11.52
CA GLN G 360 -2.24 -42.29 10.72
C GLN G 360 -1.09 -42.01 11.67
N LEU G 361 -1.37 -41.36 12.80
CA LEU G 361 -0.31 -41.05 13.79
C LEU G 361 0.30 -42.35 14.33
N GLY G 362 -0.54 -43.38 14.54
CA GLY G 362 -0.08 -44.71 14.95
C GLY G 362 0.92 -45.25 13.97
N ARG G 363 0.59 -45.20 12.68
CA ARG G 363 1.47 -45.68 11.57
C ARG G 363 2.76 -44.85 11.47
N LEU G 364 2.68 -43.55 11.70
CA LEU G 364 3.88 -42.68 11.69
C LEU G 364 4.83 -43.19 12.77
N GLU G 365 4.34 -43.19 14.01
CA GLU G 365 5.14 -43.56 15.21
C GLU G 365 5.91 -44.84 14.92
N LEU G 366 5.20 -45.87 14.48
CA LEU G 366 5.77 -47.22 14.31
C LEU G 366 6.78 -47.22 13.17
N GLN G 367 6.42 -46.65 12.03
CA GLN G 367 7.34 -46.56 10.86
C GLN G 367 8.63 -45.86 11.32
N GLU G 368 8.47 -44.70 11.94
CA GLU G 368 9.64 -43.89 12.32
C GLU G 368 10.51 -44.68 13.28
N ALA G 369 9.89 -45.34 14.26
CA ALA G 369 10.60 -46.16 15.26
C ALA G 369 11.35 -47.30 14.57
N LEU G 370 10.71 -48.02 13.66
CA LEU G 370 11.41 -49.14 12.99
C LEU G 370 12.51 -48.60 12.09
N SER G 371 12.24 -47.51 11.38
CA SER G 371 13.19 -46.97 10.39
C SER G 371 14.45 -46.50 11.10
N ALA G 372 14.26 -45.82 12.24
CA ALA G 372 15.36 -45.38 13.14
C ALA G 372 16.17 -46.58 13.68
N LEU G 373 15.49 -47.64 14.09
CA LEU G 373 16.19 -48.79 14.70
C LEU G 373 17.02 -49.44 13.61
N VAL G 374 16.42 -49.63 12.45
CA VAL G 374 17.12 -50.28 11.33
C VAL G 374 18.36 -49.47 10.93
N ARG G 375 18.21 -48.14 10.86
CA ARG G 375 19.25 -47.21 10.36
C ARG G 375 20.43 -47.06 11.33
N ARG G 376 20.12 -47.04 12.64
CA ARG G 376 21.12 -46.85 13.74
C ARG G 376 21.69 -48.19 14.27
N PHE G 377 20.94 -49.29 14.14
CA PHE G 377 21.23 -50.58 14.82
C PHE G 377 20.86 -51.72 13.90
N PRO G 378 21.58 -51.89 12.79
CA PRO G 378 21.43 -53.10 12.01
C PRO G 378 21.76 -54.33 12.84
N THR G 379 22.59 -54.17 13.86
CA THR G 379 23.05 -55.30 14.69
C THR G 379 22.05 -55.60 15.82
N LEU G 380 20.88 -54.93 15.80
CA LEU G 380 19.95 -54.94 16.96
C LEU G 380 19.63 -56.38 17.24
N ASP G 381 19.56 -56.77 18.51
CA ASP G 381 19.14 -58.14 18.90
C ASP G 381 18.64 -58.17 20.34
N LEU G 382 17.90 -59.22 20.66
CA LEU G 382 17.27 -59.36 21.98
C LEU G 382 18.35 -59.89 22.91
N ALA G 383 18.63 -59.18 24.01
CA ALA G 383 19.70 -59.53 24.95
C ALA G 383 19.19 -60.46 26.04
N GLU G 384 17.99 -60.15 26.56
CA GLU G 384 17.15 -60.98 27.46
C GLU G 384 16.83 -62.33 26.82
N PRO G 385 16.71 -63.44 27.58
CA PRO G 385 16.31 -64.72 26.97
C PRO G 385 14.80 -64.76 26.79
N VAL G 386 14.36 -65.54 25.80
CA VAL G 386 12.95 -65.47 25.31
C VAL G 386 12.06 -65.92 26.45
N ALA G 387 12.46 -67.01 27.09
CA ALA G 387 11.68 -67.64 28.20
C ALA G 387 11.56 -66.62 29.34
N GLY G 388 12.61 -65.83 29.53
CA GLY G 388 12.69 -64.78 30.56
C GLY G 388 11.67 -63.67 30.39
N LEU G 389 11.23 -63.39 29.15
CA LEU G 389 10.49 -62.14 28.79
C LEU G 389 9.25 -61.92 29.65
N LYS G 390 9.11 -60.71 30.21
CA LYS G 390 8.01 -60.38 31.15
C LYS G 390 6.86 -59.74 30.37
N TRP G 391 5.89 -60.55 29.92
CA TRP G 391 4.63 -60.07 29.28
C TRP G 391 3.65 -59.55 30.33
N LYS G 392 3.07 -58.38 30.10
CA LYS G 392 2.05 -57.80 31.02
C LYS G 392 0.88 -58.78 31.12
N GLN G 393 0.40 -59.07 32.33
CA GLN G 393 -0.48 -60.23 32.64
C GLN G 393 -1.96 -59.80 32.74
N GLY G 394 -2.29 -58.74 33.49
CA GLY G 394 -3.69 -58.46 33.85
C GLY G 394 -4.48 -57.79 32.74
N MET G 395 -3.83 -57.41 31.66
CA MET G 395 -4.25 -56.26 30.83
C MET G 395 -5.11 -56.68 29.62
N LEU G 396 -5.94 -55.74 29.15
CA LEU G 396 -6.81 -55.88 27.94
C LEU G 396 -5.94 -55.93 26.69
N ILE G 397 -4.79 -55.25 26.80
CA ILE G 397 -3.74 -55.09 25.74
C ILE G 397 -2.50 -55.91 26.09
N ARG G 398 -1.93 -56.57 25.09
CA ARG G 398 -0.66 -57.29 25.26
C ARG G 398 0.50 -56.31 25.09
N GLY G 399 1.63 -56.69 25.68
CA GLY G 399 2.88 -55.90 25.64
C GLY G 399 3.89 -56.45 26.61
N LEU G 400 5.14 -56.00 26.49
CA LEU G 400 6.26 -56.41 27.37
C LEU G 400 6.58 -55.34 28.40
N GLU G 401 6.61 -55.72 29.68
CA GLU G 401 7.03 -54.81 30.78
C GLU G 401 8.44 -54.33 30.48
N ARG G 402 9.24 -55.23 29.93
CA ARG G 402 10.66 -54.93 29.68
C ARG G 402 11.14 -55.71 28.47
N GLN G 403 12.07 -55.11 27.73
CA GLN G 403 12.67 -55.63 26.49
C GLN G 403 14.13 -55.17 26.44
N ILE G 404 15.05 -56.00 26.89
CA ILE G 404 16.50 -55.66 26.88
C ILE G 404 17.07 -56.04 25.51
N VAL G 405 17.71 -55.06 24.89
CA VAL G 405 18.32 -55.28 23.56
C VAL G 405 19.80 -54.93 23.58
N SER G 406 20.50 -55.51 22.60
CA SER G 406 21.95 -55.34 22.38
C SER G 406 22.15 -54.88 20.95
N TRP G 407 23.28 -54.21 20.71
CA TRP G 407 23.69 -53.74 19.37
C TRP G 407 25.20 -53.56 19.32
N ALA H 13 77.32 -27.26 0.97
CA ALA H 13 76.83 -25.88 1.20
C ALA H 13 75.81 -25.90 2.35
N VAL H 14 74.58 -25.42 2.12
CA VAL H 14 73.57 -25.13 3.18
C VAL H 14 72.58 -26.29 3.23
N PRO H 15 71.96 -26.55 4.41
CA PRO H 15 71.07 -27.71 4.61
C PRO H 15 69.78 -27.67 3.80
N ALA H 16 69.35 -28.82 3.26
CA ALA H 16 68.13 -28.92 2.43
C ALA H 16 66.88 -28.90 3.34
N TYR H 17 65.82 -28.24 2.88
CA TYR H 17 64.47 -28.28 3.47
C TYR H 17 63.56 -28.92 2.45
N PRO H 18 62.63 -29.84 2.83
CA PRO H 18 62.50 -30.36 4.18
C PRO H 18 63.78 -31.13 4.59
N PHE H 19 63.99 -31.28 5.89
CA PHE H 19 65.19 -31.96 6.47
C PHE H 19 65.13 -33.47 6.27
N SER H 20 63.92 -34.05 6.38
CA SER H 20 63.67 -35.51 6.33
C SER H 20 62.27 -35.82 5.79
N LEU H 21 62.06 -37.06 5.36
CA LEU H 21 60.72 -37.60 5.06
C LEU H 21 59.88 -37.69 6.34
N PRO H 22 58.60 -37.31 6.30
CA PRO H 22 57.78 -37.20 7.50
C PRO H 22 57.34 -38.62 7.88
N HIS H 23 57.26 -38.88 9.17
CA HIS H 23 56.69 -40.13 9.74
C HIS H 23 55.47 -39.78 10.58
N ALA H 24 54.34 -40.39 10.23
CA ALA H 24 53.08 -40.26 10.97
C ALA H 24 52.73 -38.79 11.12
N LEU H 25 52.41 -38.37 12.34
CA LEU H 25 52.24 -36.93 12.69
C LEU H 25 53.31 -36.49 13.68
N ASP H 26 54.47 -37.15 13.66
CA ASP H 26 55.66 -36.77 14.48
C ASP H 26 56.38 -35.58 13.89
N LEU H 27 56.94 -34.73 14.75
CA LEU H 27 57.65 -33.52 14.33
C LEU H 27 59.15 -33.79 14.39
N ASP H 28 59.86 -33.39 13.33
CA ASP H 28 61.32 -33.52 13.24
C ASP H 28 61.92 -32.84 14.47
N PRO H 29 62.88 -33.48 15.16
CA PRO H 29 63.37 -32.91 16.41
C PRO H 29 64.10 -31.60 16.10
N HIS H 30 64.68 -31.48 14.90
CA HIS H 30 65.51 -30.33 14.47
C HIS H 30 64.85 -28.99 14.82
N TYR H 31 63.53 -28.90 14.63
CA TYR H 31 62.74 -27.64 14.78
C TYR H 31 62.80 -27.12 16.23
N ALA H 32 62.74 -28.00 17.21
CA ALA H 32 62.89 -27.64 18.63
C ALA H 32 64.30 -27.08 18.90
N GLU H 33 65.31 -27.63 18.20
CA GLU H 33 66.72 -27.17 18.26
C GLU H 33 66.78 -25.75 17.67
N LEU H 34 66.28 -25.60 16.43
CA LEU H 34 66.31 -24.30 15.72
C LEU H 34 65.62 -23.19 16.53
N ARG H 35 64.52 -23.46 17.22
CA ARG H 35 63.85 -22.42 18.04
C ARG H 35 64.82 -21.88 19.08
N ARG H 36 65.55 -22.77 19.77
CA ARG H 36 66.50 -22.40 20.85
C ARG H 36 67.73 -21.73 20.23
N ASP H 37 68.35 -22.42 19.27
CA ASP H 37 69.74 -22.16 18.81
C ASP H 37 69.78 -21.16 17.63
N GLU H 38 69.00 -21.35 16.55
CA GLU H 38 68.92 -20.35 15.43
C GLU H 38 67.51 -20.25 14.84
N PRO H 39 66.62 -19.45 15.48
CA PRO H 39 65.23 -19.32 15.04
C PRO H 39 65.10 -19.06 13.54
N VAL H 40 66.00 -18.28 12.94
CA VAL H 40 65.96 -17.97 11.48
C VAL H 40 67.22 -18.52 10.80
N SER H 41 67.03 -19.57 10.03
CA SER H 41 68.09 -20.46 9.56
C SER H 41 68.11 -20.37 8.05
N ARG H 42 69.27 -20.39 7.43
CA ARG H 42 69.33 -20.50 5.97
C ARG H 42 69.00 -21.95 5.63
N VAL H 43 68.33 -22.19 4.50
CA VAL H 43 67.92 -23.55 4.02
C VAL H 43 67.83 -23.52 2.50
N ARG H 44 68.05 -24.66 1.85
CA ARG H 44 67.85 -24.83 0.38
C ARG H 44 66.56 -25.59 0.09
N LEU H 45 65.60 -24.95 -0.57
CA LEU H 45 64.27 -25.53 -0.83
C LEU H 45 64.40 -26.54 -1.97
N PRO H 46 63.42 -27.44 -2.13
CA PRO H 46 63.50 -28.48 -3.15
C PRO H 46 63.50 -27.95 -4.58
N TYR H 47 62.72 -26.89 -4.83
CA TYR H 47 62.62 -26.23 -6.16
C TYR H 47 62.86 -24.73 -6.01
N GLY H 48 63.23 -24.10 -7.12
CA GLY H 48 63.71 -22.70 -7.15
C GLY H 48 65.23 -22.64 -7.18
N GLU H 49 65.77 -21.43 -7.30
CA GLU H 49 67.22 -21.17 -7.27
C GLU H 49 67.57 -20.26 -6.10
N GLY H 50 68.59 -20.68 -5.36
CA GLY H 50 69.12 -19.86 -4.26
C GLY H 50 68.88 -20.51 -2.93
N THR H 51 69.11 -19.71 -1.90
CA THR H 51 68.93 -20.03 -0.47
C THR H 51 67.68 -19.24 -0.01
N ALA H 52 67.00 -19.73 1.05
CA ALA H 52 65.82 -19.07 1.67
C ALA H 52 65.85 -19.21 3.18
N TRP H 53 65.31 -18.21 3.89
CA TRP H 53 65.24 -18.18 5.37
C TRP H 53 64.08 -19.07 5.78
N LEU H 54 64.21 -19.79 6.89
CA LEU H 54 63.13 -20.63 7.46
C LEU H 54 62.84 -20.08 8.84
N VAL H 55 61.62 -19.65 9.06
CA VAL H 55 61.18 -19.09 10.36
C VAL H 55 60.59 -20.22 11.19
N THR H 56 60.92 -20.27 12.49
CA THR H 56 60.59 -21.43 13.34
C THR H 56 59.81 -21.00 14.58
N ARG H 57 59.68 -19.71 14.84
CA ARG H 57 59.06 -19.24 16.10
C ARG H 57 57.85 -18.36 15.83
N MET H 58 56.97 -18.28 16.80
CA MET H 58 55.65 -17.64 16.61
C MET H 58 55.83 -16.15 16.24
N SER H 59 56.50 -15.38 17.09
CA SER H 59 56.67 -13.92 16.89
C SER H 59 57.19 -13.65 15.47
N ASP H 60 58.28 -14.34 15.08
CA ASP H 60 58.90 -14.21 13.74
C ASP H 60 57.91 -14.60 12.64
N ALA H 61 57.15 -15.66 12.86
CA ALA H 61 56.16 -16.12 11.88
C ALA H 61 55.12 -15.03 11.68
N ARG H 62 54.56 -14.50 12.76
CA ARG H 62 53.51 -13.45 12.67
C ARG H 62 54.02 -12.25 11.85
N ILE H 63 55.28 -11.87 12.05
CA ILE H 63 55.95 -10.75 11.30
C ILE H 63 55.98 -11.10 9.82
N VAL H 64 56.46 -12.28 9.47
CA VAL H 64 56.58 -12.65 8.04
C VAL H 64 55.22 -12.64 7.38
N LEU H 65 54.18 -13.10 8.08
CA LEU H 65 52.82 -13.34 7.49
C LEU H 65 51.98 -12.05 7.49
N GLY H 66 52.14 -11.21 8.53
CA GLY H 66 51.24 -10.10 8.86
C GLY H 66 51.82 -8.75 8.53
N ASP H 67 53.14 -8.63 8.34
CA ASP H 67 53.81 -7.35 8.00
C ASP H 67 53.81 -7.20 6.48
N SER H 68 53.37 -6.01 6.04
CA SER H 68 53.13 -5.65 4.63
C SER H 68 54.46 -5.63 3.87
N ARG H 69 55.59 -5.59 4.56
CA ARG H 69 56.89 -5.53 3.86
C ARG H 69 57.21 -6.83 3.13
N PHE H 70 56.39 -7.86 3.32
CA PHE H 70 56.57 -9.15 2.61
C PHE H 70 55.52 -9.29 1.52
N SER H 71 55.91 -9.84 0.40
CA SER H 71 55.04 -9.98 -0.78
C SER H 71 54.96 -11.45 -1.14
N THR H 72 53.76 -11.97 -1.36
CA THR H 72 53.54 -13.32 -1.93
C THR H 72 53.65 -13.28 -3.46
N ALA H 73 53.23 -12.17 -4.07
CA ALA H 73 53.20 -11.99 -5.53
C ALA H 73 54.59 -12.25 -6.10
N ALA H 74 55.61 -11.68 -5.47
CA ALA H 74 57.02 -11.85 -5.89
C ALA H 74 57.38 -13.33 -6.04
N ALA H 75 56.74 -14.21 -5.27
CA ALA H 75 57.12 -15.63 -5.23
C ALA H 75 56.78 -16.32 -6.54
N THR H 76 55.91 -15.72 -7.36
CA THR H 76 55.48 -16.26 -8.69
C THR H 76 56.66 -16.49 -9.64
N ASP H 77 57.73 -15.70 -9.49
CA ASP H 77 58.95 -15.85 -10.31
C ASP H 77 59.41 -17.29 -10.18
N PRO H 78 59.53 -18.05 -11.29
CA PRO H 78 60.09 -19.40 -11.28
C PRO H 78 61.53 -19.59 -10.75
N ALA H 79 62.32 -18.51 -10.71
CA ALA H 79 63.65 -18.46 -10.08
C ALA H 79 63.51 -18.46 -8.55
N THR H 80 62.38 -17.97 -8.01
CA THR H 80 62.12 -17.91 -6.55
C THR H 80 62.04 -19.32 -5.98
N PRO H 81 62.64 -19.57 -4.79
CA PRO H 81 62.51 -20.87 -4.13
C PRO H 81 61.05 -21.19 -3.80
N ARG H 82 60.72 -22.48 -3.78
CA ARG H 82 59.37 -22.98 -3.41
C ARG H 82 59.42 -24.46 -3.00
N MET H 83 58.41 -24.90 -2.26
CA MET H 83 58.31 -26.29 -1.75
C MET H 83 57.84 -27.27 -2.82
N PHE H 84 57.17 -26.79 -3.86
CA PHE H 84 56.43 -27.63 -4.85
C PHE H 84 57.00 -27.42 -6.23
N PRO H 85 56.88 -28.43 -7.12
CA PRO H 85 57.58 -28.40 -8.41
C PRO H 85 57.12 -27.33 -9.42
N THR H 86 55.80 -27.16 -9.62
CA THR H 86 55.20 -26.18 -10.57
C THR H 86 55.25 -24.78 -10.01
N PRO H 87 55.80 -23.79 -10.75
CA PRO H 87 55.84 -22.41 -10.27
C PRO H 87 54.43 -21.99 -9.98
N PRO H 88 54.20 -21.11 -8.99
CA PRO H 88 52.83 -20.75 -8.64
C PRO H 88 52.16 -20.02 -9.81
N GLU H 89 50.85 -20.21 -9.98
CA GLU H 89 50.03 -19.37 -10.90
C GLU H 89 49.81 -18.02 -10.23
N PRO H 90 50.07 -16.92 -10.96
CA PRO H 90 49.94 -15.58 -10.39
C PRO H 90 48.49 -15.22 -10.04
N ASP H 91 47.54 -16.02 -10.55
CA ASP H 91 46.08 -15.85 -10.38
C ASP H 91 45.63 -16.32 -9.00
N GLY H 92 46.32 -17.33 -8.44
CA GLY H 92 46.07 -17.85 -7.07
C GLY H 92 45.95 -16.74 -6.04
N VAL H 93 44.96 -16.80 -5.15
CA VAL H 93 44.70 -15.70 -4.16
C VAL H 93 45.86 -15.59 -3.18
N LEU H 94 46.58 -16.69 -3.02
CA LEU H 94 47.78 -16.71 -2.16
C LEU H 94 48.88 -15.89 -2.81
N ALA H 95 48.98 -15.91 -4.14
CA ALA H 95 49.97 -15.11 -4.92
C ALA H 95 49.55 -13.64 -5.10
N GLN H 96 48.34 -13.28 -4.70
CA GLN H 96 47.84 -11.89 -4.77
C GLN H 96 48.54 -11.02 -3.74
N ASP H 97 48.84 -9.77 -4.12
CA ASP H 97 49.37 -8.74 -3.20
C ASP H 97 48.34 -7.61 -3.08
N PRO H 98 48.42 -6.78 -2.02
CA PRO H 98 47.54 -5.61 -1.93
C PRO H 98 47.80 -4.68 -3.12
N PRO H 99 46.83 -3.82 -3.48
CA PRO H 99 45.51 -3.75 -2.83
C PRO H 99 44.44 -4.57 -3.57
N ASP H 100 44.80 -5.21 -4.70
CA ASP H 100 43.89 -6.14 -5.40
C ASP H 100 43.45 -7.27 -4.48
N HIS H 101 44.41 -7.88 -3.82
CA HIS H 101 44.14 -8.92 -2.83
C HIS H 101 43.12 -8.35 -1.85
N THR H 102 43.37 -7.15 -1.35
CA THR H 102 42.55 -6.58 -0.28
C THR H 102 41.11 -6.43 -0.74
N ARG H 103 40.91 -6.16 -2.03
CA ARG H 103 39.55 -6.01 -2.61
C ARG H 103 38.81 -7.35 -2.61
N LEU H 104 39.46 -8.42 -3.12
CA LEU H 104 38.93 -9.81 -3.13
C LEU H 104 38.42 -10.23 -1.75
N ARG H 105 39.28 -10.09 -0.74
CA ARG H 105 38.99 -10.45 0.67
C ARG H 105 37.82 -9.62 1.20
N ARG H 106 37.84 -8.32 0.94
CA ARG H 106 36.84 -7.37 1.45
C ARG H 106 35.46 -7.77 0.92
N LEU H 107 35.40 -8.12 -0.36
CA LEU H 107 34.11 -8.42 -1.04
C LEU H 107 33.66 -9.81 -0.58
N VAL H 108 34.53 -10.82 -0.68
CA VAL H 108 34.14 -12.21 -0.34
C VAL H 108 33.90 -12.31 1.19
N GLY H 109 34.60 -11.52 1.99
CA GLY H 109 34.44 -11.39 3.46
C GLY H 109 33.11 -10.80 3.88
N LYS H 110 32.43 -10.08 3.00
CA LYS H 110 31.05 -9.59 3.24
C LYS H 110 30.03 -10.73 3.27
N ALA H 111 30.18 -11.69 2.35
CA ALA H 111 29.27 -12.84 2.22
C ALA H 111 29.70 -14.00 3.13
N PHE H 112 31.01 -14.25 3.23
CA PHE H 112 31.56 -15.40 3.99
C PHE H 112 31.67 -15.07 5.47
N THR H 113 30.65 -14.46 6.06
CA THR H 113 30.64 -14.06 7.49
C THR H 113 30.81 -15.31 8.35
N ALA H 114 31.21 -15.11 9.61
CA ALA H 114 31.17 -16.15 10.66
C ALA H 114 29.70 -16.47 10.93
N ARG H 115 28.88 -15.44 10.92
CA ARG H 115 27.44 -15.65 11.11
C ARG H 115 26.92 -16.61 10.04
N ARG H 116 27.24 -16.39 8.78
CA ARG H 116 26.71 -17.27 7.71
C ARG H 116 27.08 -18.71 8.03
N VAL H 117 28.33 -18.93 8.46
CA VAL H 117 28.86 -20.30 8.69
C VAL H 117 28.05 -20.92 9.82
N GLU H 118 27.92 -20.25 10.97
CA GLU H 118 27.15 -20.83 12.09
C GLU H 118 25.74 -21.24 11.65
N GLU H 119 25.13 -20.51 10.74
CA GLU H 119 23.75 -20.82 10.29
C GLU H 119 23.76 -22.11 9.46
N MET H 120 24.91 -22.52 8.92
CA MET H 120 25.03 -23.80 8.18
C MET H 120 25.02 -24.99 9.15
N ARG H 121 25.24 -24.78 10.44
CA ARG H 121 25.47 -25.89 11.38
C ARG H 121 24.34 -26.93 11.26
N PRO H 122 23.06 -26.58 11.51
CA PRO H 122 21.97 -27.52 11.41
C PRO H 122 22.03 -28.41 10.16
N ARG H 123 22.21 -27.82 8.98
CA ARG H 123 22.29 -28.60 7.72
C ARG H 123 23.54 -29.50 7.71
N VAL H 124 24.64 -29.03 8.30
CA VAL H 124 25.90 -29.80 8.29
C VAL H 124 25.75 -30.96 9.26
N ARG H 125 25.09 -30.73 10.37
CA ARG H 125 24.77 -31.80 11.33
C ARG H 125 24.09 -32.94 10.57
N SER H 126 22.95 -32.63 9.93
CA SER H 126 22.10 -33.58 9.15
C SER H 126 22.94 -34.28 8.08
N LEU H 127 23.95 -33.60 7.56
CA LEU H 127 24.84 -34.14 6.52
C LEU H 127 25.79 -35.20 7.06
N VAL H 128 26.36 -34.98 8.26
CA VAL H 128 27.26 -35.97 8.91
C VAL H 128 26.43 -37.19 9.34
N ASP H 129 25.28 -36.94 9.97
CA ASP H 129 24.38 -38.03 10.41
C ASP H 129 24.17 -38.99 9.25
N SER H 130 23.77 -38.46 8.11
CA SER H 130 23.50 -39.23 6.89
C SER H 130 24.72 -40.04 6.49
N LEU H 131 25.92 -39.46 6.61
CA LEU H 131 27.18 -40.14 6.18
C LEU H 131 27.47 -41.29 7.13
N LEU H 132 27.27 -41.06 8.42
CA LEU H 132 27.48 -42.10 9.44
C LEU H 132 26.43 -43.21 9.26
N ASP H 133 25.18 -42.85 8.96
CA ASP H 133 24.08 -43.82 8.72
C ASP H 133 24.57 -44.81 7.68
N ASP H 134 25.23 -44.28 6.66
CA ASP H 134 25.79 -45.07 5.55
C ASP H 134 26.89 -46.00 6.07
N MET H 135 27.70 -45.49 7.00
CA MET H 135 28.75 -46.29 7.66
C MET H 135 28.09 -47.43 8.45
N VAL H 136 27.04 -47.11 9.19
CA VAL H 136 26.33 -48.11 10.01
C VAL H 136 25.78 -49.20 9.07
N ALA H 137 25.16 -48.81 7.97
CA ALA H 137 24.69 -49.82 6.99
C ALA H 137 25.86 -50.72 6.60
N HIS H 138 27.02 -50.15 6.31
CA HIS H 138 28.20 -50.97 5.98
C HIS H 138 28.49 -51.94 7.12
N GLY H 139 28.45 -51.42 8.36
CA GLY H 139 28.70 -52.22 9.59
C GLY H 139 30.11 -52.01 10.05
N SER H 140 30.39 -52.40 11.30
CA SER H 140 31.78 -52.39 11.82
C SER H 140 32.53 -53.64 11.34
N PRO H 141 33.82 -53.54 10.96
CA PRO H 141 34.55 -52.29 10.83
C PRO H 141 34.50 -51.70 9.42
N ALA H 142 34.72 -50.40 9.35
CA ALA H 142 34.65 -49.63 8.10
C ALA H 142 35.79 -48.60 8.01
N ASP H 143 36.15 -48.22 6.78
CA ASP H 143 37.15 -47.16 6.50
C ASP H 143 36.53 -45.79 6.77
N LEU H 144 36.93 -45.11 7.83
CA LEU H 144 36.38 -43.78 8.19
C LEU H 144 36.80 -42.74 7.17
N VAL H 145 37.86 -43.01 6.42
CA VAL H 145 38.27 -42.13 5.29
C VAL H 145 37.16 -42.18 4.25
N GLU H 146 36.89 -43.36 3.71
CA GLU H 146 35.90 -43.54 2.63
C GLU H 146 34.54 -42.98 3.07
N PHE H 147 34.05 -43.22 4.28
CA PHE H 147 32.64 -42.90 4.62
C PHE H 147 32.45 -41.54 5.24
N LEU H 148 33.48 -40.98 5.89
CA LEU H 148 33.34 -39.67 6.54
C LEU H 148 34.30 -38.65 5.94
N ALA H 149 35.60 -38.91 6.01
CA ALA H 149 36.63 -37.85 5.80
C ALA H 149 36.61 -37.29 4.38
N VAL H 150 36.51 -38.15 3.38
CA VAL H 150 36.52 -37.73 1.97
C VAL H 150 35.20 -37.06 1.60
N PRO H 151 34.04 -37.72 1.73
CA PRO H 151 32.80 -37.14 1.27
C PRO H 151 32.42 -35.86 2.01
N PHE H 152 32.67 -35.80 3.29
CA PHE H 152 32.04 -34.78 4.15
C PHE H 152 32.45 -33.35 3.75
N PRO H 153 33.76 -33.01 3.61
CA PRO H 153 34.12 -31.64 3.24
C PRO H 153 33.52 -31.21 1.89
N VAL H 154 33.52 -32.09 0.89
CA VAL H 154 32.97 -31.71 -0.45
C VAL H 154 31.49 -31.35 -0.28
N ALA H 155 30.72 -32.17 0.44
CA ALA H 155 29.30 -31.91 0.70
C ALA H 155 29.11 -30.60 1.46
N VAL H 156 29.97 -30.28 2.42
CA VAL H 156 29.84 -29.00 3.18
C VAL H 156 30.06 -27.78 2.27
N ILE H 157 31.07 -27.85 1.39
CA ILE H 157 31.41 -26.77 0.43
C ILE H 157 30.22 -26.59 -0.53
N CYS H 158 29.66 -27.70 -1.04
CA CYS H 158 28.51 -27.70 -1.96
C CYS H 158 27.36 -26.98 -1.29
N GLU H 159 26.99 -27.37 -0.08
CA GLU H 159 26.00 -26.66 0.76
C GLU H 159 26.32 -25.17 0.77
N LEU H 160 27.57 -24.82 1.01
CA LEU H 160 27.98 -23.41 1.12
C LEU H 160 27.67 -22.72 -0.20
N LEU H 161 27.93 -23.39 -1.33
CA LEU H 161 27.80 -22.78 -2.68
C LEU H 161 26.38 -22.94 -3.27
N GLY H 162 25.45 -23.56 -2.52
CA GLY H 162 24.07 -23.80 -2.96
C GLY H 162 23.98 -24.71 -4.19
N VAL H 163 24.91 -25.66 -4.36
CA VAL H 163 24.89 -26.62 -5.50
C VAL H 163 23.67 -27.53 -5.29
N PRO H 164 22.90 -27.81 -6.36
CA PRO H 164 21.82 -28.80 -6.26
C PRO H 164 22.42 -30.21 -6.05
N LEU H 165 21.63 -31.12 -5.48
CA LEU H 165 22.10 -32.46 -5.04
C LEU H 165 22.56 -33.28 -6.25
N GLU H 166 21.80 -33.22 -7.36
CA GLU H 166 22.01 -34.02 -8.59
C GLU H 166 23.40 -33.74 -9.16
N ASP H 167 23.92 -32.52 -9.02
CA ASP H 167 25.20 -32.05 -9.64
C ASP H 167 26.42 -32.23 -8.72
N ARG H 168 26.26 -32.69 -7.47
CA ARG H 168 27.39 -32.75 -6.51
C ARG H 168 28.39 -33.82 -6.94
N ASP H 169 27.92 -34.87 -7.61
CA ASP H 169 28.82 -35.83 -8.28
C ASP H 169 29.95 -35.08 -8.99
N LEU H 170 29.61 -34.10 -9.85
CA LEU H 170 30.58 -33.36 -10.71
C LEU H 170 31.68 -32.73 -9.87
N PHE H 171 31.32 -32.19 -8.70
CA PHE H 171 32.25 -31.52 -7.76
C PHE H 171 33.22 -32.52 -7.14
N ARG H 172 32.77 -33.71 -6.81
CA ARG H 172 33.67 -34.73 -6.25
C ARG H 172 34.78 -35.03 -7.26
N THR H 173 34.39 -35.38 -8.48
CA THR H 173 35.32 -35.73 -9.57
C THR H 173 36.39 -34.65 -9.66
N PHE H 174 35.95 -33.40 -9.78
CA PHE H 174 36.87 -32.25 -9.94
C PHE H 174 37.89 -32.25 -8.79
N SER H 175 37.40 -32.29 -7.55
CA SER H 175 38.25 -32.16 -6.35
C SER H 175 39.30 -33.26 -6.41
N ASP H 176 38.86 -34.49 -6.68
CA ASP H 176 39.75 -35.68 -6.72
C ASP H 176 40.76 -35.47 -7.84
N ALA H 177 40.30 -34.91 -8.96
CA ALA H 177 41.13 -34.66 -10.16
C ALA H 177 42.16 -33.58 -9.88
N MET H 178 41.79 -32.57 -9.10
CA MET H 178 42.71 -31.45 -8.78
C MET H 178 43.83 -31.90 -7.84
N LEU H 179 43.60 -32.98 -7.11
CA LEU H 179 44.62 -33.51 -6.19
C LEU H 179 45.80 -34.10 -6.95
N SER H 180 47.00 -33.86 -6.43
CA SER H 180 48.21 -34.59 -6.89
C SER H 180 48.03 -36.10 -6.66
N SER H 181 48.70 -36.98 -7.41
CA SER H 181 48.55 -38.45 -7.22
C SER H 181 47.26 -38.92 -7.86
N THR H 182 46.66 -38.08 -8.70
CA THR H 182 45.30 -38.30 -9.22
C THR H 182 45.39 -39.25 -10.42
N ARG H 183 44.29 -39.33 -11.18
CA ARG H 183 44.17 -40.19 -12.37
C ARG H 183 45.35 -39.87 -13.28
N LEU H 184 46.06 -40.89 -13.70
CA LEU H 184 47.38 -40.68 -14.31
C LEU H 184 47.27 -39.72 -15.51
N THR H 185 46.24 -39.85 -16.34
CA THR H 185 46.13 -39.10 -17.63
C THR H 185 46.11 -37.59 -17.37
N ALA H 186 46.98 -36.85 -18.10
CA ALA H 186 47.07 -35.36 -18.08
C ALA H 186 45.96 -34.73 -18.94
N ALA H 187 45.71 -35.29 -20.12
CA ALA H 187 44.70 -34.76 -21.07
C ALA H 187 43.29 -34.98 -20.51
N GLU H 188 43.03 -36.09 -19.82
CA GLU H 188 41.66 -36.38 -19.27
C GLU H 188 41.37 -35.46 -18.10
N ILE H 189 42.33 -35.26 -17.18
CA ILE H 189 42.15 -34.28 -16.07
C ILE H 189 41.86 -32.90 -16.65
N GLN H 190 42.60 -32.51 -17.69
CA GLN H 190 42.41 -31.22 -18.38
C GLN H 190 40.94 -31.12 -18.80
N ARG H 191 40.39 -32.21 -19.35
CA ARG H 191 38.99 -32.25 -19.84
C ARG H 191 38.02 -31.96 -18.70
N VAL H 192 38.18 -32.64 -17.56
CA VAL H 192 37.29 -32.49 -16.36
C VAL H 192 37.39 -31.07 -15.77
N GLN H 193 38.56 -30.43 -15.83
CA GLN H 193 38.71 -29.02 -15.35
C GLN H 193 37.82 -28.10 -16.20
N GLN H 194 37.94 -28.17 -17.53
CA GLN H 194 37.18 -27.32 -18.48
C GLN H 194 35.68 -27.57 -18.30
N ASP H 195 35.28 -28.85 -18.28
CA ASP H 195 33.87 -29.28 -18.09
C ASP H 195 33.34 -28.63 -16.83
N PHE H 196 34.10 -28.74 -15.73
CA PHE H 196 33.72 -28.14 -14.43
C PHE H 196 33.58 -26.62 -14.55
N MET H 197 34.51 -26.03 -15.31
CA MET H 197 34.58 -24.56 -15.44
C MET H 197 33.30 -24.02 -16.12
N VAL H 198 32.90 -24.69 -17.19
CA VAL H 198 31.67 -24.37 -17.94
C VAL H 198 30.50 -24.42 -16.95
N TYR H 199 30.44 -25.49 -16.15
CA TYR H 199 29.33 -25.70 -15.17
C TYR H 199 29.25 -24.52 -14.18
N MET H 200 30.38 -24.16 -13.55
CA MET H 200 30.49 -23.02 -12.58
C MET H 200 29.99 -21.71 -13.21
N ASP H 201 30.41 -21.46 -14.46
CA ASP H 201 29.93 -20.31 -15.26
C ASP H 201 28.41 -20.28 -15.29
N GLY H 202 27.82 -21.40 -15.71
CA GLY H 202 26.36 -21.57 -15.81
C GLY H 202 25.68 -21.33 -14.48
N LEU H 203 26.29 -21.86 -13.42
CA LEU H 203 25.76 -21.74 -12.05
C LEU H 203 25.73 -20.26 -11.66
N VAL H 204 26.83 -19.55 -11.91
CA VAL H 204 26.95 -18.15 -11.43
C VAL H 204 25.96 -17.28 -12.20
N ALA H 205 25.77 -17.60 -13.48
CA ALA H 205 24.78 -16.93 -14.37
C ALA H 205 23.36 -17.11 -13.80
N GLN H 206 23.03 -18.34 -13.39
CA GLN H 206 21.73 -18.69 -12.75
C GLN H 206 21.50 -17.80 -11.54
N ARG H 207 22.56 -17.53 -10.81
CA ARG H 207 22.49 -16.73 -9.57
C ARG H 207 22.23 -15.28 -9.92
N ARG H 208 22.89 -14.83 -10.99
CA ARG H 208 22.75 -13.45 -11.52
C ARG H 208 21.30 -13.25 -11.94
N ASP H 209 20.72 -14.25 -12.59
CA ASP H 209 19.30 -14.29 -13.00
C ASP H 209 18.37 -14.23 -11.79
N ALA H 210 18.59 -15.15 -10.84
CA ALA H 210 17.69 -15.37 -9.69
C ALA H 210 18.53 -15.53 -8.44
N PRO H 211 18.35 -14.60 -7.47
CA PRO H 211 19.23 -14.57 -6.32
C PRO H 211 18.92 -15.80 -5.49
N THR H 212 19.96 -16.39 -4.88
CA THR H 212 19.82 -17.51 -3.94
C THR H 212 20.39 -17.07 -2.60
N GLU H 213 20.02 -17.79 -1.56
CA GLU H 213 20.46 -17.43 -0.19
C GLU H 213 21.89 -17.93 0.01
N ASP H 214 22.44 -18.73 -0.91
CA ASP H 214 23.78 -19.34 -0.72
C ASP H 214 24.86 -18.28 -0.92
N LEU H 215 26.13 -18.63 -0.64
CA LEU H 215 27.26 -17.68 -0.75
C LEU H 215 27.44 -17.18 -2.20
N LEU H 216 27.36 -18.04 -3.22
CA LEU H 216 27.43 -17.56 -4.62
C LEU H 216 26.30 -16.56 -4.89
N GLY H 217 25.13 -16.76 -4.28
CA GLY H 217 23.98 -15.86 -4.46
C GLY H 217 24.28 -14.51 -3.88
N ALA H 218 24.87 -14.45 -2.69
CA ALA H 218 25.21 -13.17 -2.04
C ALA H 218 26.25 -12.44 -2.89
N LEU H 219 27.24 -13.15 -3.40
CA LEU H 219 28.33 -12.56 -4.20
C LEU H 219 27.77 -12.07 -5.53
N ALA H 220 26.72 -12.72 -6.02
CA ALA H 220 26.15 -12.41 -7.35
C ALA H 220 25.41 -11.08 -7.30
N LEU H 221 24.68 -10.79 -6.22
CA LEU H 221 23.81 -9.59 -6.31
C LEU H 221 24.61 -8.29 -6.26
N ALA H 222 24.54 -7.52 -7.34
CA ALA H 222 25.19 -6.19 -7.41
C ALA H 222 24.45 -5.25 -6.46
N THR H 223 23.11 -5.30 -6.52
CA THR H 223 22.23 -4.48 -5.64
C THR H 223 22.68 -3.01 -5.66
N ASP H 224 22.85 -2.41 -4.48
CA ASP H 224 23.29 -0.99 -4.44
C ASP H 224 24.66 -0.93 -5.10
N ASN H 225 24.86 0.02 -6.02
CA ASN H 225 26.12 0.09 -6.78
C ASN H 225 27.31 0.44 -5.88
N ASP H 226 28.10 -0.59 -5.61
CA ASP H 226 29.27 -0.53 -4.73
C ASP H 226 30.06 -1.73 -5.21
N ASP H 227 31.32 -1.84 -4.86
CA ASP H 227 32.06 -2.90 -5.56
C ASP H 227 31.32 -4.17 -5.26
N HIS H 228 31.17 -4.98 -6.31
CA HIS H 228 30.90 -6.42 -6.27
C HIS H 228 31.99 -7.06 -7.13
N LEU H 229 31.99 -8.36 -7.21
CA LEU H 229 33.00 -9.05 -8.03
C LEU H 229 32.50 -9.26 -9.46
N THR H 230 33.44 -9.51 -10.36
CA THR H 230 33.12 -9.91 -11.74
C THR H 230 32.53 -11.30 -11.67
N LYS H 231 31.63 -11.63 -12.59
CA LYS H 231 31.10 -12.99 -12.76
C LYS H 231 32.27 -13.97 -12.82
N GLY H 232 33.28 -13.68 -13.64
CA GLY H 232 34.47 -14.53 -13.83
C GLY H 232 35.30 -14.61 -12.55
N GLU H 233 35.40 -13.51 -11.80
CA GLU H 233 36.02 -13.44 -10.46
C GLU H 233 35.24 -14.39 -9.55
N ILE H 234 33.91 -14.32 -9.55
CA ILE H 234 33.07 -15.17 -8.67
C ILE H 234 33.27 -16.65 -9.03
N VAL H 235 33.40 -16.97 -10.30
CA VAL H 235 33.62 -18.37 -10.73
C VAL H 235 34.97 -18.86 -10.24
N ASN H 236 36.02 -18.05 -10.41
CA ASN H 236 37.41 -18.39 -9.96
C ASN H 236 37.44 -18.50 -8.43
N MET H 237 36.80 -17.59 -7.70
CA MET H 237 36.77 -17.66 -6.22
C MET H 237 36.10 -18.94 -5.75
N GLY H 238 35.00 -19.36 -6.35
CA GLY H 238 34.33 -20.62 -6.02
C GLY H 238 35.25 -21.81 -6.18
N VAL H 239 36.03 -21.86 -7.26
CA VAL H 239 37.00 -22.95 -7.49
C VAL H 239 38.11 -22.83 -6.45
N SER H 240 38.56 -21.62 -6.15
CA SER H 240 39.61 -21.37 -5.13
C SER H 240 39.12 -21.92 -3.79
N LEU H 241 37.88 -21.66 -3.43
CA LEU H 241 37.32 -22.12 -2.14
C LEU H 241 37.20 -23.63 -2.09
N LEU H 242 36.79 -24.23 -3.21
CA LEU H 242 36.63 -25.71 -3.27
C LEU H 242 37.99 -26.38 -3.03
N ILE H 243 39.05 -25.96 -3.75
CA ILE H 243 40.39 -26.62 -3.75
C ILE H 243 41.12 -26.42 -2.41
N ALA H 244 41.26 -25.18 -1.95
CA ALA H 244 41.91 -24.86 -0.67
C ALA H 244 41.22 -25.53 0.54
N GLY H 245 39.88 -25.61 0.54
CA GLY H 245 39.09 -26.15 1.66
C GLY H 245 38.94 -27.67 1.67
N HIS H 246 39.25 -28.34 0.57
CA HIS H 246 39.07 -29.79 0.41
C HIS H 246 40.28 -30.54 1.01
N GLU H 247 41.45 -30.47 0.36
CA GLU H 247 42.61 -31.31 0.77
C GLU H 247 42.95 -31.09 2.23
N THR H 248 42.94 -29.86 2.73
CA THR H 248 43.22 -29.58 4.15
C THR H 248 42.21 -30.34 5.02
N SER H 249 40.92 -30.08 4.83
CA SER H 249 39.84 -30.60 5.69
C SER H 249 39.83 -32.13 5.68
N VAL H 250 39.88 -32.71 4.48
CA VAL H 250 39.81 -34.19 4.28
C VAL H 250 40.82 -34.87 5.20
N ASN H 251 42.08 -34.44 5.13
CA ASN H 251 43.19 -35.05 5.90
C ASN H 251 43.06 -34.64 7.36
N GLN H 252 42.69 -33.38 7.62
CA GLN H 252 42.60 -32.86 9.00
C GLN H 252 41.58 -33.65 9.82
N ILE H 253 40.44 -34.01 9.25
CA ILE H 253 39.47 -34.90 9.92
C ILE H 253 40.21 -36.17 10.34
N THR H 254 40.77 -36.88 9.38
CA THR H 254 41.50 -38.13 9.65
C THR H 254 42.51 -37.91 10.78
N ASN H 255 43.27 -36.83 10.73
CA ASN H 255 44.42 -36.62 11.64
C ASN H 255 43.92 -36.46 13.07
N LEU H 256 42.86 -35.67 13.29
CA LEU H 256 42.28 -35.50 14.64
C LEU H 256 41.91 -36.88 15.17
N VAL H 257 41.15 -37.63 14.38
CA VAL H 257 40.65 -38.98 14.77
C VAL H 257 41.84 -39.86 15.13
N HIS H 258 42.92 -39.82 14.36
CA HIS H 258 44.16 -40.55 14.72
C HIS H 258 44.70 -40.13 16.08
N LEU H 259 44.84 -38.84 16.34
CA LEU H 259 45.26 -38.37 17.67
C LEU H 259 44.31 -38.92 18.74
N LEU H 260 43.00 -38.82 18.53
CA LEU H 260 41.96 -39.18 19.54
C LEU H 260 42.02 -40.66 19.92
N LEU H 261 42.25 -41.54 18.97
CA LEU H 261 42.19 -42.99 19.23
C LEU H 261 43.53 -43.59 19.61
N THR H 262 44.64 -43.11 19.09
CA THR H 262 45.96 -43.69 19.45
C THR H 262 46.19 -43.49 20.96
N GLU H 263 45.75 -42.38 21.53
CA GLU H 263 45.77 -42.21 22.99
C GLU H 263 44.30 -42.12 23.37
N ARG H 264 43.64 -43.26 23.61
CA ARG H 264 42.15 -43.30 23.64
C ARG H 264 41.64 -42.48 24.82
N LYS H 265 42.48 -42.27 25.82
CA LYS H 265 42.09 -41.48 26.99
C LYS H 265 41.46 -40.17 26.52
N ARG H 266 41.98 -39.65 25.40
CA ARG H 266 41.59 -38.33 24.84
C ARG H 266 40.17 -38.42 24.33
N TYR H 267 39.90 -39.44 23.51
CA TYR H 267 38.56 -39.63 22.93
C TYR H 267 37.57 -39.74 24.09
N GLU H 268 37.93 -40.54 25.10
CA GLU H 268 37.07 -40.84 26.27
C GLU H 268 36.76 -39.52 26.96
N SER H 269 37.74 -38.62 27.00
CA SER H 269 37.61 -37.30 27.65
C SER H 269 36.49 -36.49 26.97
N LEU H 270 36.32 -36.62 25.64
CA LEU H 270 35.27 -35.88 24.87
C LEU H 270 33.93 -36.58 25.09
N VAL H 271 33.94 -37.91 25.22
CA VAL H 271 32.69 -38.66 25.45
C VAL H 271 32.09 -38.24 26.77
N ALA H 272 32.94 -38.20 27.79
CA ALA H 272 32.59 -37.79 29.17
C ALA H 272 32.03 -36.36 29.17
N ASP H 273 32.63 -35.52 28.32
CA ASP H 273 32.31 -34.09 28.22
C ASP H 273 32.29 -33.75 26.73
N PRO H 274 31.10 -33.83 26.09
CA PRO H 274 30.98 -33.43 24.69
C PRO H 274 31.13 -31.92 24.44
N ALA H 275 30.83 -31.07 25.42
CA ALA H 275 30.99 -29.60 25.26
C ALA H 275 32.46 -29.23 25.05
N LEU H 276 33.40 -30.13 25.40
CA LEU H 276 34.86 -29.90 25.30
C LEU H 276 35.32 -29.81 23.83
N VAL H 277 34.49 -30.24 22.87
CA VAL H 277 34.94 -30.53 21.49
C VAL H 277 35.57 -29.29 20.87
N PRO H 278 34.91 -28.12 20.92
CA PRO H 278 35.47 -26.98 20.19
C PRO H 278 36.91 -26.69 20.62
N ALA H 279 37.10 -26.59 21.95
CA ALA H 279 38.39 -26.41 22.61
C ALA H 279 39.38 -27.47 22.12
N ALA H 280 38.93 -28.72 22.09
CA ALA H 280 39.73 -29.89 21.66
C ALA H 280 40.15 -29.76 20.21
N VAL H 281 39.29 -29.18 19.38
CA VAL H 281 39.57 -29.01 17.93
C VAL H 281 40.72 -28.04 17.79
N GLU H 282 40.56 -26.89 18.43
CA GLU H 282 41.61 -25.84 18.42
C GLU H 282 42.95 -26.51 18.76
N GLU H 283 42.99 -27.22 19.88
CA GLU H 283 44.26 -27.75 20.38
C GLU H 283 44.84 -28.68 19.31
N MET H 284 43.97 -29.41 18.63
CA MET H 284 44.40 -30.46 17.68
C MET H 284 44.80 -29.82 16.36
N LEU H 285 44.20 -28.68 16.09
CA LEU H 285 44.63 -27.85 14.95
C LEU H 285 46.10 -27.50 15.13
N ARG H 286 46.44 -27.00 16.34
CA ARG H 286 47.81 -26.51 16.69
C ARG H 286 48.78 -27.68 16.69
N TYR H 287 48.32 -28.80 17.22
CA TYR H 287 49.19 -29.93 17.51
C TYR H 287 49.54 -30.60 16.17
N THR H 288 48.60 -30.63 15.26
CA THR H 288 48.76 -31.45 14.04
C THR H 288 49.62 -30.71 13.02
N PRO H 289 50.71 -31.33 12.52
CA PRO H 289 51.44 -30.77 11.40
C PRO H 289 50.77 -31.16 10.10
N LEU H 290 49.62 -30.54 9.83
CA LEU H 290 48.86 -30.78 8.58
C LEU H 290 49.77 -30.45 7.40
N VAL H 291 50.39 -29.27 7.46
CA VAL H 291 51.39 -28.86 6.44
C VAL H 291 52.72 -29.47 6.87
N SER H 292 53.21 -30.43 6.07
CA SER H 292 54.37 -31.27 6.42
C SER H 292 55.64 -30.46 6.44
N ALA H 293 55.82 -29.52 5.52
CA ALA H 293 57.10 -28.82 5.36
C ALA H 293 57.07 -27.35 5.78
N GLY H 294 56.75 -26.45 4.86
CA GLY H 294 56.95 -25.01 5.03
C GLY H 294 55.72 -24.33 4.48
N SER H 295 55.77 -23.02 4.34
CA SER H 295 54.61 -22.26 3.88
C SER H 295 54.83 -21.91 2.40
N PHE H 296 53.85 -21.26 1.81
CA PHE H 296 54.01 -20.53 0.54
C PHE H 296 54.96 -19.36 0.81
N VAL H 297 55.91 -19.17 -0.11
CA VAL H 297 57.08 -18.31 0.14
C VAL H 297 56.66 -16.84 0.34
N ARG H 298 57.38 -16.09 1.16
CA ARG H 298 57.16 -14.63 1.34
C ARG H 298 58.45 -13.86 1.08
N VAL H 299 58.51 -13.05 0.03
CA VAL H 299 59.75 -12.32 -0.35
C VAL H 299 59.65 -10.94 0.27
N ALA H 300 60.73 -10.48 0.86
CA ALA H 300 60.75 -9.17 1.51
C ALA H 300 60.86 -8.08 0.42
N THR H 301 59.98 -7.08 0.52
CA THR H 301 60.00 -5.84 -0.27
C THR H 301 61.08 -4.89 0.23
N GLU H 302 61.20 -4.78 1.55
CA GLU H 302 62.18 -3.89 2.20
C GLU H 302 63.06 -4.73 3.13
N ASP H 303 63.94 -4.06 3.85
CA ASP H 303 64.68 -4.65 4.99
C ASP H 303 63.74 -4.74 6.20
N VAL H 304 63.71 -5.90 6.84
CA VAL H 304 62.81 -6.18 7.99
C VAL H 304 63.60 -6.94 9.04
N GLU H 305 63.38 -6.55 10.29
CA GLU H 305 64.12 -7.15 11.42
C GLU H 305 63.27 -8.20 12.13
N LEU H 306 63.72 -9.44 12.07
CA LEU H 306 63.20 -10.53 12.91
C LEU H 306 64.00 -10.62 14.22
N SER H 307 63.54 -11.52 15.10
CA SER H 307 64.08 -11.74 16.46
C SER H 307 65.63 -11.76 16.45
N THR H 308 66.25 -12.59 15.61
CA THR H 308 67.70 -12.85 15.64
C THR H 308 68.42 -12.41 14.37
N VAL H 309 67.72 -12.25 13.24
CA VAL H 309 68.35 -11.84 11.95
C VAL H 309 67.46 -10.78 11.30
N THR H 310 68.07 -9.94 10.46
CA THR H 310 67.34 -8.92 9.69
C THR H 310 67.34 -9.40 8.24
N VAL H 311 66.14 -9.47 7.65
CA VAL H 311 65.97 -10.01 6.29
C VAL H 311 66.11 -8.85 5.32
N ARG H 312 67.04 -8.97 4.38
CA ARG H 312 67.25 -7.92 3.36
C ARG H 312 66.16 -8.03 2.32
N ALA H 313 65.73 -6.91 1.73
CA ALA H 313 64.78 -6.93 0.60
C ALA H 313 65.24 -7.92 -0.49
N GLY H 314 64.30 -8.62 -1.12
CA GLY H 314 64.58 -9.57 -2.23
C GLY H 314 65.02 -10.94 -1.73
N GLU H 315 65.05 -11.13 -0.40
CA GLU H 315 65.42 -12.42 0.23
C GLU H 315 64.14 -13.21 0.52
N PRO H 316 64.05 -14.50 0.10
CA PRO H 316 62.86 -15.31 0.35
C PRO H 316 62.77 -15.95 1.74
N CYS H 317 61.60 -15.86 2.37
CA CYS H 317 61.28 -16.46 3.68
C CYS H 317 60.21 -17.54 3.56
N VAL H 318 60.35 -18.58 4.38
CA VAL H 318 59.39 -19.71 4.48
C VAL H 318 59.10 -19.95 5.97
N VAL H 319 57.84 -20.21 6.29
CA VAL H 319 57.41 -20.49 7.68
C VAL H 319 56.98 -21.95 7.74
N HIS H 320 57.29 -22.62 8.84
CA HIS H 320 56.75 -23.97 9.16
C HIS H 320 55.71 -23.84 10.27
N PHE H 321 54.44 -23.95 9.93
CA PHE H 321 53.39 -23.47 10.85
C PHE H 321 53.47 -24.27 12.14
N ALA H 322 53.66 -25.57 11.97
CA ALA H 322 53.60 -26.54 13.08
C ALA H 322 54.63 -26.13 14.15
N SER H 323 55.83 -25.73 13.71
CA SER H 323 56.93 -25.37 14.62
C SER H 323 56.46 -24.19 15.46
N ALA H 324 55.90 -23.19 14.81
CA ALA H 324 55.40 -22.00 15.50
C ALA H 324 54.40 -22.46 16.54
N ASN H 325 53.57 -23.44 16.19
CA ASN H 325 52.49 -23.90 17.09
C ASN H 325 53.04 -24.59 18.33
N ARG H 326 54.28 -25.10 18.27
CA ARG H 326 54.96 -25.81 19.39
C ARG H 326 56.03 -24.92 20.08
N ASP H 327 55.97 -23.61 19.85
CA ASP H 327 56.92 -22.63 20.45
C ASP H 327 56.68 -22.67 21.96
N GLU H 328 57.76 -22.79 22.72
CA GLU H 328 57.73 -22.99 24.17
C GLU H 328 57.35 -21.68 24.85
N GLU H 329 57.71 -20.55 24.22
CA GLU H 329 57.52 -19.17 24.74
C GLU H 329 56.04 -18.84 24.89
N VAL H 330 55.28 -19.44 24.00
CA VAL H 330 53.84 -19.15 23.77
C VAL H 330 52.99 -20.15 24.54
N PHE H 331 53.39 -21.43 24.55
CA PHE H 331 52.56 -22.59 24.99
C PHE H 331 53.24 -23.48 26.05
N ASP H 332 52.68 -23.48 27.26
CA ASP H 332 53.16 -24.41 28.30
C ASP H 332 53.10 -25.80 27.71
N HIS H 333 54.04 -26.68 28.05
CA HIS H 333 54.05 -28.09 27.61
C HIS H 333 53.56 -28.17 26.17
N ALA H 334 54.24 -27.45 25.29
CA ALA H 334 53.86 -27.31 23.87
C ALA H 334 53.81 -28.68 23.18
N ASP H 335 54.74 -29.57 23.51
CA ASP H 335 54.79 -30.96 22.98
C ASP H 335 53.59 -31.82 23.47
N GLU H 336 52.91 -31.42 24.54
CA GLU H 336 51.77 -32.18 25.12
C GLU H 336 50.42 -31.67 24.58
N LEU H 337 49.47 -32.58 24.43
CA LEU H 337 48.13 -32.32 23.86
C LEU H 337 47.14 -32.00 24.99
N ASP H 338 46.69 -30.77 25.13
CA ASP H 338 45.89 -30.33 26.30
C ASP H 338 44.56 -29.69 25.87
N PHE H 339 43.43 -30.28 26.25
CA PHE H 339 42.11 -29.70 25.87
C PHE H 339 41.66 -28.61 26.86
N HIS H 340 42.45 -28.34 27.89
CA HIS H 340 42.08 -27.39 28.97
C HIS H 340 43.08 -26.24 29.01
N ARG H 341 43.48 -25.72 27.83
CA ARG H 341 44.19 -24.43 27.74
C ARG H 341 43.17 -23.30 27.85
N GLU H 342 43.48 -22.19 28.52
CA GLU H 342 42.56 -21.04 28.53
C GLU H 342 42.57 -20.38 27.15
N ARG H 343 43.75 -20.30 26.56
CA ARG H 343 43.86 -19.72 25.21
C ARG H 343 44.85 -20.55 24.43
N ASN H 344 44.62 -20.74 23.14
CA ASN H 344 45.76 -20.96 22.23
C ASN H 344 45.61 -20.12 20.97
N PRO H 345 46.55 -19.20 20.79
CA PRO H 345 46.64 -18.38 19.59
C PRO H 345 47.51 -19.09 18.55
N HIS H 346 47.04 -20.23 18.07
CA HIS H 346 47.78 -21.00 17.06
C HIS H 346 47.61 -20.36 15.70
N ILE H 347 48.49 -20.76 14.79
CA ILE H 347 48.64 -20.24 13.42
C ILE H 347 48.42 -21.42 12.47
N ALA H 348 47.48 -22.31 12.82
CA ALA H 348 47.12 -23.50 12.01
C ALA H 348 46.38 -23.07 10.75
N PHE H 349 45.63 -21.96 10.88
CA PHE H 349 44.91 -21.26 9.78
C PHE H 349 45.73 -20.10 9.21
N GLY H 350 46.98 -19.99 9.62
CA GLY H 350 47.89 -18.97 9.09
C GLY H 350 47.60 -17.68 9.81
N HIS H 351 48.06 -16.58 9.21
CA HIS H 351 48.11 -15.27 9.88
C HIS H 351 48.11 -14.12 8.88
N GLY H 352 47.59 -12.98 9.33
CA GLY H 352 47.69 -11.72 8.60
C GLY H 352 46.73 -11.70 7.44
N ALA H 353 47.17 -11.20 6.28
CA ALA H 353 46.32 -10.93 5.09
C ALA H 353 45.73 -12.20 4.52
N HIS H 354 46.50 -13.30 4.51
CA HIS H 354 46.13 -14.62 3.91
C HIS H 354 45.61 -15.66 4.91
N HIS H 355 45.05 -15.21 6.04
CA HIS H 355 44.37 -16.10 7.00
C HIS H 355 43.33 -16.92 6.24
N CYS H 356 43.38 -18.24 6.32
CA CYS H 356 42.32 -19.09 5.72
C CYS H 356 40.93 -18.39 5.80
N ILE H 357 40.30 -18.19 4.63
CA ILE H 357 38.91 -17.61 4.58
C ILE H 357 37.95 -18.63 5.14
N GLY H 358 38.31 -19.90 4.95
CA GLY H 358 37.50 -21.04 5.39
C GLY H 358 37.67 -21.32 6.87
N ALA H 359 38.46 -20.51 7.59
CA ALA H 359 38.78 -20.80 9.01
C ALA H 359 37.51 -21.18 9.76
N GLN H 360 36.39 -20.49 9.55
CA GLN H 360 35.17 -20.75 10.35
C GLN H 360 34.49 -22.01 9.84
N LEU H 361 34.51 -22.20 8.53
CA LEU H 361 33.91 -23.41 7.94
C LEU H 361 34.75 -24.64 8.28
N GLY H 362 36.07 -24.51 8.28
CA GLY H 362 36.94 -25.60 8.76
C GLY H 362 36.56 -26.03 10.18
N ARG H 363 36.49 -25.07 11.10
CA ARG H 363 36.14 -25.33 12.53
C ARG H 363 34.76 -25.99 12.61
N LEU H 364 33.79 -25.45 11.87
CA LEU H 364 32.45 -26.09 11.82
C LEU H 364 32.60 -27.57 11.46
N GLU H 365 33.17 -27.87 10.27
CA GLU H 365 33.34 -29.25 9.72
C GLU H 365 33.96 -30.17 10.76
N LEU H 366 35.07 -29.75 11.37
CA LEU H 366 35.79 -30.58 12.38
C LEU H 366 34.94 -30.75 13.65
N GLN H 367 34.43 -29.67 14.24
CA GLN H 367 33.56 -29.75 15.44
C GLN H 367 32.35 -30.68 15.20
N GLU H 368 31.72 -30.54 14.05
CA GLU H 368 30.50 -31.32 13.78
C GLU H 368 30.86 -32.79 13.55
N ALA H 369 32.02 -33.08 12.94
CA ALA H 369 32.46 -34.46 12.69
C ALA H 369 32.77 -35.12 14.03
N LEU H 370 33.51 -34.42 14.90
CA LEU H 370 33.89 -35.00 16.22
C LEU H 370 32.62 -35.20 17.06
N SER H 371 31.79 -34.16 17.19
CA SER H 371 30.56 -34.21 18.02
C SER H 371 29.67 -35.36 17.58
N ALA H 372 29.47 -35.54 16.27
CA ALA H 372 28.73 -36.69 15.70
C ALA H 372 29.42 -38.01 16.07
N LEU H 373 30.73 -38.12 15.94
CA LEU H 373 31.39 -39.41 16.21
C LEU H 373 31.16 -39.74 17.69
N VAL H 374 31.42 -38.78 18.56
CA VAL H 374 31.22 -38.95 20.02
C VAL H 374 29.75 -39.32 20.32
N ARG H 375 28.75 -38.62 19.76
CA ARG H 375 27.32 -38.91 20.08
C ARG H 375 26.94 -40.31 19.56
N ARG H 376 27.43 -40.70 18.40
CA ARG H 376 26.91 -41.91 17.67
C ARG H 376 27.73 -43.13 18.02
N PHE H 377 29.01 -42.93 18.39
CA PHE H 377 30.01 -44.00 18.62
C PHE H 377 30.93 -43.71 19.80
N PRO H 378 30.44 -43.77 21.04
CA PRO H 378 31.32 -43.65 22.20
C PRO H 378 32.31 -44.81 22.27
N THR H 379 31.98 -45.92 21.61
CA THR H 379 32.82 -47.13 21.55
C THR H 379 33.77 -47.09 20.34
N LEU H 380 33.88 -45.94 19.69
CA LEU H 380 34.70 -45.81 18.46
C LEU H 380 36.15 -46.19 18.78
N ASP H 381 36.76 -46.99 17.91
CA ASP H 381 38.17 -47.40 18.08
C ASP H 381 38.84 -47.68 16.74
N LEU H 382 40.16 -47.69 16.75
CA LEU H 382 40.95 -47.98 15.55
C LEU H 382 41.03 -49.49 15.40
N ALA H 383 40.54 -50.01 14.28
CA ALA H 383 40.44 -51.48 14.03
C ALA H 383 41.71 -52.02 13.37
N GLU H 384 42.28 -51.21 12.47
CA GLU H 384 43.61 -51.39 11.84
C GLU H 384 44.66 -51.29 12.94
N PRO H 385 45.71 -52.13 12.89
CA PRO H 385 46.82 -51.94 13.83
C PRO H 385 47.60 -50.65 13.51
N VAL H 386 48.20 -50.01 14.51
CA VAL H 386 48.91 -48.72 14.27
C VAL H 386 50.05 -48.94 13.30
N ALA H 387 50.84 -49.99 13.50
CA ALA H 387 52.00 -50.28 12.62
C ALA H 387 51.58 -50.45 11.18
N GLY H 388 50.38 -51.01 10.95
CA GLY H 388 49.72 -51.18 9.63
C GLY H 388 49.37 -49.87 8.89
N LEU H 389 49.05 -48.79 9.62
CA LEU H 389 48.47 -47.57 9.03
C LEU H 389 49.21 -47.19 7.75
N LYS H 390 48.49 -46.71 6.73
CA LYS H 390 49.09 -46.20 5.45
C LYS H 390 49.00 -44.68 5.39
N TRP H 391 50.13 -44.02 5.68
CA TRP H 391 50.24 -42.54 5.66
C TRP H 391 50.64 -42.09 4.26
N LYS H 392 49.99 -41.02 3.78
CA LYS H 392 50.26 -40.51 2.44
C LYS H 392 51.73 -40.13 2.43
N GLN H 393 52.48 -40.56 1.42
CA GLN H 393 53.95 -40.44 1.38
C GLN H 393 54.44 -39.23 0.54
N GLY H 394 53.85 -38.91 -0.62
CA GLY H 394 54.46 -37.94 -1.55
C GLY H 394 54.14 -36.48 -1.26
N MET H 395 53.25 -36.19 -0.32
CA MET H 395 52.41 -34.97 -0.40
C MET H 395 52.99 -33.80 0.38
N LEU H 396 52.48 -32.59 0.13
CA LEU H 396 52.75 -31.37 0.93
C LEU H 396 52.00 -31.45 2.26
N ILE H 397 50.87 -32.15 2.26
CA ILE H 397 49.96 -32.25 3.43
C ILE H 397 49.96 -33.68 3.94
N ARG H 398 49.94 -33.84 5.25
CA ARG H 398 49.93 -35.18 5.89
C ARG H 398 48.50 -35.66 6.07
N GLY H 399 48.32 -36.96 5.91
CA GLY H 399 47.02 -37.60 6.11
C GLY H 399 47.13 -39.10 5.95
N LEU H 400 46.06 -39.80 6.24
CA LEU H 400 46.05 -41.26 6.11
C LEU H 400 45.30 -41.61 4.84
N GLU H 401 45.84 -42.55 4.08
CA GLU H 401 45.14 -43.14 2.92
C GLU H 401 43.90 -43.92 3.37
N ARG H 402 43.98 -44.53 4.54
CA ARG H 402 42.89 -45.37 5.07
C ARG H 402 43.00 -45.44 6.57
N GLN H 403 41.85 -45.53 7.20
CA GLN H 403 41.69 -45.45 8.66
C GLN H 403 40.51 -46.32 9.05
N ILE H 404 40.69 -47.62 9.13
CA ILE H 404 39.56 -48.53 9.48
C ILE H 404 39.22 -48.42 10.97
N VAL H 405 37.95 -48.23 11.27
CA VAL H 405 37.50 -48.08 12.67
C VAL H 405 36.39 -49.09 12.99
N SER H 406 36.18 -49.32 14.28
CA SER H 406 35.19 -50.28 14.82
C SER H 406 34.36 -49.57 15.88
N TRP H 407 33.16 -50.04 16.10
CA TRP H 407 32.28 -49.46 17.14
C TRP H 407 31.35 -50.55 17.67
N PRO I 39 4.94 90.96 -4.48
CA PRO I 39 5.61 92.11 -3.82
C PRO I 39 6.59 91.67 -2.72
N VAL I 40 6.16 91.69 -1.46
CA VAL I 40 6.86 91.08 -0.28
C VAL I 40 5.79 90.72 0.75
N SER I 41 6.05 89.74 1.63
CA SER I 41 5.09 89.31 2.69
C SER I 41 4.79 90.47 3.65
N ARG I 42 3.51 90.80 3.85
CA ARG I 42 3.04 91.90 4.73
C ARG I 42 1.56 92.15 4.43
N VAL I 55 10.24 87.86 -0.36
CA VAL I 55 9.49 86.63 0.05
C VAL I 55 8.45 86.28 -1.04
N THR I 56 8.51 86.89 -2.23
CA THR I 56 7.71 86.52 -3.43
C THR I 56 8.61 86.32 -4.66
N ARG I 57 9.60 87.18 -4.93
CA ARG I 57 10.45 87.06 -6.14
C ARG I 57 11.95 87.10 -5.81
N MET I 58 12.80 87.08 -6.85
CA MET I 58 14.25 86.76 -6.78
C MET I 58 15.01 87.79 -5.93
N SER I 59 14.72 89.10 -6.08
CA SER I 59 15.49 90.20 -5.44
C SER I 59 15.39 90.15 -3.89
N ASP I 60 14.19 89.99 -3.33
CA ASP I 60 13.99 89.94 -1.86
C ASP I 60 14.42 88.58 -1.27
N ALA I 61 14.41 87.51 -2.07
CA ALA I 61 14.97 86.19 -1.70
C ALA I 61 16.48 86.32 -1.51
N ARG I 62 17.19 86.84 -2.52
CA ARG I 62 18.66 87.06 -2.46
C ARG I 62 19.01 88.01 -1.30
N ILE I 63 18.09 88.89 -0.89
CA ILE I 63 18.24 89.76 0.32
C ILE I 63 18.53 88.86 1.53
N VAL I 64 17.93 87.67 1.55
CA VAL I 64 18.03 86.70 2.69
C VAL I 64 19.24 85.76 2.44
N LEU I 65 19.66 85.54 1.18
CA LEU I 65 20.89 84.74 0.84
C LEU I 65 22.07 85.73 0.66
N PHE I 84 7.67 74.25 11.70
CA PHE I 84 7.32 75.64 12.09
C PHE I 84 6.51 75.66 13.38
N PRO I 85 5.47 74.82 13.61
CA PRO I 85 4.75 74.89 14.88
C PRO I 85 5.69 74.66 16.07
N THR I 86 6.59 73.69 15.91
CA THR I 86 7.77 73.45 16.78
C THR I 86 8.80 74.56 16.60
N PRO I 87 9.66 74.84 17.62
CA PRO I 87 10.74 75.82 17.43
C PRO I 87 11.62 75.59 16.19
N PRO I 98 27.64 81.61 11.49
CA PRO I 98 28.99 81.24 11.04
C PRO I 98 30.09 81.89 11.90
N PRO I 99 31.39 81.68 11.58
CA PRO I 99 31.83 80.81 10.49
C PRO I 99 31.25 79.42 10.78
N ASP I 100 31.09 79.15 12.09
CA ASP I 100 30.88 77.84 12.75
C ASP I 100 30.05 76.89 11.88
N HIS I 101 28.90 77.35 11.40
CA HIS I 101 28.02 76.56 10.50
C HIS I 101 28.86 76.01 9.35
N THR I 102 29.76 76.84 8.79
CA THR I 102 30.74 76.45 7.74
C THR I 102 31.62 75.30 8.21
N ARG I 103 32.12 75.37 9.45
CA ARG I 103 33.10 74.40 10.02
C ARG I 103 32.47 73.00 10.08
N LEU I 104 31.29 72.86 10.71
CA LEU I 104 30.54 71.57 10.74
C LEU I 104 30.23 71.14 9.30
N ARG I 105 29.83 72.10 8.45
CA ARG I 105 29.43 71.88 7.05
C ARG I 105 30.62 71.37 6.23
N ARG I 106 31.83 71.87 6.49
CA ARG I 106 33.02 71.58 5.64
C ARG I 106 33.55 70.16 5.86
N LEU I 107 33.59 69.69 7.12
CA LEU I 107 34.21 68.37 7.48
C LEU I 107 33.32 67.22 6.97
N VAL I 108 32.01 67.32 7.18
CA VAL I 108 31.00 66.43 6.52
C VAL I 108 31.07 66.61 4.99
N GLY I 109 31.21 67.84 4.52
CA GLY I 109 31.25 68.17 3.08
C GLY I 109 32.51 67.67 2.40
N LYS I 110 33.43 67.03 3.15
CA LYS I 110 34.72 66.54 2.60
C LYS I 110 34.49 65.55 1.46
N ALA I 111 33.60 64.55 1.66
CA ALA I 111 33.34 63.48 0.67
C ALA I 111 32.20 63.87 -0.29
N PHE I 112 31.58 65.05 -0.07
CA PHE I 112 30.44 65.61 -0.87
C PHE I 112 30.88 66.24 -2.18
N THR I 113 32.20 66.38 -2.37
CA THR I 113 32.84 67.04 -3.54
C THR I 113 32.08 66.58 -4.80
N ALA I 114 31.70 67.51 -5.69
CA ALA I 114 30.98 67.28 -6.98
C ALA I 114 31.67 66.21 -7.84
N ARG I 115 32.98 66.02 -7.60
CA ARG I 115 33.84 64.94 -8.18
C ARG I 115 33.37 63.56 -7.70
N ARG I 116 33.33 63.36 -6.37
CA ARG I 116 32.99 62.06 -5.71
C ARG I 116 31.50 61.76 -5.90
N VAL I 117 30.64 62.79 -6.03
CA VAL I 117 29.20 62.57 -6.32
C VAL I 117 29.05 62.00 -7.72
N GLU I 118 29.96 62.33 -8.64
CA GLU I 118 30.06 61.63 -9.93
C GLU I 118 30.49 60.17 -9.68
N GLU I 119 31.49 59.95 -8.84
CA GLU I 119 32.05 58.59 -8.55
C GLU I 119 30.98 57.65 -7.95
N MET I 120 29.86 58.17 -7.44
CA MET I 120 28.74 57.35 -6.89
C MET I 120 27.88 56.79 -8.03
N ARG I 121 27.96 57.34 -9.24
CA ARG I 121 27.07 57.05 -10.41
C ARG I 121 26.94 55.55 -10.77
N PRO I 122 28.03 54.77 -10.98
CA PRO I 122 27.88 53.36 -11.34
C PRO I 122 27.30 52.45 -10.23
N ARG I 123 27.73 52.59 -8.97
CA ARG I 123 27.17 51.83 -7.81
C ARG I 123 25.70 52.21 -7.63
N VAL I 124 25.40 53.51 -7.80
CA VAL I 124 24.06 54.13 -7.56
C VAL I 124 23.12 53.79 -8.73
N ARG I 125 23.67 53.44 -9.91
CA ARG I 125 22.89 52.81 -11.02
C ARG I 125 22.59 51.32 -10.69
N SER I 126 23.46 50.64 -9.92
CA SER I 126 23.20 49.28 -9.38
C SER I 126 21.87 49.28 -8.62
N LEU I 127 21.77 50.12 -7.57
CA LEU I 127 20.58 50.24 -6.65
C LEU I 127 19.26 50.57 -7.39
N VAL I 128 19.25 51.52 -8.33
CA VAL I 128 17.98 51.94 -9.02
C VAL I 128 17.49 50.78 -9.88
N ASP I 129 18.40 50.10 -10.58
CA ASP I 129 18.08 48.96 -11.49
C ASP I 129 17.78 47.67 -10.72
N SER I 130 18.38 47.49 -9.54
CA SER I 130 18.06 46.39 -8.60
C SER I 130 16.61 46.50 -8.09
N LEU I 131 16.18 47.67 -7.61
CA LEU I 131 14.81 47.84 -7.03
C LEU I 131 13.77 47.92 -8.15
N LEU I 132 14.22 48.24 -9.38
CA LEU I 132 13.45 48.07 -10.63
C LEU I 132 13.23 46.56 -10.90
N ASP I 133 14.24 45.70 -10.66
CA ASP I 133 14.12 44.21 -10.83
C ASP I 133 13.07 43.65 -9.88
N ASP I 134 12.96 44.20 -8.68
CA ASP I 134 11.86 43.80 -7.78
C ASP I 134 10.55 44.20 -8.46
N MET I 135 10.55 45.35 -9.14
CA MET I 135 9.35 45.90 -9.81
C MET I 135 8.90 45.01 -10.96
N VAL I 136 9.87 44.44 -11.69
CA VAL I 136 9.55 43.52 -12.81
C VAL I 136 8.89 42.26 -12.24
N ALA I 137 9.35 41.80 -11.08
CA ALA I 137 8.76 40.60 -10.46
C ALA I 137 7.27 40.88 -10.19
N HIS I 138 6.95 42.04 -9.63
CA HIS I 138 5.54 42.39 -9.35
C HIS I 138 4.76 42.58 -10.66
N GLY I 139 5.35 43.23 -11.67
CA GLY I 139 4.70 43.44 -12.98
C GLY I 139 3.74 44.60 -13.01
N SER I 140 3.08 44.84 -14.13
CA SER I 140 2.09 45.96 -14.24
C SER I 140 0.84 45.62 -13.43
N PRO I 141 0.06 46.58 -12.92
CA PRO I 141 0.57 47.79 -12.32
C PRO I 141 1.24 47.50 -10.98
N ALA I 142 2.25 48.32 -10.69
CA ALA I 142 3.05 48.23 -9.44
C ALA I 142 3.15 49.62 -8.83
N ASP I 143 3.45 49.70 -7.53
CA ASP I 143 3.59 51.05 -6.92
C ASP I 143 5.02 51.55 -7.14
N LEU I 144 5.17 52.63 -7.91
CA LEU I 144 6.53 53.16 -8.14
C LEU I 144 7.06 53.62 -6.78
N VAL I 145 6.21 54.22 -5.96
CA VAL I 145 6.71 54.62 -4.61
C VAL I 145 7.37 53.40 -3.94
N GLU I 146 6.67 52.26 -3.91
CA GLU I 146 7.10 50.99 -3.23
C GLU I 146 8.45 50.49 -3.74
N PHE I 147 8.58 50.38 -5.07
CA PHE I 147 9.81 49.82 -5.68
C PHE I 147 10.80 50.90 -6.14
N LEU I 148 10.50 52.19 -6.03
CA LEU I 148 11.56 53.12 -6.52
C LEU I 148 11.76 54.36 -5.63
N ALA I 149 10.72 55.16 -5.42
CA ALA I 149 10.94 56.41 -4.66
C ALA I 149 11.39 56.19 -3.21
N VAL I 150 10.71 55.34 -2.44
CA VAL I 150 11.01 55.17 -0.98
C VAL I 150 12.32 54.42 -0.64
N PRO I 151 12.66 53.28 -1.27
CA PRO I 151 13.85 52.51 -0.88
C PRO I 151 15.18 53.08 -1.38
N PHE I 152 15.21 53.61 -2.61
CA PHE I 152 16.45 53.94 -3.34
C PHE I 152 17.23 55.05 -2.63
N PRO I 153 16.70 56.28 -2.52
CA PRO I 153 17.41 57.34 -1.77
C PRO I 153 17.85 56.97 -0.34
N VAL I 154 17.05 56.14 0.37
CA VAL I 154 17.35 55.64 1.75
C VAL I 154 18.66 54.85 1.72
N ALA I 155 18.77 53.92 0.78
CA ALA I 155 19.90 52.97 0.62
C ALA I 155 21.22 53.72 0.43
N VAL I 156 21.24 54.74 -0.44
CA VAL I 156 22.47 55.54 -0.73
C VAL I 156 22.89 56.28 0.54
N ILE I 157 21.97 57.05 1.14
CA ILE I 157 22.22 57.86 2.37
C ILE I 157 22.60 56.92 3.52
N CYS I 158 21.86 55.83 3.68
CA CYS I 158 22.03 54.89 4.81
C CYS I 158 23.42 54.21 4.74
N GLU I 159 23.89 53.80 3.54
CA GLU I 159 25.23 53.15 3.35
C GLU I 159 26.35 54.16 3.61
N LEU I 160 26.19 55.40 3.12
CA LEU I 160 27.19 56.51 3.23
C LEU I 160 27.43 56.88 4.70
N LEU I 161 26.37 57.02 5.50
CA LEU I 161 26.45 57.38 6.94
C LEU I 161 26.16 56.18 7.84
N GLY I 162 25.99 54.98 7.25
CA GLY I 162 25.93 53.68 7.94
C GLY I 162 24.81 53.55 8.97
N VAL I 163 23.59 53.98 8.66
CA VAL I 163 22.42 53.62 9.50
C VAL I 163 21.99 52.22 9.07
N PRO I 164 21.68 51.31 10.03
CA PRO I 164 21.25 49.96 9.68
C PRO I 164 20.17 49.96 8.58
N LEU I 165 20.29 49.05 7.61
CA LEU I 165 19.37 48.94 6.45
C LEU I 165 17.92 48.70 6.90
N GLU I 166 17.68 47.84 7.92
CA GLU I 166 16.31 47.49 8.39
C GLU I 166 15.79 48.45 9.47
N ASP I 167 16.51 49.55 9.71
CA ASP I 167 16.13 50.61 10.69
C ASP I 167 15.36 51.74 9.99
N ARG I 168 15.08 51.61 8.70
CA ARG I 168 14.38 52.62 7.88
C ARG I 168 13.08 53.09 8.57
N ASP I 169 12.28 52.18 9.13
CA ASP I 169 10.90 52.51 9.60
C ASP I 169 10.92 53.58 10.70
N LEU I 170 11.82 53.49 11.67
CA LEU I 170 12.00 54.56 12.68
C LEU I 170 12.27 55.89 11.95
N PHE I 171 13.25 55.88 11.04
CA PHE I 171 13.79 57.07 10.31
C PHE I 171 12.70 57.80 9.53
N ARG I 172 11.86 57.08 8.80
CA ARG I 172 10.77 57.68 7.98
C ARG I 172 9.63 58.21 8.85
N THR I 173 9.36 57.60 10.03
CA THR I 173 8.32 58.09 10.98
C THR I 173 8.74 59.44 11.58
N PHE I 174 9.99 59.53 12.05
CA PHE I 174 10.55 60.73 12.73
C PHE I 174 10.68 61.90 11.75
N SER I 175 11.22 61.63 10.55
CA SER I 175 11.40 62.61 9.46
C SER I 175 10.04 63.14 8.97
N ASP I 176 9.03 62.28 8.80
CA ASP I 176 7.65 62.65 8.37
C ASP I 176 6.96 63.45 9.48
N ALA I 177 7.09 63.02 10.74
CA ALA I 177 6.48 63.63 11.95
C ALA I 177 7.08 65.02 12.24
N MET I 178 8.35 65.21 11.89
CA MET I 178 9.08 66.49 12.10
C MET I 178 8.35 67.64 11.38
N LEU I 179 7.84 67.38 10.16
CA LEU I 179 7.29 68.44 9.25
C LEU I 179 5.89 68.87 9.74
N SER I 180 5.77 70.11 10.20
CA SER I 180 4.50 70.80 10.52
C SER I 180 4.09 70.49 11.96
N ALA I 187 5.70 70.91 20.10
CA ALA I 187 5.48 70.28 21.43
C ALA I 187 5.51 68.74 21.32
N GLU I 188 4.55 68.16 20.59
CA GLU I 188 4.50 66.71 20.26
C GLU I 188 5.53 66.42 19.17
N ILE I 189 5.85 67.47 18.41
CA ILE I 189 6.94 67.51 17.41
C ILE I 189 8.26 67.65 18.19
N GLN I 190 8.26 68.45 19.26
CA GLN I 190 9.42 68.65 20.17
C GLN I 190 9.90 67.29 20.68
N ARG I 191 8.94 66.44 21.12
CA ARG I 191 9.20 65.06 21.62
C ARG I 191 9.72 64.12 20.51
N VAL I 192 9.19 64.17 19.28
CA VAL I 192 9.69 63.32 18.15
C VAL I 192 11.13 63.73 17.79
N GLN I 193 11.48 65.02 17.95
CA GLN I 193 12.85 65.60 17.74
C GLN I 193 13.83 65.12 18.83
N GLN I 194 13.36 65.01 20.07
CA GLN I 194 14.21 64.60 21.23
C GLN I 194 14.56 63.11 21.11
N ASP I 195 13.59 62.28 20.68
CA ASP I 195 13.67 60.79 20.51
C ASP I 195 14.67 60.40 19.41
N PHE I 196 14.59 61.08 18.27
CA PHE I 196 15.54 60.93 17.13
C PHE I 196 16.95 61.19 17.66
N MET I 197 17.14 62.33 18.35
CA MET I 197 18.47 62.76 18.88
C MET I 197 19.13 61.54 19.56
N VAL I 198 18.40 60.91 20.50
CA VAL I 198 18.91 59.83 21.41
C VAL I 198 19.30 58.60 20.59
N TYR I 199 18.49 58.22 19.60
CA TYR I 199 18.82 57.17 18.60
C TYR I 199 20.21 57.46 18.03
N MET I 200 20.46 58.73 17.65
CA MET I 200 21.68 59.11 16.89
C MET I 200 22.93 58.99 17.76
N ASP I 201 22.86 59.40 19.03
CA ASP I 201 24.02 59.35 19.95
C ASP I 201 24.56 57.92 20.06
N GLY I 202 23.68 56.92 20.24
CA GLY I 202 24.04 55.50 20.44
C GLY I 202 24.76 54.88 19.26
N LEU I 203 24.35 55.19 18.03
CA LEU I 203 25.00 54.71 16.79
C LEU I 203 26.39 55.33 16.63
N VAL I 204 26.57 56.61 17.02
CA VAL I 204 27.88 57.34 17.00
C VAL I 204 28.77 56.95 18.20
N ALA I 205 28.19 56.30 19.23
CA ALA I 205 28.93 55.59 20.30
C ALA I 205 29.49 54.26 19.76
N GLN I 206 28.76 53.63 18.83
CA GLN I 206 29.22 52.45 18.04
C GLN I 206 30.37 52.86 17.11
N ARG I 207 30.34 54.10 16.57
CA ARG I 207 31.43 54.72 15.77
C ARG I 207 32.65 54.99 16.67
N ARG I 208 32.42 55.27 17.96
CA ARG I 208 33.47 55.46 18.99
C ARG I 208 34.21 54.13 19.23
N ASP I 209 33.50 53.00 19.21
CA ASP I 209 34.10 51.65 19.34
C ASP I 209 34.95 51.32 18.09
N ALA I 210 34.51 51.71 16.89
CA ALA I 210 35.20 51.40 15.61
C ALA I 210 35.05 52.56 14.62
N PRO I 211 36.14 52.97 13.91
CA PRO I 211 36.03 53.95 12.81
C PRO I 211 35.30 53.40 11.58
N THR I 212 34.53 54.22 10.83
CA THR I 212 33.65 53.75 9.73
C THR I 212 34.27 54.11 8.36
N GLY I 217 29.38 58.58 9.61
CA GLY I 217 30.19 57.99 10.69
C GLY I 217 31.60 58.58 10.82
N ALA I 218 32.03 59.41 9.87
CA ALA I 218 33.31 60.17 9.89
C ALA I 218 33.25 61.33 10.90
N LEU I 219 32.02 61.73 11.31
CA LEU I 219 31.69 62.79 12.31
C LEU I 219 32.26 62.44 13.70
N ALA I 220 32.19 61.16 14.07
CA ALA I 220 32.85 60.62 15.27
C ALA I 220 34.24 61.28 15.42
N LEU I 221 35.02 61.36 14.33
CA LEU I 221 36.31 62.10 14.25
C LEU I 221 36.04 63.61 14.39
N THR I 230 31.72 70.72 19.75
CA THR I 230 30.37 71.25 20.10
C THR I 230 29.47 70.08 20.51
N LYS I 231 28.98 70.10 21.76
CA LYS I 231 28.12 69.05 22.37
C LYS I 231 26.80 68.99 21.61
N GLY I 232 26.26 67.80 21.38
CA GLY I 232 24.96 67.63 20.69
C GLY I 232 25.08 67.90 19.20
N GLU I 233 25.56 69.10 18.83
CA GLU I 233 25.78 69.55 17.42
C GLU I 233 26.84 68.70 16.70
N ILE I 234 27.88 68.27 17.41
CA ILE I 234 28.88 67.32 16.85
C ILE I 234 28.13 66.14 16.21
N VAL I 235 26.94 65.80 16.73
CA VAL I 235 26.04 64.75 16.16
C VAL I 235 24.83 65.40 15.45
N ASN I 236 24.29 66.52 15.99
CA ASN I 236 22.96 67.13 15.67
C ASN I 236 22.83 67.57 14.21
N MET I 237 23.93 67.91 13.53
CA MET I 237 23.88 68.21 12.08
C MET I 237 23.60 66.93 11.29
N GLY I 238 24.34 65.84 11.62
CA GLY I 238 24.21 64.52 10.98
C GLY I 238 22.77 64.01 10.91
N VAL I 239 21.92 64.43 11.86
CA VAL I 239 20.46 64.12 11.93
C VAL I 239 19.70 64.87 10.81
N SER I 240 20.00 66.14 10.55
CA SER I 240 19.39 66.87 9.41
C SER I 240 19.79 66.18 8.10
N LEU I 241 21.02 65.68 8.00
CA LEU I 241 21.56 64.96 6.80
C LEU I 241 20.79 63.66 6.54
N LEU I 242 20.44 62.91 7.59
CA LEU I 242 19.69 61.63 7.49
C LEU I 242 18.19 61.88 7.26
N ILE I 243 17.64 62.97 7.81
CA ILE I 243 16.26 63.47 7.50
C ILE I 243 16.24 64.01 6.06
N ALA I 244 17.20 64.87 5.72
CA ALA I 244 17.23 65.67 4.48
C ALA I 244 17.23 64.78 3.22
N GLY I 245 18.31 64.02 3.00
CA GLY I 245 18.63 63.35 1.72
C GLY I 245 17.53 62.46 1.17
N HIS I 246 17.03 61.52 1.97
CA HIS I 246 15.94 60.58 1.57
C HIS I 246 14.65 61.39 1.35
N GLU I 247 14.17 62.14 2.35
CA GLU I 247 12.83 62.79 2.37
C GLU I 247 12.63 63.82 1.24
N THR I 248 13.64 64.63 0.93
CA THR I 248 13.57 65.62 -0.18
C THR I 248 13.48 64.89 -1.52
N SER I 249 14.48 64.05 -1.83
CA SER I 249 14.68 63.38 -3.14
C SER I 249 13.70 62.20 -3.34
N VAL I 250 13.19 61.61 -2.24
CA VAL I 250 12.05 60.65 -2.27
C VAL I 250 10.79 61.39 -2.75
N ASN I 251 10.42 62.47 -2.06
CA ASN I 251 9.22 63.27 -2.42
C ASN I 251 9.35 63.83 -3.85
N GLN I 252 10.60 64.10 -4.29
CA GLN I 252 10.91 64.79 -5.58
C GLN I 252 10.80 63.82 -6.77
N ILE I 253 11.15 62.53 -6.58
CA ILE I 253 11.10 61.45 -7.63
C ILE I 253 9.66 61.16 -8.08
N THR I 254 8.65 61.36 -7.22
CA THR I 254 7.22 61.14 -7.58
C THR I 254 6.72 62.35 -8.36
N ASN I 255 7.14 63.56 -7.95
CA ASN I 255 6.67 64.84 -8.54
C ASN I 255 7.16 64.94 -9.98
N LEU I 256 8.46 64.68 -10.23
CA LEU I 256 9.02 64.72 -11.61
C LEU I 256 8.18 63.76 -12.48
N VAL I 257 8.10 62.48 -12.09
CA VAL I 257 7.38 61.42 -12.83
C VAL I 257 5.94 61.88 -13.04
N HIS I 258 5.27 62.40 -12.02
CA HIS I 258 3.89 62.90 -12.15
C HIS I 258 3.81 63.85 -13.36
N LEU I 259 4.57 64.95 -13.33
CA LEU I 259 4.56 65.95 -14.43
C LEU I 259 4.91 65.23 -15.72
N LEU I 260 5.92 64.36 -15.66
CA LEU I 260 6.49 63.70 -16.85
C LEU I 260 5.37 62.98 -17.61
N LEU I 261 4.53 62.24 -16.89
CA LEU I 261 3.49 61.35 -17.47
C LEU I 261 2.16 62.09 -17.62
N THR I 262 1.81 62.96 -16.67
CA THR I 262 0.49 63.66 -16.61
C THR I 262 0.26 64.42 -17.93
N GLU I 263 1.30 65.04 -18.46
CA GLU I 263 1.41 65.52 -19.86
C GLU I 263 2.50 64.64 -20.49
N ARG I 264 2.10 63.68 -21.33
CA ARG I 264 3.05 62.66 -21.81
C ARG I 264 3.87 63.19 -23.00
N LYS I 265 3.57 64.40 -23.49
CA LYS I 265 4.47 65.09 -24.44
C LYS I 265 5.85 65.17 -23.80
N ARG I 266 5.92 65.59 -22.53
CA ARG I 266 7.18 65.75 -21.76
C ARG I 266 7.91 64.41 -21.66
N TYR I 267 7.19 63.35 -21.27
CA TYR I 267 7.76 62.00 -21.12
C TYR I 267 8.17 61.42 -22.48
N GLU I 268 7.28 61.50 -23.49
CA GLU I 268 7.51 60.99 -24.87
C GLU I 268 8.74 61.66 -25.47
N SER I 269 8.92 62.96 -25.17
CA SER I 269 10.10 63.78 -25.59
C SER I 269 11.39 63.09 -25.12
N LEU I 270 11.40 62.62 -23.87
CA LEU I 270 12.58 61.94 -23.26
C LEU I 270 12.90 60.64 -24.00
N VAL I 271 11.89 59.83 -24.37
CA VAL I 271 12.11 58.46 -24.95
C VAL I 271 13.11 58.53 -26.11
N ALA I 272 13.04 59.57 -26.94
CA ALA I 272 13.98 59.76 -28.07
C ALA I 272 15.36 60.17 -27.54
N ASP I 273 15.41 61.17 -26.65
CA ASP I 273 16.66 61.86 -26.21
C ASP I 273 17.19 61.29 -24.89
N PRO I 274 18.43 60.73 -24.87
CA PRO I 274 19.06 60.26 -23.63
C PRO I 274 20.00 61.31 -23.01
N ALA I 279 22.48 68.75 -17.18
CA ALA I 279 21.16 69.37 -16.97
C ALA I 279 20.02 68.63 -17.70
N ALA I 280 19.91 67.31 -17.54
CA ALA I 280 18.89 66.48 -18.23
C ALA I 280 17.48 66.80 -17.69
N VAL I 281 17.40 67.37 -16.48
CA VAL I 281 16.15 67.49 -15.68
C VAL I 281 16.08 68.81 -14.91
N GLU I 282 16.88 69.83 -15.27
CA GLU I 282 17.04 71.05 -14.41
C GLU I 282 15.71 71.81 -14.33
N GLU I 283 14.99 72.03 -15.43
CA GLU I 283 13.77 72.90 -15.38
C GLU I 283 12.67 72.21 -14.57
N MET I 284 12.72 70.89 -14.44
CA MET I 284 11.72 70.16 -13.65
C MET I 284 11.83 70.55 -12.18
N LEU I 285 13.06 70.65 -11.66
CA LEU I 285 13.34 71.06 -10.25
C LEU I 285 12.89 72.51 -10.00
N ARG I 286 12.99 73.36 -11.04
CA ARG I 286 12.56 74.79 -11.02
C ARG I 286 11.03 74.87 -10.92
N TYR I 287 10.32 73.91 -11.52
CA TYR I 287 8.84 73.90 -11.63
C TYR I 287 8.16 73.31 -10.39
N THR I 288 8.80 72.33 -9.73
CA THR I 288 8.18 71.47 -8.69
C THR I 288 8.15 72.18 -7.32
N PRO I 289 6.95 72.64 -6.84
CA PRO I 289 6.86 73.27 -5.52
C PRO I 289 7.05 72.26 -4.38
N LEU I 290 8.29 71.85 -4.13
CA LEU I 290 8.62 70.93 -3.02
C LEU I 290 8.24 71.61 -1.70
N VAL I 291 8.56 72.90 -1.57
CA VAL I 291 8.17 73.73 -0.38
C VAL I 291 7.10 74.73 -0.82
N SER I 292 5.88 74.62 -0.27
CA SER I 292 4.77 75.57 -0.52
C SER I 292 3.57 75.23 0.38
N GLY I 352 23.23 81.82 -2.20
CA GLY I 352 24.53 82.05 -1.53
C GLY I 352 24.63 81.39 -0.16
N ALA I 353 24.24 82.12 0.91
CA ALA I 353 24.38 81.76 2.35
C ALA I 353 24.02 80.29 2.65
N HIS I 354 22.77 79.90 2.35
CA HIS I 354 22.13 78.58 2.65
C HIS I 354 21.83 77.75 1.38
N HIS I 355 22.88 77.21 0.73
CA HIS I 355 22.81 76.23 -0.40
C HIS I 355 22.52 74.85 0.18
N CYS I 356 21.77 74.05 -0.57
CA CYS I 356 21.71 72.59 -0.33
C CYS I 356 23.14 72.09 -0.57
N ILE I 357 23.73 71.41 0.41
CA ILE I 357 24.98 70.63 0.19
C ILE I 357 24.73 69.57 -0.89
N GLY I 358 23.54 68.95 -0.81
CA GLY I 358 23.16 67.75 -1.58
C GLY I 358 22.57 68.10 -2.93
N ALA I 359 22.90 69.27 -3.49
CA ALA I 359 22.61 69.59 -4.90
C ALA I 359 23.04 68.38 -5.72
N GLN I 360 24.30 67.97 -5.62
CA GLN I 360 24.85 66.97 -6.57
C GLN I 360 24.24 65.57 -6.36
N LEU I 361 23.74 65.25 -5.15
CA LEU I 361 23.10 63.92 -4.81
C LEU I 361 21.61 63.92 -5.20
N GLY I 362 20.88 65.01 -4.96
CA GLY I 362 19.53 65.25 -5.50
C GLY I 362 19.53 65.25 -7.03
N ARG I 363 20.54 65.86 -7.68
CA ARG I 363 20.67 66.01 -9.17
C ARG I 363 20.79 64.65 -9.84
N LEU I 364 21.77 63.83 -9.42
CA LEU I 364 22.10 62.47 -9.97
C LEU I 364 21.02 61.41 -9.65
N GLU I 365 20.42 61.46 -8.45
CA GLU I 365 19.29 60.58 -7.99
C GLU I 365 18.02 60.82 -8.82
N LEU I 366 17.67 62.09 -9.09
CA LEU I 366 16.53 62.45 -9.95
C LEU I 366 16.86 62.19 -11.42
N GLN I 367 18.10 62.46 -11.84
CA GLN I 367 18.56 62.11 -13.20
C GLN I 367 18.53 60.59 -13.36
N GLU I 368 19.02 59.83 -12.35
CA GLU I 368 19.21 58.34 -12.43
C GLU I 368 17.90 57.52 -12.33
N ALA I 369 16.88 58.05 -11.62
CA ALA I 369 15.50 57.51 -11.65
C ALA I 369 14.90 57.68 -13.05
N LEU I 370 15.14 58.82 -13.72
CA LEU I 370 14.62 59.15 -15.09
C LEU I 370 15.38 58.35 -16.16
N SER I 371 16.73 58.33 -16.14
CA SER I 371 17.64 57.66 -17.14
C SER I 371 17.51 56.12 -17.15
N ALA I 372 17.52 55.50 -15.96
CA ALA I 372 17.30 54.05 -15.73
C ALA I 372 15.84 53.68 -16.05
N LEU I 373 14.88 54.47 -15.55
CA LEU I 373 13.43 54.22 -15.79
C LEU I 373 13.15 54.29 -17.30
N VAL I 374 13.58 55.36 -17.98
CA VAL I 374 13.25 55.63 -19.42
C VAL I 374 13.96 54.62 -20.34
N ARG I 375 15.19 54.22 -20.02
CA ARG I 375 15.92 53.13 -20.72
C ARG I 375 15.08 51.83 -20.71
N ARG I 376 14.61 51.42 -19.52
CA ARG I 376 14.04 50.06 -19.26
C ARG I 376 12.53 49.97 -19.57
N PHE I 377 11.74 51.02 -19.32
CA PHE I 377 10.25 51.02 -19.50
C PHE I 377 9.76 52.18 -20.38
N PRO I 378 10.12 52.25 -21.68
CA PRO I 378 9.54 53.26 -22.57
C PRO I 378 8.01 53.22 -22.72
N THR I 379 7.35 52.14 -22.31
CA THR I 379 5.87 51.98 -22.39
C THR I 379 5.18 52.53 -21.12
N LEU I 380 5.89 53.30 -20.29
CA LEU I 380 5.39 53.70 -18.94
C LEU I 380 4.16 54.59 -19.09
N ASP I 381 3.27 54.53 -18.11
CA ASP I 381 2.07 55.41 -18.02
C ASP I 381 1.65 55.46 -16.54
N LEU I 382 0.89 56.48 -16.16
CA LEU I 382 0.19 56.52 -14.86
C LEU I 382 -1.05 55.63 -14.97
N ALA I 383 -1.35 54.87 -13.93
CA ALA I 383 -2.46 53.89 -13.90
C ALA I 383 -3.69 54.53 -13.26
N GLU I 384 -3.52 55.06 -12.03
CA GLU I 384 -4.64 55.62 -11.24
C GLU I 384 -5.09 56.95 -11.84
N PRO I 385 -6.34 57.39 -11.56
CA PRO I 385 -6.80 58.64 -12.17
C PRO I 385 -5.94 59.76 -11.60
N VAL I 386 -5.81 60.89 -12.32
CA VAL I 386 -5.09 62.08 -11.78
C VAL I 386 -5.85 62.60 -10.54
N ALA I 387 -7.20 62.68 -10.60
CA ALA I 387 -8.06 63.20 -9.50
C ALA I 387 -8.00 62.32 -8.25
N GLY I 388 -7.45 61.10 -8.34
CA GLY I 388 -7.47 60.09 -7.25
C GLY I 388 -6.19 60.03 -6.42
N LEU I 389 -5.06 60.53 -6.96
CA LEU I 389 -3.71 60.42 -6.33
C LEU I 389 -3.80 60.89 -4.88
N LYS I 390 -3.05 60.25 -3.97
CA LYS I 390 -2.86 60.80 -2.61
C LYS I 390 -1.63 61.70 -2.61
N TRP I 391 -1.81 63.03 -2.51
CA TRP I 391 -0.69 63.96 -2.21
C TRP I 391 -0.60 64.11 -0.69
N LYS I 392 0.57 64.47 -0.16
CA LYS I 392 0.85 64.39 1.30
C LYS I 392 0.04 65.45 2.07
N GLN I 393 -0.19 65.18 3.36
CA GLN I 393 -0.99 66.06 4.26
C GLN I 393 -0.26 66.19 5.60
N GLY I 394 -0.47 67.31 6.30
CA GLY I 394 0.24 67.69 7.54
C GLY I 394 1.73 67.88 7.31
N MET I 395 2.15 68.09 6.05
CA MET I 395 3.58 68.15 5.64
C MET I 395 3.94 69.52 5.09
N LEU I 396 5.01 70.12 5.66
CA LEU I 396 5.68 71.35 5.17
C LEU I 396 6.26 71.06 3.79
N ILE I 397 6.69 69.80 3.58
CA ILE I 397 7.20 69.33 2.27
C ILE I 397 6.05 68.65 1.52
N ARG I 398 6.20 68.47 0.22
CA ARG I 398 5.09 68.13 -0.70
C ARG I 398 5.48 66.95 -1.58
N GLY I 399 4.55 66.01 -1.78
CA GLY I 399 4.75 64.82 -2.63
C GLY I 399 3.49 63.98 -2.81
N LEU I 400 3.68 62.70 -3.18
CA LEU I 400 2.63 61.66 -3.36
C LEU I 400 2.82 60.50 -2.38
N GLU I 401 1.78 60.16 -1.60
CA GLU I 401 1.75 59.00 -0.67
C GLU I 401 1.96 57.69 -1.44
N ARG I 402 1.24 57.49 -2.56
CA ARG I 402 1.48 56.35 -3.49
C ARG I 402 1.11 56.69 -4.94
N GLN I 403 1.91 56.14 -5.86
CA GLN I 403 1.82 56.35 -7.32
C GLN I 403 1.77 54.99 -8.01
N ILE I 404 0.77 54.80 -8.88
CA ILE I 404 0.53 53.52 -9.58
C ILE I 404 0.91 53.71 -11.04
N VAL I 405 1.65 52.76 -11.61
CA VAL I 405 2.19 52.85 -12.99
C VAL I 405 1.58 51.73 -13.86
N SER I 406 1.61 51.96 -15.19
CA SER I 406 1.22 50.99 -16.25
C SER I 406 2.38 50.91 -17.25
N TRP I 407 2.69 49.71 -17.74
CA TRP I 407 3.63 49.57 -18.88
C TRP I 407 3.42 48.26 -19.64
CHA HEM J . 31.66 4.32 -27.50
CHB HEM J . 31.62 7.81 -30.75
CHC HEM J . 35.91 9.41 -29.29
CHD HEM J . 36.07 5.78 -26.24
C1A HEM J . 31.28 5.20 -28.48
C2A HEM J . 30.02 5.13 -29.08
C3A HEM J . 29.99 6.13 -30.00
C4A HEM J . 31.26 6.75 -29.98
CMA HEM J . 28.83 6.50 -30.91
CAA HEM J . 28.89 4.19 -28.72
CBA HEM J . 28.63 3.05 -29.69
CGA HEM J . 27.51 2.16 -29.18
O1A HEM J . 27.05 2.30 -28.01
O2A HEM J . 27.06 1.29 -29.99
C1B HEM J . 32.79 8.56 -30.62
C2B HEM J . 33.08 9.75 -31.36
C3B HEM J . 34.29 10.23 -30.93
C4B HEM J . 34.72 9.25 -29.93
CMB HEM J . 32.17 10.34 -32.41
CAB HEM J . 35.15 11.37 -31.33
CBB HEM J . 34.83 12.19 -32.30
C1C HEM J . 36.34 8.61 -28.31
C2C HEM J . 37.42 8.90 -27.42
C3C HEM J . 37.46 7.84 -26.54
C4C HEM J . 36.39 6.95 -26.90
CMC HEM J . 38.33 10.07 -27.49
CAC HEM J . 38.38 7.56 -25.50
CBC HEM J . 39.40 8.34 -25.25
C1D HEM J . 34.86 5.09 -26.35
C2D HEM J . 34.58 3.91 -25.51
C3D HEM J . 33.37 3.47 -25.82
C4D HEM J . 32.91 4.43 -26.88
CMD HEM J . 35.47 3.35 -24.49
CAD HEM J . 32.69 2.28 -25.19
CBD HEM J . 31.37 2.59 -24.43
CGD HEM J . 31.16 1.63 -23.28
O1D HEM J . 30.64 0.52 -23.51
O2D HEM J . 31.57 2.01 -22.11
NA HEM J . 32.02 6.18 -29.06
NB HEM J . 33.80 8.31 -29.83
NC HEM J . 35.71 7.45 -28.00
ND HEM J . 33.83 5.40 -27.15
FE HEM J . 33.80 6.78 -28.48
O11 QR8 K . 30.63 0.14 -32.86
C9 QR8 K . 31.18 0.34 -33.86
C10 QR8 K . 31.68 -0.82 -34.58
C34 QR8 K . 30.44 -1.63 -34.82
C11 QR8 K . 32.57 -1.47 -33.60
O12 QR8 K . 31.73 -1.88 -32.54
C12 QR8 K . 33.29 -2.65 -34.18
C35 QR8 K . 32.84 -2.97 -35.56
C13 QR8 K . 34.77 -2.35 -34.23
C36 QR8 K . 35.44 -3.22 -35.29
O2 QR8 K . 35.00 -0.97 -34.47
C8 QR8 K . 31.34 1.73 -34.36
C33 QR8 K . 29.93 2.19 -34.36
C7 QR8 K . 32.25 2.56 -33.47
C6 QR8 K . 32.10 2.22 -32.02
C32 QR8 K . 30.67 2.52 -31.63
C5 QR8 K . 33.11 2.93 -31.09
O7 QR8 K . 33.16 4.30 -31.39
C4 QR8 K . 34.55 2.43 -31.08
C31 QR8 K . 35.07 2.54 -29.69
C3 QR8 K . 34.75 1.01 -31.62
O3 QR8 K . 35.44 0.16 -30.75
C2 QR8 K . 35.51 0.99 -32.94
C30 QR8 K . 36.92 1.56 -32.87
C1 QR8 K . 35.70 -0.40 -33.35
O1 QR8 K . 36.48 -1.04 -32.74
CHA HEM L . -5.72 -35.79 -20.98
CHB HEM L . -6.31 -31.38 -22.49
CHC HEM L . -9.20 -30.40 -18.73
CHD HEM L . -8.03 -34.65 -16.84
C1A HEM L . -5.71 -34.69 -21.77
C2A HEM L . -5.08 -34.67 -23.03
C3A HEM L . -5.24 -33.40 -23.45
C4A HEM L . -5.93 -32.68 -22.43
CMA HEM L . -4.73 -32.91 -24.79
CAA HEM L . -4.42 -35.82 -23.82
CBA HEM L . -3.02 -36.28 -23.40
CGA HEM L . -2.34 -37.15 -24.45
O1A HEM L . -2.99 -37.94 -25.20
O2A HEM L . -1.08 -37.09 -24.60
C1B HEM L . -7.15 -30.72 -21.61
C2B HEM L . -7.64 -29.40 -21.80
C3B HEM L . -8.44 -29.10 -20.71
C4B HEM L . -8.46 -30.32 -19.90
CMB HEM L . -7.30 -28.49 -22.96
CAB HEM L . -9.30 -27.95 -20.29
CBB HEM L . -9.54 -26.88 -21.04
C1C HEM L . -9.14 -31.47 -17.91
C2C HEM L . -9.89 -31.58 -16.77
C3C HEM L . -9.57 -32.80 -16.22
C4C HEM L . -8.61 -33.42 -17.05
CMC HEM L . -10.86 -30.55 -16.30
CAC HEM L . -10.11 -33.39 -15.02
CBC HEM L . -11.13 -32.87 -14.33
C1D HEM L . -7.27 -35.28 -17.83
C2D HEM L . -6.77 -36.68 -17.70
C3D HEM L . -6.14 -37.04 -18.83
C4D HEM L . -6.25 -35.82 -19.70
CMD HEM L . -6.94 -37.61 -16.53
CAD HEM L . -5.51 -38.39 -19.09
CBD HEM L . -6.48 -39.40 -19.75
CGD HEM L . -5.81 -40.65 -20.39
O1D HEM L . -4.65 -41.12 -20.06
O2D HEM L . -6.47 -41.28 -21.27
NA HEM L . -6.21 -33.48 -21.43
NB HEM L . -7.65 -31.21 -20.52
NC HEM L . -8.37 -32.56 -18.09
ND HEM L . -6.92 -34.82 -19.06
FE HEM L . -7.28 -33.13 -19.83
O11 QR8 M . -2.62 -34.84 -20.18
C9 QR8 M . -2.06 -33.90 -19.75
C10 QR8 M . -1.03 -33.27 -20.56
C34 QR8 M . -1.81 -32.54 -21.59
C11 QR8 M . -0.12 -34.31 -21.16
O12 QR8 M . -0.62 -34.75 -22.40
C12 QR8 M . 1.27 -33.76 -21.44
C35 QR8 M . 1.44 -32.35 -20.95
C13 QR8 M . 2.31 -34.65 -20.82
C36 QR8 M . 3.63 -34.18 -21.32
O2 QR8 M . 2.25 -34.36 -19.47
C8 QR8 M . -2.38 -33.28 -18.45
C33 QR8 M . -3.82 -33.40 -18.05
C7 QR8 M . -1.42 -33.72 -17.33
C6 QR8 M . -1.53 -35.10 -16.73
C32 QR8 M . -2.90 -35.29 -16.13
C5 QR8 M . -0.53 -35.21 -15.63
O7 QR8 M . -0.98 -34.56 -14.48
C4 QR8 M . 0.72 -34.49 -16.01
C31 QR8 M . 1.63 -34.39 -14.83
C3 QR8 M . 1.39 -35.24 -17.15
O3 QR8 M . 1.13 -36.60 -17.13
C2 QR8 M . 2.88 -35.07 -17.19
C30 QR8 M . 3.64 -36.18 -16.53
C1 QR8 M . 3.11 -35.11 -18.62
O1 QR8 M . 4.00 -35.71 -19.10
CHA HEM N . 0.44 31.41 -3.94
CHB HEM N . 0.40 28.29 -7.63
CHC HEM N . 4.09 25.93 -5.58
CHD HEM N . 3.71 28.68 -1.72
C1A HEM N . 0.18 30.79 -5.11
C2A HEM N . -0.67 31.34 -6.06
C3A HEM N . -0.70 30.49 -7.12
C4A HEM N . 0.12 29.37 -6.80
CMA HEM N . -1.52 30.73 -8.37
CAA HEM N . -1.40 32.66 -6.03
CBA HEM N . -2.31 33.00 -4.84
CGA HEM N . -3.09 34.17 -5.35
O1A HEM N . -2.44 35.06 -5.96
O2A HEM N . -4.35 34.20 -5.21
C1B HEM N . 1.43 27.36 -7.40
C2B HEM N . 1.81 26.32 -8.31
C3B HEM N . 2.85 25.64 -7.72
C4B HEM N . 3.09 26.33 -6.45
CMB HEM N . 1.16 26.04 -9.67
CAB HEM N . 3.70 24.47 -8.12
CBB HEM N . 3.62 23.87 -9.29
C1C HEM N . 4.33 26.46 -4.36
C2C HEM N . 5.32 26.03 -3.50
C3C HEM N . 5.20 26.84 -2.35
C4C HEM N . 4.14 27.73 -2.59
CMC HEM N . 6.28 24.90 -3.82
CAC HEM N . 5.98 26.87 -1.10
CBC HEM N . 7.06 26.13 -0.91
C1D HEM N . 2.78 29.66 -2.03
C2D HEM N . 2.42 30.71 -1.07
C3D HEM N . 1.51 31.50 -1.69
C4D HEM N . 1.33 30.89 -3.03
CMD HEM N . 3.00 30.86 0.31
CAD HEM N . 0.83 32.75 -1.14
CBD HEM N . 1.83 33.93 -1.19
CGD HEM N . 1.31 35.33 -0.87
O1D HEM N . 0.19 35.44 -0.39
O2D HEM N . 1.99 36.38 -1.03
NA HEM N . 0.67 29.60 -5.58
NB HEM N . 2.23 27.32 -6.35
NC HEM N . 3.64 27.46 -3.81
ND HEM N . 2.11 29.78 -3.18
FE HEM N . 2.18 28.63 -4.71
O11 QR8 O . -2.22 30.05 -2.54
C9 QR8 O . -2.60 28.96 -2.79
C10 QR8 O . -3.73 28.73 -3.73
C34 QR8 O . -3.19 28.58 -5.11
C11 QR8 O . -4.81 29.77 -3.65
O12 QR8 O . -4.77 30.65 -4.73
C12 QR8 O . -6.18 29.18 -3.84
C35 QR8 O . -6.21 27.68 -3.76
C13 QR8 O . -7.09 29.70 -2.81
C36 QR8 O . -8.37 28.95 -2.95
O2 QR8 O . -6.43 29.37 -1.62
C8 QR8 O . -1.96 27.81 -2.11
C33 QR8 O . -0.87 27.21 -2.95
C7 QR8 O . -1.42 28.25 -0.78
C6 QR8 O . -2.53 28.93 -0.06
C32 QR8 O . -2.07 30.33 0.18
C5 QR8 O . -2.95 28.31 1.25
O7 QR8 O . -2.14 27.23 1.55
C4 QR8 O . -4.38 27.87 1.15
C31 QR8 O . -4.66 26.67 2.03
C3 QR8 O . -5.35 29.03 1.38
O3 QR8 O . -5.39 29.37 2.75
C2 QR8 O . -6.72 28.69 0.83
C30 QR8 O . -7.79 28.81 1.87
C1 QR8 O . -7.14 29.45 -0.39
O1 QR8 O . -8.13 30.07 -0.42
CHA HEM P . -39.80 -2.75 -20.58
CHB HEM P . -40.77 -4.26 -25.06
CHC HEM P . -44.64 -6.54 -23.27
CHD HEM P . -43.98 -4.61 -18.99
C1A HEM P . -39.72 -3.04 -21.93
C2A HEM P . -38.61 -2.70 -22.73
C3A HEM P . -38.89 -3.13 -23.97
C4A HEM P . -40.17 -3.69 -23.96
CMA HEM P . -37.99 -2.99 -25.16
CAA HEM P . -37.33 -1.99 -22.27
CBA HEM P . -37.57 -0.49 -22.01
CGA HEM P . -36.27 0.23 -21.78
O1A HEM P . -35.34 -0.40 -21.21
O2A HEM P . -36.20 1.42 -22.21
C1B HEM P . -41.91 -5.04 -24.95
C2B HEM P . -42.44 -5.81 -26.03
C3B HEM P . -43.53 -6.48 -25.52
C4B HEM P . -43.63 -6.08 -24.11
CMB HEM P . -41.86 -5.82 -27.40
CAB HEM P . -44.50 -7.43 -26.08
CBB HEM P . -44.36 -8.04 -27.21
C1C HEM P . -44.81 -6.23 -21.93
C2C HEM P . -45.65 -6.92 -21.06
C3C HEM P . -45.45 -6.35 -19.82
C4C HEM P . -44.49 -5.35 -20.00
CMC HEM P . -46.60 -8.03 -21.45
CAC HEM P . -46.10 -6.64 -18.55
CBC HEM P . -46.96 -7.63 -18.36
C1D HEM P . -42.74 -3.96 -19.12
C2D HEM P . -42.14 -3.30 -17.93
C3D HEM P . -40.99 -2.77 -18.35
C4D HEM P . -40.86 -3.12 -19.80
CMD HEM P . -42.72 -3.21 -16.54
CAD HEM P . -40.06 -1.99 -17.44
CBD HEM P . -39.14 -2.98 -16.72
CGD HEM P . -38.37 -2.30 -15.64
O1D HEM P . -38.60 -1.07 -15.50
O2D HEM P . -37.56 -3.00 -14.93
NA HEM P . -40.66 -3.65 -22.71
NB HEM P . -42.62 -5.25 -23.85
NC HEM P . -44.08 -5.30 -21.30
ND HEM P . -41.93 -3.83 -20.22
FE HEM P . -42.28 -4.47 -21.97
O11 QR8 Q . -41.97 7.10 -23.69
C9 QR8 Q . -41.53 6.11 -23.21
C10 QR8 Q . -40.60 5.25 -23.96
C34 QR8 Q . -40.35 5.85 -25.34
C11 QR8 Q . -41.33 3.93 -24.01
O12 QR8 Q . -41.59 3.53 -25.34
C12 QR8 Q . -40.52 2.83 -23.42
C35 QR8 Q . -40.18 3.19 -22.00
C13 QR8 Q . -41.40 1.61 -23.56
C36 QR8 Q . -40.91 0.77 -24.69
O2 QR8 Q . -41.34 0.86 -22.40
C8 QR8 Q . -41.94 5.79 -21.84
C33 QR8 Q . -41.04 6.58 -20.95
C7 QR8 Q . -43.34 6.30 -21.60
C6 QR8 Q . -44.24 6.00 -22.76
C32 QR8 Q . -44.98 7.28 -23.05
C5 QR8 Q . -45.17 4.86 -22.43
O7 QR8 Q . -46.30 5.39 -21.78
C4 QR8 Q . -44.44 3.90 -21.51
C31 QR8 Q . -45.13 3.67 -20.19
C3 QR8 Q . -44.21 2.57 -22.18
O3 QR8 Q . -45.47 2.04 -22.54
C2 QR8 Q . -43.41 1.68 -21.25
C30 QR8 Q . -44.31 0.94 -20.31
C1 QR8 Q . -42.68 0.65 -22.01
O1 QR8 Q . -43.16 -0.37 -22.35
CHA HEM R . 13.63 24.28 33.98
CHB HEM R . 9.91 27.07 35.31
CHC HEM R . 6.93 23.30 34.77
CHD HEM R . 10.80 20.46 34.09
C1A HEM R . 12.85 25.35 34.32
C2A HEM R . 13.38 26.67 34.52
C3A HEM R . 12.33 27.44 34.91
C4A HEM R . 11.17 26.62 34.97
CMA HEM R . 12.43 28.90 35.25
CAA HEM R . 14.83 27.16 34.34
CBA HEM R . 15.71 26.83 35.55
CGA HEM R . 16.97 27.66 35.56
O1A HEM R . 17.56 27.90 34.49
O2A HEM R . 17.40 28.10 36.66
C1B HEM R . 8.77 26.27 35.27
C2B HEM R . 7.47 26.77 35.51
C3B HEM R . 6.64 25.74 35.37
C4B HEM R . 7.47 24.58 35.00
CMB HEM R . 7.03 28.15 35.89
CAB HEM R . 5.17 25.69 35.50
CBB HEM R . 4.38 26.73 35.73
C1C HEM R . 7.70 22.18 34.53
C2C HEM R . 7.23 20.88 34.26
C3C HEM R . 8.34 20.06 34.08
C4C HEM R . 9.49 20.89 34.23
CMC HEM R . 5.77 20.52 34.22
CAC HEM R . 8.47 18.62 33.74
CBC HEM R . 7.45 17.83 33.42
C1D HEM R . 11.86 21.31 34.01
C2D HEM R . 13.17 20.80 33.75
C3D HEM R . 13.97 21.84 33.70
C4D HEM R . 13.11 23.00 33.95
CMD HEM R . 13.62 19.41 33.53
CAD HEM R . 15.46 21.74 33.48
CBD HEM R . 15.90 21.88 32.03
CGD HEM R . 17.42 21.91 31.95
O1D HEM R . 18.05 21.76 33.03
O2D HEM R . 18.02 22.08 30.85
NA HEM R . 11.51 25.35 34.62
NB HEM R . 8.73 24.99 34.98
NC HEM R . 9.06 22.16 34.51
ND HEM R . 11.84 22.64 34.13
FE HEM R . 10.36 23.76 34.51
O11 QR8 S . 16.61 26.40 40.59
C9 QR8 S . 15.66 26.57 41.31
C10 QR8 S . 15.76 25.96 42.64
C34 QR8 S . 16.25 27.14 43.40
C11 QR8 S . 16.80 24.85 42.71
O12 QR8 S . 17.38 24.59 41.43
C12 QR8 S . 16.35 23.48 43.24
C35 QR8 S . 17.60 22.88 43.86
C13 QR8 S . 15.23 23.44 44.27
C36 QR8 S . 15.46 24.52 45.30
O2 QR8 S . 13.89 23.50 43.73
C8 QR8 S . 14.48 27.40 40.94
C33 QR8 S . 13.68 27.52 42.22
C7 QR8 S . 13.61 26.83 39.83
C6 QR8 S . 14.27 25.61 39.24
C32 QR8 S . 15.33 26.03 38.25
C5 QR8 S . 13.31 24.70 38.51
O7 QR8 S . 11.98 25.13 38.66
C4 QR8 S . 13.47 23.29 39.02
C31 QR8 S . 14.44 22.65 38.06
C3 QR8 S . 13.99 23.11 40.44
O3 QR8 S . 14.57 21.82 40.55
C2 QR8 S . 12.96 23.07 41.55
C30 QR8 S . 12.01 21.94 41.22
C1 QR8 S . 13.64 22.70 42.85
O1 QR8 S . 13.93 21.55 42.99
CHA HEM T . -44.55 4.54 20.24
CHB HEM T . -43.70 6.35 24.70
CHC HEM T . -39.36 8.00 23.13
CHD HEM T . -40.40 6.45 18.67
C1A HEM T . -44.65 4.85 21.58
C2A HEM T . -45.64 4.30 22.43
C3A HEM T . -45.39 4.82 23.66
C4A HEM T . -44.27 5.69 23.59
CMA HEM T . -46.20 4.53 24.90
CAA HEM T . -46.75 3.33 22.07
CBA HEM T . -48.04 4.07 21.68
CGA HEM T . -49.16 3.08 21.46
O1A HEM T . -48.89 1.85 21.41
O2A HEM T . -50.32 3.56 21.33
C1B HEM T . -42.42 6.95 24.66
C2B HEM T . -41.78 7.53 25.80
C3B HEM T . -40.57 7.99 25.38
C4B HEM T . -40.48 7.67 23.93
CMB HEM T . -42.33 7.62 27.18
CAB HEM T . -39.51 8.68 26.10
CBB HEM T . -39.56 8.96 27.38
C1C HEM T . -39.22 7.72 21.76
C2C HEM T . -38.08 7.97 20.95
C3C HEM T . -38.40 7.52 19.67
C4C HEM T . -39.72 7.01 19.72
CMC HEM T . -36.79 8.61 21.41
CAC HEM T . -37.59 7.51 18.43
CBC HEM T . -36.31 7.86 18.34
C1D HEM T . -41.62 5.81 18.78
C2D HEM T . -42.26 5.16 17.61
C3D HEM T . -43.41 4.63 18.04
C4D HEM T . -43.48 4.95 19.49
CMD HEM T . -41.78 5.06 16.20
CAD HEM T . -44.38 3.86 17.17
CBD HEM T . -44.07 2.38 17.34
CGD HEM T . -44.83 1.47 16.40
O1D HEM T . -46.05 1.66 16.21
O2D HEM T . -44.19 0.54 15.85
NA HEM T . -43.80 5.69 22.30
NB HEM T . -41.62 7.05 23.57
NC HEM T . -40.21 7.12 20.99
ND HEM T . -42.40 5.66 19.89
FE HEM T . -42.04 6.31 21.62
O11 QR8 U . -50.87 13.10 18.06
C9 QR8 U . -50.97 11.92 18.27
C10 QR8 U . -51.98 11.37 19.17
C34 QR8 U . -52.38 12.47 20.12
C11 QR8 U . -51.25 10.34 19.95
O12 QR8 U . -50.22 11.04 20.63
C12 QR8 U . -52.20 9.74 20.92
C35 QR8 U . -52.57 8.41 20.35
C13 QR8 U . -51.61 9.57 22.29
C36 QR8 U . -52.70 9.31 23.30
O2 QR8 U . -50.70 8.50 22.20
C8 QR8 U . -50.02 10.93 17.72
C33 QR8 U . -50.49 10.55 16.33
C7 QR8 U . -48.62 11.55 17.78
C6 QR8 U . -47.99 11.34 19.14
C32 QR8 U . -47.53 12.68 19.63
C5 QR8 U . -46.86 10.31 19.15
O7 QR8 U . -46.32 10.30 17.86
C4 QR8 U . -47.31 8.90 19.55
C31 QR8 U . -46.65 7.84 18.70
C3 QR8 U . -47.13 8.61 21.03
O3 QR8 U . -46.02 7.75 21.24
C2 QR8 U . -48.29 7.93 21.70
C30 QR8 U . -47.89 7.48 23.08
C1 QR8 U . -49.33 8.90 22.02
O1 QR8 U . -49.03 10.05 22.15
CHA HEM V . -10.06 -46.71 18.57
CHB HEM V . -6.15 -49.37 17.52
CHC HEM V . -3.35 -45.47 18.25
CHD HEM V . -7.23 -43.00 19.61
C1A HEM V . -9.23 -47.71 18.19
C2A HEM V . -9.68 -48.98 17.81
C3A HEM V . -8.59 -49.72 17.52
C4A HEM V . -7.45 -48.94 17.74
CMA HEM V . -8.62 -51.16 17.08
CAA HEM V . -11.11 -49.44 17.67
CBA HEM V . -11.79 -49.96 18.95
CGA HEM V . -13.19 -50.49 18.62
O1A HEM V . -13.78 -50.09 17.58
O2A HEM V . -13.72 -51.36 19.39
C1B HEM V . -5.07 -48.52 17.60
C2B HEM V . -3.75 -48.92 17.30
C3B HEM V . -2.95 -47.82 17.50
C4B HEM V . -3.84 -46.74 17.96
CMB HEM V . -3.32 -50.30 16.84
CAB HEM V . -1.49 -47.59 17.35
CBB HEM V . -0.64 -48.54 16.99
C1C HEM V . -4.16 -44.42 18.64
C2C HEM V . -3.76 -43.08 18.71
C3C HEM V . -4.90 -42.34 19.11
C4C HEM V . -5.95 -43.30 19.27
CMC HEM V . -2.35 -42.57 18.40
CAC HEM V . -5.05 -40.89 19.36
CBC HEM V . -4.10 -39.98 19.15
C1D HEM V . -8.29 -43.85 19.43
C2D HEM V . -9.66 -43.41 19.67
C3D HEM V . -10.46 -44.43 19.35
C4D HEM V . -9.56 -45.50 18.96
CMD HEM V . -10.13 -42.04 20.16
CAD HEM V . -11.97 -44.44 19.46
CBD HEM V . -12.71 -44.16 18.13
CGD HEM V . -14.13 -43.67 18.38
O1D HEM V . -14.64 -43.72 19.54
O2D HEM V . -14.83 -43.26 17.41
NA HEM V . -7.85 -47.70 18.16
NB HEM V . -5.08 -47.22 17.99
NC HEM V . -5.47 -44.52 18.97
ND HEM V . -8.27 -45.09 19.02
FE HEM V . -6.75 -46.08 18.58
O11 QR8 W . -11.47 -52.89 24.37
C9 QR8 W . -10.88 -52.17 25.14
C10 QR8 W . -11.51 -51.71 26.40
C34 QR8 W . -12.97 -52.09 26.38
C11 QR8 W . -11.36 -50.23 26.51
O12 QR8 W . -12.33 -49.62 25.71
C12 QR8 W . -11.53 -49.75 27.92
C35 QR8 W . -10.51 -50.46 28.77
C13 QR8 W . -11.29 -48.25 27.97
C36 QR8 W . -11.02 -47.70 29.35
O2 QR8 W . -10.11 -48.02 27.23
C8 QR8 W . -9.47 -51.79 24.86
C33 QR8 W . -8.62 -53.03 24.96
C7 QR8 W . -9.31 -51.30 23.44
C6 QR8 W . -10.27 -50.20 23.11
C32 QR8 W . -11.48 -50.89 22.54
C5 QR8 W . -9.58 -49.22 22.17
O7 QR8 W . -8.69 -49.89 21.32
C4 QR8 W . -8.75 -48.27 22.97
C31 QR8 W . -7.66 -47.61 22.16
C3 QR8 W . -9.66 -47.24 23.60
O3 QR8 W . -9.64 -46.04 22.89
C2 QR8 W . -9.30 -47.00 25.06
C30 QR8 W . -9.35 -45.55 25.46
C1 QR8 W . -10.38 -47.63 25.86
O1 QR8 W . -11.50 -47.78 25.40
CHA HEM X . 44.68 -20.23 3.34
CHB HEM X . 44.79 -23.78 6.63
CHC HEM X . 40.26 -24.95 5.38
CHD HEM X . 40.28 -21.67 1.94
C1A HEM X . 45.07 -21.07 4.36
C2A HEM X . 46.30 -20.92 5.09
C3A HEM X . 46.35 -21.91 6.00
C4A HEM X . 45.14 -22.69 5.84
CMA HEM X . 47.49 -22.12 6.97
CAA HEM X . 47.41 -19.89 4.91
CBA HEM X . 48.49 -20.42 3.96
CGA HEM X . 49.69 -19.51 3.88
O1A HEM X . 49.66 -18.35 4.35
O2A HEM X . 50.72 -20.00 3.35
C1B HEM X . 43.54 -24.43 6.58
C2B HEM X . 43.13 -25.51 7.47
C3B HEM X . 41.87 -25.84 7.12
C4B HEM X . 41.52 -24.93 6.01
CMB HEM X . 43.91 -26.17 8.57
CAB HEM X . 40.96 -26.87 7.68
CBB HEM X . 41.27 -27.69 8.67
C1C HEM X . 39.83 -24.13 4.34
C2C HEM X . 38.51 -24.09 3.85
C3C HEM X . 38.56 -23.14 2.86
C4C HEM X . 39.87 -22.65 2.78
CMC HEM X . 37.35 -24.94 4.35
CAC HEM X . 37.45 -22.69 1.99
CBC HEM X . 36.23 -23.20 2.00
C1D HEM X . 41.50 -21.03 2.08
C2D HEM X . 41.82 -19.88 1.20
C3D HEM X . 43.05 -19.47 1.59
C4D HEM X . 43.46 -20.36 2.69
CMD HEM X . 40.97 -19.33 0.10
CAD HEM X . 43.82 -18.31 1.00
CBD HEM X . 43.65 -17.04 1.86
CGD HEM X . 44.09 -15.81 1.09
O1D HEM X . 45.11 -15.93 0.34
O2D HEM X . 43.39 -14.75 1.23
NA HEM X . 44.38 -22.16 4.84
NB HEM X . 42.55 -24.14 5.73
NC HEM X . 40.64 -23.25 3.68
ND HEM X . 42.50 -21.28 2.94
FE HEM X . 42.56 -22.63 4.25
O11 QR8 Y . 50.16 -22.96 -0.76
C9 QR8 Y . 50.45 -24.08 -0.44
C10 QR8 Y . 50.80 -25.00 -1.55
C34 QR8 Y . 52.23 -24.70 -1.85
C11 QR8 Y . 49.91 -24.67 -2.73
O12 QR8 Y . 50.11 -23.30 -2.94
C12 QR8 Y . 50.21 -25.45 -3.99
C35 QR8 Y . 51.14 -26.58 -3.68
C13 QR8 Y . 48.97 -26.12 -4.49
C36 QR8 Y . 49.30 -27.24 -5.45
O2 QR8 Y . 48.37 -26.72 -3.36
C8 QR8 Y . 50.46 -24.45 1.00
C33 QR8 Y . 50.77 -23.20 1.79
C7 QR8 Y . 49.09 -24.97 1.43
C6 QR8 Y . 48.24 -23.88 2.04
C32 QR8 Y . 47.84 -24.25 3.43
C5 QR8 Y . 47.00 -23.68 1.22
O7 QR8 Y . 46.01 -23.02 1.99
C4 QR8 Y . 46.54 -25.03 0.77
C31 QR8 Y . 45.12 -25.34 1.14
C3 QR8 Y . 46.69 -24.98 -0.72
O3 QR8 Y . 45.66 -24.18 -1.24
C2 QR8 Y . 46.85 -26.31 -1.45
C30 QR8 Y . 45.62 -27.12 -1.79
C1 QR8 Y . 47.35 -25.92 -2.76
O1 QR8 Y . 46.93 -24.94 -3.31
CHA HEM Z . 19.00 72.70 2.88
CHB HEM Z . 16.45 71.39 -1.04
CHC HEM Z . 18.93 67.17 -1.29
CHD HEM Z . 20.94 68.24 3.02
C1A HEM Z . 18.12 72.76 1.80
C2A HEM Z . 17.35 73.92 1.43
C3A HEM Z . 16.63 73.52 0.32
C4A HEM Z . 16.93 72.15 0.02
CMA HEM Z . 15.68 74.41 -0.44
CAA HEM Z . 17.28 75.35 2.04
CBA HEM Z . 17.12 75.52 3.58
CGA HEM Z . 16.53 76.85 4.02
O1A HEM Z . 17.27 77.78 4.41
O2A HEM Z . 15.29 77.07 4.05
C1B HEM Z . 16.94 70.11 -1.45
C2B HEM Z . 16.54 69.44 -2.67
C3B HEM Z . 17.23 68.25 -2.73
C4B HEM Z . 18.08 68.24 -1.55
CMB HEM Z . 15.51 69.94 -3.65
CAB HEM Z . 17.26 67.15 -3.70
CBB HEM Z . 16.53 67.16 -4.80
C1C HEM Z . 19.70 67.08 -0.14
C2C HEM Z . 20.52 65.99 0.20
C3C HEM Z . 21.12 66.29 1.44
C4C HEM Z . 20.60 67.58 1.85
CMC HEM Z . 20.72 64.75 -0.66
CAC HEM Z . 22.06 65.46 2.26
CBC HEM Z . 22.48 64.24 1.96
C1D HEM Z . 20.56 69.56 3.28
C2D HEM Z . 21.10 70.27 4.44
C3D HEM Z . 20.58 71.50 4.39
C4D HEM Z . 19.72 71.56 3.20
CMD HEM Z . 22.04 69.73 5.47
CAD HEM Z . 20.82 72.61 5.39
CBD HEM Z . 21.99 73.50 4.95
CGD HEM Z . 21.93 74.83 5.66
O1D HEM Z . 22.10 74.93 6.91
O2D HEM Z . 21.70 75.85 4.98
NA HEM Z . 17.86 71.70 0.94
NB HEM Z . 17.86 69.37 -0.83
NC HEM Z . 19.75 68.04 0.86
ND HEM Z . 19.74 70.36 2.57
FE HEM Z . 18.80 69.94 0.99
O11 QR8 AA . 17.83 70.69 5.49
C9 QR8 AA . 16.72 70.29 5.78
C10 QR8 AA . 15.54 70.82 5.04
C34 QR8 AA . 15.84 70.58 3.57
C11 QR8 AA . 15.33 72.30 5.34
O12 QR8 AA . 16.49 72.97 4.86
C12 QR8 AA . 14.13 72.87 4.59
C35 QR8 AA . 13.28 71.75 4.04
C13 QR8 AA . 13.23 73.82 5.38
C36 QR8 AA . 12.51 74.71 4.38
O2 QR8 AA . 12.20 73.17 6.10
C8 QR8 AA . 16.59 69.21 6.83
C33 QR8 AA . 17.94 69.01 7.52
C7 QR8 AA . 15.48 69.50 7.84
C6 QR8 AA . 15.51 70.89 8.45
C32 QR8 AA . 16.90 71.49 8.42
C5 QR8 AA . 15.02 70.90 9.89
O7 QR8 AA . 15.02 69.58 10.43
C4 QR8 AA . 13.62 71.47 9.98
C31 QR8 AA . 13.36 72.11 11.33
C3 QR8 AA . 13.45 72.48 8.88
O3 QR8 AA . 14.03 73.70 9.29
C2 QR8 AA . 12.01 72.79 8.60
C30 QR8 AA . 11.44 73.56 9.79
C1 QR8 AA . 12.14 73.68 7.44
O1 QR8 AA . 12.29 74.85 7.65
#